data_6ORQ
#
_entry.id   6ORQ
#
_cell.length_a   1.00
_cell.length_b   1.00
_cell.length_c   1.00
_cell.angle_alpha   90.00
_cell.angle_beta   90.00
_cell.angle_gamma   90.00
#
_symmetry.space_group_name_H-M   'P 1'
#
loop_
_entity.id
_entity.type
_entity.pdbx_description
1 polymer 'RC1 variant of HIV-1 Env glycoprotein gp41'
2 polymer 'RC1 variant of HIV-1 Env glycoprotein gp120'
3 polymer 'Ab275MUR antibody Fab heavy chain'
4 polymer 'Ab275MUR antibody Fab light chain'
5 branched 2-acetamido-2-deoxy-beta-D-glucopyranose-(1-4)-2-acetamido-2-deoxy-beta-D-glucopyranose
6 branched alpha-D-mannopyranose-(1-3)-[alpha-D-mannopyranose-(1-6)]beta-D-mannopyranose-(1-4)-2-acetamido-2-deoxy-beta-D-glucopyranose-(1-4)-2-acetamido-2-deoxy-beta-D-glucopyranose
7 branched beta-D-mannopyranose-(1-4)-2-acetamido-2-deoxy-beta-D-glucopyranose-(1-4)-2-acetamido-2-deoxy-beta-D-glucopyranose
8 non-polymer 2-acetamido-2-deoxy-beta-D-glucopyranose
#
loop_
_entity_poly.entity_id
_entity_poly.type
_entity_poly.pdbx_seq_one_letter_code
_entity_poly.pdbx_strand_id
1 'polypeptide(L)'
;AVSLGFLGAAGSTMGAASMTLTVQARNLLSGIVQQQSNLLRAPEPQQHLLKDTHWGIKQLQARVLAVEHYLRDQQLLGIW
GCSGKLICCTNVPWNSSWSNRNLSEIWDNMTWLQWDKEISNYTQIIYGLLEESQNQQEKNEQDLLALD
;
A,C,F
2 'polypeptide(L)'
;AENLWVTVYYGVPVWKDAETTLFCASDAKAYETEKHNVWATHACVPTDPNPQEIHLENVTEEFNMWKNNMVEQMHEDIIS
LWDQSLKPCVKLTPLCVTLQCTNYAPNLLSNMRGELKQCSFNMTTELRDKKQKVYSLFYRLDVVQINENQGNRSNNSNKE
YRLINCNTSAITQACPKVSFEPIPIHYCAPAGFAILKCKDKKFNGTGPCPSVSTVQCTHGIKPVVSTQLLLNGSLAEEEV
IIRSENITNNAKNILVQLNTPVQINCTRPNNNTVKSIRIGPGQAFYYFGDIIGDIRMAHCNVSKATWNETLGKVVKQLRK
HFGNNTIIRFAQSSGGDLEVTTHSFNCGGEFFYCNTSGLFNSTWISNTSVQGSNSTGSNDSIVLPCRIKQIINMWQRIGQ
AMYAPPIQGVIRCVSNITGLILTRDGGSTNSTTETFRPGGGDMRDNWRSELYKYKVVKIEPLGVAPTRCKRRV
;
B,G,I
3 'polypeptide(L)'
;EVQLQESGGDLVKPGGSLKLSCAASGFTFSRYGMSWVRQTPDKRLEWVATISSGGSYTYYPDSVKGRFTISRDNAKNTLY
LQMSSLKSEDTAMYYCARHGITTVGVAMDYWGQGTYSHVSSA
;
D,H,J
4 'polypeptide(L)'
;DIVMTQSPASLAVSLGQRATISCKASQSVDYDGDSYMNWYQQKPGQPPKLLIYAASNLESGIPARFSGSGSGTDFTLNIH
PVEEEDAATYYCQQSNEDPYTFGAGTKLELKRTDAAPTVSIFPPSSEQLTSGGASVVCFLNNFYPKDINVKWKIDGSERQ
NGVLNSWTDQDSKDSTYSMSSTLTLTKDEYERHNSYTC(UNK)ATHKTSTSPIVKSFNRNEC
;
E,K,L
#
loop_
_chem_comp.id
_chem_comp.type
_chem_comp.name
_chem_comp.formula
BMA D-saccharide, beta linking beta-D-mannopyranose 'C6 H12 O6'
MAN D-saccharide, alpha linking alpha-D-mannopyranose 'C6 H12 O6'
NAG D-saccharide, beta linking 2-acetamido-2-deoxy-beta-D-glucopyranose 'C8 H15 N O6'
#
# COMPACT_ATOMS: atom_id res chain seq x y z
N VAL A 2 -40.97 17.98 40.70
CA VAL A 2 -40.64 17.85 39.29
C VAL A 2 -39.14 17.57 39.17
N SER A 3 -38.76 16.80 38.15
CA SER A 3 -37.36 16.49 37.90
C SER A 3 -36.72 17.66 37.16
N LEU A 4 -35.78 18.33 37.81
CA LEU A 4 -35.14 19.48 37.19
C LEU A 4 -34.18 19.08 36.08
N GLY A 5 -33.53 17.93 36.19
CA GLY A 5 -32.74 17.43 35.10
C GLY A 5 -31.24 17.50 35.37
N PHE A 6 -30.49 17.14 34.33
CA PHE A 6 -29.05 16.97 34.44
C PHE A 6 -28.35 18.32 34.56
N LEU A 7 -27.44 18.42 35.52
CA LEU A 7 -26.73 19.65 35.89
C LEU A 7 -27.71 20.78 36.21
N GLY A 8 -28.80 20.43 36.88
CA GLY A 8 -29.94 21.32 36.98
C GLY A 8 -29.73 22.57 37.80
N ALA A 9 -29.58 22.42 39.10
CA ALA A 9 -29.55 23.57 40.01
C ALA A 9 -28.13 24.02 40.30
N ALA A 10 -27.23 23.90 39.32
CA ALA A 10 -25.84 24.27 39.52
C ALA A 10 -25.65 25.75 39.75
N GLY A 11 -26.60 26.58 39.31
CA GLY A 11 -26.56 27.98 39.67
C GLY A 11 -27.26 28.29 40.97
N SER A 12 -27.93 27.32 41.57
CA SER A 12 -28.67 27.56 42.79
C SER A 12 -27.75 27.45 43.99
N THR A 13 -28.33 27.39 45.17
CA THR A 13 -27.58 27.39 46.41
C THR A 13 -27.38 25.94 46.84
N MET A 14 -26.88 25.73 48.06
CA MET A 14 -26.52 24.39 48.54
C MET A 14 -27.74 23.51 48.71
N GLY A 15 -28.65 23.91 49.60
CA GLY A 15 -29.75 23.08 50.05
C GLY A 15 -30.72 22.68 48.95
N ALA A 16 -30.84 23.51 47.92
CA ALA A 16 -31.58 23.08 46.75
C ALA A 16 -30.78 22.04 45.97
N ALA A 17 -29.48 22.29 45.78
CA ALA A 17 -28.66 21.38 44.99
C ALA A 17 -28.35 20.10 45.73
N SER A 18 -28.24 20.18 47.05
CA SER A 18 -27.86 19.01 47.84
C SER A 18 -28.93 17.94 47.87
N MET A 19 -30.20 18.31 47.75
CA MET A 19 -31.26 17.32 47.89
C MET A 19 -31.43 16.46 46.65
N THR A 20 -30.93 16.89 45.50
CA THR A 20 -31.06 16.15 44.25
C THR A 20 -29.65 15.83 43.76
N LEU A 21 -29.17 14.63 44.05
CA LEU A 21 -27.83 14.23 43.64
C LEU A 21 -27.81 12.95 42.84
N THR A 22 -28.96 12.30 42.64
CA THR A 22 -28.97 11.01 41.95
C THR A 22 -28.71 11.17 40.47
N VAL A 23 -29.21 12.25 39.86
CA VAL A 23 -29.20 12.37 38.42
C VAL A 23 -27.80 12.62 37.86
N GLN A 24 -26.85 13.03 38.71
CA GLN A 24 -25.48 13.16 38.24
C GLN A 24 -24.83 11.80 38.04
N ALA A 25 -25.31 10.79 38.76
CA ALA A 25 -24.80 9.44 38.54
C ALA A 25 -25.55 8.73 37.43
N ARG A 26 -26.83 9.06 37.24
CA ARG A 26 -27.62 8.41 36.20
C ARG A 26 -27.23 8.85 34.80
N ASN A 27 -26.49 9.94 34.67
CA ASN A 27 -25.97 10.38 33.39
C ASN A 27 -24.47 10.17 33.26
N LEU A 28 -23.82 9.63 34.29
CA LEU A 28 -22.37 9.66 34.33
C LEU A 28 -21.74 8.61 33.43
N LEU A 29 -22.44 7.53 33.12
CA LEU A 29 -21.89 6.45 32.30
C LEU A 29 -22.76 6.14 31.10
N SER A 30 -23.62 7.07 30.70
CA SER A 30 -24.52 6.86 29.57
C SER A 30 -23.76 6.83 28.25
N HIS A 54 -12.42 3.21 9.46
CA HIS A 54 -11.42 3.98 10.18
C HIS A 54 -11.91 4.54 11.50
N TRP A 55 -13.16 5.00 11.52
CA TRP A 55 -13.71 5.64 12.71
C TRP A 55 -14.19 4.64 13.76
N GLY A 56 -13.32 3.72 14.15
CA GLY A 56 -13.66 2.83 15.22
C GLY A 56 -12.68 3.03 16.35
N ILE A 57 -11.45 3.41 16.00
CA ILE A 57 -10.41 3.58 17.01
C ILE A 57 -10.69 4.82 17.85
N LYS A 58 -11.19 5.89 17.24
CA LYS A 58 -11.40 7.10 18.00
C LYS A 58 -12.64 7.00 18.87
N GLN A 59 -13.63 6.21 18.44
CA GLN A 59 -14.72 5.89 19.34
C GLN A 59 -14.23 5.04 20.49
N LEU A 60 -13.36 4.07 20.19
CA LEU A 60 -12.91 3.14 21.20
C LEU A 60 -11.97 3.81 22.19
N GLN A 61 -11.29 4.88 21.78
CA GLN A 61 -10.50 5.65 22.72
C GLN A 61 -11.40 6.40 23.70
N ALA A 62 -12.63 6.72 23.31
CA ALA A 62 -13.51 7.43 24.20
C ALA A 62 -14.03 6.53 25.32
N ARG A 63 -14.43 5.30 24.98
CA ARG A 63 -15.03 4.43 25.98
C ARG A 63 -13.99 3.95 26.98
N VAL A 64 -12.73 3.80 26.56
CA VAL A 64 -11.73 3.43 27.54
C VAL A 64 -11.34 4.63 28.38
N LEU A 65 -11.56 5.83 27.87
CA LEU A 65 -11.31 7.02 28.69
C LEU A 65 -12.43 7.23 29.68
N ALA A 66 -13.66 6.95 29.26
CA ALA A 66 -14.82 7.17 30.12
C ALA A 66 -14.84 6.17 31.26
N VAL A 67 -14.40 4.94 30.99
CA VAL A 67 -14.37 3.95 32.05
C VAL A 67 -13.22 4.24 33.01
N GLU A 68 -12.21 4.97 32.54
CA GLU A 68 -11.05 5.22 33.38
C GLU A 68 -11.35 6.28 34.43
N HIS A 69 -12.01 7.37 34.03
CA HIS A 69 -12.33 8.43 34.98
C HIS A 69 -13.35 7.98 36.00
N TYR A 70 -14.27 7.11 35.58
CA TYR A 70 -15.27 6.64 36.53
C TYR A 70 -14.67 5.70 37.54
N LEU A 71 -13.80 4.81 37.09
CA LEU A 71 -13.31 3.78 38.00
C LEU A 71 -12.24 4.33 38.92
N ARG A 72 -11.66 5.48 38.58
CA ARG A 72 -10.56 6.03 39.37
C ARG A 72 -11.05 6.49 40.73
N ASP A 73 -11.98 7.43 40.74
CA ASP A 73 -12.42 8.00 42.02
C ASP A 73 -13.33 7.05 42.78
N GLN A 74 -13.84 6.01 42.11
CA GLN A 74 -14.74 5.06 42.73
C GLN A 74 -14.08 4.34 43.89
N GLN A 75 -12.88 3.78 43.66
CA GLN A 75 -12.13 3.19 44.75
C GLN A 75 -11.57 4.26 45.66
N LEU A 76 -11.31 5.45 45.11
CA LEU A 76 -10.89 6.57 45.95
C LEU A 76 -12.00 7.02 46.86
N LEU A 77 -13.25 6.80 46.46
CA LEU A 77 -14.34 6.90 47.42
C LEU A 77 -14.36 5.67 48.32
N GLY A 78 -14.07 4.50 47.75
CA GLY A 78 -14.19 3.26 48.51
C GLY A 78 -13.13 3.09 49.57
N ILE A 79 -11.98 3.77 49.40
CA ILE A 79 -10.95 3.69 50.41
C ILE A 79 -11.33 4.52 51.64
N TRP A 80 -12.27 5.44 51.50
CA TRP A 80 -12.65 6.35 52.57
C TRP A 80 -13.77 5.81 53.44
N GLY A 81 -13.93 4.50 53.51
CA GLY A 81 -14.99 3.94 54.33
C GLY A 81 -16.38 4.15 53.80
N CYS A 82 -16.53 4.62 52.57
CA CYS A 82 -17.83 4.87 51.96
C CYS A 82 -17.84 4.11 50.64
N SER A 83 -18.49 2.96 50.63
CA SER A 83 -18.45 2.08 49.47
C SER A 83 -19.43 2.54 48.40
N GLY A 84 -20.72 2.50 48.72
CA GLY A 84 -21.72 2.90 47.77
C GLY A 84 -22.59 4.00 48.30
N LYS A 85 -22.33 4.39 49.55
CA LYS A 85 -23.11 5.45 50.17
C LYS A 85 -22.81 6.77 49.48
N LEU A 86 -23.86 7.40 48.94
CA LEU A 86 -23.69 8.64 48.21
C LEU A 86 -23.30 9.78 49.14
N ILE A 87 -23.92 9.82 50.31
CA ILE A 87 -23.59 10.80 51.34
C ILE A 87 -23.16 10.04 52.58
N CYS A 88 -22.01 10.41 53.14
CA CYS A 88 -21.53 9.72 54.31
C CYS A 88 -20.70 10.66 55.16
N CYS A 89 -20.64 10.36 56.45
CA CYS A 89 -19.88 11.15 57.40
C CYS A 89 -18.58 10.44 57.72
N THR A 90 -17.79 11.06 58.59
CA THR A 90 -16.47 10.54 58.92
C THR A 90 -16.11 10.97 60.34
N ASN A 91 -14.82 10.91 60.67
CA ASN A 91 -14.37 11.08 62.04
C ASN A 91 -13.55 12.34 62.26
N VAL A 92 -12.80 12.80 61.27
CA VAL A 92 -11.80 13.85 61.50
C VAL A 92 -12.49 15.20 61.70
N PRO A 93 -12.09 15.99 62.68
CA PRO A 93 -12.68 17.32 62.87
C PRO A 93 -12.10 18.30 61.85
N TRP A 94 -12.54 19.55 61.98
CA TRP A 94 -12.19 20.61 61.04
C TRP A 94 -11.12 21.50 61.66
N ASN A 95 -10.02 21.67 60.96
CA ASN A 95 -9.01 22.63 61.41
C ASN A 95 -9.50 24.02 61.00
N SER A 96 -9.63 24.92 61.97
CA SER A 96 -10.28 26.20 61.71
C SER A 96 -9.37 27.20 61.02
N SER A 97 -8.16 26.78 60.66
CA SER A 97 -7.31 27.61 59.83
C SER A 97 -7.73 27.47 58.37
N TRP A 98 -8.61 26.53 58.08
CA TRP A 98 -9.05 26.32 56.71
C TRP A 98 -10.04 27.39 56.27
N SER A 99 -11.18 27.46 56.94
CA SER A 99 -12.14 28.53 56.74
C SER A 99 -12.50 29.11 58.09
N ASN A 100 -13.23 30.22 58.07
CA ASN A 100 -13.58 30.88 59.30
C ASN A 100 -15.08 31.12 59.33
N ARG A 101 -15.72 30.97 58.17
CA ARG A 101 -17.15 31.16 58.07
C ARG A 101 -17.88 30.04 58.79
N ASN A 102 -18.81 30.41 59.67
CA ASN A 102 -19.15 29.50 60.78
C ASN A 102 -20.09 28.36 60.36
N LEU A 103 -21.37 28.63 60.10
CA LEU A 103 -22.19 27.54 59.57
C LEU A 103 -23.20 28.00 58.54
N SER A 104 -23.84 29.15 58.76
CA SER A 104 -25.16 29.33 58.17
C SER A 104 -25.09 29.84 56.76
N GLU A 105 -24.31 30.89 56.53
CA GLU A 105 -24.33 31.58 55.24
C GLU A 105 -23.65 30.75 54.16
N ILE A 106 -22.79 29.81 54.54
CA ILE A 106 -22.14 28.98 53.53
C ILE A 106 -23.12 27.97 52.96
N TRP A 107 -24.15 27.61 53.71
CA TRP A 107 -25.22 26.81 53.15
C TRP A 107 -26.30 27.65 52.51
N ASP A 108 -26.19 28.97 52.54
CA ASP A 108 -27.32 29.82 52.20
C ASP A 108 -27.00 30.93 51.21
N ASN A 109 -25.73 31.22 50.94
CA ASN A 109 -25.47 32.36 50.07
C ASN A 109 -24.29 32.12 49.14
N MET A 110 -23.87 30.88 48.90
CA MET A 110 -22.82 30.63 47.92
C MET A 110 -23.21 29.46 47.03
N THR A 111 -22.45 29.30 45.95
CA THR A 111 -22.61 28.18 45.04
C THR A 111 -21.39 27.28 45.11
N TRP A 112 -21.52 26.08 44.57
CA TRP A 112 -20.40 25.15 44.57
C TRP A 112 -19.29 25.64 43.67
N LEU A 113 -19.64 26.33 42.59
CA LEU A 113 -18.63 26.97 41.78
C LEU A 113 -17.92 28.07 42.57
N GLN A 114 -18.66 28.77 43.43
CA GLN A 114 -18.01 29.67 44.36
C GLN A 114 -17.21 28.93 45.42
N TRP A 115 -17.67 27.74 45.81
CA TRP A 115 -17.03 27.06 46.92
C TRP A 115 -15.70 26.45 46.52
N ASP A 116 -15.63 25.80 45.36
CA ASP A 116 -14.51 24.92 45.08
C ASP A 116 -13.25 25.68 44.76
N LYS A 117 -13.38 26.85 44.11
CA LYS A 117 -12.21 27.69 43.91
C LYS A 117 -11.71 28.28 45.22
N GLU A 118 -12.57 28.38 46.23
CA GLU A 118 -12.19 29.05 47.46
C GLU A 118 -11.32 28.18 48.35
N ILE A 119 -11.44 26.85 48.24
CA ILE A 119 -10.72 25.96 49.14
C ILE A 119 -9.71 25.11 48.40
N SER A 120 -9.16 25.65 47.31
CA SER A 120 -8.45 24.81 46.35
C SER A 120 -7.09 24.38 46.87
N ASN A 121 -6.37 25.27 47.56
CA ASN A 121 -5.03 24.95 48.04
C ASN A 121 -5.08 24.32 49.42
N TYR A 122 -5.93 23.31 49.56
CA TYR A 122 -6.07 22.57 50.80
C TYR A 122 -6.19 21.07 50.60
N THR A 123 -6.64 20.67 49.41
CA THR A 123 -7.23 19.34 49.21
C THR A 123 -6.23 18.22 49.38
N GLN A 124 -4.97 18.47 49.05
CA GLN A 124 -3.94 17.45 49.25
C GLN A 124 -3.70 17.19 50.71
N ILE A 125 -3.83 18.21 51.56
CA ILE A 125 -3.76 17.97 52.99
C ILE A 125 -5.03 17.28 53.45
N ILE A 126 -6.15 17.54 52.77
CA ILE A 126 -7.43 17.00 53.19
C ILE A 126 -7.49 15.50 52.96
N TYR A 127 -7.15 15.08 51.74
CA TYR A 127 -7.42 13.70 51.31
C TYR A 127 -6.55 12.71 52.07
N GLY A 128 -5.28 13.05 52.28
CA GLY A 128 -4.40 12.15 53.00
C GLY A 128 -4.75 12.07 54.48
N LEU A 129 -5.08 13.20 55.08
CA LEU A 129 -5.49 13.19 56.48
C LEU A 129 -6.85 12.54 56.66
N LEU A 130 -7.68 12.55 55.63
CA LEU A 130 -8.99 11.92 55.72
C LEU A 130 -8.86 10.41 55.82
N GLU A 131 -8.06 9.82 54.93
CA GLU A 131 -8.11 8.38 54.75
C GLU A 131 -7.48 7.63 55.91
N GLU A 132 -6.40 8.15 56.49
CA GLU A 132 -5.77 7.40 57.57
C GLU A 132 -6.50 7.63 58.88
N SER A 133 -7.29 8.70 58.96
CA SER A 133 -8.03 8.98 60.16
C SER A 133 -9.10 7.94 60.42
N GLN A 134 -9.86 7.54 59.41
CA GLN A 134 -10.72 6.39 59.60
C GLN A 134 -9.93 5.10 59.42
N ASN A 135 -9.47 4.86 58.20
CA ASN A 135 -9.21 3.50 57.77
C ASN A 135 -7.82 3.01 58.16
N GLN A 136 -7.19 3.66 59.13
CA GLN A 136 -6.16 3.03 59.93
C GLN A 136 -6.65 2.80 61.34
N GLN A 137 -7.18 3.85 61.97
CA GLN A 137 -7.60 3.74 63.36
C GLN A 137 -8.90 2.94 63.47
N GLU A 138 -9.89 3.27 62.64
CA GLU A 138 -11.21 2.69 62.79
C GLU A 138 -11.26 1.23 62.36
N LYS A 139 -10.22 0.70 61.72
CA LYS A 139 -10.18 -0.73 61.50
C LYS A 139 -9.37 -1.42 62.57
N ASN A 140 -8.39 -0.72 63.15
CA ASN A 140 -7.56 -1.31 64.17
C ASN A 140 -8.33 -1.40 65.48
N GLU A 141 -9.14 -0.39 65.76
CA GLU A 141 -10.05 -0.48 66.90
C GLU A 141 -11.14 -1.49 66.62
N GLN A 142 -11.53 -1.63 65.35
CA GLN A 142 -12.45 -2.70 64.96
C GLN A 142 -11.82 -4.06 65.17
N ASP A 143 -10.51 -4.16 64.93
CA ASP A 143 -9.81 -5.41 65.17
C ASP A 143 -9.52 -5.63 66.65
N LEU A 144 -9.83 -4.66 67.51
CA LEU A 144 -9.64 -4.79 68.95
C LEU A 144 -10.95 -4.81 69.72
N LEU A 145 -12.03 -4.25 69.17
CA LEU A 145 -13.33 -4.30 69.82
C LEU A 145 -14.07 -5.57 69.46
N ALA A 146 -13.94 -6.03 68.21
CA ALA A 146 -14.42 -7.36 67.85
C ALA A 146 -13.49 -8.45 68.33
N LEU A 147 -12.34 -8.08 68.89
CA LEU A 147 -11.41 -9.05 69.45
C LEU A 147 -11.98 -9.73 70.68
N ASP A 148 -12.24 -8.96 71.74
CA ASP A 148 -12.65 -9.54 73.00
C ASP A 148 -14.10 -9.99 72.97
N ALA B 1 -19.77 19.26 69.14
CA ALA B 1 -20.99 20.04 69.27
C ALA B 1 -20.90 21.34 68.49
N GLU B 2 -20.40 22.38 69.15
CA GLU B 2 -20.22 23.64 68.43
C GLU B 2 -18.90 23.66 67.69
N ASN B 3 -18.07 22.65 67.89
CA ASN B 3 -17.07 22.33 66.89
C ASN B 3 -17.75 21.67 65.69
N LEU B 4 -17.15 21.84 64.53
CA LEU B 4 -17.74 21.37 63.30
C LEU B 4 -16.85 20.29 62.72
N TRP B 5 -17.45 19.27 62.11
CA TRP B 5 -16.64 18.25 61.48
C TRP B 5 -16.89 18.29 59.97
N VAL B 6 -16.20 17.40 59.26
CA VAL B 6 -16.20 17.42 57.81
C VAL B 6 -17.02 16.25 57.30
N THR B 7 -17.54 16.39 56.10
CA THR B 7 -18.17 15.28 55.41
C THR B 7 -17.79 15.35 53.95
N VAL B 8 -18.11 14.28 53.23
CA VAL B 8 -17.76 14.17 51.82
C VAL B 8 -19.03 13.95 51.02
N TYR B 9 -19.15 14.67 49.91
CA TYR B 9 -20.28 14.52 49.00
C TYR B 9 -19.76 13.97 47.69
N TYR B 10 -20.63 13.28 46.96
CA TYR B 10 -20.28 12.73 45.67
C TYR B 10 -21.24 13.23 44.60
N GLY B 11 -20.70 13.63 43.46
CA GLY B 11 -21.52 14.03 42.35
C GLY B 11 -22.24 15.34 42.56
N VAL B 12 -21.49 16.44 42.60
CA VAL B 12 -22.06 17.78 42.71
C VAL B 12 -21.63 18.56 41.47
N PRO B 13 -22.53 19.29 40.82
CA PRO B 13 -22.15 19.92 39.54
C PRO B 13 -21.20 21.10 39.67
N VAL B 14 -19.95 20.86 39.29
CA VAL B 14 -18.99 21.91 38.95
C VAL B 14 -18.30 21.48 37.68
N TRP B 15 -17.70 22.44 36.98
CA TRP B 15 -16.96 22.11 35.78
C TRP B 15 -15.79 23.07 35.60
N LYS B 16 -14.69 22.53 35.10
CA LYS B 16 -13.54 23.30 34.65
C LYS B 16 -13.11 22.72 33.33
N ASP B 17 -12.87 23.59 32.35
CA ASP B 17 -12.77 23.16 30.96
C ASP B 17 -11.44 22.45 30.68
N ALA B 18 -11.44 21.68 29.60
CA ALA B 18 -10.31 20.89 29.14
C ALA B 18 -10.52 20.63 27.66
N GLU B 19 -9.82 19.64 27.12
CA GLU B 19 -10.10 19.18 25.76
C GLU B 19 -9.78 17.70 25.65
N THR B 20 -10.62 16.98 24.91
CA THR B 20 -10.37 15.58 24.57
C THR B 20 -10.80 15.38 23.11
N THR B 21 -10.85 14.12 22.71
CA THR B 21 -11.33 13.76 21.39
C THR B 21 -12.85 13.70 21.38
N LEU B 22 -13.40 13.46 20.19
CA LEU B 22 -14.85 13.42 20.00
C LEU B 22 -15.20 12.24 19.13
N PHE B 23 -16.49 12.11 18.81
CA PHE B 23 -16.93 11.16 17.80
C PHE B 23 -18.19 11.70 17.14
N CYS B 24 -18.60 11.03 16.07
CA CYS B 24 -19.69 11.46 15.21
C CYS B 24 -20.80 10.42 15.19
N ALA B 25 -22.03 10.88 14.93
CA ALA B 25 -23.20 10.00 14.97
C ALA B 25 -24.34 10.67 14.22
N SER B 26 -24.71 10.14 13.06
CA SER B 26 -25.89 10.63 12.34
C SER B 26 -26.38 9.60 11.35
N ASP B 27 -27.62 9.15 11.54
CA ASP B 27 -28.38 8.42 10.52
C ASP B 27 -29.83 8.43 10.92
N ALA B 28 -30.69 8.58 9.95
CA ALA B 28 -32.06 8.13 10.07
C ALA B 28 -32.48 7.27 8.89
N LYS B 29 -32.04 7.62 7.68
CA LYS B 29 -32.40 6.91 6.46
C LYS B 29 -31.22 6.64 5.54
N ALA B 30 -30.15 7.43 5.59
CA ALA B 30 -29.18 7.55 4.49
C ALA B 30 -28.37 6.29 4.24
N TYR B 31 -28.35 5.34 5.17
CA TYR B 31 -27.65 4.08 4.88
C TYR B 31 -28.50 3.14 4.05
N GLU B 32 -29.81 3.37 4.02
CA GLU B 32 -30.69 2.47 3.28
C GLU B 32 -30.72 2.80 1.79
N THR B 33 -30.70 4.09 1.45
CA THR B 33 -30.57 4.46 0.04
C THR B 33 -29.12 4.34 -0.45
N GLU B 34 -28.21 5.15 0.09
CA GLU B 34 -26.76 4.97 0.14
C GLU B 34 -26.04 5.10 -1.21
N LYS B 35 -26.78 5.00 -2.32
CA LYS B 35 -26.27 4.84 -3.69
C LYS B 35 -25.17 3.76 -3.74
N HIS B 36 -25.37 2.70 -2.92
CA HIS B 36 -24.52 1.51 -2.72
C HIS B 36 -23.19 1.83 -2.02
N ASN B 37 -22.83 3.11 -1.94
CA ASN B 37 -21.54 3.64 -1.50
C ASN B 37 -21.66 5.15 -1.40
N VAL B 38 -21.05 5.74 -0.38
CA VAL B 38 -21.00 7.19 -0.23
C VAL B 38 -19.65 7.50 0.41
N TRP B 39 -19.26 8.78 0.36
CA TRP B 39 -18.04 9.20 1.04
C TRP B 39 -18.24 9.01 2.54
N ALA B 40 -17.16 8.59 3.21
CA ALA B 40 -17.25 7.54 4.21
C ALA B 40 -17.99 8.02 5.45
N THR B 41 -19.29 7.78 5.43
CA THR B 41 -20.16 7.75 6.60
C THR B 41 -20.76 6.36 6.49
N HIS B 42 -20.23 5.41 7.23
CA HIS B 42 -20.57 4.02 6.96
C HIS B 42 -21.23 3.31 8.13
N ALA B 43 -20.65 3.40 9.33
CA ALA B 43 -21.30 2.82 10.49
C ALA B 43 -21.70 3.87 11.51
N CYS B 44 -20.73 4.60 12.07
CA CYS B 44 -20.87 5.89 12.73
C CYS B 44 -21.82 5.92 13.93
N VAL B 45 -22.32 4.77 14.40
CA VAL B 45 -23.22 4.62 15.56
C VAL B 45 -24.45 5.51 15.43
N PRO B 46 -25.47 5.07 14.69
CA PRO B 46 -26.59 5.95 14.32
C PRO B 46 -27.32 6.56 15.52
N THR B 47 -27.80 7.78 15.30
CA THR B 47 -28.22 8.67 16.37
C THR B 47 -29.54 8.22 16.98
N ASP B 48 -29.97 8.97 17.97
CA ASP B 48 -31.11 8.96 18.89
C ASP B 48 -32.26 9.77 18.29
N PRO B 49 -33.51 9.33 18.50
CA PRO B 49 -34.66 10.09 17.99
C PRO B 49 -34.84 11.44 18.66
N ASN B 50 -34.87 11.47 19.99
CA ASN B 50 -35.25 12.67 20.73
C ASN B 50 -34.07 13.18 21.55
N PRO B 51 -33.33 14.18 21.07
CA PRO B 51 -32.16 14.67 21.80
C PRO B 51 -32.57 15.41 23.06
N GLN B 52 -31.59 15.58 23.94
CA GLN B 52 -31.84 16.10 25.27
C GLN B 52 -31.28 17.52 25.39
N GLU B 53 -32.03 18.39 26.05
CA GLU B 53 -31.64 19.79 26.20
C GLU B 53 -32.21 20.31 27.51
N ILE B 54 -31.33 20.82 28.37
CA ILE B 54 -31.74 21.30 29.69
C ILE B 54 -31.39 22.77 29.78
N HIS B 55 -32.40 23.59 30.02
CA HIS B 55 -32.19 25.01 30.25
C HIS B 55 -31.57 25.23 31.62
N LEU B 56 -30.72 26.25 31.71
CA LEU B 56 -30.02 26.54 32.96
C LEU B 56 -30.48 27.87 33.53
N GLU B 57 -30.04 28.12 34.76
CA GLU B 57 -30.56 29.21 35.58
C GLU B 57 -29.44 29.82 36.40
N ASN B 58 -29.40 31.16 36.40
CA ASN B 58 -28.51 31.97 37.24
C ASN B 58 -27.03 31.67 36.98
N VAL B 59 -26.70 31.39 35.72
CA VAL B 59 -25.34 30.99 35.37
C VAL B 59 -24.82 31.91 34.27
N THR B 60 -23.65 32.49 34.49
CA THR B 60 -22.90 33.18 33.44
C THR B 60 -21.63 32.41 33.13
N GLU B 61 -20.99 32.77 32.02
CA GLU B 61 -19.83 32.06 31.52
C GLU B 61 -19.12 32.92 30.47
N GLU B 62 -17.79 32.95 30.50
CA GLU B 62 -17.06 33.59 29.42
C GLU B 62 -17.08 32.69 28.19
N PHE B 63 -17.21 33.29 27.03
CA PHE B 63 -17.27 32.55 25.77
C PHE B 63 -16.31 33.17 24.78
N ASN B 64 -15.45 32.34 24.21
CA ASN B 64 -14.49 32.83 23.24
C ASN B 64 -14.47 31.84 22.08
N MET B 65 -14.79 32.31 20.89
CA MET B 65 -14.47 31.54 19.70
C MET B 65 -13.03 31.83 19.33
N TRP B 66 -12.61 31.40 18.14
CA TRP B 66 -11.26 31.55 17.59
C TRP B 66 -10.17 30.83 18.40
N LYS B 67 -10.54 30.16 19.48
CA LYS B 67 -9.62 29.38 20.29
C LYS B 67 -10.20 28.02 20.60
N ASN B 68 -11.37 27.69 20.06
CA ASN B 68 -11.97 26.39 20.28
C ASN B 68 -11.11 25.32 19.65
N ASN B 69 -10.92 24.23 20.37
CA ASN B 69 -10.19 23.11 19.82
C ASN B 69 -11.03 22.31 18.84
N MET B 70 -12.35 22.50 18.84
CA MET B 70 -13.22 21.65 18.06
C MET B 70 -13.09 21.90 16.57
N VAL B 71 -12.70 23.12 16.18
CA VAL B 71 -12.63 23.40 14.75
C VAL B 71 -11.45 22.68 14.12
N GLU B 72 -10.36 22.49 14.85
CA GLU B 72 -9.25 21.75 14.28
C GLU B 72 -9.53 20.27 14.28
N GLN B 73 -10.38 19.80 15.20
CA GLN B 73 -10.81 18.41 15.16
C GLN B 73 -11.67 18.15 13.94
N MET B 74 -12.49 19.11 13.53
CA MET B 74 -13.23 18.95 12.29
C MET B 74 -12.29 19.15 11.09
N HIS B 75 -11.19 19.85 11.30
CA HIS B 75 -10.26 20.03 10.20
C HIS B 75 -9.45 18.76 9.95
N GLU B 76 -9.03 18.10 11.03
CA GLU B 76 -8.08 17.00 10.85
C GLU B 76 -8.74 15.75 10.32
N ASP B 77 -9.99 15.51 10.70
CA ASP B 77 -10.58 14.22 10.35
C ASP B 77 -11.05 14.18 8.91
N ILE B 78 -11.53 15.32 8.40
CA ILE B 78 -12.00 15.39 7.01
C ILE B 78 -10.85 15.18 6.04
N ILE B 79 -9.67 15.69 6.39
CA ILE B 79 -8.47 15.39 5.62
C ILE B 79 -8.18 13.91 5.65
N SER B 80 -8.26 13.30 6.82
CA SER B 80 -8.05 11.86 6.92
C SER B 80 -9.23 11.10 6.35
N LEU B 81 -10.40 11.74 6.27
CA LEU B 81 -11.52 11.07 5.64
C LEU B 81 -11.38 11.09 4.13
N TRP B 82 -10.86 12.19 3.58
CA TRP B 82 -10.92 12.42 2.14
C TRP B 82 -9.98 11.46 1.40
N ASP B 83 -8.73 11.41 1.83
CA ASP B 83 -7.76 10.53 1.19
C ASP B 83 -8.06 9.06 1.41
N GLN B 84 -8.63 8.70 2.56
CA GLN B 84 -8.95 7.31 2.83
C GLN B 84 -10.09 6.84 1.95
N SER B 85 -11.00 7.74 1.60
CA SER B 85 -12.04 7.40 0.65
C SER B 85 -11.51 7.35 -0.77
N LEU B 86 -10.34 7.95 -1.01
CA LEU B 86 -9.85 8.10 -2.37
C LEU B 86 -8.76 7.07 -2.69
N LYS B 87 -8.04 6.60 -1.66
CA LYS B 87 -6.86 5.78 -1.88
C LYS B 87 -7.12 4.41 -2.52
N PRO B 88 -7.97 3.52 -1.98
CA PRO B 88 -8.00 2.16 -2.53
C PRO B 88 -8.70 2.03 -3.87
N CYS B 89 -9.28 3.10 -4.41
CA CYS B 89 -9.75 3.07 -5.78
C CYS B 89 -8.56 3.32 -6.71
N VAL B 90 -8.78 3.27 -8.02
CA VAL B 90 -7.72 2.87 -8.93
C VAL B 90 -6.80 4.05 -9.24
N LYS B 91 -5.51 3.75 -9.33
CA LYS B 91 -4.43 4.66 -9.63
C LYS B 91 -4.33 4.84 -11.14
N LEU B 92 -3.72 5.95 -11.56
CA LEU B 92 -3.22 6.08 -12.93
C LEU B 92 -1.97 6.95 -12.92
N THR B 93 -0.82 6.33 -13.12
CA THR B 93 0.34 7.08 -13.55
C THR B 93 0.42 7.40 -15.05
N PRO B 94 0.12 6.48 -16.02
CA PRO B 94 0.75 6.64 -17.34
C PRO B 94 0.02 7.61 -18.24
N LEU B 95 -0.84 8.48 -17.70
CA LEU B 95 -1.62 9.32 -18.61
C LEU B 95 -0.81 10.50 -19.11
N CYS B 96 -0.06 11.18 -18.24
CA CYS B 96 0.58 12.43 -18.65
C CYS B 96 1.75 12.12 -19.59
N VAL B 97 1.39 11.91 -20.84
CA VAL B 97 2.28 11.70 -21.96
C VAL B 97 2.11 12.93 -22.84
N THR B 98 3.10 13.19 -23.70
CA THR B 98 3.06 14.32 -24.62
C THR B 98 1.87 14.23 -25.57
N LEU B 99 1.45 15.38 -26.08
CA LEU B 99 0.19 15.50 -26.80
C LEU B 99 0.19 16.78 -27.62
N GLN B 100 -0.52 16.75 -28.75
CA GLN B 100 -0.66 17.92 -29.62
C GLN B 100 -2.08 17.97 -30.15
N CYS B 101 -2.61 19.21 -30.26
CA CYS B 101 -3.97 19.47 -30.71
C CYS B 101 -4.24 20.94 -30.91
N THR B 102 -5.42 21.22 -31.46
CA THR B 102 -5.93 22.57 -31.65
C THR B 102 -7.40 22.52 -31.24
N ASN B 103 -8.09 23.65 -31.38
CA ASN B 103 -9.43 23.79 -30.83
C ASN B 103 -10.47 23.04 -31.66
N TYR B 104 -11.69 23.03 -31.12
CA TYR B 104 -12.84 22.37 -31.70
C TYR B 104 -13.57 23.37 -32.59
N ALA B 105 -14.34 22.86 -33.56
CA ALA B 105 -14.77 23.73 -34.65
C ALA B 105 -15.92 24.67 -34.26
N PRO B 106 -17.05 24.21 -33.71
CA PRO B 106 -18.07 25.19 -33.31
C PRO B 106 -17.82 25.82 -31.95
N ASN B 107 -16.62 25.65 -31.38
CA ASN B 107 -16.18 26.49 -30.28
C ASN B 107 -16.24 27.96 -30.68
N LEU B 108 -15.90 28.28 -31.92
CA LEU B 108 -16.05 29.64 -32.40
C LEU B 108 -17.49 29.98 -32.75
N LEU B 109 -18.40 29.02 -32.64
CA LEU B 109 -19.80 29.26 -32.96
C LEU B 109 -20.61 29.03 -31.69
N SER B 110 -20.63 30.03 -30.82
CA SER B 110 -21.30 30.00 -29.53
C SER B 110 -21.12 31.37 -28.88
N ASN B 111 -21.83 31.55 -27.76
CA ASN B 111 -21.44 32.61 -26.83
C ASN B 111 -20.09 32.28 -26.19
N MET B 112 -19.85 31.01 -25.92
CA MET B 112 -18.59 30.55 -25.38
C MET B 112 -17.64 30.35 -26.56
N ARG B 113 -16.88 31.40 -26.88
CA ARG B 113 -15.87 31.33 -27.93
C ARG B 113 -14.53 30.87 -27.38
N GLY B 114 -14.54 30.13 -26.28
CA GLY B 114 -13.32 29.91 -25.56
C GLY B 114 -12.56 28.70 -26.02
N GLU B 115 -12.49 27.68 -25.16
CA GLU B 115 -11.46 26.64 -25.24
C GLU B 115 -12.08 25.27 -25.09
N LEU B 116 -11.93 24.43 -26.09
CA LEU B 116 -12.36 23.05 -25.95
C LEU B 116 -11.26 22.04 -26.23
N LYS B 117 -10.41 22.28 -27.24
CA LYS B 117 -9.17 21.53 -27.51
C LYS B 117 -9.43 20.04 -27.77
N GLN B 118 -10.04 19.77 -28.92
CA GLN B 118 -10.21 18.40 -29.41
C GLN B 118 -8.85 17.74 -29.59
N CYS B 119 -8.55 16.71 -28.79
CA CYS B 119 -7.17 16.34 -28.63
C CYS B 119 -6.98 14.83 -28.64
N SER B 120 -5.72 14.43 -28.78
CA SER B 120 -5.39 13.05 -29.10
C SER B 120 -3.95 12.76 -28.71
N PHE B 121 -3.68 11.47 -28.48
CA PHE B 121 -2.37 11.02 -28.00
C PHE B 121 -2.28 9.50 -28.16
N ASN B 122 -1.15 8.95 -27.76
CA ASN B 122 -0.94 7.51 -27.67
C ASN B 122 -1.06 7.05 -26.22
N MET B 123 -1.64 5.87 -26.04
CA MET B 123 -1.85 5.30 -24.71
C MET B 123 -1.64 3.79 -24.78
N THR B 124 -1.02 3.24 -23.73
CA THR B 124 -0.81 1.81 -23.64
C THR B 124 -2.13 1.08 -23.50
N THR B 125 -2.20 -0.12 -24.08
CA THR B 125 -3.39 -0.93 -24.02
C THR B 125 -3.28 -1.92 -22.87
N GLU B 126 -4.19 -2.90 -22.85
CA GLU B 126 -4.12 -3.97 -21.86
C GLU B 126 -2.88 -4.83 -22.07
N LEU B 127 -2.50 -5.05 -23.32
CA LEU B 127 -1.27 -5.76 -23.63
C LEU B 127 -0.14 -4.77 -23.66
N ARG B 128 1.03 -5.20 -23.18
CA ARG B 128 2.14 -4.25 -23.01
C ARG B 128 2.82 -3.90 -24.32
N ASP B 129 2.65 -4.73 -25.34
CA ASP B 129 3.28 -4.48 -26.64
C ASP B 129 2.30 -3.94 -27.66
N LYS B 130 1.20 -3.34 -27.21
CA LYS B 130 0.26 -2.72 -28.13
C LYS B 130 -0.07 -1.32 -27.63
N LYS B 131 -0.08 -0.38 -28.55
CA LYS B 131 -0.54 0.98 -28.29
C LYS B 131 -1.86 1.21 -29.02
N GLN B 132 -2.46 2.36 -28.76
CA GLN B 132 -3.75 2.67 -29.37
C GLN B 132 -3.92 4.17 -29.50
N LYS B 133 -4.78 4.56 -30.42
CA LYS B 133 -5.07 5.97 -30.69
C LYS B 133 -6.41 6.32 -30.08
N VAL B 134 -6.47 7.50 -29.45
CA VAL B 134 -7.70 7.99 -28.83
C VAL B 134 -7.97 9.39 -29.35
N TYR B 135 -9.14 9.91 -28.99
CA TYR B 135 -9.54 11.27 -29.36
C TYR B 135 -10.43 11.79 -28.24
N SER B 136 -10.11 12.96 -27.70
CA SER B 136 -10.80 13.41 -26.51
C SER B 136 -10.77 14.93 -26.43
N LEU B 137 -11.27 15.47 -25.32
CA LEU B 137 -11.44 16.90 -25.10
C LEU B 137 -10.91 17.30 -23.74
N PHE B 138 -10.35 18.50 -23.66
CA PHE B 138 -9.80 19.04 -22.42
C PHE B 138 -9.83 20.56 -22.44
N TYR B 139 -10.29 21.17 -21.36
CA TYR B 139 -10.32 22.62 -21.28
C TYR B 139 -8.92 23.19 -21.09
N ARG B 140 -8.75 24.47 -21.46
CA ARG B 140 -7.44 25.11 -21.35
C ARG B 140 -7.07 25.34 -19.89
N LEU B 141 -8.04 25.40 -19.02
CA LEU B 141 -7.69 25.35 -17.61
C LEU B 141 -7.25 23.98 -17.16
N ASP B 142 -7.12 22.97 -18.01
CA ASP B 142 -6.52 21.71 -17.61
C ASP B 142 -5.41 21.28 -18.56
N VAL B 143 -4.84 22.20 -19.33
CA VAL B 143 -3.77 21.86 -20.26
C VAL B 143 -2.89 23.09 -20.45
N VAL B 144 -1.60 22.85 -20.69
CA VAL B 144 -0.62 23.91 -20.86
C VAL B 144 0.54 23.35 -21.67
N GLN B 145 1.18 24.20 -22.46
CA GLN B 145 2.17 23.76 -23.42
C GLN B 145 3.58 23.81 -22.83
N ILE B 146 4.53 23.29 -23.59
CA ILE B 146 5.93 23.35 -23.26
C ILE B 146 6.58 24.46 -24.09
N ASN B 147 7.61 25.09 -23.55
CA ASN B 147 8.36 26.10 -24.27
C ASN B 147 9.86 25.84 -24.08
N SER B 157 6.13 23.78 -35.62
CA SER B 157 5.56 22.54 -35.10
C SER B 157 4.34 22.80 -34.24
N ASN B 158 3.46 21.81 -34.18
CA ASN B 158 2.36 21.84 -33.23
C ASN B 158 2.95 21.78 -31.83
N LYS B 159 2.88 22.89 -31.11
CA LYS B 159 3.56 23.00 -29.84
C LYS B 159 2.91 22.09 -28.80
N GLU B 160 3.69 21.15 -28.30
CA GLU B 160 3.18 20.06 -27.50
C GLU B 160 2.79 20.53 -26.10
N TYR B 161 1.81 19.84 -25.55
CA TYR B 161 1.13 20.24 -24.33
C TYR B 161 1.45 19.27 -23.21
N ARG B 162 0.84 19.53 -22.05
CA ARG B 162 0.88 18.62 -20.92
C ARG B 162 -0.30 18.97 -20.01
N LEU B 163 -0.63 18.04 -19.13
CA LEU B 163 -1.52 18.35 -18.03
C LEU B 163 -0.85 19.29 -17.06
N ILE B 164 -1.66 19.96 -16.22
CA ILE B 164 -1.24 21.16 -15.51
C ILE B 164 -0.10 20.87 -14.55
N ASN B 165 -0.28 19.94 -13.63
CA ASN B 165 0.78 19.63 -12.69
C ASN B 165 1.10 18.15 -12.63
N CYS B 166 1.33 17.53 -13.79
CA CYS B 166 2.18 16.36 -13.85
C CYS B 166 3.62 16.68 -13.45
N ASN B 167 4.04 17.95 -13.51
CA ASN B 167 5.38 18.33 -13.10
C ASN B 167 5.52 18.47 -11.58
N THR B 168 4.44 18.30 -10.82
CA THR B 168 4.56 18.44 -9.37
C THR B 168 4.24 17.16 -8.62
N SER B 169 3.16 16.46 -8.97
CA SER B 169 2.69 15.35 -8.15
C SER B 169 1.90 14.39 -9.01
N ALA B 170 1.40 13.32 -8.37
CA ALA B 170 0.65 12.29 -9.05
C ALA B 170 -0.82 12.68 -9.19
N ILE B 171 -1.56 11.89 -9.97
CA ILE B 171 -2.95 12.14 -10.27
C ILE B 171 -3.71 10.83 -10.12
N THR B 172 -4.81 10.85 -9.38
CA THR B 172 -5.61 9.65 -9.18
C THR B 172 -7.08 9.96 -9.46
N GLN B 173 -7.69 9.13 -10.29
CA GLN B 173 -9.05 9.38 -10.74
C GLN B 173 -10.06 9.08 -9.64
N ALA B 174 -11.24 9.63 -9.78
CA ALA B 174 -12.26 9.47 -8.75
C ALA B 174 -12.96 8.12 -8.90
N CYS B 175 -13.33 7.57 -7.79
CA CYS B 175 -13.92 6.25 -7.75
C CYS B 175 -15.37 6.32 -8.24
N PRO B 176 -15.78 5.46 -9.18
CA PRO B 176 -16.94 5.80 -10.04
C PRO B 176 -18.30 5.73 -9.38
N LYS B 177 -18.44 5.13 -8.21
CA LYS B 177 -19.76 5.00 -7.62
C LYS B 177 -19.99 5.86 -6.39
N VAL B 178 -18.93 6.41 -5.81
CA VAL B 178 -19.05 7.14 -4.55
C VAL B 178 -19.59 8.54 -4.82
N SER B 179 -20.61 8.94 -4.06
CA SER B 179 -21.16 10.28 -4.17
C SER B 179 -20.34 11.27 -3.36
N PHE B 180 -20.57 12.56 -3.61
CA PHE B 180 -19.88 13.64 -2.92
C PHE B 180 -20.85 14.53 -2.17
N GLU B 181 -22.13 14.22 -2.21
CA GLU B 181 -23.15 15.07 -1.63
C GLU B 181 -23.09 14.96 -0.10
N PRO B 182 -23.15 16.08 0.62
CA PRO B 182 -22.97 16.04 2.06
C PRO B 182 -24.21 15.54 2.78
N ILE B 183 -23.98 14.81 3.86
CA ILE B 183 -25.04 14.30 4.74
C ILE B 183 -24.85 15.05 6.04
N PRO B 184 -25.92 15.51 6.70
CA PRO B 184 -25.76 16.17 8.00
C PRO B 184 -25.15 15.24 9.03
N ILE B 185 -24.24 15.79 9.82
CA ILE B 185 -23.51 15.01 10.82
C ILE B 185 -23.67 15.70 12.17
N HIS B 186 -23.90 14.90 13.21
CA HIS B 186 -23.76 15.39 14.57
C HIS B 186 -22.42 14.96 15.13
N TYR B 187 -21.90 15.76 16.06
CA TYR B 187 -20.67 15.46 16.77
C TYR B 187 -20.97 15.38 18.25
N CYS B 188 -20.61 14.26 18.87
CA CYS B 188 -21.05 13.98 20.22
C CYS B 188 -19.86 13.52 21.05
N ALA B 189 -19.78 14.02 22.27
CA ALA B 189 -18.81 13.97 23.37
C ALA B 189 -19.05 12.73 24.22
N PRO B 190 -17.99 12.12 24.77
CA PRO B 190 -18.19 10.94 25.61
C PRO B 190 -18.65 11.28 27.01
N ALA B 191 -18.79 10.25 27.83
CA ALA B 191 -19.29 10.42 29.19
C ALA B 191 -18.29 11.19 30.06
N GLY B 192 -18.81 11.81 31.10
CA GLY B 192 -18.01 12.70 31.89
C GLY B 192 -17.71 14.03 31.23
N PHE B 193 -18.43 14.39 30.18
CA PHE B 193 -18.21 15.64 29.48
C PHE B 193 -19.55 16.26 29.14
N ALA B 194 -19.49 17.51 28.70
CA ALA B 194 -20.70 18.24 28.34
C ALA B 194 -20.34 19.31 27.32
N ILE B 195 -21.33 19.66 26.50
CA ILE B 195 -21.20 20.70 25.50
C ILE B 195 -22.14 21.83 25.87
N LEU B 196 -21.66 23.06 25.76
CA LEU B 196 -22.42 24.23 26.17
C LEU B 196 -22.76 25.09 24.98
N LYS B 197 -24.04 25.42 24.83
CA LYS B 197 -24.47 26.40 23.84
C LYS B 197 -25.36 27.40 24.54
N CYS B 198 -25.21 28.66 24.20
CA CYS B 198 -26.10 29.66 24.75
C CYS B 198 -26.98 30.21 23.64
N LYS B 199 -28.23 30.48 23.99
CA LYS B 199 -29.29 30.64 23.01
C LYS B 199 -29.73 32.09 22.91
N ASP B 200 -28.79 33.02 22.99
CA ASP B 200 -29.12 34.40 22.74
C ASP B 200 -29.35 34.62 21.25
N LYS B 201 -30.19 35.59 20.93
CA LYS B 201 -30.45 35.91 19.53
C LYS B 201 -29.25 36.64 18.94
N LYS B 202 -28.97 37.84 19.45
CA LYS B 202 -27.79 38.57 19.02
C LYS B 202 -26.57 37.99 19.72
N PHE B 203 -25.49 37.84 18.98
CA PHE B 203 -24.26 37.33 19.58
C PHE B 203 -23.08 37.88 18.77
N ASN B 204 -22.44 38.91 19.31
CA ASN B 204 -21.38 39.59 18.59
C ASN B 204 -20.01 38.98 18.91
N GLY B 205 -19.93 37.67 18.73
CA GLY B 205 -18.66 36.96 18.77
C GLY B 205 -18.13 36.40 20.06
N THR B 206 -17.89 37.24 21.06
CA THR B 206 -17.21 36.83 22.28
C THR B 206 -17.97 37.38 23.48
N GLY B 207 -17.35 37.33 24.65
CA GLY B 207 -17.89 37.92 25.83
C GLY B 207 -18.78 36.98 26.62
N PRO B 208 -19.39 37.48 27.68
CA PRO B 208 -20.32 36.66 28.47
C PRO B 208 -21.67 36.53 27.81
N CYS B 209 -22.39 35.50 28.24
CA CYS B 209 -23.69 35.20 27.67
C CYS B 209 -24.62 34.87 28.85
N PRO B 210 -25.82 35.43 28.89
CA PRO B 210 -26.63 35.30 30.10
C PRO B 210 -27.32 33.96 30.23
N SER B 211 -27.81 33.39 29.15
CA SER B 211 -28.67 32.21 29.22
C SER B 211 -28.03 31.06 28.47
N VAL B 212 -27.58 30.05 29.19
CA VAL B 212 -26.86 28.93 28.61
C VAL B 212 -27.68 27.65 28.81
N SER B 213 -27.20 26.59 28.17
CA SER B 213 -27.85 25.28 28.24
C SER B 213 -26.83 24.25 27.78
N THR B 214 -27.08 22.99 28.15
CA THR B 214 -26.18 21.92 27.76
C THR B 214 -26.91 20.83 26.99
N VAL B 215 -26.19 20.27 26.02
CA VAL B 215 -26.65 19.22 25.13
C VAL B 215 -25.48 18.26 24.94
N GLN B 216 -25.75 16.96 24.89
CA GLN B 216 -24.69 16.00 24.62
C GLN B 216 -24.14 16.14 23.20
N CYS B 217 -25.00 16.39 22.22
CA CYS B 217 -24.57 16.58 20.84
C CYS B 217 -25.47 17.45 20.00
N THR B 218 -24.83 18.38 19.28
CA THR B 218 -25.44 19.49 18.57
C THR B 218 -26.22 19.05 17.35
N HIS B 219 -26.81 20.05 16.68
CA HIS B 219 -27.55 19.84 15.45
C HIS B 219 -26.60 19.52 14.31
N GLY B 220 -27.19 19.16 13.18
CA GLY B 220 -26.41 18.66 12.08
C GLY B 220 -25.62 19.75 11.38
N ILE B 221 -24.44 19.38 10.90
CA ILE B 221 -23.60 20.25 10.11
C ILE B 221 -23.34 19.56 8.78
N LYS B 222 -23.61 20.26 7.69
CA LYS B 222 -23.37 19.70 6.37
C LYS B 222 -22.05 20.22 5.83
N PRO B 223 -21.01 19.40 5.78
CA PRO B 223 -19.67 19.89 5.40
C PRO B 223 -19.55 20.15 3.90
N VAL B 224 -20.01 21.34 3.50
CA VAL B 224 -19.93 21.77 2.11
C VAL B 224 -18.58 22.44 1.90
N VAL B 225 -18.02 22.30 0.70
CA VAL B 225 -16.72 22.85 0.38
C VAL B 225 -16.95 24.01 -0.57
N SER B 226 -16.85 25.23 -0.05
CA SER B 226 -17.16 26.39 -0.86
C SER B 226 -16.36 27.59 -0.39
N THR B 227 -16.16 28.54 -1.32
CA THR B 227 -15.40 29.75 -1.05
C THR B 227 -16.21 30.96 -1.45
N GLN B 228 -16.07 32.04 -0.68
CA GLN B 228 -16.64 33.37 -0.84
C GLN B 228 -18.15 33.43 -0.68
N LEU B 229 -18.84 32.30 -0.55
CA LEU B 229 -20.28 32.26 -0.34
C LEU B 229 -20.56 30.94 0.36
N LEU B 230 -21.14 31.01 1.55
CA LEU B 230 -21.52 29.80 2.26
C LEU B 230 -22.90 29.38 1.78
N LEU B 231 -23.05 28.11 1.42
CA LEU B 231 -24.29 27.60 0.87
C LEU B 231 -24.79 26.43 1.69
N ASN B 232 -26.12 26.31 1.79
CA ASN B 232 -26.84 25.34 2.63
C ASN B 232 -26.38 25.41 4.09
N GLY B 233 -26.01 26.60 4.53
CA GLY B 233 -25.58 26.82 5.88
C GLY B 233 -26.76 27.03 6.78
N SER B 234 -26.55 26.85 8.08
CA SER B 234 -27.61 27.09 9.04
C SER B 234 -27.89 28.57 9.14
N LEU B 235 -29.18 28.92 9.19
CA LEU B 235 -29.58 30.30 9.10
C LEU B 235 -29.57 30.93 10.49
N ALA B 236 -29.41 32.24 10.52
CA ALA B 236 -29.28 33.00 11.76
C ALA B 236 -30.66 33.25 12.38
N GLU B 237 -30.69 34.17 13.32
CA GLU B 237 -31.94 34.62 13.92
C GLU B 237 -32.44 35.85 13.15
N GLU B 238 -33.36 36.60 13.76
CA GLU B 238 -34.13 37.64 13.09
C GLU B 238 -33.32 38.86 12.64
N GLU B 239 -32.02 38.92 12.87
CA GLU B 239 -31.29 40.14 12.59
C GLU B 239 -29.86 39.80 12.18
N VAL B 240 -29.31 40.59 11.26
CA VAL B 240 -28.03 40.28 10.64
C VAL B 240 -26.90 40.69 11.55
N ILE B 241 -25.81 39.93 11.54
CA ILE B 241 -24.74 40.09 12.52
C ILE B 241 -23.41 40.15 11.79
N ILE B 242 -22.40 40.69 12.45
CA ILE B 242 -21.06 40.75 11.91
C ILE B 242 -20.11 40.12 12.93
N ARG B 243 -19.07 39.47 12.45
CA ARG B 243 -18.11 38.77 13.32
C ARG B 243 -16.71 38.95 12.76
N SER B 244 -15.72 38.99 13.64
CA SER B 244 -14.34 39.22 13.23
C SER B 244 -13.38 38.90 14.35
N GLU B 245 -12.10 39.14 14.06
CA GLU B 245 -11.06 39.47 15.01
C GLU B 245 -10.40 40.73 14.46
N ASN B 246 -10.29 41.74 15.33
CA ASN B 246 -9.51 42.94 15.10
C ASN B 246 -9.94 43.76 13.90
N ILE B 247 -11.21 44.16 13.83
CA ILE B 247 -11.59 45.16 12.83
C ILE B 247 -10.90 46.47 13.15
N THR B 248 -10.54 47.20 12.08
CA THR B 248 -9.46 48.20 12.02
C THR B 248 -8.10 47.55 12.29
N ASN B 249 -7.94 46.32 11.80
CA ASN B 249 -6.63 45.68 11.58
C ASN B 249 -6.89 44.62 10.51
N ASN B 250 -6.44 44.91 9.29
CA ASN B 250 -6.91 44.27 8.07
C ASN B 250 -6.37 42.88 7.82
N ALA B 251 -5.63 42.28 8.76
CA ALA B 251 -4.94 41.03 8.46
C ALA B 251 -5.92 39.86 8.37
N LYS B 252 -6.90 39.82 9.25
CA LYS B 252 -7.84 38.70 9.29
C LYS B 252 -8.99 38.97 8.33
N ASN B 253 -10.04 38.18 8.44
CA ASN B 253 -11.16 38.21 7.50
C ASN B 253 -12.42 38.70 8.20
N ILE B 254 -13.47 38.86 7.40
CA ILE B 254 -14.74 39.41 7.87
C ILE B 254 -15.82 38.38 7.60
N LEU B 255 -16.60 38.05 8.62
CA LEU B 255 -17.69 37.09 8.49
C LEU B 255 -19.01 37.77 8.79
N VAL B 256 -20.01 37.49 7.96
CA VAL B 256 -21.34 38.07 8.12
C VAL B 256 -22.38 36.99 7.85
N GLN B 257 -23.41 36.95 8.69
CA GLN B 257 -24.50 36.00 8.60
C GLN B 257 -25.80 36.78 8.52
N LEU B 258 -26.80 36.19 7.87
CA LEU B 258 -28.01 36.93 7.54
C LEU B 258 -29.23 36.08 7.82
N ASN B 259 -30.39 36.65 7.57
CA ASN B 259 -31.67 36.04 7.94
C ASN B 259 -32.55 35.68 6.77
N THR B 260 -32.54 36.45 5.69
CA THR B 260 -33.40 36.15 4.56
C THR B 260 -32.60 35.39 3.52
N PRO B 261 -32.84 34.10 3.32
CA PRO B 261 -32.06 33.35 2.35
C PRO B 261 -32.49 33.71 0.94
N VAL B 262 -31.54 33.73 0.03
CA VAL B 262 -31.85 34.04 -1.36
C VAL B 262 -31.50 32.84 -2.22
N GLN B 263 -32.26 32.69 -3.30
CA GLN B 263 -32.15 31.54 -4.17
C GLN B 263 -30.92 31.65 -5.05
N ILE B 264 -30.52 30.53 -5.63
CA ILE B 264 -29.59 30.50 -6.75
C ILE B 264 -29.85 29.23 -7.56
N ASN B 265 -29.90 29.37 -8.88
CA ASN B 265 -30.06 28.26 -9.79
C ASN B 265 -28.82 28.18 -10.66
N CYS B 266 -28.25 26.99 -10.80
CA CYS B 266 -27.04 26.81 -11.59
C CYS B 266 -27.16 25.54 -12.41
N THR B 267 -26.83 25.64 -13.70
CA THR B 267 -27.03 24.54 -14.63
C THR B 267 -25.79 24.31 -15.49
N ARG B 268 -25.85 23.23 -16.25
CA ARG B 268 -24.83 22.88 -17.25
C ARG B 268 -25.58 22.38 -18.47
N PRO B 269 -25.62 23.13 -19.55
CA PRO B 269 -26.57 22.83 -20.63
C PRO B 269 -26.19 21.64 -21.49
N ASN B 270 -24.90 21.40 -21.67
CA ASN B 270 -24.45 20.49 -22.71
C ASN B 270 -24.19 19.11 -22.11
N ASN B 271 -25.03 18.13 -22.43
CA ASN B 271 -25.02 16.87 -21.67
C ASN B 271 -23.97 15.88 -22.15
N ASN B 272 -23.43 16.08 -23.35
CA ASN B 272 -22.10 15.68 -23.84
C ASN B 272 -21.57 14.28 -23.46
N THR B 273 -22.22 13.23 -23.99
CA THR B 273 -22.05 11.81 -23.68
C THR B 273 -20.59 11.34 -23.69
N VAL B 274 -20.35 10.26 -22.95
CA VAL B 274 -19.01 9.81 -22.58
C VAL B 274 -18.71 8.46 -23.22
N LYS B 275 -17.43 8.08 -23.14
CA LYS B 275 -17.00 6.74 -23.51
C LYS B 275 -16.07 6.21 -22.44
N SER B 276 -15.68 4.95 -22.58
CA SER B 276 -14.81 4.32 -21.61
C SER B 276 -13.95 3.26 -22.30
N ILE B 277 -12.64 3.35 -22.11
CA ILE B 277 -11.74 2.31 -22.59
C ILE B 277 -11.05 1.70 -21.39
N ARG B 278 -10.17 0.74 -21.63
CA ARG B 278 -9.53 -0.01 -20.55
C ARG B 278 -8.02 0.18 -20.64
N ILE B 279 -7.41 0.60 -19.53
CA ILE B 279 -5.95 0.66 -19.47
C ILE B 279 -5.39 -0.74 -19.35
N GLY B 280 -5.84 -1.49 -18.35
CA GLY B 280 -5.57 -2.91 -18.28
C GLY B 280 -4.23 -3.26 -17.67
N PRO B 281 -4.20 -4.30 -16.82
CA PRO B 281 -5.32 -5.18 -16.47
C PRO B 281 -6.26 -4.66 -15.37
N GLY B 282 -7.51 -4.42 -15.74
CA GLY B 282 -8.51 -4.04 -14.78
C GLY B 282 -8.52 -2.58 -14.39
N GLN B 283 -8.13 -1.69 -15.29
CA GLN B 283 -8.19 -0.25 -15.03
C GLN B 283 -9.16 0.35 -16.03
N ALA B 284 -10.44 0.36 -15.67
CA ALA B 284 -11.49 0.91 -16.51
C ALA B 284 -11.42 2.44 -16.45
N PHE B 285 -10.73 3.04 -17.41
CA PHE B 285 -10.58 4.47 -17.46
C PHE B 285 -11.76 5.13 -18.17
N TYR B 286 -12.32 6.15 -17.55
CA TYR B 286 -13.39 6.93 -18.15
C TYR B 286 -12.82 8.24 -18.70
N TYR B 287 -13.34 8.67 -19.83
CA TYR B 287 -12.86 9.88 -20.47
C TYR B 287 -14.00 10.56 -21.18
N PHE B 288 -13.74 11.76 -21.65
CA PHE B 288 -14.78 12.59 -22.23
C PHE B 288 -15.02 12.16 -23.67
N GLY B 289 -16.28 11.92 -24.01
CA GLY B 289 -16.61 11.48 -25.35
C GLY B 289 -16.80 12.62 -26.31
N ASP B 290 -17.96 12.66 -26.96
CA ASP B 290 -18.26 13.68 -27.94
C ASP B 290 -19.53 14.42 -27.52
N ILE B 291 -19.65 15.65 -28.01
CA ILE B 291 -20.77 16.52 -27.68
C ILE B 291 -21.68 16.61 -28.91
N ILE B 292 -22.98 16.67 -28.64
CA ILE B 292 -23.99 16.84 -29.68
C ILE B 292 -24.92 17.95 -29.25
N GLY B 293 -25.22 18.87 -30.16
CA GLY B 293 -26.13 19.96 -29.89
C GLY B 293 -25.42 21.29 -29.93
N ASP B 294 -26.11 22.30 -29.40
CA ASP B 294 -25.50 23.62 -29.28
C ASP B 294 -24.52 23.64 -28.11
N ILE B 295 -23.85 24.76 -27.94
CA ILE B 295 -22.92 24.97 -26.83
C ILE B 295 -23.34 26.23 -26.11
N ARG B 296 -23.70 26.09 -24.85
CA ARG B 296 -23.89 27.23 -23.97
C ARG B 296 -23.08 26.98 -22.72
N MET B 297 -22.25 27.95 -22.35
CA MET B 297 -21.39 27.78 -21.19
C MET B 297 -22.19 27.86 -19.90
N ALA B 298 -21.58 27.37 -18.83
CA ALA B 298 -22.27 27.28 -17.56
C ALA B 298 -22.41 28.65 -16.91
N HIS B 299 -23.50 28.82 -16.17
CA HIS B 299 -23.85 30.13 -15.62
C HIS B 299 -24.83 29.92 -14.48
N CYS B 300 -25.14 31.02 -13.79
CA CYS B 300 -26.08 30.97 -12.68
C CYS B 300 -26.97 32.20 -12.70
N ASN B 301 -28.21 32.04 -12.29
CA ASN B 301 -29.12 33.18 -12.14
C ASN B 301 -29.29 33.54 -10.67
N VAL B 302 -29.83 34.73 -10.44
CA VAL B 302 -30.07 35.24 -9.09
C VAL B 302 -31.18 36.28 -9.16
N SER B 303 -32.03 36.31 -8.14
CA SER B 303 -33.09 37.31 -8.07
C SER B 303 -32.50 38.68 -7.79
N LYS B 304 -32.80 39.65 -8.67
CA LYS B 304 -32.12 40.93 -8.64
C LYS B 304 -32.53 41.78 -7.45
N ALA B 305 -33.83 42.01 -7.29
CA ALA B 305 -34.30 42.99 -6.31
C ALA B 305 -34.05 42.53 -4.89
N THR B 306 -34.11 41.22 -4.66
CA THR B 306 -33.80 40.69 -3.34
C THR B 306 -32.32 40.86 -3.04
N TRP B 307 -31.48 40.68 -4.05
CA TRP B 307 -30.04 40.88 -3.86
C TRP B 307 -29.72 42.33 -3.57
N ASN B 308 -30.49 43.25 -4.16
CA ASN B 308 -30.39 44.64 -3.77
C ASN B 308 -30.85 44.82 -2.33
N GLU B 309 -31.89 44.10 -1.94
CA GLU B 309 -32.51 44.32 -0.64
C GLU B 309 -31.61 43.86 0.50
N THR B 310 -30.99 42.69 0.34
CA THR B 310 -30.11 42.21 1.39
C THR B 310 -28.79 42.95 1.40
N LEU B 311 -28.35 43.49 0.26
CA LEU B 311 -27.13 44.28 0.25
C LEU B 311 -27.37 45.64 0.87
N GLY B 312 -28.56 46.20 0.66
CA GLY B 312 -28.93 47.38 1.41
C GLY B 312 -29.12 47.07 2.89
N LYS B 313 -29.52 45.83 3.20
CA LYS B 313 -29.68 45.45 4.59
C LYS B 313 -28.33 45.33 5.28
N VAL B 314 -27.34 44.76 4.61
CA VAL B 314 -26.06 44.52 5.28
C VAL B 314 -25.27 45.81 5.42
N VAL B 315 -25.48 46.78 4.53
CA VAL B 315 -24.66 47.98 4.61
C VAL B 315 -25.17 48.89 5.72
N LYS B 316 -26.45 48.78 6.09
CA LYS B 316 -26.93 49.50 7.25
C LYS B 316 -26.34 48.93 8.52
N GLN B 317 -26.17 47.61 8.57
CA GLN B 317 -25.59 46.99 9.75
C GLN B 317 -24.08 47.20 9.79
N LEU B 318 -23.44 47.24 8.63
CA LEU B 318 -21.99 47.32 8.61
C LEU B 318 -21.50 48.71 8.95
N ARG B 319 -22.37 49.72 8.79
CA ARG B 319 -21.95 51.10 8.98
C ARG B 319 -21.61 51.41 10.43
N LYS B 320 -22.28 50.75 11.39
CA LYS B 320 -22.11 51.02 12.82
C LYS B 320 -20.69 50.82 13.31
N HIS B 321 -19.93 49.91 12.68
CA HIS B 321 -18.54 49.71 13.04
C HIS B 321 -17.60 50.59 12.24
N PHE B 322 -18.13 51.57 11.50
CA PHE B 322 -17.26 52.43 10.71
C PHE B 322 -17.74 53.88 10.71
N GLY B 323 -18.41 54.32 11.76
CA GLY B 323 -18.85 55.70 11.83
C GLY B 323 -20.23 55.91 11.25
N ASN B 324 -20.51 57.15 10.89
CA ASN B 324 -21.81 57.51 10.34
C ASN B 324 -21.73 57.97 8.89
N ASN B 325 -20.97 59.03 8.61
CA ASN B 325 -20.96 59.63 7.29
C ASN B 325 -19.70 59.24 6.51
N THR B 326 -19.60 57.95 6.21
CA THR B 326 -18.55 57.48 5.33
C THR B 326 -19.16 56.69 4.18
N ILE B 327 -18.41 56.55 3.13
CA ILE B 327 -18.91 55.99 1.88
C ILE B 327 -18.30 54.62 1.67
N ILE B 328 -19.12 53.66 1.27
CA ILE B 328 -18.69 52.28 1.10
C ILE B 328 -18.83 51.89 -0.37
N ARG B 329 -17.75 51.34 -0.91
CA ARG B 329 -17.67 50.91 -2.30
C ARG B 329 -17.26 49.45 -2.35
N PHE B 330 -17.87 48.69 -3.25
CA PHE B 330 -17.51 47.29 -3.44
C PHE B 330 -16.66 47.13 -4.70
N ALA B 331 -15.86 46.08 -4.70
CA ALA B 331 -14.94 45.83 -5.81
C ALA B 331 -14.83 44.33 -6.02
N GLN B 332 -14.25 43.96 -7.16
CA GLN B 332 -14.05 42.56 -7.49
C GLN B 332 -12.80 42.03 -6.79
N SER B 333 -12.44 40.79 -7.09
CA SER B 333 -11.26 40.21 -6.47
C SER B 333 -10.00 40.80 -7.08
N SER B 334 -8.88 40.59 -6.37
CA SER B 334 -7.62 41.21 -6.77
C SER B 334 -6.92 40.41 -7.85
N GLY B 335 -6.53 39.18 -7.55
CA GLY B 335 -5.75 38.39 -8.48
C GLY B 335 -4.95 37.33 -7.74
N GLY B 336 -3.81 36.97 -8.34
CA GLY B 336 -3.02 35.87 -7.85
C GLY B 336 -3.50 34.56 -8.44
N ASP B 337 -3.72 33.56 -7.59
CA ASP B 337 -4.34 32.32 -8.05
C ASP B 337 -5.82 32.55 -8.33
N LEU B 338 -6.40 31.63 -9.09
CA LEU B 338 -7.83 31.73 -9.35
C LEU B 338 -8.66 31.35 -8.13
N GLU B 339 -8.11 30.48 -7.28
CA GLU B 339 -8.89 29.82 -6.23
C GLU B 339 -9.26 30.73 -5.08
N VAL B 340 -8.79 31.97 -5.06
CA VAL B 340 -9.24 32.91 -4.04
C VAL B 340 -10.15 33.91 -4.74
N THR B 341 -10.06 33.97 -6.07
CA THR B 341 -10.83 34.97 -6.80
C THR B 341 -12.25 34.50 -7.02
N THR B 342 -12.42 33.39 -7.71
CA THR B 342 -13.73 32.91 -8.08
C THR B 342 -14.48 32.36 -6.88
N HIS B 343 -15.76 32.08 -7.11
CA HIS B 343 -16.57 31.32 -6.18
C HIS B 343 -16.59 29.87 -6.62
N SER B 344 -15.89 29.02 -5.88
CA SER B 344 -15.79 27.60 -6.21
C SER B 344 -16.69 26.81 -5.29
N PHE B 345 -17.31 25.77 -5.83
CA PHE B 345 -18.18 24.90 -5.05
C PHE B 345 -18.34 23.57 -5.79
N ASN B 346 -19.16 22.71 -5.22
CA ASN B 346 -19.48 21.40 -5.77
C ASN B 346 -20.96 21.36 -6.08
N CYS B 347 -21.31 20.66 -7.16
CA CYS B 347 -22.69 20.39 -7.51
C CYS B 347 -22.75 19.14 -8.36
N GLY B 348 -23.39 18.10 -7.83
CA GLY B 348 -23.61 16.89 -8.58
C GLY B 348 -22.37 16.09 -8.91
N GLY B 349 -21.26 16.36 -8.23
CA GLY B 349 -20.03 15.66 -8.51
C GLY B 349 -19.09 16.38 -9.46
N GLU B 350 -19.31 17.66 -9.70
CA GLU B 350 -18.42 18.46 -10.54
C GLU B 350 -18.14 19.77 -9.84
N PHE B 351 -17.15 20.49 -10.35
CA PHE B 351 -16.65 21.66 -9.65
C PHE B 351 -16.68 22.87 -10.57
N PHE B 352 -17.46 23.87 -10.18
CA PHE B 352 -17.64 25.08 -10.96
C PHE B 352 -16.70 26.15 -10.46
N TYR B 353 -16.50 27.17 -11.29
CA TYR B 353 -15.71 28.34 -10.93
C TYR B 353 -16.40 29.54 -11.55
N CYS B 354 -17.10 30.31 -10.73
CA CYS B 354 -17.91 31.42 -11.20
C CYS B 354 -17.25 32.74 -10.83
N ASN B 355 -17.32 33.70 -11.75
CA ASN B 355 -16.49 34.90 -11.68
C ASN B 355 -16.98 35.90 -10.64
N THR B 356 -18.27 35.92 -10.34
CA THR B 356 -18.97 36.75 -9.33
C THR B 356 -18.63 38.24 -9.34
N SER B 357 -18.12 38.74 -10.46
CA SER B 357 -17.81 40.16 -10.59
C SER B 357 -19.07 40.97 -10.79
N GLY B 358 -20.18 40.30 -11.11
CA GLY B 358 -21.44 40.99 -11.31
C GLY B 358 -22.24 41.21 -10.03
N LEU B 359 -21.59 41.13 -8.87
CA LEU B 359 -22.25 41.41 -7.61
C LEU B 359 -21.64 42.60 -6.90
N PHE B 360 -20.32 42.62 -6.73
CA PHE B 360 -19.67 43.63 -5.89
C PHE B 360 -19.25 44.83 -6.72
N ASN B 361 -20.22 45.41 -7.41
CA ASN B 361 -20.00 46.55 -8.29
C ASN B 361 -21.00 47.63 -7.89
N SER B 362 -20.67 48.40 -6.85
CA SER B 362 -21.58 49.40 -6.32
C SER B 362 -20.83 50.34 -5.39
N THR B 363 -21.35 51.55 -5.29
CA THR B 363 -21.02 52.50 -4.25
C THR B 363 -22.26 52.76 -3.42
N TRP B 364 -22.09 53.40 -2.27
CA TRP B 364 -23.23 53.61 -1.38
C TRP B 364 -23.10 54.96 -0.69
N ILE B 365 -24.12 55.78 -0.83
CA ILE B 365 -24.13 57.13 -0.29
C ILE B 365 -24.97 57.15 0.98
N SER B 366 -24.45 57.80 2.01
CA SER B 366 -25.10 57.88 3.31
C SER B 366 -26.07 59.06 3.31
N ASN B 367 -27.35 58.77 3.11
CA ASN B 367 -28.40 59.76 3.27
C ASN B 367 -29.73 59.14 3.69
N ASN B 379 -38.66 42.14 -12.29
CA ASN B 379 -38.28 40.74 -12.42
C ASN B 379 -37.16 40.59 -13.43
N ASP B 380 -35.92 40.78 -12.98
CA ASP B 380 -34.74 40.63 -13.82
C ASP B 380 -33.79 39.66 -13.15
N SER B 381 -32.76 39.25 -13.89
CA SER B 381 -31.85 38.21 -13.42
C SER B 381 -30.43 38.54 -13.83
N ILE B 382 -29.51 38.52 -12.88
CA ILE B 382 -28.10 38.76 -13.19
C ILE B 382 -27.50 37.44 -13.64
N VAL B 383 -26.96 37.42 -14.85
CA VAL B 383 -26.34 36.22 -15.42
C VAL B 383 -24.84 36.35 -15.26
N LEU B 384 -24.26 35.52 -14.44
CA LEU B 384 -22.82 35.53 -14.32
C LEU B 384 -22.23 34.31 -15.00
N PRO B 385 -21.08 34.46 -15.66
CA PRO B 385 -20.47 33.31 -16.33
C PRO B 385 -19.74 32.41 -15.36
N CYS B 386 -19.61 31.15 -15.74
CA CYS B 386 -18.94 30.15 -14.93
C CYS B 386 -18.10 29.26 -15.83
N ARG B 387 -17.04 28.69 -15.26
CA ARG B 387 -16.19 27.75 -15.98
C ARG B 387 -15.98 26.52 -15.12
N ILE B 388 -15.55 25.43 -15.75
CA ILE B 388 -15.38 24.15 -15.10
C ILE B 388 -13.96 23.66 -15.31
N LYS B 389 -13.46 22.86 -14.37
CA LYS B 389 -12.18 22.20 -14.48
C LYS B 389 -12.36 20.71 -14.30
N GLN B 390 -11.26 19.97 -14.42
CA GLN B 390 -11.27 18.55 -14.12
C GLN B 390 -10.10 18.07 -13.28
N ILE B 391 -9.26 18.97 -12.75
CA ILE B 391 -8.16 18.60 -11.88
C ILE B 391 -8.15 19.55 -10.70
N ILE B 392 -8.16 18.99 -9.49
CA ILE B 392 -8.38 19.75 -8.28
C ILE B 392 -7.22 19.48 -7.32
N ASN B 393 -6.73 20.55 -6.70
CA ASN B 393 -5.62 20.54 -5.74
C ASN B 393 -6.14 20.88 -4.36
N MET B 394 -7.23 20.21 -3.99
CA MET B 394 -8.10 20.53 -2.86
C MET B 394 -7.32 20.60 -1.55
N TRP B 395 -7.86 21.41 -0.63
CA TRP B 395 -7.37 21.61 0.74
C TRP B 395 -6.02 22.28 0.81
N GLN B 396 -5.66 23.04 -0.23
CA GLN B 396 -4.42 23.81 -0.32
C GLN B 396 -3.18 22.94 -0.16
N ARG B 397 -3.29 21.67 -0.50
CA ARG B 397 -2.20 20.72 -0.36
C ARG B 397 -1.51 20.53 -1.69
N ILE B 398 -0.20 20.33 -1.64
CA ILE B 398 0.59 19.97 -2.80
C ILE B 398 1.23 18.63 -2.52
N GLY B 399 1.00 17.67 -3.42
CA GLY B 399 1.52 16.34 -3.23
C GLY B 399 0.57 15.28 -3.73
N GLN B 400 -0.66 15.69 -4.00
CA GLN B 400 -1.64 14.79 -4.61
C GLN B 400 -2.64 15.65 -5.37
N ALA B 401 -3.39 14.99 -6.25
CA ALA B 401 -4.43 15.64 -7.01
C ALA B 401 -5.38 14.57 -7.51
N MET B 402 -6.63 14.97 -7.73
CA MET B 402 -7.68 14.02 -8.09
C MET B 402 -8.25 14.39 -9.45
N TYR B 403 -8.67 13.37 -10.19
CA TYR B 403 -9.29 13.55 -11.50
C TYR B 403 -10.76 13.17 -11.41
N ALA B 404 -11.60 14.03 -11.86
CA ALA B 404 -13.00 13.68 -11.82
C ALA B 404 -13.51 13.33 -13.20
N PRO B 405 -14.28 12.25 -13.31
CA PRO B 405 -14.85 11.90 -14.61
C PRO B 405 -16.13 12.67 -14.86
N PRO B 406 -16.46 12.93 -16.11
CA PRO B 406 -17.73 13.60 -16.42
C PRO B 406 -18.90 12.65 -16.22
N ILE B 407 -20.08 13.24 -16.06
CA ILE B 407 -21.30 12.50 -15.79
C ILE B 407 -22.32 12.89 -16.85
N GLN B 408 -23.04 11.90 -17.38
CA GLN B 408 -24.06 12.13 -18.39
C GLN B 408 -25.26 12.86 -17.80
N GLY B 409 -26.22 13.14 -18.66
CA GLY B 409 -27.42 13.82 -18.24
C GLY B 409 -27.21 15.30 -18.04
N VAL B 410 -28.30 15.98 -17.70
CA VAL B 410 -28.29 17.41 -17.43
C VAL B 410 -28.40 17.60 -15.94
N ILE B 411 -27.42 18.29 -15.36
CA ILE B 411 -27.38 18.51 -13.93
C ILE B 411 -27.96 19.87 -13.62
N ARG B 412 -28.59 20.00 -12.46
CA ARG B 412 -29.26 21.23 -12.06
C ARG B 412 -29.43 21.20 -10.56
N CYS B 413 -28.94 22.23 -9.87
CA CYS B 413 -29.01 22.26 -8.42
C CYS B 413 -29.37 23.64 -7.92
N VAL B 414 -30.16 23.67 -6.85
CA VAL B 414 -30.64 24.89 -6.23
C VAL B 414 -30.06 24.93 -4.82
N SER B 415 -29.79 26.13 -4.30
CA SER B 415 -29.30 26.25 -2.92
C SER B 415 -29.66 27.61 -2.37
N ASN B 416 -29.46 27.76 -1.06
CA ASN B 416 -29.62 29.03 -0.36
C ASN B 416 -28.27 29.68 -0.17
N ILE B 417 -28.14 30.93 -0.59
CA ILE B 417 -26.95 31.73 -0.29
C ILE B 417 -27.08 32.21 1.14
N THR B 418 -26.10 31.86 1.97
CA THR B 418 -26.17 32.24 3.37
C THR B 418 -24.77 32.45 3.93
N GLY B 419 -24.29 33.67 3.84
CA GLY B 419 -23.00 33.98 4.44
C GLY B 419 -21.89 34.19 3.45
N LEU B 420 -21.42 35.42 3.37
CA LEU B 420 -20.30 35.80 2.52
C LEU B 420 -19.13 36.24 3.40
N ILE B 421 -17.93 36.17 2.85
CA ILE B 421 -16.71 36.57 3.55
C ILE B 421 -16.17 37.80 2.85
N LEU B 422 -15.48 38.65 3.61
CA LEU B 422 -15.04 39.95 3.11
C LEU B 422 -13.65 40.27 3.61
N THR B 423 -13.00 41.22 2.93
CA THR B 423 -11.63 41.62 3.22
C THR B 423 -11.48 43.10 2.94
N ARG B 424 -10.82 43.81 3.85
CA ARG B 424 -10.61 45.24 3.72
C ARG B 424 -9.48 45.54 2.73
N ASP B 425 -9.09 46.81 2.71
CA ASP B 425 -8.01 47.28 1.85
C ASP B 425 -7.01 48.09 2.65
N GLY B 426 -6.07 48.74 1.97
CA GLY B 426 -5.14 49.62 2.64
C GLY B 426 -5.71 51.00 2.89
N GLY B 427 -4.94 52.04 2.61
CA GLY B 427 -5.47 53.39 2.67
C GLY B 427 -4.84 54.29 3.70
N SER B 428 -5.66 54.94 4.52
CA SER B 428 -5.20 55.92 5.48
C SER B 428 -6.14 55.87 6.68
N THR B 429 -6.15 56.94 7.47
CA THR B 429 -7.00 57.05 8.64
C THR B 429 -8.48 57.16 8.25
N ASN B 430 -9.34 57.29 9.26
CA ASN B 430 -10.78 57.17 9.08
C ASN B 430 -11.41 58.38 8.39
N SER B 431 -10.98 58.67 7.17
CA SER B 431 -11.55 59.77 6.38
C SER B 431 -11.82 59.43 4.93
N THR B 432 -11.11 58.47 4.34
CA THR B 432 -11.07 58.31 2.90
C THR B 432 -12.01 57.23 2.39
N THR B 433 -13.07 56.92 3.14
CA THR B 433 -14.24 56.14 2.70
C THR B 433 -13.86 54.75 2.20
N GLU B 434 -13.46 53.92 3.16
CA GLU B 434 -12.86 52.60 2.91
C GLU B 434 -13.79 51.68 2.14
N THR B 435 -13.20 50.68 1.48
CA THR B 435 -13.85 49.78 0.54
C THR B 435 -13.71 48.33 0.99
N PHE B 436 -14.31 47.43 0.20
CA PHE B 436 -14.27 46.00 0.50
C PHE B 436 -14.23 45.21 -0.79
N ARG B 437 -13.79 43.96 -0.69
CA ARG B 437 -13.77 43.02 -1.79
C ARG B 437 -13.71 41.61 -1.20
N PRO B 438 -14.23 40.60 -1.88
CA PRO B 438 -14.18 39.24 -1.36
C PRO B 438 -12.81 38.61 -1.56
N GLY B 439 -12.71 37.33 -1.24
CA GLY B 439 -11.43 36.66 -1.22
C GLY B 439 -11.37 35.48 -0.27
N GLY B 440 -10.40 35.49 0.65
CA GLY B 440 -10.32 34.50 1.70
C GLY B 440 -9.48 33.27 1.37
N GLY B 441 -10.02 32.35 0.57
CA GLY B 441 -9.25 31.21 0.13
C GLY B 441 -8.95 30.15 1.18
N ASP B 442 -9.50 30.26 2.38
CA ASP B 442 -9.30 29.25 3.41
C ASP B 442 -10.61 28.47 3.59
N MET B 443 -10.57 27.34 4.29
CA MET B 443 -11.76 26.57 4.58
C MET B 443 -12.06 26.43 6.07
N ARG B 444 -11.08 26.68 6.96
CA ARG B 444 -11.29 26.49 8.38
C ARG B 444 -12.34 27.44 8.95
N ASP B 445 -12.35 28.68 8.47
CA ASP B 445 -13.26 29.69 8.99
C ASP B 445 -14.72 29.36 8.68
N ASN B 446 -14.96 28.64 7.59
CA ASN B 446 -16.32 28.24 7.25
C ASN B 446 -16.88 27.30 8.31
N TRP B 447 -16.02 26.50 8.92
CA TRP B 447 -16.47 25.70 10.05
C TRP B 447 -16.51 26.53 11.31
N ARG B 448 -15.65 27.56 11.41
CA ARG B 448 -15.75 28.50 12.51
C ARG B 448 -17.01 29.35 12.37
N SER B 449 -17.55 29.45 11.16
CA SER B 449 -18.79 30.17 10.97
C SER B 449 -19.97 29.42 11.57
N GLU B 450 -19.89 28.09 11.67
CA GLU B 450 -21.05 27.33 12.11
C GLU B 450 -20.80 26.50 13.34
N LEU B 451 -19.70 26.73 14.05
CA LEU B 451 -19.48 26.12 15.36
C LEU B 451 -19.27 27.19 16.41
N TYR B 452 -19.84 28.37 16.17
CA TYR B 452 -19.53 29.55 16.97
C TYR B 452 -20.00 29.45 18.40
N LYS B 453 -20.98 28.61 18.70
CA LYS B 453 -21.63 28.60 19.99
C LYS B 453 -21.45 27.27 20.70
N TYR B 454 -20.29 26.66 20.59
CA TYR B 454 -20.08 25.38 21.25
C TYR B 454 -18.69 25.32 21.86
N LYS B 455 -18.60 24.67 23.02
CA LYS B 455 -17.32 24.44 23.67
C LYS B 455 -17.43 23.21 24.55
N VAL B 456 -16.32 22.56 24.74
CA VAL B 456 -16.28 21.33 25.52
C VAL B 456 -15.97 21.68 26.96
N VAL B 457 -16.32 20.76 27.86
CA VAL B 457 -16.04 20.94 29.28
C VAL B 457 -16.09 19.57 29.93
N LYS B 458 -15.41 19.43 31.06
CA LYS B 458 -15.38 18.21 31.84
C LYS B 458 -16.00 18.45 33.21
N ILE B 459 -16.86 17.54 33.63
CA ILE B 459 -17.42 17.63 34.97
C ILE B 459 -16.38 17.21 36.00
N GLU B 460 -16.69 17.47 37.26
CA GLU B 460 -15.92 16.93 38.37
C GLU B 460 -16.87 16.61 39.52
N PRO B 461 -17.08 15.34 39.83
CA PRO B 461 -18.13 15.00 40.79
C PRO B 461 -17.72 15.17 42.24
N LEU B 462 -16.43 15.08 42.51
CA LEU B 462 -15.96 14.97 43.88
C LEU B 462 -15.95 16.32 44.59
N GLY B 463 -16.52 16.35 45.80
CA GLY B 463 -16.54 17.56 46.58
C GLY B 463 -16.48 17.25 48.06
N VAL B 464 -16.15 18.27 48.84
CA VAL B 464 -15.97 18.09 50.27
C VAL B 464 -16.31 19.41 50.97
N ALA B 465 -16.96 19.32 52.12
CA ALA B 465 -17.46 20.50 52.82
C ALA B 465 -17.69 20.12 54.26
N PRO B 466 -17.68 21.09 55.19
CA PRO B 466 -18.00 20.75 56.57
C PRO B 466 -19.49 20.80 56.84
N THR B 467 -19.96 19.77 57.55
CA THR B 467 -21.31 19.65 58.04
C THR B 467 -21.33 19.97 59.52
N ARG B 468 -22.48 19.75 60.15
CA ARG B 468 -22.54 19.99 61.58
C ARG B 468 -22.09 18.78 62.37
N CYS B 469 -22.56 17.59 62.02
CA CYS B 469 -22.59 16.50 62.98
C CYS B 469 -21.64 15.37 62.62
N LYS B 470 -21.70 14.33 63.43
CA LYS B 470 -20.64 13.36 63.66
C LYS B 470 -21.05 12.00 63.09
N ARG B 471 -20.24 10.99 63.34
CA ARG B 471 -20.48 9.66 62.80
C ARG B 471 -20.45 8.61 63.90
N ARG B 472 -21.45 7.72 63.87
CA ARG B 472 -21.50 6.52 64.68
C ARG B 472 -20.30 5.62 64.39
N VAL B 473 -19.78 4.98 65.44
CA VAL B 473 -18.76 3.95 65.26
C VAL B 473 -19.45 2.60 65.14
N VAL C 2 6.62 8.54 59.46
CA VAL C 2 7.11 8.86 58.12
C VAL C 2 6.50 7.87 57.14
N SER C 3 6.25 8.31 55.91
CA SER C 3 5.72 7.45 54.86
C SER C 3 6.86 6.65 54.26
N LEU C 4 6.83 5.33 54.45
CA LEU C 4 7.88 4.48 53.93
C LEU C 4 7.82 4.33 52.42
N GLY C 5 6.64 4.35 51.84
CA GLY C 5 6.52 4.36 50.39
C GLY C 5 6.01 3.05 49.82
N PHE C 6 6.01 3.01 48.50
CA PHE C 6 5.40 1.92 47.76
C PHE C 6 6.25 0.67 47.85
N LEU C 7 5.60 -0.46 48.15
CA LEU C 7 6.23 -1.77 48.40
C LEU C 7 7.29 -1.67 49.50
N GLY C 8 7.00 -0.87 50.52
CA GLY C 8 8.00 -0.44 51.47
C GLY C 8 8.58 -1.53 52.35
N ALA C 9 7.78 -2.05 53.27
CA ALA C 9 8.27 -2.97 54.29
C ALA C 9 8.09 -4.42 53.88
N ALA C 10 8.21 -4.71 52.59
CA ALA C 10 8.01 -6.06 52.09
C ALA C 10 9.07 -7.03 52.58
N GLY C 11 10.24 -6.54 52.97
CA GLY C 11 11.20 -7.38 53.63
C GLY C 11 11.04 -7.46 55.12
N SER C 12 10.13 -6.67 55.68
CA SER C 12 9.95 -6.65 57.12
C SER C 12 9.01 -7.76 57.55
N THR C 13 8.55 -7.71 58.79
CA THR C 13 7.73 -8.76 59.35
C THR C 13 6.26 -8.35 59.19
N MET C 14 5.35 -9.10 59.82
CA MET C 14 3.92 -8.89 59.64
C MET C 14 3.46 -7.55 60.19
N GLY C 15 3.62 -7.35 61.50
CA GLY C 15 3.04 -6.24 62.21
C GLY C 15 3.52 -4.88 61.76
N ALA C 16 4.75 -4.82 61.24
CA ALA C 16 5.18 -3.59 60.59
C ALA C 16 4.47 -3.43 59.25
N ALA C 17 4.38 -4.50 58.47
CA ALA C 17 3.78 -4.41 57.14
C ALA C 17 2.28 -4.31 57.20
N SER C 18 1.66 -4.91 58.22
CA SER C 18 0.21 -4.92 58.30
C SER C 18 -0.38 -3.56 58.62
N MET C 19 0.35 -2.69 59.31
CA MET C 19 -0.23 -1.42 59.72
C MET C 19 -0.28 -0.41 58.59
N THR C 20 0.49 -0.60 57.53
CA THR C 20 0.52 0.32 56.39
C THR C 20 0.10 -0.45 55.15
N LEU C 21 -1.18 -0.34 54.79
CA LEU C 21 -1.69 -1.06 53.63
C LEU C 21 -2.36 -0.14 52.62
N THR C 22 -2.47 1.15 52.90
CA THR C 22 -3.19 2.04 52.00
C THR C 22 -2.42 2.31 50.73
N VAL C 23 -1.09 2.39 50.83
CA VAL C 23 -0.28 2.85 49.70
C VAL C 23 -0.22 1.83 48.58
N GLN C 24 -0.56 0.56 48.85
CA GLN C 24 -0.62 -0.42 47.78
C GLN C 24 -1.83 -0.18 46.89
N ALA C 25 -2.88 0.43 47.43
CA ALA C 25 -4.03 0.77 46.60
C ALA C 25 -3.85 2.12 45.93
N ARG C 26 -3.12 3.04 46.57
CA ARG C 26 -2.93 4.37 45.99
C ARG C 26 -1.99 4.35 44.79
N ASN C 27 -1.24 3.28 44.59
CA ASN C 27 -0.42 3.12 43.41
C ASN C 27 -0.95 2.09 42.45
N LEU C 28 -2.08 1.47 42.75
CA LEU C 28 -2.50 0.28 42.02
C LEU C 28 -3.11 0.63 40.66
N LEU C 29 -3.66 1.84 40.50
CA LEU C 29 -4.29 2.23 39.25
C LEU C 29 -3.72 3.52 38.68
N SER C 30 -2.51 3.88 39.09
CA SER C 30 -1.87 5.11 38.62
C SER C 30 -1.47 5.00 37.15
N HIS C 54 1.43 4.71 15.10
CA HIS C 54 1.42 3.28 15.34
C HIS C 54 1.37 2.91 16.81
N TRP C 55 2.11 3.66 17.64
CA TRP C 55 2.22 3.34 19.05
C TRP C 55 1.03 3.83 19.86
N GLY C 56 -0.17 3.44 19.45
CA GLY C 56 -1.35 3.77 20.23
C GLY C 56 -2.00 2.48 20.66
N ILE C 57 -1.87 1.45 19.82
CA ILE C 57 -2.52 0.18 20.11
C ILE C 57 -1.84 -0.52 21.27
N LYS C 58 -0.51 -0.42 21.35
CA LYS C 58 0.18 -1.15 22.40
C LYS C 58 0.03 -0.43 23.74
N GLN C 59 -0.13 0.89 23.71
CA GLN C 59 -0.51 1.58 24.93
C GLN C 59 -1.93 1.21 25.34
N LEU C 60 -2.82 1.11 24.36
CA LEU C 60 -4.22 0.84 24.66
C LEU C 60 -4.41 -0.60 25.12
N GLN C 61 -3.52 -1.51 24.73
CA GLN C 61 -3.58 -2.86 25.26
C GLN C 61 -3.18 -2.89 26.73
N ALA C 62 -2.37 -1.92 27.17
CA ALA C 62 -1.96 -1.91 28.56
C ALA C 62 -3.09 -1.46 29.47
N ARG C 63 -3.83 -0.42 29.08
CA ARG C 63 -4.87 0.12 29.95
C ARG C 63 -6.05 -0.81 30.05
N VAL C 64 -6.33 -1.59 29.00
CA VAL C 64 -7.40 -2.56 29.13
C VAL C 64 -6.94 -3.76 29.92
N LEU C 65 -5.62 -4.00 29.98
CA LEU C 65 -5.13 -5.08 30.81
C LEU C 65 -5.11 -4.66 32.26
N ALA C 66 -4.79 -3.39 32.52
CA ALA C 66 -4.69 -2.91 33.89
C ALA C 66 -6.06 -2.81 34.52
N VAL C 67 -7.07 -2.46 33.73
CA VAL C 67 -8.40 -2.39 34.29
C VAL C 67 -8.97 -3.78 34.50
N GLU C 68 -8.42 -4.77 33.79
CA GLU C 68 -8.97 -6.12 33.89
C GLU C 68 -8.52 -6.79 35.18
N HIS C 69 -7.24 -6.65 35.53
CA HIS C 69 -6.73 -7.27 36.75
C HIS C 69 -7.31 -6.61 37.98
N TYR C 70 -7.56 -5.31 37.91
CA TYR C 70 -8.11 -4.63 39.07
C TYR C 70 -9.55 -5.02 39.29
N LEU C 71 -10.32 -5.10 38.20
CA LEU C 71 -11.75 -5.30 38.38
C LEU C 71 -12.06 -6.76 38.68
N ARG C 72 -11.11 -7.66 38.41
CA ARG C 72 -11.36 -9.08 38.61
C ARG C 72 -11.49 -9.43 40.07
N ASP C 73 -10.46 -9.17 40.86
CA ASP C 73 -10.49 -9.56 42.26
C ASP C 73 -11.37 -8.65 43.09
N GLN C 74 -11.76 -7.49 42.54
CA GLN C 74 -12.59 -6.53 43.26
C GLN C 74 -13.94 -7.14 43.62
N GLN C 75 -14.63 -7.71 42.63
CA GLN C 75 -15.86 -8.41 42.93
C GLN C 75 -15.59 -9.72 43.65
N LEU C 76 -14.41 -10.31 43.41
CA LEU C 76 -14.02 -11.51 44.14
C LEU C 76 -13.78 -11.18 45.61
N LEU C 77 -13.40 -9.94 45.90
CA LEU C 77 -13.48 -9.47 47.27
C LEU C 77 -14.92 -9.18 47.66
N GLY C 78 -15.69 -8.63 46.72
CA GLY C 78 -17.03 -8.20 47.05
C GLY C 78 -18.01 -9.35 47.26
N ILE C 79 -17.70 -10.52 46.70
CA ILE C 79 -18.55 -11.67 46.91
C ILE C 79 -18.37 -12.22 48.33
N TRP C 80 -17.26 -11.89 48.98
CA TRP C 80 -16.92 -12.42 50.30
C TRP C 80 -17.47 -11.59 51.43
N GLY C 81 -18.53 -10.84 51.22
CA GLY C 81 -19.09 -10.03 52.28
C GLY C 81 -18.25 -8.84 52.68
N CYS C 82 -17.23 -8.50 51.91
CA CYS C 82 -16.35 -7.38 52.20
C CYS C 82 -16.32 -6.52 50.95
N SER C 83 -17.09 -5.43 50.97
CA SER C 83 -17.25 -4.60 49.78
C SER C 83 -16.07 -3.67 49.59
N GLY C 84 -15.88 -2.76 50.53
CA GLY C 84 -14.81 -1.80 50.42
C GLY C 84 -13.91 -1.86 51.64
N LYS C 85 -14.27 -2.70 52.60
CA LYS C 85 -13.47 -2.84 53.80
C LYS C 85 -12.13 -3.48 53.46
N LEU C 86 -11.06 -2.77 53.77
CA LEU C 86 -9.72 -3.25 53.45
C LEU C 86 -9.35 -4.45 54.29
N ILE C 87 -9.70 -4.41 55.58
CA ILE C 87 -9.49 -5.53 56.48
C ILE C 87 -10.84 -5.95 57.02
N CYS C 88 -11.14 -7.24 56.95
CA CYS C 88 -12.43 -7.71 57.43
C CYS C 88 -12.31 -9.14 57.91
N CYS C 89 -13.19 -9.51 58.82
CA CYS C 89 -13.23 -10.84 59.38
C CYS C 89 -14.35 -11.65 58.73
N THR C 90 -14.49 -12.88 59.16
CA THR C 90 -15.46 -13.79 58.57
C THR C 90 -15.90 -14.81 59.62
N ASN C 91 -16.49 -15.91 59.17
CA ASN C 91 -17.14 -16.86 60.06
C ASN C 91 -16.44 -18.22 60.14
N VAL C 92 -15.80 -18.67 59.08
CA VAL C 92 -15.33 -20.06 59.01
C VAL C 92 -14.12 -20.24 59.92
N PRO C 93 -14.07 -21.31 60.71
CA PRO C 93 -12.89 -21.58 61.53
C PRO C 93 -11.75 -22.15 60.69
N TRP C 94 -10.66 -22.47 61.37
CA TRP C 94 -9.43 -22.91 60.74
C TRP C 94 -9.31 -24.42 60.90
N ASN C 95 -9.14 -25.13 59.79
CA ASN C 95 -8.85 -26.55 59.87
C ASN C 95 -7.37 -26.70 60.20
N SER C 96 -7.07 -27.40 61.29
CA SER C 96 -5.70 -27.42 61.79
C SER C 96 -4.80 -28.38 61.02
N SER C 97 -5.33 -29.00 59.98
CA SER C 97 -4.48 -29.77 59.09
C SER C 97 -3.76 -28.84 58.11
N TRP C 98 -4.14 -27.57 58.11
CA TRP C 98 -3.51 -26.62 57.20
C TRP C 98 -2.14 -26.20 57.69
N SER C 99 -2.08 -25.57 58.85
CA SER C 99 -0.82 -25.28 59.52
C SER C 99 -0.89 -25.78 60.95
N ASN C 100 0.24 -25.75 61.62
CA ASN C 100 0.28 -26.25 62.98
C ASN C 100 0.90 -25.19 63.88
N ARG C 101 1.52 -24.19 63.27
CA ARG C 101 2.15 -23.11 64.01
C ARG C 101 1.07 -22.25 64.67
N ASN C 102 1.22 -22.00 65.98
CA ASN C 102 0.04 -21.71 66.78
C ASN C 102 -0.43 -20.25 66.65
N LEU C 103 0.29 -19.27 67.20
CA LEU C 103 -0.12 -17.90 66.93
C LEU C 103 1.06 -16.94 66.78
N SER C 104 2.08 -17.08 67.63
CA SER C 104 2.90 -15.92 67.93
C SER C 104 3.99 -15.71 66.90
N GLU C 105 4.74 -16.77 66.59
CA GLU C 105 5.94 -16.62 65.77
C GLU C 105 5.59 -16.35 64.32
N ILE C 106 4.38 -16.70 63.90
CA ILE C 106 4.00 -16.44 62.51
C ILE C 106 3.74 -14.96 62.29
N TRP C 107 3.37 -14.25 63.35
CA TRP C 107 3.29 -12.80 63.27
C TRP C 107 4.61 -12.11 63.58
N ASP C 108 5.65 -12.87 63.90
CA ASP C 108 6.84 -12.27 64.50
C ASP C 108 8.15 -12.71 63.84
N ASN C 109 8.15 -13.76 63.02
CA ASN C 109 9.43 -14.20 62.51
C ASN C 109 9.36 -14.69 61.06
N MET C 110 8.32 -14.31 60.30
CA MET C 110 8.29 -14.66 58.89
C MET C 110 7.88 -13.45 58.06
N THR C 111 8.05 -13.58 56.75
CA THR C 111 7.62 -12.56 55.80
C THR C 111 6.49 -13.12 54.95
N TRP C 112 5.80 -12.22 54.26
CA TRP C 112 4.71 -12.64 53.38
C TRP C 112 5.23 -13.43 52.20
N LEU C 113 6.43 -13.10 51.74
CA LEU C 113 7.06 -13.93 50.73
C LEU C 113 7.38 -15.30 51.27
N GLN C 114 7.74 -15.38 52.56
CA GLN C 114 7.85 -16.69 53.19
C GLN C 114 6.49 -17.34 53.38
N TRP C 115 5.46 -16.54 53.62
CA TRP C 115 4.16 -17.11 53.95
C TRP C 115 3.47 -17.72 52.75
N ASP C 116 3.48 -17.02 51.62
CA ASP C 116 2.56 -17.36 50.55
C ASP C 116 2.99 -18.62 49.82
N LYS C 117 4.30 -18.86 49.69
CA LYS C 117 4.76 -20.13 49.14
C LYS C 117 4.45 -21.29 50.08
N GLU C 118 4.29 -21.02 51.37
CA GLU C 118 4.15 -22.11 52.32
C GLU C 118 2.74 -22.68 52.31
N ILE C 119 1.74 -21.90 51.92
CA ILE C 119 0.36 -22.35 52.00
C ILE C 119 -0.27 -22.46 50.63
N SER C 120 0.54 -22.76 49.61
CA SER C 120 0.11 -22.57 48.23
C SER C 120 -0.89 -23.62 47.80
N ASN C 121 -0.70 -24.88 48.20
CA ASN C 121 -1.59 -25.95 47.75
C ASN C 121 -2.77 -26.10 48.71
N TYR C 122 -3.42 -24.99 49.00
CA TYR C 122 -4.59 -24.96 49.86
C TYR C 122 -5.70 -24.05 49.34
N THR C 123 -5.32 -23.07 48.52
CA THR C 123 -6.14 -21.88 48.32
C THR C 123 -7.43 -22.18 47.60
N GLN C 124 -7.44 -23.19 46.72
CA GLN C 124 -8.66 -23.55 46.04
C GLN C 124 -9.67 -24.16 47.00
N ILE C 125 -9.20 -24.87 48.02
CA ILE C 125 -10.11 -25.33 49.05
C ILE C 125 -10.54 -24.15 49.91
N ILE C 126 -9.67 -23.15 50.06
CA ILE C 126 -9.96 -22.02 50.94
C ILE C 126 -11.05 -21.16 50.35
N TYR C 127 -10.91 -20.76 49.09
CA TYR C 127 -11.76 -19.71 48.51
C TYR C 127 -13.19 -20.18 48.37
N GLY C 128 -13.39 -21.43 47.95
CA GLY C 128 -14.73 -21.96 47.79
C GLY C 128 -15.42 -22.18 49.12
N LEU C 129 -14.68 -22.69 50.10
CA LEU C 129 -15.26 -22.88 51.43
C LEU C 129 -15.49 -21.56 52.12
N LEU C 130 -14.73 -20.52 51.76
CA LEU C 130 -14.92 -19.21 52.35
C LEU C 130 -16.25 -18.61 51.95
N GLU C 131 -16.54 -18.62 50.65
CA GLU C 131 -17.63 -17.81 50.13
C GLU C 131 -19.00 -18.35 50.50
N GLU C 132 -19.15 -19.67 50.52
CA GLU C 132 -20.48 -20.20 50.82
C GLU C 132 -20.72 -20.21 52.32
N SER C 133 -19.64 -20.16 53.11
CA SER C 133 -19.78 -20.13 54.56
C SER C 133 -20.46 -18.88 55.05
N GLN C 134 -20.08 -17.71 54.53
CA GLN C 134 -20.87 -16.54 54.82
C GLN C 134 -22.07 -16.47 53.90
N ASN C 135 -21.82 -16.26 52.62
CA ASN C 135 -22.79 -15.64 51.76
C ASN C 135 -23.79 -16.63 51.19
N GLN C 136 -23.91 -17.80 51.79
CA GLN C 136 -25.12 -18.61 51.69
C GLN C 136 -25.85 -18.62 53.02
N GLN C 137 -25.14 -18.95 54.09
CA GLN C 137 -25.79 -19.06 55.39
C GLN C 137 -26.12 -17.70 55.95
N GLU C 138 -25.16 -16.77 55.92
CA GLU C 138 -25.34 -15.49 56.59
C GLU C 138 -26.31 -14.57 55.87
N LYS C 139 -26.74 -14.91 54.66
CA LYS C 139 -27.81 -14.15 54.05
C LYS C 139 -29.15 -14.84 54.28
N ASN C 140 -29.12 -16.17 54.40
CA ASN C 140 -30.36 -16.91 54.60
C ASN C 140 -30.85 -16.74 56.03
N GLU C 141 -29.91 -16.70 56.98
CA GLU C 141 -30.28 -16.36 58.34
C GLU C 141 -30.67 -14.89 58.44
N GLN C 142 -30.05 -14.05 57.59
CA GLN C 142 -30.47 -12.66 57.49
C GLN C 142 -31.88 -12.55 56.93
N ASP C 143 -32.23 -13.46 56.01
CA ASP C 143 -33.57 -13.48 55.47
C ASP C 143 -34.56 -14.14 56.42
N LEU C 144 -34.09 -14.68 57.54
CA LEU C 144 -34.95 -15.29 58.54
C LEU C 144 -34.96 -14.53 59.86
N LEU C 145 -33.93 -13.77 60.17
CA LEU C 145 -33.90 -12.94 61.37
C LEU C 145 -34.56 -11.59 61.12
N ALA C 146 -34.37 -11.02 59.94
CA ALA C 146 -35.15 -9.86 59.56
C ALA C 146 -36.56 -10.23 59.11
N LEU C 147 -36.86 -11.53 59.04
CA LEU C 147 -38.20 -11.99 58.71
C LEU C 147 -39.19 -11.64 59.81
N ASP C 148 -38.99 -12.21 60.99
CA ASP C 148 -39.97 -12.07 62.06
C ASP C 148 -39.91 -10.69 62.70
N GLU D 1 -21.32 14.06 -49.37
CA GLU D 1 -21.25 13.10 -50.45
C GLU D 1 -22.40 13.34 -51.41
N VAL D 2 -23.59 13.53 -50.85
CA VAL D 2 -24.73 13.91 -51.67
C VAL D 2 -24.75 15.43 -51.79
N GLN D 3 -24.88 15.92 -53.02
CA GLN D 3 -24.98 17.35 -53.24
C GLN D 3 -26.37 17.86 -52.83
N LEU D 4 -26.56 19.16 -52.95
CA LEU D 4 -27.75 19.80 -52.42
C LEU D 4 -28.57 20.37 -53.55
N GLN D 5 -29.79 19.87 -53.70
CA GLN D 5 -30.75 20.43 -54.66
C GLN D 5 -31.13 21.84 -54.27
N GLU D 6 -31.12 22.74 -55.25
CA GLU D 6 -31.46 24.13 -55.00
C GLU D 6 -32.53 24.58 -55.98
N SER D 7 -33.10 25.75 -55.73
CA SER D 7 -34.18 26.27 -56.55
C SER D 7 -34.17 27.78 -56.49
N GLY D 8 -33.92 28.42 -57.63
CA GLY D 8 -33.88 29.87 -57.68
C GLY D 8 -34.40 30.46 -58.98
N GLY D 9 -35.39 31.34 -58.87
CA GLY D 9 -35.98 32.00 -60.03
C GLY D 9 -36.01 33.50 -59.81
N ASP D 10 -34.93 34.02 -59.23
CA ASP D 10 -34.88 35.36 -58.68
C ASP D 10 -34.81 36.38 -59.81
N LEU D 11 -35.97 36.91 -60.21
CA LEU D 11 -36.03 37.86 -61.32
C LEU D 11 -36.95 39.03 -60.99
N VAL D 12 -36.83 39.60 -59.79
CA VAL D 12 -37.83 40.52 -59.26
C VAL D 12 -37.21 41.87 -58.97
N LYS D 13 -37.87 42.94 -59.45
CA LYS D 13 -37.51 44.33 -59.20
C LYS D 13 -37.80 44.59 -57.71
N PRO D 14 -37.17 45.62 -57.07
CA PRO D 14 -36.36 45.36 -55.87
C PRO D 14 -37.05 44.77 -54.64
N GLY D 15 -38.36 44.59 -54.67
CA GLY D 15 -39.07 43.96 -53.57
C GLY D 15 -38.66 42.51 -53.39
N GLY D 16 -38.00 42.21 -52.26
CA GLY D 16 -37.39 40.91 -52.08
C GLY D 16 -38.31 39.82 -51.55
N SER D 17 -39.55 39.80 -52.01
CA SER D 17 -40.45 38.69 -51.71
C SER D 17 -39.99 37.49 -52.55
N LEU D 18 -38.97 36.81 -52.05
CA LEU D 18 -38.20 35.86 -52.86
C LEU D 18 -37.67 34.75 -51.96
N LYS D 19 -38.36 33.62 -51.96
CA LYS D 19 -37.95 32.48 -51.15
C LYS D 19 -36.97 31.62 -51.93
N LEU D 20 -35.94 31.12 -51.24
CA LEU D 20 -35.00 30.18 -51.83
C LEU D 20 -34.79 29.06 -50.83
N SER D 21 -34.82 27.82 -51.31
CA SER D 21 -34.77 26.65 -50.44
C SER D 21 -33.58 25.76 -50.79
N CYS D 22 -33.04 25.10 -49.77
CA CYS D 22 -31.96 24.14 -49.86
C CYS D 22 -32.55 22.73 -49.97
N ALA D 23 -31.71 21.72 -49.72
CA ALA D 23 -32.18 20.34 -49.73
C ALA D 23 -31.59 19.53 -48.58
N ALA D 24 -31.69 18.21 -48.69
CA ALA D 24 -31.06 17.28 -47.78
C ALA D 24 -29.94 16.52 -48.49
N SER D 25 -29.36 15.57 -47.78
CA SER D 25 -28.31 14.74 -48.35
C SER D 25 -28.39 13.35 -47.76
N GLY D 26 -27.37 12.53 -48.02
CA GLY D 26 -27.29 11.22 -47.43
C GLY D 26 -26.64 11.19 -46.06
N PHE D 27 -25.95 12.25 -45.70
CA PHE D 27 -25.34 12.34 -44.38
C PHE D 27 -26.37 12.84 -43.37
N THR D 28 -25.98 12.84 -42.10
CA THR D 28 -26.86 13.36 -41.07
C THR D 28 -27.00 14.86 -41.18
N PHE D 29 -28.19 15.35 -40.88
CA PHE D 29 -28.49 16.76 -41.04
C PHE D 29 -28.19 17.58 -39.80
N SER D 30 -28.32 16.98 -38.62
CA SER D 30 -28.02 17.67 -37.38
C SER D 30 -26.51 17.67 -37.17
N ARG D 31 -26.09 18.05 -35.96
CA ARG D 31 -24.72 18.11 -35.43
C ARG D 31 -23.67 18.69 -36.37
N TYR D 32 -24.07 19.61 -37.24
CA TYR D 32 -23.16 20.28 -38.16
C TYR D 32 -23.65 21.70 -38.37
N GLY D 33 -23.01 22.41 -39.28
CA GLY D 33 -23.39 23.78 -39.58
C GLY D 33 -23.22 24.07 -41.06
N MET D 34 -23.98 25.04 -41.53
CA MET D 34 -24.00 25.37 -42.95
C MET D 34 -23.73 26.85 -43.15
N SER D 35 -23.58 27.23 -44.43
CA SER D 35 -23.31 28.60 -44.81
C SER D 35 -23.84 28.84 -46.21
N TRP D 36 -23.65 30.06 -46.70
CA TRP D 36 -24.18 30.48 -47.99
C TRP D 36 -23.17 31.40 -48.68
N VAL D 37 -22.83 31.09 -49.92
CA VAL D 37 -21.95 31.93 -50.73
C VAL D 37 -22.63 32.14 -52.08
N ARG D 38 -22.70 33.39 -52.51
CA ARG D 38 -23.26 33.86 -53.77
C ARG D 38 -22.18 33.88 -54.84
N GLN D 39 -22.44 34.53 -55.97
CA GLN D 39 -21.47 34.60 -57.04
C GLN D 39 -21.54 36.00 -57.64
N THR D 40 -20.45 36.75 -57.54
CA THR D 40 -20.32 38.02 -58.22
C THR D 40 -19.26 37.83 -59.29
N PRO D 41 -19.20 38.69 -60.30
CA PRO D 41 -18.07 38.58 -61.23
C PRO D 41 -16.76 38.99 -60.58
N ASP D 42 -16.02 37.97 -60.15
CA ASP D 42 -14.60 38.03 -59.80
C ASP D 42 -14.32 38.97 -58.62
N LYS D 43 -15.22 39.06 -57.65
CA LYS D 43 -14.95 39.86 -56.47
C LYS D 43 -15.39 39.09 -55.22
N ARG D 44 -14.97 37.83 -55.14
CA ARG D 44 -14.81 37.05 -53.91
C ARG D 44 -16.13 36.63 -53.26
N LEU D 45 -17.26 37.10 -53.78
CA LEU D 45 -18.52 36.42 -54.01
C LEU D 45 -19.61 36.19 -52.95
N GLU D 46 -19.32 36.06 -51.63
CA GLU D 46 -20.20 36.33 -50.46
C GLU D 46 -19.53 35.78 -49.20
N TRP D 47 -19.96 36.22 -48.01
CA TRP D 47 -19.67 35.53 -46.75
C TRP D 47 -20.91 35.57 -45.87
N VAL D 48 -21.80 34.58 -46.05
CA VAL D 48 -22.96 34.45 -45.19
C VAL D 48 -22.93 33.06 -44.58
N ALA D 49 -22.64 33.00 -43.29
CA ALA D 49 -22.64 31.76 -42.53
C ALA D 49 -23.91 31.65 -41.71
N THR D 50 -24.19 30.43 -41.24
CA THR D 50 -25.38 30.12 -40.47
C THR D 50 -24.93 29.33 -39.25
N ILE D 51 -25.90 28.71 -38.58
CA ILE D 51 -25.67 28.14 -37.26
C ILE D 51 -25.78 26.63 -37.28
N SER D 52 -25.49 26.04 -36.12
CA SER D 52 -25.83 24.66 -35.81
C SER D 52 -27.27 24.62 -35.30
N SER D 53 -27.65 23.55 -34.62
CA SER D 53 -29.00 23.42 -34.10
C SER D 53 -29.24 24.44 -32.99
N GLY D 54 -30.03 25.47 -33.30
CA GLY D 54 -30.37 26.50 -32.34
C GLY D 54 -29.22 27.42 -31.98
N GLY D 55 -28.28 27.63 -32.90
CA GLY D 55 -27.10 28.41 -32.61
C GLY D 55 -27.37 29.90 -32.51
N SER D 56 -26.34 30.61 -32.08
CA SER D 56 -26.47 32.02 -31.70
C SER D 56 -25.95 32.95 -32.82
N TYR D 57 -26.54 32.82 -34.00
CA TYR D 57 -26.39 33.79 -35.08
C TYR D 57 -27.65 33.78 -35.92
N THR D 58 -27.95 34.94 -36.51
CA THR D 58 -28.99 35.01 -37.52
C THR D 58 -28.48 35.76 -38.73
N TYR D 59 -27.65 36.78 -38.51
CA TYR D 59 -26.90 37.40 -39.59
C TYR D 59 -25.43 37.11 -39.40
N TYR D 60 -24.80 36.62 -40.44
CA TYR D 60 -23.36 36.55 -40.27
C TYR D 60 -22.65 37.87 -40.64
N PRO D 61 -22.85 38.49 -41.84
CA PRO D 61 -22.04 39.67 -42.13
C PRO D 61 -22.74 40.96 -41.77
N ASP D 62 -22.05 42.07 -41.95
CA ASP D 62 -22.70 43.36 -42.01
C ASP D 62 -23.21 43.56 -43.44
N SER D 63 -23.92 44.68 -43.65
CA SER D 63 -24.46 45.12 -44.95
C SER D 63 -25.43 44.11 -45.55
N VAL D 64 -26.12 43.36 -44.69
CA VAL D 64 -27.19 42.46 -45.11
C VAL D 64 -28.32 42.70 -44.12
N LYS D 65 -28.14 43.74 -43.29
CA LYS D 65 -28.95 43.97 -42.10
C LYS D 65 -30.41 44.22 -42.43
N GLY D 66 -31.29 43.55 -41.69
CA GLY D 66 -32.70 43.61 -41.96
C GLY D 66 -33.15 42.85 -43.20
N ARG D 67 -32.27 42.07 -43.82
CA ARG D 67 -32.60 41.46 -45.11
C ARG D 67 -32.24 39.98 -45.16
N PHE D 68 -31.74 39.40 -44.07
CA PHE D 68 -31.04 38.11 -44.12
C PHE D 68 -31.96 36.93 -43.87
N THR D 69 -32.52 36.80 -42.67
CA THR D 69 -33.57 35.85 -42.27
C THR D 69 -33.29 34.40 -42.70
N ILE D 70 -32.25 33.82 -42.10
CA ILE D 70 -31.94 32.41 -42.30
C ILE D 70 -32.73 31.61 -41.27
N SER D 71 -33.26 30.46 -41.69
CA SER D 71 -33.90 29.52 -40.80
C SER D 71 -33.31 28.14 -41.02
N ARG D 72 -33.84 27.17 -40.28
CA ARG D 72 -33.35 25.80 -40.33
C ARG D 72 -34.44 24.88 -39.81
N ASP D 73 -34.64 23.75 -40.47
CA ASP D 73 -35.63 22.76 -40.06
C ASP D 73 -34.96 21.40 -39.88
N ASN D 74 -34.98 20.89 -38.66
CA ASN D 74 -34.40 19.59 -38.39
C ASN D 74 -35.33 18.46 -38.80
N ALA D 75 -36.62 18.75 -38.95
CA ALA D 75 -37.61 17.70 -39.18
C ALA D 75 -37.48 17.10 -40.57
N LYS D 76 -37.70 17.90 -41.60
CA LYS D 76 -37.56 17.45 -42.97
C LYS D 76 -36.13 17.60 -43.48
N ASN D 77 -35.19 17.94 -42.59
CA ASN D 77 -33.75 17.89 -42.83
C ASN D 77 -33.32 18.84 -43.94
N THR D 78 -33.95 20.01 -43.98
CA THR D 78 -33.78 20.93 -45.11
C THR D 78 -34.09 22.34 -44.63
N LEU D 79 -33.17 23.27 -44.92
CA LEU D 79 -33.31 24.66 -44.54
C LEU D 79 -33.67 25.51 -45.75
N TYR D 80 -33.85 26.81 -45.50
CA TYR D 80 -34.20 27.79 -46.52
C TYR D 80 -33.96 29.19 -45.96
N LEU D 81 -34.01 30.18 -46.84
CA LEU D 81 -33.87 31.57 -46.41
C LEU D 81 -34.78 32.47 -47.25
N GLN D 82 -34.89 33.71 -46.78
CA GLN D 82 -35.70 34.75 -47.40
C GLN D 82 -34.92 36.06 -47.42
N MET D 83 -34.77 36.65 -48.60
CA MET D 83 -33.96 37.87 -48.75
C MET D 83 -34.89 39.01 -49.13
N SER D 84 -35.45 39.67 -48.13
CA SER D 84 -36.43 40.73 -48.33
C SER D 84 -35.76 42.04 -48.71
N SER D 85 -36.47 42.83 -49.51
CA SER D 85 -36.13 44.21 -49.90
C SER D 85 -34.76 44.28 -50.56
N LEU D 86 -34.68 43.66 -51.74
CA LEU D 86 -33.40 43.45 -52.40
C LEU D 86 -32.83 44.75 -52.96
N LYS D 87 -31.53 44.94 -52.73
CA LYS D 87 -30.77 46.08 -53.22
C LYS D 87 -30.20 45.73 -54.60
N SER D 88 -29.67 46.72 -55.30
CA SER D 88 -28.82 46.50 -56.46
C SER D 88 -27.43 46.05 -56.02
N GLU D 89 -26.52 45.99 -57.01
CA GLU D 89 -25.20 45.35 -56.88
C GLU D 89 -25.36 43.91 -56.39
N ASP D 90 -26.37 43.22 -56.90
CA ASP D 90 -26.78 41.93 -56.37
C ASP D 90 -27.19 41.01 -57.50
N THR D 91 -26.49 39.89 -57.65
CA THR D 91 -26.86 38.92 -58.68
C THR D 91 -27.97 37.99 -58.19
N ALA D 92 -27.66 37.15 -57.20
CA ALA D 92 -28.51 36.08 -56.70
C ALA D 92 -27.80 35.45 -55.52
N MET D 93 -28.47 34.49 -54.88
CA MET D 93 -27.83 33.55 -53.94
C MET D 93 -27.45 32.30 -54.73
N TYR D 94 -26.26 31.77 -54.47
CA TYR D 94 -25.76 30.70 -55.33
C TYR D 94 -25.55 29.36 -54.63
N TYR D 95 -24.71 29.29 -53.61
CA TYR D 95 -24.18 28.02 -53.16
C TYR D 95 -24.63 27.67 -51.75
N CYS D 96 -24.57 26.38 -51.44
CA CYS D 96 -24.70 25.86 -50.10
C CYS D 96 -23.45 25.06 -49.77
N ALA D 97 -23.11 25.00 -48.49
CA ALA D 97 -21.88 24.34 -48.08
C ALA D 97 -21.99 23.90 -46.64
N ARG D 98 -21.04 23.05 -46.24
CA ARG D 98 -21.05 22.43 -44.93
C ARG D 98 -19.77 22.75 -44.17
N HIS D 99 -19.92 22.98 -42.86
CA HIS D 99 -18.78 23.36 -42.05
C HIS D 99 -17.88 22.17 -41.75
N GLY D 100 -18.44 21.11 -41.19
CA GLY D 100 -17.66 19.94 -40.88
C GLY D 100 -16.84 20.10 -39.60
N ILE D 101 -16.21 19.00 -39.20
CA ILE D 101 -15.42 18.98 -37.98
C ILE D 101 -13.97 18.69 -38.35
N THR D 102 -13.12 18.58 -37.35
CA THR D 102 -11.68 18.29 -37.45
C THR D 102 -10.91 19.30 -38.29
N THR D 103 -11.47 20.49 -38.47
CA THR D 103 -10.75 21.62 -39.03
C THR D 103 -10.38 22.53 -37.87
N VAL D 104 -9.90 23.73 -38.18
CA VAL D 104 -9.53 24.62 -37.08
C VAL D 104 -10.49 25.80 -37.01
N GLY D 105 -10.52 26.65 -38.02
CA GLY D 105 -11.39 27.81 -37.95
C GLY D 105 -12.78 27.58 -38.49
N VAL D 106 -12.87 27.35 -39.80
CA VAL D 106 -14.07 26.93 -40.49
C VAL D 106 -13.63 26.53 -41.90
N ALA D 107 -14.39 25.64 -42.55
CA ALA D 107 -14.09 25.24 -43.92
C ALA D 107 -15.38 24.78 -44.58
N MET D 108 -15.40 24.84 -45.90
CA MET D 108 -16.60 24.48 -46.66
C MET D 108 -16.29 23.16 -47.38
N ASP D 109 -16.41 22.04 -46.65
CA ASP D 109 -15.86 20.77 -47.14
C ASP D 109 -16.66 20.16 -48.28
N TYR D 110 -17.89 20.60 -48.49
CA TYR D 110 -18.68 20.15 -49.62
C TYR D 110 -19.44 21.33 -50.19
N TRP D 111 -19.95 21.15 -51.42
CA TRP D 111 -20.58 22.22 -52.16
C TRP D 111 -21.75 21.65 -52.93
N GLY D 112 -22.95 22.10 -52.61
CA GLY D 112 -24.14 21.54 -53.23
C GLY D 112 -24.31 21.87 -54.69
N GLN D 113 -24.65 23.13 -54.99
CA GLN D 113 -25.00 23.56 -56.33
C GLN D 113 -25.06 25.08 -56.35
N GLY D 114 -24.62 25.67 -57.46
CA GLY D 114 -24.74 27.10 -57.68
C GLY D 114 -25.89 27.39 -58.63
N THR D 115 -26.67 28.42 -58.32
CA THR D 115 -27.86 28.79 -59.09
C THR D 115 -27.77 30.25 -59.48
N TYR D 116 -27.86 30.53 -60.78
CA TYR D 116 -27.78 31.90 -61.28
C TYR D 116 -29.17 32.41 -61.65
N SER D 117 -29.49 33.59 -61.14
CA SER D 117 -30.80 34.19 -61.39
C SER D 117 -30.69 35.71 -61.24
N HIS D 118 -30.51 36.40 -62.37
CA HIS D 118 -30.42 37.85 -62.37
C HIS D 118 -31.79 38.47 -62.09
N VAL D 119 -31.80 39.50 -61.25
CA VAL D 119 -32.98 39.91 -60.51
C VAL D 119 -33.65 41.13 -61.15
N SER D 120 -32.88 41.99 -61.81
CA SER D 120 -33.37 43.31 -62.15
C SER D 120 -33.84 43.38 -63.60
N SER D 121 -34.99 44.04 -63.80
CA SER D 121 -35.43 44.60 -65.08
C SER D 121 -35.67 43.52 -66.14
N ALA D 122 -36.66 42.68 -65.86
CA ALA D 122 -37.07 41.64 -66.81
C ALA D 122 -37.76 42.26 -68.02
N ILE E 2 -12.78 44.22 -41.55
CA ILE E 2 -11.95 44.91 -42.54
C ILE E 2 -10.57 44.25 -42.60
N VAL E 3 -10.07 44.04 -43.82
CA VAL E 3 -8.79 43.37 -44.08
C VAL E 3 -8.02 44.17 -45.12
N MET E 4 -6.80 43.68 -45.44
CA MET E 4 -6.02 44.20 -46.55
C MET E 4 -5.15 43.06 -47.08
N THR E 5 -5.73 42.28 -47.99
CA THR E 5 -5.12 41.05 -48.47
C THR E 5 -4.07 41.34 -49.53
N GLN E 6 -3.32 40.31 -49.88
CA GLN E 6 -2.17 40.47 -50.77
C GLN E 6 -2.12 39.35 -51.80
N SER E 7 -1.80 39.73 -53.04
CA SER E 7 -1.35 38.82 -54.08
C SER E 7 -0.55 39.64 -55.06
N PRO E 8 0.50 39.06 -55.66
CA PRO E 8 1.28 39.82 -56.65
C PRO E 8 0.49 40.19 -57.90
N ALA E 9 -0.04 39.22 -58.63
CA ALA E 9 -0.72 39.47 -59.91
C ALA E 9 -1.46 38.20 -60.31
N SER E 10 -1.92 38.18 -61.55
CA SER E 10 -2.28 36.94 -62.23
C SER E 10 -1.01 36.27 -62.71
N LEU E 11 -0.74 35.07 -62.22
CA LEU E 11 0.59 34.48 -62.37
C LEU E 11 0.72 33.66 -63.65
N ALA E 12 1.91 33.13 -63.87
CA ALA E 12 2.20 32.23 -64.97
C ALA E 12 3.32 31.31 -64.52
N VAL E 13 3.50 30.21 -65.26
CA VAL E 13 4.51 29.22 -64.90
C VAL E 13 5.01 28.58 -66.19
N SER E 14 6.31 28.25 -66.21
CA SER E 14 6.95 27.61 -67.33
C SER E 14 7.19 26.13 -67.03
N LEU E 15 6.29 25.54 -66.23
CA LEU E 15 6.31 24.13 -65.84
C LEU E 15 7.62 23.78 -65.15
N GLY E 16 8.06 24.65 -64.24
CA GLY E 16 9.37 24.52 -63.65
C GLY E 16 9.36 24.24 -62.16
N GLN E 17 8.31 23.57 -61.68
CA GLN E 17 8.14 22.97 -60.36
C GLN E 17 7.95 24.00 -59.24
N ARG E 18 8.18 25.28 -59.48
CA ARG E 18 8.14 26.26 -58.40
C ARG E 18 7.18 27.39 -58.72
N ALA E 19 6.30 27.69 -57.77
CA ALA E 19 5.34 28.78 -57.89
C ALA E 19 4.94 29.16 -56.48
N THR E 20 5.41 30.33 -56.02
CA THR E 20 5.16 30.79 -54.67
C THR E 20 4.42 32.12 -54.71
N ILE E 21 3.19 32.11 -54.20
CA ILE E 21 2.38 33.31 -54.11
C ILE E 21 2.03 33.54 -52.65
N SER E 22 1.94 34.80 -52.25
CA SER E 22 1.90 35.16 -50.84
C SER E 22 0.77 36.12 -50.53
N CYS E 23 0.31 36.09 -49.28
CA CYS E 23 -0.64 37.05 -48.73
C CYS E 23 -0.14 37.33 -47.31
N LYS E 24 0.49 38.48 -47.12
CA LYS E 24 1.28 38.65 -45.89
C LYS E 24 0.41 39.02 -44.69
N ALA E 25 -0.37 40.10 -44.76
CA ALA E 25 -1.02 40.62 -43.56
C ALA E 25 -2.32 41.29 -43.96
N SER E 26 -3.42 40.54 -43.90
CA SER E 26 -4.73 41.15 -44.09
C SER E 26 -5.07 42.07 -42.92
N GLN E 27 -4.66 41.70 -41.72
CA GLN E 27 -4.97 42.39 -40.49
C GLN E 27 -3.75 42.26 -39.58
N SER E 28 -3.97 42.38 -38.28
CA SER E 28 -2.93 42.21 -37.29
C SER E 28 -2.59 40.72 -37.11
N VAL E 29 -1.76 40.43 -36.12
CA VAL E 29 -1.26 39.09 -35.87
C VAL E 29 -2.33 38.17 -35.32
N ASP E 30 -2.02 36.89 -35.21
CA ASP E 30 -2.95 35.91 -34.67
C ASP E 30 -2.33 35.23 -33.45
N TYR E 31 -3.20 34.72 -32.59
CA TYR E 31 -2.79 34.22 -31.28
C TYR E 31 -2.21 32.81 -31.36
N ASP E 32 -2.10 32.12 -30.21
CA ASP E 32 -1.35 30.86 -30.14
C ASP E 32 -2.05 29.74 -30.90
N GLY E 33 -3.37 29.69 -30.82
CA GLY E 33 -4.15 28.87 -31.72
C GLY E 33 -4.36 29.65 -33.00
N ASP E 34 -3.33 29.67 -33.86
CA ASP E 34 -3.15 30.69 -34.89
C ASP E 34 -4.28 30.79 -35.90
N SER E 35 -5.07 29.73 -36.09
CA SER E 35 -6.42 29.76 -36.65
C SER E 35 -6.49 30.31 -38.06
N TYR E 36 -5.39 30.33 -38.80
CA TYR E 36 -5.44 30.86 -40.15
C TYR E 36 -6.01 29.79 -41.08
N MET E 37 -7.13 30.08 -41.72
CA MET E 37 -7.79 29.03 -42.48
C MET E 37 -7.14 28.89 -43.85
N ASN E 38 -7.80 28.19 -44.73
CA ASN E 38 -7.12 27.44 -45.78
C ASN E 38 -7.32 28.07 -47.14
N TRP E 39 -6.63 27.52 -48.13
CA TRP E 39 -6.71 27.99 -49.51
C TRP E 39 -7.68 27.14 -50.32
N TYR E 40 -8.55 27.81 -51.07
CA TYR E 40 -9.48 27.11 -51.94
C TYR E 40 -9.05 27.26 -53.39
N GLN E 41 -9.52 26.34 -54.23
CA GLN E 41 -9.30 26.44 -55.67
C GLN E 41 -10.61 26.30 -56.41
N GLN E 42 -10.67 26.97 -57.56
CA GLN E 42 -11.72 26.72 -58.52
C GLN E 42 -11.20 27.05 -59.91
N LYS E 43 -11.82 26.45 -60.89
CA LYS E 43 -11.68 26.70 -62.30
C LYS E 43 -13.06 27.00 -62.86
N PRO E 44 -13.16 27.65 -64.05
CA PRO E 44 -14.50 28.00 -64.57
C PRO E 44 -15.39 26.82 -64.91
N GLY E 45 -14.87 25.59 -64.95
CA GLY E 45 -15.72 24.45 -65.13
C GLY E 45 -15.99 23.65 -63.88
N GLN E 46 -15.90 24.28 -62.70
CA GLN E 46 -16.05 23.53 -61.46
C GLN E 46 -16.40 24.49 -60.33
N PRO E 47 -17.07 24.01 -59.28
CA PRO E 47 -17.27 24.82 -58.07
C PRO E 47 -15.98 24.91 -57.26
N PRO E 48 -15.93 25.75 -56.22
CA PRO E 48 -14.72 25.81 -55.38
C PRO E 48 -14.42 24.50 -54.65
N LYS E 49 -13.19 24.40 -54.17
CA LYS E 49 -12.68 23.15 -53.62
C LYS E 49 -11.48 23.43 -52.71
N LEU E 50 -11.42 22.69 -51.60
CA LEU E 50 -10.31 22.76 -50.65
C LEU E 50 -9.00 22.32 -51.28
N LEU E 51 -7.90 22.98 -50.89
CA LEU E 51 -6.58 22.41 -51.09
C LEU E 51 -6.03 21.80 -49.82
N ILE E 52 -5.87 22.64 -48.84
CA ILE E 52 -5.13 22.36 -47.62
C ILE E 52 -6.16 22.39 -46.51
N TYR E 53 -5.87 21.75 -45.39
CA TYR E 53 -6.78 21.79 -44.27
C TYR E 53 -5.96 22.06 -43.01
N ALA E 54 -6.62 22.68 -42.04
CA ALA E 54 -6.09 22.91 -40.69
C ALA E 54 -4.75 23.62 -40.67
N ALA E 55 -4.55 24.52 -41.62
CA ALA E 55 -3.50 25.53 -41.67
C ALA E 55 -2.11 24.98 -41.93
N SER E 56 -1.95 23.66 -41.90
CA SER E 56 -0.60 23.11 -42.07
C SER E 56 -0.51 21.98 -43.07
N ASN E 57 -1.46 21.06 -43.14
CA ASN E 57 -1.15 19.75 -43.66
C ASN E 57 -2.08 19.33 -44.79
N LEU E 58 -1.57 18.41 -45.61
CA LEU E 58 -2.15 18.04 -46.89
C LEU E 58 -3.43 17.22 -46.71
N GLU E 59 -4.37 17.46 -47.60
CA GLU E 59 -5.70 16.90 -47.45
C GLU E 59 -5.76 15.43 -47.82
N SER E 60 -6.43 14.64 -46.99
CA SER E 60 -6.85 13.29 -47.36
C SER E 60 -7.87 13.39 -48.48
N GLY E 61 -7.48 13.01 -49.69
CA GLY E 61 -8.38 13.08 -50.83
C GLY E 61 -7.64 13.60 -52.05
N ILE E 62 -6.56 14.30 -51.81
CA ILE E 62 -5.70 14.78 -52.90
C ILE E 62 -4.36 14.07 -52.78
N PRO E 63 -3.62 13.90 -53.89
CA PRO E 63 -2.30 13.27 -53.79
C PRO E 63 -1.27 14.19 -53.16
N ALA E 64 -0.15 13.57 -52.78
CA ALA E 64 0.88 14.19 -51.97
C ALA E 64 1.93 14.82 -52.88
N ARG E 65 1.69 16.06 -53.29
CA ARG E 65 2.63 16.69 -54.21
C ARG E 65 2.84 18.18 -53.96
N PHE E 66 2.23 18.76 -52.94
CA PHE E 66 2.49 20.16 -52.61
C PHE E 66 2.11 20.43 -51.17
N SER E 67 2.52 21.58 -50.68
CA SER E 67 2.24 22.01 -49.31
C SER E 67 2.27 23.53 -49.26
N GLY E 68 2.41 24.07 -48.05
CA GLY E 68 2.55 25.49 -47.87
C GLY E 68 3.14 25.81 -46.51
N SER E 69 3.77 26.97 -46.42
CA SER E 69 4.38 27.42 -45.19
C SER E 69 3.47 28.39 -44.45
N GLY E 70 3.63 28.44 -43.14
CA GLY E 70 2.84 29.31 -42.30
C GLY E 70 3.57 29.73 -41.05
N SER E 71 3.67 31.04 -40.78
CA SER E 71 4.36 31.49 -39.57
C SER E 71 3.72 32.80 -39.10
N GLY E 72 2.76 32.68 -38.19
CA GLY E 72 2.30 33.80 -37.41
C GLY E 72 1.39 34.73 -38.17
N THR E 73 1.98 35.59 -39.00
CA THR E 73 1.21 36.42 -39.91
C THR E 73 1.64 36.27 -41.36
N ASP E 74 2.93 36.41 -41.64
CA ASP E 74 3.42 36.56 -43.01
C ASP E 74 3.95 35.22 -43.49
N PHE E 75 3.39 34.72 -44.59
CA PHE E 75 3.81 33.44 -45.16
C PHE E 75 3.34 33.34 -46.61
N THR E 76 3.55 32.16 -47.19
CA THR E 76 3.32 31.92 -48.61
C THR E 76 3.06 30.44 -48.83
N LEU E 77 2.99 30.07 -50.10
CA LEU E 77 2.85 28.68 -50.52
C LEU E 77 4.12 28.20 -51.19
N ASN E 78 4.12 26.93 -51.55
CA ASN E 78 5.10 26.38 -52.46
C ASN E 78 4.44 25.23 -53.20
N ILE E 79 5.14 24.72 -54.23
CA ILE E 79 4.59 23.67 -55.06
C ILE E 79 5.77 22.86 -55.59
N HIS E 80 5.47 21.72 -56.22
CA HIS E 80 6.39 20.61 -56.35
C HIS E 80 5.80 19.67 -57.39
N PRO E 81 6.64 19.08 -58.29
CA PRO E 81 6.42 19.17 -59.76
C PRO E 81 4.99 19.28 -60.28
N VAL E 82 4.79 20.28 -61.12
CA VAL E 82 3.47 20.69 -61.56
C VAL E 82 3.14 20.03 -62.88
N GLU E 83 1.86 20.03 -63.21
CA GLU E 83 1.35 19.43 -64.45
C GLU E 83 0.04 20.12 -64.81
N GLU E 84 -0.74 19.47 -65.68
CA GLU E 84 -1.80 20.12 -66.46
C GLU E 84 -2.92 20.70 -65.61
N GLU E 85 -3.49 19.92 -64.69
CA GLU E 85 -4.65 20.36 -63.93
C GLU E 85 -4.29 21.21 -62.73
N ASP E 86 -3.06 21.72 -62.67
CA ASP E 86 -2.61 22.47 -61.51
C ASP E 86 -2.84 23.96 -61.71
N ALA E 87 -2.81 24.41 -62.95
CA ALA E 87 -2.98 25.83 -63.29
C ALA E 87 -4.44 26.21 -63.07
N ALA E 88 -4.69 27.06 -62.08
CA ALA E 88 -6.05 27.31 -61.64
C ALA E 88 -6.10 28.67 -60.93
N THR E 89 -7.20 28.92 -60.22
CA THR E 89 -7.42 30.12 -59.45
C THR E 89 -7.41 29.76 -57.97
N TYR E 90 -6.50 30.37 -57.21
CA TYR E 90 -6.29 30.00 -55.82
C TYR E 90 -6.63 31.20 -54.96
N TYR E 91 -7.56 31.04 -54.03
CA TYR E 91 -7.98 32.12 -53.15
C TYR E 91 -7.45 31.90 -51.75
N CYS E 92 -7.28 33.01 -51.02
CA CYS E 92 -6.52 33.02 -49.78
C CYS E 92 -7.38 33.59 -48.65
N GLN E 93 -8.14 32.74 -47.98
CA GLN E 93 -8.86 33.15 -46.78
C GLN E 93 -8.16 32.59 -45.56
N GLN E 94 -7.91 33.46 -44.58
CA GLN E 94 -7.17 33.05 -43.40
C GLN E 94 -7.94 33.37 -42.13
N SER E 95 -8.58 34.54 -42.09
CA SER E 95 -8.98 35.18 -40.84
C SER E 95 -10.26 34.56 -40.31
N ASN E 96 -10.22 34.09 -39.07
CA ASN E 96 -11.41 33.55 -38.40
C ASN E 96 -11.57 34.18 -37.02
N GLU E 97 -12.09 35.40 -36.94
CA GLU E 97 -12.69 35.73 -35.65
C GLU E 97 -14.14 36.19 -35.73
N ASP E 98 -14.36 37.45 -36.12
CA ASP E 98 -15.74 37.87 -36.34
C ASP E 98 -16.18 37.83 -37.80
N PRO E 99 -15.46 38.45 -38.78
CA PRO E 99 -15.88 38.21 -40.16
C PRO E 99 -15.08 37.08 -40.78
N TYR E 100 -15.58 36.58 -41.90
CA TYR E 100 -14.80 35.68 -42.74
C TYR E 100 -14.48 36.49 -43.98
N THR E 101 -13.23 36.45 -44.41
CA THR E 101 -12.74 37.35 -45.45
C THR E 101 -11.74 36.66 -46.34
N PHE E 102 -11.76 37.05 -47.61
CA PHE E 102 -10.61 36.94 -48.49
C PHE E 102 -10.73 37.99 -49.58
N GLY E 103 -9.60 38.55 -49.96
CA GLY E 103 -9.58 39.54 -51.01
C GLY E 103 -8.59 39.13 -52.08
N ALA E 104 -7.70 38.23 -51.70
CA ALA E 104 -6.64 37.75 -52.57
C ALA E 104 -7.19 36.77 -53.59
N GLY E 105 -6.36 36.44 -54.57
CA GLY E 105 -6.75 35.52 -55.61
C GLY E 105 -5.68 35.42 -56.66
N THR E 106 -5.69 34.29 -57.37
CA THR E 106 -4.70 34.02 -58.39
C THR E 106 -5.39 33.72 -59.71
N LYS E 107 -4.64 33.92 -60.80
CA LYS E 107 -4.97 33.40 -62.12
C LYS E 107 -3.66 32.82 -62.64
N LEU E 108 -3.54 31.50 -62.59
CA LEU E 108 -2.30 30.85 -62.96
C LEU E 108 -2.50 29.98 -64.20
N GLU E 109 -1.53 30.06 -65.11
CA GLU E 109 -1.61 29.38 -66.38
C GLU E 109 -0.20 29.01 -66.82
N LEU E 110 -0.05 27.85 -67.46
CA LEU E 110 1.25 27.44 -67.95
C LEU E 110 1.69 28.30 -69.14
N LYS E 111 3.00 28.47 -69.29
CA LYS E 111 3.55 29.28 -70.37
C LYS E 111 3.83 28.41 -71.59
N ARG E 112 3.33 28.84 -72.75
CA ARG E 112 3.52 28.09 -73.99
C ARG E 112 4.95 28.21 -74.50
N VAL F 2 -24.32 -31.18 45.82
CA VAL F 2 -23.55 -31.23 44.58
C VAL F 2 -23.69 -29.89 43.86
N SER F 3 -22.63 -29.49 43.15
CA SER F 3 -22.67 -28.25 42.37
C SER F 3 -23.37 -28.53 41.05
N LEU F 4 -24.52 -27.90 40.84
CA LEU F 4 -25.28 -28.11 39.62
C LEU F 4 -24.63 -27.45 38.42
N GLY F 5 -23.98 -26.32 38.61
CA GLY F 5 -23.22 -25.71 37.53
C GLY F 5 -23.85 -24.45 36.99
N PHE F 6 -23.23 -23.94 35.93
CA PHE F 6 -23.57 -22.64 35.38
C PHE F 6 -24.89 -22.72 34.63
N LEU F 7 -25.78 -21.74 34.91
CA LEU F 7 -27.15 -21.67 34.41
C LEU F 7 -27.92 -22.95 34.72
N GLY F 8 -27.69 -23.49 35.92
CA GLY F 8 -28.12 -24.84 36.23
C GLY F 8 -29.61 -25.05 36.31
N ALA F 9 -30.25 -24.49 37.32
CA ALA F 9 -31.65 -24.79 37.60
C ALA F 9 -32.57 -23.77 36.97
N ALA F 10 -32.21 -23.25 35.80
CA ALA F 10 -33.01 -22.23 35.14
C ALA F 10 -34.36 -22.75 34.69
N GLY F 11 -34.49 -24.05 34.49
CA GLY F 11 -35.80 -24.61 34.25
C GLY F 11 -36.55 -25.00 35.49
N SER F 12 -35.92 -24.89 36.66
CA SER F 12 -36.56 -25.28 37.90
C SER F 12 -37.40 -24.12 38.43
N THR F 13 -37.83 -24.24 39.68
CA THR F 13 -38.73 -23.29 40.28
C THR F 13 -37.87 -22.27 41.07
N MET F 14 -38.52 -21.42 41.86
CA MET F 14 -37.84 -20.33 42.54
C MET F 14 -36.88 -20.84 43.60
N GLY F 15 -37.42 -21.54 44.61
CA GLY F 15 -36.68 -21.90 45.81
C GLY F 15 -35.51 -22.80 45.56
N ALA F 16 -35.55 -23.61 44.50
CA ALA F 16 -34.35 -24.33 44.10
C ALA F 16 -33.35 -23.36 43.48
N ALA F 17 -33.81 -22.48 42.60
CA ALA F 17 -32.91 -21.58 41.90
C ALA F 17 -32.40 -20.47 42.81
N SER F 18 -33.22 -20.05 43.77
CA SER F 18 -32.84 -18.94 44.62
C SER F 18 -31.71 -19.28 45.57
N MET F 19 -31.55 -20.54 45.97
CA MET F 19 -30.55 -20.87 46.96
C MET F 19 -29.14 -20.94 46.38
N THR F 20 -29.00 -21.05 45.06
CA THR F 20 -27.70 -21.13 44.42
C THR F 20 -27.59 -19.96 43.45
N LEU F 21 -26.94 -18.89 43.88
CA LEU F 21 -26.80 -17.71 43.06
C LEU F 21 -25.36 -17.28 42.87
N THR F 22 -24.40 -17.94 43.51
CA THR F 22 -23.03 -17.51 43.45
C THR F 22 -22.40 -17.79 42.10
N VAL F 23 -22.78 -18.90 41.47
CA VAL F 23 -22.09 -19.37 40.28
C VAL F 23 -22.38 -18.49 39.07
N GLN F 24 -23.45 -17.69 39.11
CA GLN F 24 -23.70 -16.76 38.02
C GLN F 24 -22.71 -15.60 38.04
N ALA F 25 -22.17 -15.28 39.22
CA ALA F 25 -21.13 -14.25 39.29
C ALA F 25 -19.76 -14.83 39.03
N ARG F 26 -19.53 -16.10 39.39
CA ARG F 26 -18.22 -16.72 39.21
C ARG F 26 -17.91 -16.99 37.75
N ASN F 27 -18.92 -16.97 36.88
CA ASN F 27 -18.71 -17.13 35.45
C ASN F 27 -18.92 -15.83 34.69
N LEU F 28 -19.24 -14.74 35.37
CA LEU F 28 -19.72 -13.55 34.68
C LEU F 28 -18.58 -12.75 34.05
N LEU F 29 -17.36 -12.87 34.56
CA LEU F 29 -16.23 -12.12 34.02
C LEU F 29 -15.07 -13.02 33.62
N SER F 30 -15.33 -14.30 33.38
CA SER F 30 -14.29 -15.25 33.02
C SER F 30 -13.76 -14.98 31.61
N HIS F 54 -3.95 -9.13 12.53
CA HIS F 54 -5.24 -8.49 12.31
C HIS F 54 -6.26 -8.81 13.39
N TRP F 55 -6.27 -10.05 13.85
CA TRP F 55 -7.27 -10.49 14.83
C TRP F 55 -6.92 -10.09 16.25
N GLY F 56 -6.66 -8.82 16.47
CA GLY F 56 -6.44 -8.33 17.82
C GLY F 56 -7.51 -7.32 18.16
N ILE F 57 -7.97 -6.60 17.13
CA ILE F 57 -8.95 -5.56 17.36
C ILE F 57 -10.31 -6.16 17.71
N LYS F 58 -10.67 -7.28 17.08
CA LYS F 58 -11.98 -7.83 17.33
C LYS F 58 -12.01 -8.56 18.66
N GLN F 59 -10.87 -9.09 19.10
CA GLN F 59 -10.80 -9.59 20.47
C GLN F 59 -10.89 -8.44 21.45
N LEU F 60 -10.22 -7.33 21.13
CA LEU F 60 -10.18 -6.20 22.06
C LEU F 60 -11.51 -5.49 22.13
N GLN F 61 -12.33 -5.59 21.08
CA GLN F 61 -13.68 -5.06 21.16
C GLN F 61 -14.55 -5.89 22.09
N ALA F 62 -14.21 -7.16 22.27
CA ALA F 62 -15.01 -8.00 23.15
C ALA F 62 -14.76 -7.66 24.61
N ARG F 63 -13.49 -7.48 24.99
CA ARG F 63 -13.18 -7.25 26.40
C ARG F 63 -13.65 -5.88 26.86
N VAL F 64 -13.67 -4.90 25.96
CA VAL F 64 -14.21 -3.60 26.38
C VAL F 64 -15.72 -3.66 26.41
N LEU F 65 -16.33 -4.58 25.68
CA LEU F 65 -17.78 -4.74 25.76
C LEU F 65 -18.15 -5.49 27.02
N ALA F 66 -17.35 -6.47 27.40
CA ALA F 66 -17.66 -7.28 28.56
C ALA F 66 -17.48 -6.49 29.84
N VAL F 67 -16.51 -5.58 29.86
CA VAL F 67 -16.32 -4.78 31.05
C VAL F 67 -17.40 -3.72 31.13
N GLU F 68 -18.02 -3.38 30.00
CA GLU F 68 -19.00 -2.30 30.00
C GLU F 68 -20.32 -2.79 30.58
N HIS F 69 -20.76 -3.99 30.19
CA HIS F 69 -22.03 -4.51 30.71
C HIS F 69 -21.93 -4.85 32.18
N TYR F 70 -20.75 -5.28 32.63
CA TYR F 70 -20.61 -5.60 34.04
C TYR F 70 -20.61 -4.35 34.89
N LEU F 71 -19.90 -3.33 34.43
CA LEU F 71 -19.74 -2.17 35.29
C LEU F 71 -20.98 -1.30 35.28
N ARG F 72 -21.86 -1.48 34.30
CA ARG F 72 -23.04 -0.64 34.19
C ARG F 72 -24.02 -0.90 35.33
N ASP F 73 -24.49 -2.12 35.46
CA ASP F 73 -25.50 -2.41 36.48
C ASP F 73 -24.91 -2.48 37.87
N GLN F 74 -23.58 -2.55 37.96
CA GLN F 74 -22.90 -2.65 39.26
C GLN F 74 -23.18 -1.41 40.11
N GLN F 75 -22.95 -0.23 39.54
CA GLN F 75 -23.30 0.99 40.25
C GLN F 75 -24.80 1.18 40.30
N LEU F 76 -25.52 0.64 39.31
CA LEU F 76 -26.97 0.67 39.34
C LEU F 76 -27.50 -0.22 40.46
N LEU F 77 -26.74 -1.25 40.83
CA LEU F 77 -27.02 -1.91 42.09
C LEU F 77 -26.55 -1.07 43.26
N GLY F 78 -25.41 -0.41 43.10
CA GLY F 78 -24.82 0.31 44.21
C GLY F 78 -25.57 1.57 44.58
N ILE F 79 -26.34 2.12 43.64
CA ILE F 79 -27.14 3.29 43.95
C ILE F 79 -28.34 2.92 44.80
N TRP F 80 -28.71 1.65 44.83
CA TRP F 80 -29.90 1.18 45.53
C TRP F 80 -29.62 0.77 46.96
N GLY F 81 -28.58 1.30 47.57
CA GLY F 81 -28.29 0.95 48.95
C GLY F 81 -27.76 -0.45 49.14
N CYS F 82 -27.41 -1.14 48.06
CA CYS F 82 -26.90 -2.50 48.13
C CYS F 82 -25.58 -2.51 47.37
N SER F 83 -24.48 -2.46 48.11
CA SER F 83 -23.17 -2.32 47.50
C SER F 83 -22.67 -3.66 46.96
N GLY F 84 -22.43 -4.60 47.86
CA GLY F 84 -21.92 -5.89 47.45
C GLY F 84 -22.84 -7.00 47.91
N LYS F 85 -23.90 -6.63 48.62
CA LYS F 85 -24.85 -7.63 49.10
C LYS F 85 -25.60 -8.23 47.93
N LEU F 86 -25.48 -9.55 47.79
CA LEU F 86 -26.11 -10.25 46.66
C LEU F 86 -27.62 -10.23 46.79
N ILE F 87 -28.13 -10.44 48.00
CA ILE F 87 -29.55 -10.37 48.30
C ILE F 87 -29.75 -9.29 49.34
N CYS F 88 -30.68 -8.37 49.09
CA CYS F 88 -30.92 -7.30 50.04
C CYS F 88 -32.37 -6.86 49.94
N CYS F 89 -32.85 -6.30 51.04
CA CYS F 89 -34.21 -5.80 51.13
C CYS F 89 -34.21 -4.29 51.00
N THR F 90 -35.39 -3.70 51.09
CA THR F 90 -35.56 -2.27 50.87
C THR F 90 -36.76 -1.80 51.67
N ASN F 91 -37.27 -0.61 51.32
CA ASN F 91 -38.29 0.05 52.11
C ASN F 91 -39.65 0.16 51.42
N VAL F 92 -39.68 0.27 50.11
CA VAL F 92 -40.92 0.63 49.40
C VAL F 92 -41.89 -0.56 49.41
N PRO F 93 -43.16 -0.34 49.69
CA PRO F 93 -44.14 -1.43 49.64
C PRO F 93 -44.52 -1.73 48.20
N TRP F 94 -45.44 -2.67 48.05
CA TRP F 94 -45.86 -3.18 46.75
C TRP F 94 -47.21 -2.58 46.39
N ASN F 95 -47.29 -1.95 45.23
CA ASN F 95 -48.58 -1.49 44.74
C ASN F 95 -49.30 -2.69 44.14
N SER F 96 -50.50 -2.97 44.64
CA SER F 96 -51.17 -4.22 44.29
C SER F 96 -51.84 -4.16 42.93
N SER F 97 -51.68 -3.06 42.21
CA SER F 97 -52.12 -3.00 40.83
C SER F 97 -51.10 -3.68 39.93
N TRP F 98 -49.94 -4.03 40.49
CA TRP F 98 -48.90 -4.67 39.69
C TRP F 98 -49.22 -6.14 39.45
N SER F 99 -49.29 -6.93 40.51
CA SER F 99 -49.76 -8.29 40.44
C SER F 99 -50.85 -8.51 41.46
N ASN F 100 -51.49 -9.66 41.38
CA ASN F 100 -52.58 -9.93 42.30
C ASN F 100 -52.35 -11.28 42.98
N ARG F 101 -51.42 -12.04 42.43
CA ARG F 101 -51.09 -13.34 42.98
C ARG F 101 -50.39 -13.18 44.32
N ASN F 102 -50.89 -13.89 45.35
CA ASN F 102 -50.68 -13.40 46.71
C ASN F 102 -49.29 -13.72 47.27
N LEU F 103 -48.97 -14.98 47.59
CA LEU F 103 -47.61 -15.26 47.97
C LEU F 103 -47.10 -16.61 47.48
N SER F 104 -47.93 -17.63 47.56
CA SER F 104 -47.37 -18.98 47.67
C SER F 104 -47.02 -19.57 46.33
N GLU F 105 -47.95 -19.52 45.38
CA GLU F 105 -47.78 -20.23 44.13
C GLU F 105 -46.74 -19.57 43.23
N ILE F 106 -46.45 -18.29 43.47
CA ILE F 106 -45.45 -17.62 42.65
C ILE F 106 -44.05 -18.09 43.04
N TRP F 107 -43.88 -18.54 44.28
CA TRP F 107 -42.63 -19.17 44.67
C TRP F 107 -42.62 -20.66 44.38
N ASP F 108 -43.72 -21.22 43.86
CA ASP F 108 -43.87 -22.66 43.84
C ASP F 108 -44.30 -23.23 42.49
N ASN F 109 -44.74 -22.41 41.55
CA ASN F 109 -45.23 -23.00 40.32
C ASN F 109 -44.89 -22.18 39.08
N MET F 110 -43.91 -21.28 39.15
CA MET F 110 -43.47 -20.57 37.95
C MET F 110 -41.96 -20.56 37.86
N THR F 111 -41.46 -20.15 36.69
CA THR F 111 -40.04 -19.98 36.47
C THR F 111 -39.74 -18.51 36.25
N TRP F 112 -38.45 -18.18 36.32
CA TRP F 112 -38.04 -16.79 36.12
C TRP F 112 -38.25 -16.38 34.69
N LEU F 113 -38.12 -17.31 33.75
CA LEU F 113 -38.47 -17.02 32.38
C LEU F 113 -39.97 -16.77 32.25
N GLN F 114 -40.77 -17.49 33.04
CA GLN F 114 -42.18 -17.14 33.12
C GLN F 114 -42.41 -15.82 33.83
N TRP F 115 -41.56 -15.50 34.80
CA TRP F 115 -41.82 -14.32 35.61
C TRP F 115 -41.51 -13.03 34.86
N ASP F 116 -40.38 -12.98 34.16
CA ASP F 116 -39.86 -11.70 33.72
C ASP F 116 -40.66 -11.14 32.56
N LYS F 117 -41.17 -12.00 31.68
CA LYS F 117 -42.06 -11.52 30.64
C LYS F 117 -43.39 -11.03 31.21
N GLU F 118 -43.76 -11.51 32.40
CA GLU F 118 -45.08 -11.19 32.93
C GLU F 118 -45.13 -9.79 33.53
N ILE F 119 -44.00 -9.26 33.98
CA ILE F 119 -44.00 -7.98 34.68
C ILE F 119 -43.22 -6.93 33.90
N SER F 120 -43.20 -7.05 32.57
CA SER F 120 -42.23 -6.32 31.77
C SER F 120 -42.58 -4.83 31.68
N ASN F 121 -43.86 -4.50 31.54
CA ASN F 121 -44.25 -3.11 31.37
C ASN F 121 -44.50 -2.45 32.72
N TYR F 122 -43.53 -2.61 33.62
CA TYR F 122 -43.60 -2.01 34.95
C TYR F 122 -42.27 -1.41 35.39
N THR F 123 -41.17 -1.91 34.82
CA THR F 123 -39.86 -1.79 35.44
C THR F 123 -39.36 -0.36 35.49
N GLN F 124 -39.74 0.45 34.52
CA GLN F 124 -39.35 1.85 34.55
C GLN F 124 -40.01 2.61 35.68
N ILE F 125 -41.24 2.22 36.03
CA ILE F 125 -41.86 2.79 37.22
C ILE F 125 -41.19 2.23 38.46
N ILE F 126 -40.70 0.99 38.37
CA ILE F 126 -40.12 0.32 39.54
C ILE F 126 -38.80 0.96 39.93
N TYR F 127 -37.90 1.10 38.96
CA TYR F 127 -36.52 1.45 39.25
C TYR F 127 -36.41 2.87 39.80
N GLY F 128 -37.15 3.80 39.21
CA GLY F 128 -37.10 5.18 39.68
C GLY F 128 -37.73 5.34 41.04
N LEU F 129 -38.86 4.67 41.28
CA LEU F 129 -39.49 4.74 42.58
C LEU F 129 -38.69 4.00 43.63
N LEU F 130 -37.90 3.01 43.21
CA LEU F 130 -37.06 2.29 44.16
C LEU F 130 -35.97 3.17 44.73
N GLU F 131 -35.26 3.88 43.86
CA GLU F 131 -34.01 4.50 44.26
C GLU F 131 -34.24 5.72 45.15
N GLU F 132 -35.27 6.50 44.89
CA GLU F 132 -35.46 7.70 45.69
C GLU F 132 -36.14 7.35 47.00
N SER F 133 -36.81 6.20 47.07
CA SER F 133 -37.46 5.77 48.29
C SER F 133 -36.47 5.49 49.39
N GLN F 134 -35.39 4.79 49.10
CA GLN F 134 -34.33 4.71 50.11
C GLN F 134 -33.46 5.95 50.05
N ASN F 135 -32.74 6.11 48.96
CA ASN F 135 -31.51 6.87 48.98
C ASN F 135 -31.74 8.37 48.79
N GLN F 136 -32.96 8.83 49.00
CA GLN F 136 -33.20 10.21 49.35
C GLN F 136 -33.66 10.32 50.80
N GLN F 137 -34.68 9.54 51.17
CA GLN F 137 -35.21 9.63 52.52
C GLN F 137 -34.27 9.01 53.53
N GLU F 138 -33.79 7.79 53.24
CA GLU F 138 -33.02 7.05 54.23
C GLU F 138 -31.63 7.60 54.44
N LYS F 139 -31.18 8.54 53.63
CA LYS F 139 -29.94 9.22 53.95
C LYS F 139 -30.22 10.54 54.66
N ASN F 140 -31.37 11.15 54.37
CA ASN F 140 -31.70 12.42 54.99
C ASN F 140 -32.13 12.20 56.43
N GLU F 141 -32.84 11.10 56.69
CA GLU F 141 -33.13 10.73 58.06
C GLU F 141 -31.86 10.25 58.76
N GLN F 142 -30.94 9.66 58.00
CA GLN F 142 -29.63 9.32 58.53
C GLN F 142 -28.85 10.57 58.88
N ASP F 143 -29.02 11.62 58.09
CA ASP F 143 -28.37 12.90 58.39
C ASP F 143 -29.09 13.65 59.49
N LEU F 144 -30.23 13.16 59.97
CA LEU F 144 -30.97 13.78 61.06
C LEU F 144 -30.99 12.93 62.32
N LEU F 145 -30.83 11.61 62.21
CA LEU F 145 -30.76 10.75 63.38
C LEU F 145 -29.34 10.68 63.93
N ALA F 146 -28.34 10.66 63.05
CA ALA F 146 -26.96 10.83 63.49
C ALA F 146 -26.64 12.28 63.81
N LEU F 147 -27.58 13.19 63.55
CA LEU F 147 -27.39 14.60 63.89
C LEU F 147 -27.36 14.80 65.39
N ASP F 148 -28.46 14.50 66.07
CA ASP F 148 -28.58 14.81 67.48
C ASP F 148 -27.79 13.84 68.34
N ALA G 1 -11.98 -19.08 70.85
CA ALA G 1 -11.06 -18.57 71.84
C ALA G 1 -9.67 -19.15 71.63
N GLU G 2 -9.44 -20.34 72.17
CA GLU G 2 -8.18 -21.02 71.90
C GLU G 2 -8.24 -21.75 70.57
N ASN G 3 -9.42 -21.82 69.96
CA ASN G 3 -9.49 -22.05 68.53
C ASN G 3 -9.28 -20.73 67.80
N LEU G 4 -8.71 -20.82 66.62
CA LEU G 4 -8.34 -19.63 65.89
C LEU G 4 -9.08 -19.62 64.56
N TRP G 5 -9.47 -18.45 64.09
CA TRP G 5 -10.21 -18.39 62.85
C TRP G 5 -9.40 -17.63 61.81
N VAL G 6 -10.00 -17.48 60.63
CA VAL G 6 -9.29 -16.98 59.46
C VAL G 6 -9.77 -15.57 59.16
N THR G 7 -8.92 -14.80 58.51
CA THR G 7 -9.34 -13.52 57.96
C THR G 7 -8.65 -13.32 56.63
N VAL G 8 -9.07 -12.28 55.93
CA VAL G 8 -8.56 -11.98 54.61
C VAL G 8 -7.97 -10.57 54.63
N TYR G 9 -6.79 -10.43 54.03
CA TYR G 9 -6.15 -9.13 53.89
C TYR G 9 -6.08 -8.79 52.42
N TYR G 10 -6.03 -7.50 52.12
CA TYR G 10 -5.95 -7.03 50.75
C TYR G 10 -4.75 -6.13 50.57
N GLY G 11 -4.04 -6.30 49.46
CA GLY G 11 -2.94 -5.42 49.13
C GLY G 11 -1.74 -5.59 50.03
N VAL G 12 -1.08 -6.73 49.94
CA VAL G 12 0.12 -7.00 50.72
C VAL G 12 1.26 -7.28 49.75
N PRO G 13 2.44 -6.68 49.94
CA PRO G 13 3.49 -6.81 48.92
C PRO G 13 4.13 -8.18 48.83
N VAL G 14 3.78 -8.91 47.77
CA VAL G 14 4.51 -10.07 47.29
C VAL G 14 4.56 -9.97 45.77
N TRP G 15 5.52 -10.67 45.17
CA TRP G 15 5.63 -10.66 43.73
C TRP G 15 6.13 -12.00 43.22
N LYS G 16 5.60 -12.41 42.08
CA LYS G 16 6.11 -13.54 41.32
C LYS G 16 6.15 -13.12 39.86
N ASP G 17 7.26 -13.39 39.20
CA ASP G 17 7.55 -12.76 37.92
C ASP G 17 6.73 -13.36 36.79
N ALA G 18 6.62 -12.58 35.71
CA ALA G 18 5.90 -12.95 34.50
C ALA G 18 6.45 -12.08 33.38
N GLU G 19 5.73 -11.96 32.27
CA GLU G 19 6.09 -11.02 31.23
C GLU G 19 4.84 -10.50 30.55
N THR G 20 4.85 -9.21 30.21
CA THR G 20 3.79 -8.57 29.44
C THR G 20 4.45 -7.62 28.46
N THR G 21 3.63 -6.82 27.80
CA THR G 21 4.10 -5.78 26.90
C THR G 21 4.52 -4.55 27.70
N LEU G 22 5.05 -3.57 27.00
CA LEU G 22 5.54 -2.34 27.61
C LEU G 22 5.08 -1.14 26.78
N PHE G 23 5.48 0.05 27.22
CA PHE G 23 5.34 1.23 26.39
C PHE G 23 6.48 2.18 26.71
N CYS G 24 6.62 3.21 25.87
CA CYS G 24 7.74 4.13 25.92
C CYS G 24 7.24 5.56 26.09
N ALA G 25 8.07 6.39 26.73
CA ALA G 25 7.65 7.73 27.12
C ALA G 25 8.88 8.58 27.37
N SER G 26 9.13 9.57 26.52
CA SER G 26 10.26 10.49 26.72
C SER G 26 10.05 11.75 25.92
N ASP G 27 9.95 12.89 26.61
CA ASP G 27 10.06 14.21 26.02
C ASP G 27 10.31 15.22 27.11
N ALA G 28 11.14 16.18 26.83
CA ALA G 28 11.10 17.44 27.55
C ALA G 28 11.08 18.63 26.60
N LYS G 29 11.82 18.56 25.50
CA LYS G 29 11.95 19.66 24.55
C LYS G 29 11.82 19.23 23.09
N ALA G 30 12.16 17.98 22.75
CA ALA G 30 12.53 17.61 21.39
C ALA G 30 11.37 17.66 20.39
N TYR G 31 10.12 17.73 20.85
CA TYR G 31 9.02 17.87 19.90
C TYR G 31 8.92 19.29 19.37
N GLU G 32 9.43 20.27 20.11
CA GLU G 32 9.30 21.66 19.71
C GLU G 32 10.29 22.03 18.61
N THR G 33 11.49 21.46 18.66
CA THR G 33 12.45 21.71 17.58
C THR G 33 12.20 20.82 16.38
N GLU G 34 12.39 19.50 16.53
CA GLU G 34 11.86 18.42 15.71
C GLU G 34 12.46 18.32 14.31
N LYS G 35 13.12 19.40 13.84
CA LYS G 35 13.44 19.67 12.44
C LYS G 35 12.25 19.31 11.53
N HIS G 36 11.05 19.69 11.97
CA HIS G 36 9.72 19.51 11.36
C HIS G 36 9.25 18.06 11.30
N ASN G 37 10.16 17.10 11.51
CA ASN G 37 9.96 15.67 11.38
C ASN G 37 11.18 14.94 11.96
N VAL G 38 10.94 13.88 12.73
CA VAL G 38 12.01 13.04 13.23
C VAL G 38 11.54 11.59 13.06
N TRP G 39 12.47 10.64 13.15
CA TRP G 39 12.11 9.24 13.14
C TRP G 39 11.25 8.94 14.36
N ALA G 40 10.28 8.05 14.16
CA ALA G 40 8.93 8.27 14.70
C ALA G 40 8.91 8.18 16.21
N THR G 41 8.95 9.36 16.81
CA THR G 41 8.71 9.61 18.22
C THR G 41 7.80 10.81 18.15
N HIS G 42 6.49 10.59 18.19
CA HIS G 42 5.56 11.63 17.79
C HIS G 42 4.63 12.06 18.91
N ALA G 43 3.96 11.12 19.58
CA ALA G 43 3.14 11.48 20.73
C ALA G 43 3.70 10.89 22.02
N CYS G 44 3.75 9.57 22.13
CA CYS G 44 4.57 8.81 23.06
C CYS G 44 4.31 9.08 24.54
N VAL G 45 3.28 9.86 24.88
CA VAL G 45 2.87 10.20 26.26
C VAL G 45 4.03 10.82 27.04
N PRO G 46 4.31 12.12 26.86
CA PRO G 46 5.52 12.73 27.41
C PRO G 46 5.67 12.56 28.92
N THR G 47 6.92 12.43 29.35
CA THR G 47 7.26 11.92 30.67
C THR G 47 6.97 12.94 31.76
N ASP G 48 7.25 12.54 32.98
CA ASP G 48 7.14 13.08 34.32
C ASP G 48 8.42 13.81 34.71
N PRO G 49 8.32 14.93 35.42
CA PRO G 49 9.52 15.66 35.84
C PRO G 49 10.37 14.90 36.86
N ASN G 50 9.77 14.42 37.93
CA ASN G 50 10.52 13.87 39.04
C ASN G 50 10.20 12.39 39.22
N PRO G 51 11.05 11.49 38.74
CA PRO G 51 10.75 10.06 38.85
C PRO G 51 10.85 9.56 40.28
N GLN G 52 10.34 8.36 40.50
CA GLN G 52 10.18 7.81 41.83
C GLN G 52 11.12 6.63 42.02
N GLU G 53 11.74 6.54 43.20
CA GLU G 53 12.70 5.49 43.48
C GLU G 53 12.65 5.18 44.97
N ILE G 54 12.38 3.92 45.32
CA ILE G 54 12.22 3.51 46.70
C ILE G 54 13.27 2.46 47.02
N HIS G 55 14.13 2.76 47.98
CA HIS G 55 15.09 1.78 48.47
C HIS G 55 14.39 0.73 49.31
N LEU G 56 14.91 -0.49 49.30
CA LEU G 56 14.29 -1.61 49.99
C LEU G 56 15.16 -2.11 51.12
N GLU G 57 14.60 -3.03 51.90
CA GLU G 57 15.22 -3.52 53.12
C GLU G 57 15.13 -5.03 53.18
N ASN G 58 16.27 -5.65 53.46
CA ASN G 58 16.38 -7.05 53.87
C ASN G 58 15.87 -8.02 52.80
N VAL G 59 16.06 -7.65 51.54
CA VAL G 59 15.52 -8.42 50.42
C VAL G 59 16.65 -8.84 49.50
N THR G 60 16.74 -10.12 49.21
CA THR G 60 17.60 -10.63 48.15
C THR G 60 16.74 -11.14 47.01
N GLU G 61 17.39 -11.43 45.88
CA GLU G 61 16.70 -11.83 44.66
C GLU G 61 17.71 -12.47 43.71
N GLU G 62 17.31 -13.54 43.03
CA GLU G 62 18.16 -14.05 41.96
C GLU G 62 18.03 -13.15 40.75
N PHE G 63 19.15 -12.90 40.09
CA PHE G 63 19.18 -12.03 38.92
C PHE G 63 19.88 -12.74 37.78
N ASN G 64 19.23 -12.74 36.62
CA ASN G 64 19.81 -13.38 35.46
C ASN G 64 19.45 -12.52 34.27
N MET G 65 20.47 -12.01 33.58
CA MET G 65 20.23 -11.51 32.24
C MET G 65 20.30 -12.68 31.27
N TRP G 66 20.42 -12.39 29.98
CA TRP G 66 20.47 -13.35 28.86
C TRP G 66 19.17 -14.14 28.68
N LYS G 67 18.19 -13.93 29.54
CA LYS G 67 16.88 -14.53 29.45
C LYS G 67 15.80 -13.48 29.65
N ASN G 68 16.17 -12.21 29.77
CA ASN G 68 15.20 -11.15 29.90
C ASN G 68 14.38 -11.06 28.63
N ASN G 69 13.07 -10.87 28.80
CA ASN G 69 12.21 -10.68 27.66
C ASN G 69 12.32 -9.27 27.10
N MET G 70 12.87 -8.33 27.88
CA MET G 70 12.84 -6.93 27.48
C MET G 70 13.76 -6.64 26.32
N VAL G 71 14.82 -7.43 26.15
CA VAL G 71 15.75 -7.13 25.07
C VAL G 71 15.13 -7.46 23.73
N GLU G 72 14.28 -8.47 23.65
CA GLU G 72 13.61 -8.74 22.40
C GLU G 72 12.48 -7.77 22.16
N GLN G 73 11.96 -7.16 23.23
CA GLN G 73 10.94 -6.14 23.06
C GLN G 73 11.52 -4.89 22.42
N MET G 74 12.76 -4.57 22.74
CA MET G 74 13.41 -3.47 22.03
C MET G 74 13.83 -3.91 20.63
N HIS G 75 14.05 -5.20 20.45
CA HIS G 75 14.46 -5.67 19.13
C HIS G 75 13.28 -5.65 18.17
N GLU G 76 12.08 -5.93 18.67
CA GLU G 76 10.95 -6.06 17.76
C GLU G 76 10.38 -4.71 17.36
N ASP G 77 10.40 -3.73 18.27
CA ASP G 77 9.66 -2.51 17.98
C ASP G 77 10.48 -1.57 17.10
N ILE G 78 11.81 -1.58 17.25
CA ILE G 78 12.66 -0.72 16.44
C ILE G 78 12.60 -1.12 14.97
N ILE G 79 12.62 -2.43 14.71
CA ILE G 79 12.47 -2.92 13.35
C ILE G 79 11.10 -2.54 12.81
N SER G 80 10.06 -2.66 13.62
CA SER G 80 8.74 -2.23 13.19
C SER G 80 8.65 -0.72 13.15
N LEU G 81 9.51 -0.02 13.88
CA LEU G 81 9.52 1.43 13.76
C LEU G 81 10.24 1.87 12.50
N TRP G 82 11.29 1.13 12.12
CA TRP G 82 12.21 1.60 11.09
C TRP G 82 11.55 1.59 9.72
N ASP G 83 10.97 0.47 9.34
CA ASP G 83 10.26 0.36 8.06
C ASP G 83 9.02 1.23 8.00
N GLN G 84 8.34 1.44 9.14
CA GLN G 84 7.16 2.29 9.15
C GLN G 84 7.55 3.73 8.93
N SER G 85 8.73 4.14 9.40
CA SER G 85 9.20 5.48 9.13
C SER G 85 9.71 5.62 7.70
N LEU G 86 9.99 4.51 7.03
CA LEU G 86 10.65 4.57 5.75
C LEU G 86 9.69 4.32 4.60
N LYS G 87 8.60 3.61 4.86
CA LYS G 87 7.68 3.19 3.80
C LYS G 87 6.96 4.32 3.08
N PRO G 88 6.20 5.21 3.73
CA PRO G 88 5.31 6.10 2.96
C PRO G 88 6.01 7.24 2.25
N CYS G 89 7.35 7.33 2.30
CA CYS G 89 8.06 8.29 1.46
C CYS G 89 8.37 7.63 0.12
N VAL G 90 9.17 8.30 -0.70
CA VAL G 90 9.21 8.04 -2.14
C VAL G 90 10.00 6.77 -2.44
N LYS G 91 9.39 5.91 -3.25
CA LYS G 91 9.96 4.70 -3.79
C LYS G 91 10.71 5.03 -5.07
N LEU G 92 11.71 4.22 -5.41
CA LEU G 92 12.30 4.27 -6.75
C LEU G 92 12.65 2.86 -7.19
N THR G 93 11.89 2.34 -8.14
CA THR G 93 12.35 1.19 -8.90
C THR G 93 13.29 1.48 -10.07
N PRO G 94 13.09 2.52 -10.95
CA PRO G 94 13.66 2.39 -12.29
C PRO G 94 15.10 2.80 -12.39
N LEU G 95 15.82 2.86 -11.27
CA LEU G 95 17.17 3.40 -11.33
C LEU G 95 18.16 2.38 -11.87
N CYS G 96 18.13 1.14 -11.36
CA CYS G 96 19.19 0.19 -11.69
C CYS G 96 19.02 -0.30 -13.12
N VAL G 97 19.49 0.56 -14.03
CA VAL G 97 19.62 0.29 -15.44
C VAL G 97 21.12 0.23 -15.69
N THR G 98 21.50 -0.38 -16.82
CA THR G 98 22.91 -0.58 -17.15
C THR G 98 23.66 0.74 -17.29
N LEU G 99 24.98 0.67 -17.12
CA LEU G 99 25.80 1.86 -16.96
C LEU G 99 27.26 1.53 -17.24
N GLN G 100 27.98 2.49 -17.81
CA GLN G 100 29.40 2.35 -18.08
C GLN G 100 30.13 3.63 -17.69
N CYS G 101 31.34 3.46 -17.14
CA CYS G 101 32.17 4.55 -16.66
C CYS G 101 33.57 4.11 -16.28
N THR G 102 34.40 5.12 -16.01
CA THR G 102 35.77 4.94 -15.55
C THR G 102 35.98 5.99 -14.45
N ASN G 103 37.16 6.00 -13.85
CA ASN G 103 37.42 6.78 -12.65
C ASN G 103 37.50 8.28 -12.95
N TYR G 104 37.53 9.05 -11.87
CA TYR G 104 37.63 10.50 -11.90
C TYR G 104 39.10 10.89 -11.91
N ALA G 105 39.40 12.10 -12.40
CA ALA G 105 40.79 12.37 -12.78
C ALA G 105 41.69 12.68 -11.58
N PRO G 106 41.39 13.62 -10.68
CA PRO G 106 42.28 13.80 -9.52
C PRO G 106 42.07 12.80 -8.41
N ASN G 107 41.29 11.73 -8.63
CA ASN G 107 41.33 10.57 -7.76
C ASN G 107 42.75 10.04 -7.64
N LEU G 108 43.49 10.04 -8.73
CA LEU G 108 44.89 9.63 -8.67
C LEU G 108 45.77 10.68 -8.03
N LEU G 109 45.26 11.88 -7.77
CA LEU G 109 46.06 12.95 -7.19
C LEU G 109 45.47 13.26 -5.82
N SER G 110 45.83 12.45 -4.83
CA SER G 110 45.39 12.57 -3.44
C SER G 110 46.10 11.49 -2.64
N ASN G 111 45.92 11.57 -1.32
CA ASN G 111 46.20 10.40 -0.48
C ASN G 111 45.22 9.29 -0.78
N MET G 112 43.97 9.64 -1.06
CA MET G 112 42.95 8.68 -1.44
C MET G 112 43.09 8.46 -2.93
N ARG G 113 43.87 7.44 -3.31
CA ARG G 113 44.01 7.04 -4.71
C ARG G 113 42.96 6.02 -5.10
N GLY G 114 41.84 6.01 -4.42
CA GLY G 114 40.92 4.90 -4.54
C GLY G 114 39.95 5.06 -5.68
N GLU G 115 38.66 5.16 -5.35
CA GLU G 115 37.59 4.90 -6.31
C GLU G 115 36.56 6.01 -6.25
N LEU G 116 36.35 6.66 -7.37
CA LEU G 116 35.27 7.64 -7.43
C LEU G 116 34.25 7.37 -8.53
N LYS G 117 34.71 6.95 -9.72
CA LYS G 117 33.87 6.45 -10.83
C LYS G 117 32.86 7.50 -11.31
N GLN G 118 33.39 8.53 -11.95
CA GLN G 118 32.56 9.53 -12.65
C GLN G 118 31.69 8.84 -13.69
N CYS G 119 30.37 8.85 -13.49
CA CYS G 119 29.56 7.88 -14.19
C CYS G 119 28.27 8.49 -14.72
N SER G 120 27.65 7.76 -15.66
CA SER G 120 26.57 8.31 -16.45
C SER G 120 25.68 7.18 -16.95
N PHE G 121 24.42 7.51 -17.20
CA PHE G 121 23.42 6.53 -17.60
C PHE G 121 22.23 7.27 -18.20
N ASN G 122 21.17 6.52 -18.46
CA ASN G 122 19.89 7.06 -18.92
C ASN G 122 18.81 6.88 -17.87
N MET G 123 17.93 7.88 -17.78
CA MET G 123 16.85 7.86 -16.80
C MET G 123 15.59 8.44 -17.45
N THR G 124 14.45 7.83 -17.15
CA THR G 124 13.18 8.34 -17.66
C THR G 124 12.84 9.66 -17.01
N THR G 125 12.31 10.58 -17.82
CA THR G 125 11.89 11.88 -17.33
C THR G 125 10.47 11.80 -16.79
N GLU G 126 9.87 12.98 -16.54
CA GLU G 126 8.49 13.01 -16.08
C GLU G 126 7.53 12.67 -17.21
N LEU G 127 7.96 12.88 -18.45
CA LEU G 127 7.24 12.38 -19.60
C LEU G 127 7.86 11.05 -20.00
N ARG G 128 7.02 10.05 -20.24
CA ARG G 128 7.55 8.71 -20.46
C ARG G 128 8.13 8.54 -21.86
N ASP G 129 7.84 9.46 -22.78
CA ASP G 129 8.42 9.41 -24.11
C ASP G 129 9.69 10.24 -24.22
N LYS G 130 10.27 10.64 -23.11
CA LYS G 130 11.51 11.41 -23.13
C LYS G 130 12.51 10.79 -22.19
N LYS G 131 13.72 10.58 -22.69
CA LYS G 131 14.84 10.17 -21.88
C LYS G 131 15.79 11.34 -21.71
N GLN G 132 16.76 11.18 -20.81
CA GLN G 132 17.67 12.27 -20.53
C GLN G 132 19.02 11.72 -20.10
N LYS G 133 20.04 12.54 -20.23
CA LYS G 133 21.41 12.17 -19.90
C LYS G 133 21.81 12.82 -18.58
N VAL G 134 22.49 12.05 -17.74
CA VAL G 134 22.95 12.53 -16.44
C VAL G 134 24.43 12.23 -16.30
N TYR G 135 25.02 12.76 -15.24
CA TYR G 135 26.43 12.54 -14.92
C TYR G 135 26.57 12.59 -13.41
N SER G 136 27.16 11.56 -12.83
CA SER G 136 27.15 11.45 -11.37
C SER G 136 28.33 10.60 -10.92
N LEU G 137 28.41 10.38 -9.62
CA LEU G 137 29.52 9.71 -8.96
C LEU G 137 29.03 8.60 -8.05
N PHE G 138 29.81 7.52 -7.94
CA PHE G 138 29.47 6.37 -7.11
C PHE G 138 30.74 5.64 -6.70
N TYR G 139 30.84 5.33 -5.42
CA TYR G 139 32.00 4.59 -4.90
C TYR G 139 31.95 3.13 -5.35
N ARG G 140 33.13 2.50 -5.39
CA ARG G 140 33.22 1.10 -5.84
C ARG G 140 32.57 0.16 -4.85
N LEU G 141 32.45 0.57 -3.61
CA LEU G 141 31.67 -0.24 -2.70
C LEU G 141 30.17 -0.12 -2.92
N ASP G 142 29.69 0.46 -4.03
CA ASP G 142 28.29 0.50 -4.35
C ASP G 142 28.03 0.08 -5.79
N VAL G 143 29.05 -0.40 -6.49
CA VAL G 143 28.91 -0.69 -7.92
C VAL G 143 29.81 -1.87 -8.24
N VAL G 144 29.35 -2.72 -9.18
CA VAL G 144 30.06 -3.92 -9.56
C VAL G 144 29.63 -4.27 -10.99
N GLN G 145 30.54 -4.89 -11.73
CA GLN G 145 30.34 -5.09 -13.16
C GLN G 145 29.67 -6.42 -13.44
N ILE G 146 29.31 -6.60 -14.71
CA ILE G 146 28.78 -7.86 -15.20
C ILE G 146 29.91 -8.62 -15.87
N ASN G 147 29.83 -9.94 -15.86
CA ASN G 147 30.81 -10.79 -16.53
C ASN G 147 30.09 -11.94 -17.22
N SER G 157 35.19 -3.69 -24.86
CA SER G 157 34.07 -2.83 -24.49
C SER G 157 34.22 -2.30 -23.08
N ASN G 158 33.63 -1.13 -22.83
CA ASN G 158 33.49 -0.63 -21.47
C ASN G 158 32.58 -1.57 -20.71
N LYS G 159 33.16 -2.34 -19.81
CA LYS G 159 32.43 -3.42 -19.14
C LYS G 159 31.37 -2.84 -18.22
N GLU G 160 30.12 -3.14 -18.53
CA GLU G 160 29.00 -2.49 -17.90
C GLU G 160 28.80 -2.95 -16.46
N TYR G 161 28.24 -2.05 -15.67
CA TYR G 161 28.17 -2.18 -14.23
C TYR G 161 26.71 -2.34 -13.81
N ARG G 162 26.52 -2.47 -12.50
CA ARG G 162 25.20 -2.40 -11.88
C ARG G 162 25.37 -1.94 -10.45
N LEU G 163 24.27 -1.53 -9.85
CA LEU G 163 24.30 -1.21 -8.43
C LEU G 163 24.37 -2.49 -7.63
N ILE G 164 24.77 -2.35 -6.35
CA ILE G 164 25.47 -3.43 -5.65
C ILE G 164 24.56 -4.62 -5.38
N ASN G 165 23.28 -4.39 -5.12
CA ASN G 165 22.35 -5.50 -4.97
C ASN G 165 20.99 -5.23 -5.59
N CYS G 166 21.01 -4.59 -6.74
CA CYS G 166 19.75 -4.50 -7.50
C CYS G 166 19.52 -5.89 -8.13
N ASN G 167 20.34 -6.84 -7.72
CA ASN G 167 20.20 -8.22 -8.23
C ASN G 167 19.60 -9.09 -7.16
N THR G 168 18.96 -8.47 -6.23
CA THR G 168 18.32 -9.23 -5.12
C THR G 168 17.04 -8.53 -4.66
N SER G 169 17.09 -7.30 -4.16
CA SER G 169 15.86 -6.71 -3.65
C SER G 169 15.64 -5.30 -4.16
N ALA G 170 14.56 -4.67 -3.72
CA ALA G 170 14.23 -3.31 -4.13
C ALA G 170 15.07 -2.31 -3.34
N ILE G 171 15.05 -1.07 -3.80
CA ILE G 171 15.85 0.00 -3.21
C ILE G 171 14.93 1.21 -3.01
N THR G 172 14.91 1.75 -1.81
CA THR G 172 14.09 2.92 -1.51
C THR G 172 14.95 4.00 -0.88
N GLN G 173 14.87 5.21 -1.42
CA GLN G 173 15.72 6.26 -0.92
C GLN G 173 15.03 7.00 0.22
N ALA G 174 15.84 7.55 1.11
CA ALA G 174 15.37 8.08 2.39
C ALA G 174 14.53 9.33 2.20
N CYS G 175 13.83 9.66 3.22
CA CYS G 175 12.90 10.77 3.18
C CYS G 175 13.63 12.04 3.59
N PRO G 176 13.53 13.13 2.82
CA PRO G 176 14.58 14.15 2.83
C PRO G 176 14.64 15.04 4.07
N LYS G 177 13.64 15.00 4.94
CA LYS G 177 13.64 15.90 6.08
C LYS G 177 13.81 15.19 7.42
N VAL G 178 13.67 13.87 7.47
CA VAL G 178 13.70 13.16 8.74
C VAL G 178 15.13 12.97 9.21
N SER G 179 15.39 13.31 10.47
CA SER G 179 16.70 13.09 11.06
C SER G 179 16.82 11.65 11.56
N PHE G 180 18.07 11.22 11.77
CA PHE G 180 18.37 9.88 12.23
C PHE G 180 19.00 9.85 13.60
N GLU G 181 19.24 11.01 14.20
CA GLU G 181 19.98 11.05 15.45
C GLU G 181 19.07 10.61 16.59
N PRO G 182 19.55 9.76 17.49
CA PRO G 182 18.67 9.19 18.52
C PRO G 182 18.39 10.15 19.65
N ILE G 183 17.16 10.05 20.16
CA ILE G 183 16.68 10.80 21.32
C ILE G 183 16.63 9.77 22.45
N PRO G 184 17.00 10.13 23.69
CA PRO G 184 16.88 9.17 24.78
C PRO G 184 15.44 8.74 25.01
N ILE G 185 15.27 7.47 25.40
CA ILE G 185 13.94 6.90 25.56
C ILE G 185 13.87 6.21 26.92
N HIS G 186 12.73 6.35 27.59
CA HIS G 186 12.42 5.56 28.76
C HIS G 186 11.42 4.49 28.39
N TYR G 187 11.54 3.32 29.00
CA TYR G 187 10.56 2.26 28.81
C TYR G 187 9.80 2.08 30.11
N CYS G 188 8.48 2.15 30.04
CA CYS G 188 7.70 2.16 31.25
C CYS G 188 6.55 1.18 31.14
N ALA G 189 6.30 0.46 32.22
CA ALA G 189 5.44 -0.67 32.53
C ALA G 189 4.08 -0.18 33.01
N PRO G 190 3.01 -0.93 32.76
CA PRO G 190 1.69 -0.49 33.20
C PRO G 190 1.45 -0.81 34.66
N ALA G 191 0.26 -0.48 35.15
CA ALA G 191 -0.09 -0.68 36.55
C ALA G 191 -0.17 -2.17 36.89
N GLY G 192 -0.02 -2.46 38.17
CA GLY G 192 0.10 -3.84 38.60
C GLY G 192 1.42 -4.48 38.29
N PHE G 193 2.43 -3.70 37.93
CA PHE G 193 3.75 -4.24 37.62
C PHE G 193 4.81 -3.36 38.24
N ALA G 194 6.04 -3.87 38.22
CA ALA G 194 7.16 -3.13 38.79
C ALA G 194 8.44 -3.56 38.10
N ILE G 195 9.44 -2.70 38.15
CA ILE G 195 10.74 -2.96 37.56
C ILE G 195 11.76 -2.96 38.68
N LEU G 196 12.67 -3.94 38.66
CA LEU G 196 13.64 -4.11 39.72
C LEU G 196 15.03 -3.77 39.21
N LYS G 197 15.77 -3.01 40.00
CA LYS G 197 17.14 -2.62 39.70
C LYS G 197 17.95 -2.69 40.98
N CYS G 198 19.08 -3.39 40.95
CA CYS G 198 19.93 -3.41 42.12
C CYS G 198 21.11 -2.47 41.87
N LYS G 199 21.54 -1.81 42.93
CA LYS G 199 22.43 -0.67 42.84
C LYS G 199 23.82 -0.98 43.33
N ASP G 200 24.29 -2.20 43.09
CA ASP G 200 25.66 -2.52 43.46
C ASP G 200 26.61 -1.90 42.43
N LYS G 201 27.81 -1.57 42.90
CA LYS G 201 28.82 -1.03 42.00
C LYS G 201 29.36 -2.14 41.10
N LYS G 202 30.02 -3.12 41.69
CA LYS G 202 30.46 -4.27 40.92
C LYS G 202 29.28 -5.19 40.68
N PHE G 203 29.18 -5.70 39.46
CA PHE G 203 28.10 -6.63 39.14
C PHE G 203 28.60 -7.56 38.04
N ASN G 204 29.04 -8.75 38.43
CA ASN G 204 29.67 -9.66 37.48
C ASN G 204 28.65 -10.57 36.80
N GLY G 205 27.64 -9.93 36.25
CA GLY G 205 26.68 -10.60 35.38
C GLY G 205 25.41 -11.18 35.94
N THR G 206 25.52 -12.17 36.83
CA THR G 206 24.36 -12.92 37.29
C THR G 206 24.43 -13.06 38.80
N GLY G 207 23.60 -13.93 39.36
CA GLY G 207 23.66 -14.25 40.76
C GLY G 207 22.85 -13.30 41.61
N PRO G 208 22.86 -13.50 42.92
CA PRO G 208 22.11 -12.62 43.81
C PRO G 208 22.77 -11.27 44.01
N CYS G 209 21.95 -10.28 44.29
CA CYS G 209 22.40 -8.92 44.48
C CYS G 209 21.73 -8.40 45.74
N PRO G 210 22.48 -7.85 46.70
CA PRO G 210 21.91 -7.65 48.04
C PRO G 210 21.00 -6.44 48.14
N SER G 211 21.32 -5.33 47.50
CA SER G 211 20.59 -4.08 47.68
C SER G 211 19.83 -3.75 46.42
N VAL G 212 18.51 -3.85 46.47
CA VAL G 212 17.65 -3.63 45.31
C VAL G 212 16.75 -2.46 45.57
N SER G 213 16.05 -2.03 44.52
CA SER G 213 15.10 -0.93 44.57
C SER G 213 14.17 -1.07 43.38
N THR G 214 13.02 -0.42 43.48
CA THR G 214 12.07 -0.44 42.38
C THR G 214 11.79 0.96 41.86
N VAL G 215 11.59 1.03 40.54
CA VAL G 215 11.28 2.25 39.80
C VAL G 215 10.23 1.86 38.77
N GLN G 216 9.28 2.76 38.50
CA GLN G 216 8.30 2.51 37.45
C GLN G 216 8.94 2.45 36.07
N CYS G 217 9.88 3.36 35.80
CA CYS G 217 10.56 3.37 34.51
C CYS G 217 11.94 3.99 34.53
N THR G 218 12.86 3.33 33.82
CA THR G 218 14.29 3.51 33.89
C THR G 218 14.75 4.83 33.29
N HIS G 219 16.07 5.02 33.34
CA HIS G 219 16.71 6.18 32.75
C HIS G 219 16.75 6.03 31.24
N GLY G 220 17.24 7.07 30.59
CA GLY G 220 17.16 7.13 29.15
C GLY G 220 18.14 6.20 28.47
N ILE G 221 17.73 5.67 27.32
CA ILE G 221 18.56 4.83 26.49
C ILE G 221 18.62 5.49 25.12
N LYS G 222 19.82 5.67 24.59
CA LYS G 222 19.97 6.25 23.26
C LYS G 222 20.23 5.13 22.26
N PRO G 223 19.28 4.78 21.43
CA PRO G 223 19.45 3.64 20.51
C PRO G 223 20.35 3.96 19.32
N VAL G 224 21.65 3.88 19.56
CA VAL G 224 22.64 4.08 18.51
C VAL G 224 22.97 2.73 17.90
N VAL G 225 23.12 2.70 16.58
CA VAL G 225 23.44 1.48 15.86
C VAL G 225 24.93 1.48 15.57
N SER G 226 25.67 0.56 16.19
CA SER G 226 27.11 0.53 15.99
C SER G 226 27.61 -0.88 16.20
N THR G 227 28.79 -1.15 15.64
CA THR G 227 29.46 -2.43 15.77
C THR G 227 30.89 -2.20 16.21
N GLN G 228 31.40 -3.13 17.02
CA GLN G 228 32.77 -3.27 17.51
C GLN G 228 33.22 -2.18 18.47
N LEU G 229 32.42 -1.13 18.67
CA LEU G 229 32.72 -0.08 19.64
C LEU G 229 31.39 0.48 20.09
N LEU G 230 31.12 0.38 21.39
CA LEU G 230 29.89 0.93 21.95
C LEU G 230 30.03 2.44 22.03
N LEU G 231 29.25 3.15 21.23
CA LEU G 231 29.23 4.60 21.25
C LEU G 231 28.37 5.12 22.39
N ASN G 232 28.00 6.41 22.31
CA ASN G 232 27.83 7.37 23.40
C ASN G 232 27.39 6.78 24.74
N GLY G 233 26.30 6.03 24.70
CA GLY G 233 25.94 5.06 25.73
C GLY G 233 25.81 5.60 27.14
N SER G 234 25.97 4.69 28.08
CA SER G 234 26.00 5.03 29.49
C SER G 234 27.31 4.51 30.08
N LEU G 235 27.77 5.16 31.14
CA LEU G 235 29.08 4.85 31.69
C LEU G 235 28.92 4.01 32.96
N ALA G 236 29.95 3.23 33.27
CA ALA G 236 29.93 2.30 34.39
C ALA G 236 30.21 3.01 35.71
N GLU G 237 30.52 2.23 36.72
CA GLU G 237 30.95 2.77 38.00
C GLU G 237 32.48 2.84 38.02
N GLU G 238 33.06 2.98 39.21
CA GLU G 238 34.46 3.33 39.40
C GLU G 238 35.46 2.26 38.95
N GLU G 239 35.02 1.10 38.51
CA GLU G 239 35.95 0.01 38.23
C GLU G 239 35.49 -0.76 37.00
N VAL G 240 36.45 -1.19 36.19
CA VAL G 240 36.14 -1.80 34.90
C VAL G 240 35.73 -3.25 35.09
N ILE G 241 34.77 -3.71 34.30
CA ILE G 241 34.14 -4.99 34.54
C ILE G 241 34.17 -5.81 33.25
N ILE G 242 34.05 -7.11 33.40
CA ILE G 242 33.94 -8.01 32.27
C ILE G 242 32.60 -8.73 32.35
N ARG G 243 32.01 -9.06 31.20
CA ARG G 243 30.75 -9.78 31.17
C ARG G 243 30.78 -10.79 30.04
N SER G 244 30.09 -11.92 30.24
CA SER G 244 30.08 -12.98 29.26
C SER G 244 28.92 -13.91 29.54
N GLU G 245 28.78 -14.91 28.67
CA GLU G 245 28.24 -16.22 29.02
C GLU G 245 29.38 -17.19 28.84
N ASN G 246 29.48 -18.14 29.78
CA ASN G 246 30.30 -19.34 29.81
C ASN G 246 31.66 -19.22 29.13
N ILE G 247 32.48 -18.30 29.66
CA ILE G 247 33.85 -18.14 29.22
C ILE G 247 34.60 -19.46 29.34
N THR G 248 35.53 -19.70 28.41
CA THR G 248 36.01 -20.99 27.91
C THR G 248 34.82 -21.73 27.31
N ASN G 249 34.04 -20.99 26.49
CA ASN G 249 33.32 -21.49 25.32
C ASN G 249 33.51 -20.37 24.30
N ASN G 250 34.18 -20.68 23.18
CA ASN G 250 34.51 -19.62 22.25
C ASN G 250 33.35 -19.20 21.35
N ALA G 251 32.16 -19.81 21.50
CA ALA G 251 31.08 -19.53 20.57
C ALA G 251 30.46 -18.16 20.79
N LYS G 252 30.25 -17.79 22.04
CA LYS G 252 29.57 -16.54 22.35
C LYS G 252 30.58 -15.40 22.34
N ASN G 253 30.16 -14.22 22.80
CA ASN G 253 30.95 -13.01 22.71
C ASN G 253 31.35 -12.54 24.10
N ILE G 254 32.22 -11.53 24.11
CA ILE G 254 32.76 -10.97 25.35
C ILE G 254 32.41 -9.50 25.38
N LEU G 255 31.93 -9.01 26.52
CA LEU G 255 31.55 -7.62 26.66
C LEU G 255 32.41 -6.92 27.69
N VAL G 256 32.85 -5.71 27.36
CA VAL G 256 33.71 -4.91 28.22
C VAL G 256 33.00 -3.58 28.46
N GLN G 257 32.93 -3.18 29.72
CA GLN G 257 32.47 -1.85 30.07
C GLN G 257 33.51 -1.19 30.96
N LEU G 258 33.69 0.11 30.80
CA LEU G 258 34.81 0.79 31.43
C LEU G 258 34.34 2.09 32.06
N ASN G 259 35.27 2.78 32.70
CA ASN G 259 34.95 3.94 33.52
C ASN G 259 35.47 5.26 32.95
N THR G 260 36.66 5.29 32.38
CA THR G 260 37.21 6.54 31.88
C THR G 260 36.84 6.67 30.41
N PRO G 261 35.96 7.59 30.05
CA PRO G 261 35.57 7.72 28.64
C PRO G 261 36.67 8.35 27.82
N VAL G 262 36.85 7.83 26.62
CA VAL G 262 37.83 8.39 25.71
C VAL G 262 37.11 9.04 24.55
N GLN G 263 37.76 10.02 23.95
CA GLN G 263 37.15 10.91 22.99
C GLN G 263 37.52 10.48 21.57
N ILE G 264 36.69 10.86 20.61
CA ILE G 264 37.03 10.68 19.20
C ILE G 264 36.50 11.85 18.39
N ASN G 265 37.28 12.28 17.40
CA ASN G 265 36.84 13.26 16.42
C ASN G 265 36.86 12.60 15.04
N CYS G 266 35.79 12.77 14.28
CA CYS G 266 35.68 12.19 12.95
C CYS G 266 35.07 13.20 12.00
N THR G 267 35.67 13.35 10.82
CA THR G 267 35.26 14.38 9.87
C THR G 267 35.18 13.82 8.46
N ARG G 268 34.63 14.65 7.58
CA ARG G 268 34.61 14.42 6.14
C ARG G 268 35.01 15.72 5.47
N PRO G 269 36.17 15.80 4.86
CA PRO G 269 36.65 17.09 4.34
C PRO G 269 35.95 17.57 3.09
N ASN G 270 35.76 16.65 2.14
CA ASN G 270 35.34 17.02 0.79
C ASN G 270 33.83 17.04 0.71
N ASN G 271 33.21 18.17 1.04
CA ASN G 271 31.81 18.15 1.48
C ASN G 271 30.79 17.67 0.44
N ASN G 272 30.34 18.54 -0.48
CA ASN G 272 29.86 18.29 -1.86
C ASN G 272 29.21 19.59 -2.32
N THR G 273 28.84 19.68 -3.59
CA THR G 273 27.61 20.37 -3.98
C THR G 273 26.69 19.35 -4.65
N VAL G 274 25.39 19.54 -4.47
CA VAL G 274 24.42 18.52 -4.86
C VAL G 274 23.49 19.09 -5.92
N LYS G 275 22.86 18.19 -6.66
CA LYS G 275 21.84 18.58 -7.63
C LYS G 275 20.62 17.71 -7.41
N SER G 276 19.50 18.14 -7.99
CA SER G 276 18.23 17.44 -7.82
C SER G 276 17.54 17.33 -9.17
N ILE G 277 17.20 16.11 -9.56
CA ILE G 277 16.49 15.88 -10.81
C ILE G 277 15.15 15.26 -10.48
N ARG G 278 14.16 15.49 -11.33
CA ARG G 278 12.80 15.00 -11.12
C ARG G 278 12.60 13.72 -11.91
N ILE G 279 12.27 12.65 -11.22
CA ILE G 279 11.85 11.43 -11.90
C ILE G 279 10.51 11.63 -12.56
N GLY G 280 9.53 12.09 -11.79
CA GLY G 280 8.26 12.49 -12.34
C GLY G 280 7.31 11.35 -12.58
N PRO G 281 6.04 11.53 -12.22
CA PRO G 281 5.45 12.72 -11.61
C PRO G 281 5.59 12.80 -10.10
N GLY G 282 6.37 13.77 -9.64
CA GLY G 282 6.46 14.04 -8.21
C GLY G 282 7.45 13.20 -7.45
N GLN G 283 8.57 12.85 -8.06
CA GLN G 283 9.61 12.07 -7.38
C GLN G 283 10.92 12.85 -7.53
N ALA G 284 11.19 13.69 -6.55
CA ALA G 284 12.39 14.52 -6.54
C ALA G 284 13.58 13.68 -6.13
N PHE G 285 14.40 13.30 -7.09
CA PHE G 285 15.57 12.48 -6.83
C PHE G 285 16.79 13.35 -6.56
N TYR G 286 17.60 12.95 -5.60
CA TYR G 286 18.83 13.65 -5.26
C TYR G 286 20.02 12.75 -5.57
N TYR G 287 21.15 13.38 -5.90
CA TYR G 287 22.31 12.62 -6.31
C TYR G 287 23.57 13.46 -6.14
N PHE G 288 24.70 12.82 -6.36
CA PHE G 288 25.98 13.45 -6.11
C PHE G 288 26.29 14.40 -7.25
N GLY G 289 26.67 15.63 -6.92
CA GLY G 289 27.00 16.60 -7.95
C GLY G 289 28.45 16.54 -8.34
N ASP G 290 29.17 17.62 -8.11
CA ASP G 290 30.58 17.71 -8.43
C ASP G 290 31.36 18.10 -7.19
N ILE G 291 32.65 17.76 -7.17
CA ILE G 291 33.51 18.07 -6.06
C ILE G 291 34.43 19.21 -6.46
N ILE G 292 34.75 20.07 -5.49
CA ILE G 292 35.55 21.26 -5.69
C ILE G 292 36.58 21.34 -4.58
N GLY G 293 37.84 21.41 -4.95
CA GLY G 293 38.92 21.55 -3.99
C GLY G 293 39.81 20.33 -3.98
N ASP G 294 40.50 20.15 -2.86
CA ASP G 294 41.34 18.99 -2.69
C ASP G 294 40.51 17.76 -2.38
N ILE G 295 41.18 16.62 -2.24
CA ILE G 295 40.55 15.38 -1.84
C ILE G 295 41.35 14.80 -0.68
N ARG G 296 40.73 14.70 0.47
CA ARG G 296 41.27 13.92 1.58
C ARG G 296 40.16 12.99 2.06
N MET G 297 40.50 11.71 2.20
CA MET G 297 39.50 10.72 2.59
C MET G 297 39.16 10.85 4.06
N ALA G 298 38.06 10.20 4.44
CA ALA G 298 37.56 10.31 5.80
C ALA G 298 38.39 9.50 6.77
N HIS G 299 38.52 10.02 7.99
CA HIS G 299 39.41 9.45 8.99
C HIS G 299 38.93 9.88 10.36
N CYS G 300 39.61 9.37 11.38
CA CYS G 300 39.31 9.71 12.77
C CYS G 300 40.59 9.81 13.57
N ASN G 301 40.70 10.85 14.39
CA ASN G 301 41.80 10.95 15.34
C ASN G 301 41.39 10.38 16.69
N VAL G 302 42.39 10.06 17.51
CA VAL G 302 42.17 9.51 18.83
C VAL G 302 43.39 9.83 19.70
N SER G 303 43.15 10.11 20.98
CA SER G 303 44.24 10.41 21.90
C SER G 303 45.05 9.14 22.17
N LYS G 304 46.36 9.24 21.98
CA LYS G 304 47.21 8.06 21.97
C LYS G 304 47.42 7.50 23.38
N ALA G 305 47.94 8.33 24.29
CA ALA G 305 48.40 7.82 25.58
C ALA G 305 47.24 7.36 26.45
N THR G 306 46.08 8.00 26.29
CA THR G 306 44.90 7.54 27.01
C THR G 306 44.45 6.18 26.51
N TRP G 307 44.57 5.95 25.19
CA TRP G 307 44.21 4.66 24.64
C TRP G 307 45.17 3.58 25.12
N ASN G 308 46.44 3.95 25.33
CA ASN G 308 47.36 3.04 25.98
C ASN G 308 46.93 2.76 27.41
N GLU G 309 46.47 3.81 28.10
CA GLU G 309 46.20 3.70 29.53
C GLU G 309 45.00 2.81 29.81
N THR G 310 43.94 2.96 29.02
CA THR G 310 42.77 2.13 29.23
C THR G 310 42.99 0.71 28.73
N LEU G 311 43.86 0.52 27.74
CA LEU G 311 44.17 -0.82 27.29
C LEU G 311 45.05 -1.55 28.28
N GLY G 312 45.96 -0.82 28.92
CA GLY G 312 46.67 -1.39 30.04
C GLY G 312 45.77 -1.63 31.23
N LYS G 313 44.72 -0.81 31.35
CA LYS G 313 43.77 -0.99 32.43
C LYS G 313 42.94 -2.25 32.23
N VAL G 314 42.51 -2.50 31.00
CA VAL G 314 41.59 -3.61 30.76
C VAL G 314 42.33 -4.95 30.80
N VAL G 315 43.62 -4.96 30.47
CA VAL G 315 44.32 -6.23 30.42
C VAL G 315 44.67 -6.70 31.83
N LYS G 316 44.80 -5.77 32.77
CA LYS G 316 44.97 -6.17 34.16
C LYS G 316 43.70 -6.80 34.70
N GLN G 317 42.55 -6.27 34.29
CA GLN G 317 41.29 -6.83 34.74
C GLN G 317 40.99 -8.14 34.02
N LEU G 318 41.40 -8.25 32.75
CA LEU G 318 41.06 -9.43 31.98
C LEU G 318 41.91 -10.62 32.37
N ARG G 319 43.07 -10.38 33.00
CA ARG G 319 44.00 -11.45 33.32
C ARG G 319 43.47 -12.38 34.39
N LYS G 320 42.59 -11.88 35.28
CA LYS G 320 42.07 -12.68 36.39
C LYS G 320 41.29 -13.90 35.93
N HIS G 321 40.66 -13.85 34.76
CA HIS G 321 39.93 -14.99 34.25
C HIS G 321 40.78 -15.88 33.37
N PHE G 322 42.09 -15.65 33.31
CA PHE G 322 42.94 -16.46 32.45
C PHE G 322 44.28 -16.76 33.11
N GLY G 323 44.28 -17.06 34.39
CA GLY G 323 45.49 -17.43 35.09
C GLY G 323 46.35 -16.23 35.43
N ASN G 324 47.39 -16.49 36.22
CA ASN G 324 48.20 -15.42 36.77
C ASN G 324 49.15 -14.87 35.71
N ASN G 325 49.70 -15.75 34.87
CA ASN G 325 50.67 -15.37 33.86
C ASN G 325 50.44 -16.14 32.57
N THR G 326 49.92 -15.43 31.57
CA THR G 326 49.92 -15.89 30.20
C THR G 326 49.96 -14.66 29.32
N ILE G 327 50.41 -14.84 28.10
CA ILE G 327 50.68 -13.72 27.22
C ILE G 327 49.45 -13.44 26.37
N ILE G 328 49.09 -12.17 26.26
CA ILE G 328 47.90 -11.76 25.54
C ILE G 328 48.30 -10.91 24.35
N ARG G 329 47.84 -11.31 23.17
CA ARG G 329 48.13 -10.64 21.92
C ARG G 329 46.82 -10.23 21.26
N PHE G 330 46.80 -9.03 20.70
CA PHE G 330 45.63 -8.57 19.95
C PHE G 330 45.87 -8.67 18.46
N ALA G 331 44.78 -8.79 17.71
CA ALA G 331 44.86 -8.96 16.27
C ALA G 331 43.73 -8.17 15.63
N GLN G 332 43.79 -8.06 14.31
CA GLN G 332 42.74 -7.41 13.55
C GLN G 332 41.61 -8.39 13.30
N SER G 333 40.62 -7.96 12.53
CA SER G 333 39.49 -8.83 12.22
C SER G 333 39.91 -9.90 11.21
N SER G 334 39.08 -10.93 11.10
CA SER G 334 39.41 -12.07 10.27
C SER G 334 39.08 -11.83 8.80
N GLY G 335 37.80 -11.65 8.50
CA GLY G 335 37.38 -11.52 7.12
C GLY G 335 35.93 -11.92 6.95
N GLY G 336 35.61 -12.41 5.76
CA GLY G 336 34.23 -12.67 5.40
C GLY G 336 33.59 -11.45 4.79
N ASP G 337 32.43 -11.07 5.31
CA ASP G 337 31.82 -9.80 4.91
C ASP G 337 32.55 -8.64 5.56
N LEU G 338 32.30 -7.43 5.04
CA LEU G 338 32.93 -6.27 5.65
C LEU G 338 32.25 -5.89 6.95
N GLU G 339 30.96 -6.19 7.08
CA GLU G 339 30.11 -5.63 8.12
C GLU G 339 30.41 -6.19 9.50
N VAL G 340 31.27 -7.18 9.63
CA VAL G 340 31.67 -7.65 10.96
C VAL G 340 33.11 -7.21 11.18
N THR G 341 33.82 -6.90 10.09
CA THR G 341 35.22 -6.55 10.21
C THR G 341 35.39 -5.10 10.65
N THR G 342 34.78 -4.18 9.91
CA THR G 342 34.98 -2.78 10.18
C THR G 342 34.19 -2.34 11.41
N HIS G 343 34.40 -1.09 11.79
CA HIS G 343 33.57 -0.41 12.77
C HIS G 343 32.60 0.50 12.05
N SER G 344 31.33 0.12 12.02
CA SER G 344 30.28 0.85 11.32
C SER G 344 29.45 1.62 12.33
N PHE G 345 29.05 2.83 11.96
CA PHE G 345 28.22 3.67 12.82
C PHE G 345 27.56 4.74 11.96
N ASN G 346 26.83 5.61 12.63
CA ASN G 346 26.14 6.73 12.01
C ASN G 346 26.70 8.04 12.56
N CYS G 347 26.75 9.05 11.70
CA CYS G 347 27.11 10.40 12.12
C CYS G 347 26.53 11.38 11.11
N GLY G 348 25.58 12.19 11.57
CA GLY G 348 25.03 13.23 10.74
C GLY G 348 24.18 12.76 9.58
N GLY G 349 23.75 11.52 9.59
CA GLY G 349 22.94 11.00 8.52
C GLY G 349 23.68 10.25 7.44
N GLU G 350 24.93 9.87 7.70
CA GLU G 350 25.71 9.07 6.77
C GLU G 350 26.37 7.95 7.54
N PHE G 351 26.93 6.99 6.81
CA PHE G 351 27.40 5.77 7.42
C PHE G 351 28.86 5.54 7.07
N PHE G 352 29.70 5.49 8.09
CA PHE G 352 31.14 5.32 7.93
C PHE G 352 31.50 3.86 8.12
N TYR G 353 32.70 3.52 7.69
CA TYR G 353 33.25 2.18 7.87
C TYR G 353 34.74 2.34 8.15
N CYS G 354 35.13 2.22 9.42
CA CYS G 354 36.49 2.45 9.85
C CYS G 354 37.16 1.13 10.20
N ASN G 355 38.47 1.07 10.00
CA ASN G 355 39.15 -0.20 9.78
C ASN G 355 39.58 -0.90 11.06
N THR G 356 39.74 -0.17 12.17
CA THR G 356 39.97 -0.66 13.55
C THR G 356 41.39 -1.23 13.72
N SER G 357 42.12 -1.40 12.61
CA SER G 357 43.39 -2.11 12.59
C SER G 357 44.52 -1.33 13.22
N GLY G 358 44.32 -0.04 13.45
CA GLY G 358 45.33 0.77 14.12
C GLY G 358 45.20 0.75 15.62
N LEU G 359 44.40 -0.16 16.16
CA LEU G 359 44.21 -0.26 17.60
C LEU G 359 44.70 -1.58 18.15
N PHE G 360 44.24 -2.69 17.60
CA PHE G 360 44.40 -3.99 18.26
C PHE G 360 45.64 -4.71 17.74
N ASN G 361 46.76 -4.02 17.90
CA ASN G 361 48.07 -4.47 17.40
C ASN G 361 49.05 -4.37 18.55
N SER G 362 49.07 -5.38 19.41
CA SER G 362 49.93 -5.38 20.59
C SER G 362 50.02 -6.77 21.17
N THR G 363 51.13 -7.01 21.87
CA THR G 363 51.30 -8.13 22.77
C THR G 363 51.47 -7.58 24.18
N TRP G 364 51.40 -8.45 25.17
CA TRP G 364 51.47 -7.99 26.55
C TRP G 364 52.22 -9.01 27.40
N ILE G 365 53.20 -8.53 28.14
CA ILE G 365 54.06 -9.39 28.96
C ILE G 365 53.68 -9.21 30.42
N SER G 366 53.61 -10.33 31.13
CA SER G 366 53.22 -10.36 32.53
C SER G 366 54.47 -10.17 33.40
N ASN G 367 54.70 -8.93 33.84
CA ASN G 367 55.73 -8.65 34.82
C ASN G 367 55.39 -7.44 35.68
N ASN G 379 51.96 13.95 23.05
CA ASN G 379 50.75 14.36 22.35
C ASN G 379 50.82 13.92 20.90
N ASP G 380 50.36 12.70 20.63
CA ASP G 380 50.31 12.16 19.28
C ASP G 380 48.89 11.66 19.01
N SER G 381 48.62 11.29 17.77
CA SER G 381 47.28 10.92 17.36
C SER G 381 47.34 9.79 16.35
N ILE G 382 46.59 8.72 16.60
CA ILE G 382 46.51 7.63 15.64
C ILE G 382 45.47 7.97 14.59
N VAL G 383 45.90 8.05 13.34
CA VAL G 383 45.01 8.35 12.23
C VAL G 383 44.60 7.04 11.59
N LEU G 384 43.33 6.72 11.66
CA LEU G 384 42.92 5.52 10.97
C LEU G 384 41.99 5.87 9.82
N PRO G 385 42.13 5.19 8.69
CA PRO G 385 41.32 5.54 7.52
C PRO G 385 39.90 4.99 7.64
N CYS G 386 38.99 5.64 6.94
CA CYS G 386 37.59 5.25 6.93
C CYS G 386 37.06 5.39 5.51
N ARG G 387 35.99 4.63 5.21
CA ARG G 387 35.34 4.71 3.92
C ARG G 387 33.84 4.84 4.13
N ILE G 388 33.15 5.26 3.07
CA ILE G 388 31.72 5.57 3.14
C ILE G 388 31.00 4.78 2.05
N LYS G 389 29.73 4.50 2.28
CA LYS G 389 28.87 3.86 1.30
C LYS G 389 27.58 4.65 1.16
N GLN G 390 26.70 4.18 0.27
CA GLN G 390 25.39 4.80 0.10
C GLN G 390 24.25 3.81 -0.02
N ILE G 391 24.49 2.51 0.15
CA ILE G 391 23.44 1.50 0.11
C ILE G 391 23.64 0.53 1.26
N ILE G 392 22.61 0.36 2.08
CA ILE G 392 22.72 -0.30 3.37
C ILE G 392 21.68 -1.42 3.43
N ASN G 393 22.05 -2.53 4.08
CA ASN G 393 21.21 -3.70 4.29
C ASN G 393 21.08 -3.98 5.78
N MET G 394 20.66 -2.96 6.53
CA MET G 394 20.86 -2.93 7.97
C MET G 394 19.93 -3.90 8.70
N TRP G 395 20.45 -4.40 9.83
CA TRP G 395 19.89 -5.43 10.70
C TRP G 395 19.81 -6.79 10.03
N GLN G 396 20.80 -7.09 9.16
CA GLN G 396 21.04 -8.42 8.60
C GLN G 396 19.85 -8.96 7.81
N ARG G 397 19.01 -8.06 7.31
CA ARG G 397 17.84 -8.43 6.55
C ARG G 397 18.17 -8.45 5.07
N ILE G 398 17.56 -9.39 4.36
CA ILE G 398 17.64 -9.43 2.91
C ILE G 398 16.21 -9.28 2.39
N GLY G 399 15.99 -8.25 1.59
CA GLY G 399 14.65 -7.97 1.13
C GLY G 399 14.40 -6.47 1.16
N GLN G 400 15.24 -5.75 1.90
CA GLN G 400 15.10 -4.32 2.02
C GLN G 400 16.45 -3.68 1.73
N ALA G 401 16.40 -2.44 1.26
CA ALA G 401 17.60 -1.67 1.00
C ALA G 401 17.24 -0.19 1.03
N MET G 402 18.17 0.60 1.56
CA MET G 402 17.95 2.02 1.76
C MET G 402 19.03 2.80 1.06
N TYR G 403 18.64 3.86 0.35
CA TYR G 403 19.57 4.74 -0.33
C TYR G 403 19.65 6.05 0.42
N ALA G 404 20.77 6.33 0.96
CA ALA G 404 20.88 7.60 1.64
C ALA G 404 21.36 8.67 0.68
N PRO G 405 20.78 9.86 0.72
CA PRO G 405 21.25 10.93 -0.13
C PRO G 405 22.41 11.65 0.53
N PRO G 406 23.30 12.24 -0.26
CA PRO G 406 24.37 13.05 0.31
C PRO G 406 23.83 14.37 0.84
N ILE G 407 24.55 14.94 1.79
CA ILE G 407 24.16 16.17 2.46
C ILE G 407 25.28 17.18 2.28
N GLN G 408 24.91 18.43 1.99
CA GLN G 408 25.87 19.51 1.85
C GLN G 408 26.52 19.83 3.20
N GLY G 409 27.53 20.68 3.15
CA GLY G 409 28.18 21.13 4.36
C GLY G 409 29.19 20.14 4.88
N VAL G 410 30.01 20.62 5.80
CA VAL G 410 31.07 19.84 6.41
C VAL G 410 30.54 19.27 7.71
N ILE G 411 30.62 17.95 7.85
CA ILE G 411 30.11 17.27 9.04
C ILE G 411 31.26 17.05 10.01
N ARG G 412 30.94 17.03 11.29
CA ARG G 412 31.92 16.80 12.34
C ARG G 412 31.17 16.37 13.59
N CYS G 413 31.58 15.26 14.19
CA CYS G 413 30.90 14.78 15.38
C CYS G 413 31.91 14.19 16.36
N VAL G 414 31.63 14.40 17.65
CA VAL G 414 32.49 13.99 18.75
C VAL G 414 31.69 12.99 19.57
N SER G 415 32.36 11.99 20.14
CA SER G 415 31.63 11.00 20.92
C SER G 415 32.50 10.41 22.02
N ASN G 416 31.84 9.60 22.84
CA ASN G 416 32.41 8.91 23.98
C ASN G 416 32.51 7.44 23.61
N ILE G 417 33.71 6.90 23.51
CA ILE G 417 33.87 5.46 23.30
C ILE G 417 33.72 4.81 24.65
N THR G 418 32.75 3.92 24.77
CA THR G 418 32.52 3.27 26.06
C THR G 418 31.98 1.87 25.85
N GLY G 419 32.87 0.92 25.65
CA GLY G 419 32.44 -0.45 25.46
C GLY G 419 33.09 -1.19 24.33
N LEU G 420 33.66 -2.35 24.65
CA LEU G 420 34.37 -3.18 23.70
C LEU G 420 33.68 -4.53 23.60
N ILE G 421 33.65 -5.10 22.40
CA ILE G 421 33.20 -6.46 22.20
C ILE G 421 34.38 -7.25 21.62
N LEU G 422 34.53 -8.48 22.07
CA LEU G 422 35.70 -9.28 21.73
C LEU G 422 35.33 -10.74 21.49
N THR G 423 36.25 -11.46 20.86
CA THR G 423 36.05 -12.85 20.46
C THR G 423 37.36 -13.59 20.60
N ARG G 424 37.32 -14.80 21.16
CA ARG G 424 38.50 -15.62 21.33
C ARG G 424 38.86 -16.31 20.03
N ASP G 425 39.82 -17.23 20.14
CA ASP G 425 40.30 -18.00 18.99
C ASP G 425 40.33 -19.48 19.33
N GLY G 426 40.86 -20.30 18.41
CA GLY G 426 40.97 -21.72 18.67
C GLY G 426 42.20 -22.06 19.49
N GLY G 427 42.96 -23.05 19.06
CA GLY G 427 44.23 -23.34 19.68
C GLY G 427 44.31 -24.67 20.39
N SER G 428 44.73 -24.65 21.66
CA SER G 428 44.98 -25.87 22.42
C SER G 428 44.65 -25.56 23.88
N THR G 429 45.20 -26.38 24.78
CA THR G 429 44.99 -26.23 26.22
C THR G 429 45.69 -24.97 26.73
N ASN G 430 45.57 -24.75 28.05
CA ASN G 430 45.96 -23.48 28.67
C ASN G 430 47.48 -23.32 28.78
N SER G 431 48.17 -23.32 27.64
CA SER G 431 49.61 -23.09 27.62
C SER G 431 50.07 -22.13 26.53
N THR G 432 49.31 -21.98 25.45
CA THR G 432 49.83 -21.35 24.23
C THR G 432 49.40 -19.90 24.07
N THR G 433 49.08 -19.23 25.19
CA THR G 433 48.99 -17.76 25.30
C THR G 433 47.95 -17.17 24.34
N GLU G 434 46.68 -17.45 24.66
CA GLU G 434 45.54 -17.18 23.78
C GLU G 434 45.40 -15.69 23.44
N THR G 435 44.73 -15.43 22.32
CA THR G 435 44.65 -14.12 21.69
C THR G 435 43.20 -13.66 21.57
N PHE G 436 43.02 -12.46 21.02
CA PHE G 436 41.69 -11.88 20.87
C PHE G 436 41.62 -11.04 19.61
N ARG G 437 40.40 -10.85 19.11
CA ARG G 437 40.13 -10.01 17.95
C ARG G 437 38.66 -9.61 18.01
N PRO G 438 38.29 -8.45 17.45
CA PRO G 438 36.90 -7.99 17.54
C PRO G 438 36.05 -8.68 16.49
N GLY G 439 34.80 -8.22 16.39
CA GLY G 439 33.85 -8.86 15.50
C GLY G 439 32.40 -8.69 15.92
N GLY G 440 31.72 -9.81 16.13
CA GLY G 440 30.34 -9.79 16.60
C GLY G 440 29.30 -9.76 15.51
N GLY G 441 29.08 -8.60 14.90
CA GLY G 441 28.15 -8.51 13.78
C GLY G 441 26.68 -8.60 14.12
N ASP G 442 26.31 -8.98 15.34
CA ASP G 442 24.94 -8.95 15.77
C ASP G 442 24.67 -7.56 16.38
N MET G 443 23.41 -7.24 16.64
CA MET G 443 23.03 -5.98 17.25
C MET G 443 22.43 -6.14 18.63
N ARG G 444 21.84 -7.30 18.95
CA ARG G 444 21.03 -7.46 20.16
C ARG G 444 21.84 -7.30 21.43
N ASP G 445 23.12 -7.66 21.38
CA ASP G 445 23.98 -7.58 22.55
C ASP G 445 24.22 -6.15 22.99
N ASN G 446 24.18 -5.20 22.06
CA ASN G 446 24.33 -3.79 22.40
C ASN G 446 23.20 -3.35 23.32
N TRP G 447 22.02 -3.90 23.12
CA TRP G 447 20.92 -3.57 24.01
C TRP G 447 20.98 -4.41 25.26
N ARG G 448 21.58 -5.60 25.18
CA ARG G 448 21.88 -6.35 26.39
C ARG G 448 22.98 -5.70 27.19
N SER G 449 23.79 -4.86 26.53
CA SER G 449 24.89 -4.22 27.22
C SER G 449 24.41 -3.16 28.20
N GLU G 450 23.25 -2.57 27.97
CA GLU G 450 22.84 -1.44 28.79
C GLU G 450 21.48 -1.61 29.44
N LEU G 451 20.83 -2.76 29.31
CA LEU G 451 19.66 -3.07 30.11
C LEU G 451 19.93 -4.27 31.00
N TYR G 452 21.16 -4.37 31.48
CA TYR G 452 21.60 -5.50 32.27
C TYR G 452 20.92 -5.56 33.64
N LYS G 453 20.43 -4.45 34.16
CA LYS G 453 20.02 -4.38 35.55
C LYS G 453 18.53 -4.12 35.68
N TYR G 454 17.72 -4.72 34.81
CA TYR G 454 16.29 -4.51 34.89
C TYR G 454 15.57 -5.81 34.60
N LYS G 455 14.44 -6.01 35.28
CA LYS G 455 13.57 -7.15 35.01
C LYS G 455 12.16 -6.80 35.45
N VAL G 456 11.21 -7.45 34.84
CA VAL G 456 9.80 -7.16 35.07
C VAL G 456 9.26 -8.12 36.11
N VAL G 457 8.17 -7.71 36.77
CA VAL G 457 7.54 -8.53 37.79
C VAL G 457 6.10 -8.04 37.95
N LYS G 458 5.25 -8.91 38.51
CA LYS G 458 3.84 -8.61 38.68
C LYS G 458 3.45 -8.70 40.15
N ILE G 459 2.77 -7.65 40.62
CA ILE G 459 2.16 -7.66 41.93
C ILE G 459 0.89 -8.49 41.90
N GLU G 460 0.69 -9.30 42.93
CA GLU G 460 -0.64 -9.83 43.23
C GLU G 460 -0.96 -9.48 44.68
N PRO G 461 -2.09 -8.86 44.92
CA PRO G 461 -2.32 -8.22 46.22
C PRO G 461 -2.99 -9.11 47.24
N LEU G 462 -3.58 -10.19 46.79
CA LEU G 462 -4.49 -10.96 47.63
C LEU G 462 -3.73 -11.88 48.57
N GLY G 463 -4.16 -11.90 49.83
CA GLY G 463 -3.55 -12.77 50.81
C GLY G 463 -4.55 -13.17 51.86
N VAL G 464 -4.24 -14.26 52.57
CA VAL G 464 -5.14 -14.81 53.56
C VAL G 464 -4.30 -15.48 54.64
N ALA G 465 -4.72 -15.31 55.89
CA ALA G 465 -3.95 -15.76 57.04
C ALA G 465 -4.89 -15.89 58.22
N PRO G 466 -4.56 -16.71 59.21
CA PRO G 466 -5.40 -16.78 60.40
C PRO G 466 -5.08 -15.70 61.41
N THR G 467 -6.14 -15.02 61.84
CA THR G 467 -6.09 -14.04 62.92
C THR G 467 -6.47 -14.72 64.22
N ARG G 468 -6.65 -13.92 65.26
CA ARG G 468 -7.08 -14.50 66.52
C ARG G 468 -8.58 -14.61 66.61
N CYS G 469 -9.31 -13.56 66.27
CA CYS G 469 -10.68 -13.44 66.76
C CYS G 469 -11.71 -13.44 65.64
N LYS G 470 -12.95 -13.21 66.04
CA LYS G 470 -14.16 -13.63 65.36
C LYS G 470 -14.87 -12.41 64.76
N ARG G 471 -16.04 -12.64 64.20
CA ARG G 471 -16.83 -11.58 63.57
C ARG G 471 -18.23 -11.54 64.17
N ARG G 472 -18.70 -10.33 64.44
CA ARG G 472 -20.06 -10.10 64.91
C ARG G 472 -21.06 -10.42 63.80
N VAL G 473 -22.33 -10.48 64.19
CA VAL G 473 -23.39 -10.74 63.24
C VAL G 473 -24.20 -9.47 62.99
N GLU H 1 42.03 27.54 -23.57
CA GLU H 1 41.74 28.35 -24.75
C GLU H 1 42.73 29.49 -24.84
N VAL H 2 42.98 30.15 -23.71
CA VAL H 2 44.02 31.15 -23.67
C VAL H 2 45.34 30.47 -23.32
N GLN H 3 46.37 30.77 -24.11
CA GLN H 3 47.70 30.23 -23.83
C GLN H 3 48.31 30.93 -22.63
N LEU H 4 49.51 30.50 -22.26
CA LEU H 4 50.13 30.93 -21.02
C LEU H 4 51.39 31.71 -21.35
N GLN H 5 51.42 32.99 -20.95
CA GLN H 5 52.60 33.81 -21.06
C GLN H 5 53.71 33.29 -20.15
N GLU H 6 54.91 33.18 -20.70
CA GLU H 6 56.04 32.68 -19.93
C GLU H 6 57.19 33.67 -20.03
N SER H 7 58.21 33.45 -19.20
CA SER H 7 59.36 34.35 -19.14
C SER H 7 60.58 33.58 -18.67
N GLY H 8 61.58 33.47 -19.54
CA GLY H 8 62.79 32.74 -19.19
C GLY H 8 64.05 33.32 -19.80
N GLY H 9 65.02 33.64 -18.95
CA GLY H 9 66.29 34.19 -19.37
C GLY H 9 67.44 33.41 -18.76
N ASP H 10 67.26 32.09 -18.72
CA ASP H 10 68.10 31.19 -17.94
C ASP H 10 69.46 31.04 -18.59
N LEU H 11 70.43 31.84 -18.16
CA LEU H 11 71.76 31.82 -18.75
C LEU H 11 72.84 31.86 -17.66
N VAL H 12 72.70 31.06 -16.61
CA VAL H 12 73.50 31.23 -15.40
C VAL H 12 74.31 29.96 -15.11
N LYS H 13 75.60 30.13 -14.85
CA LYS H 13 76.52 29.08 -14.45
C LYS H 13 76.09 28.65 -13.03
N PRO H 14 76.46 27.41 -12.56
CA PRO H 14 75.43 26.47 -12.10
C PRO H 14 74.54 26.87 -10.92
N GLY H 15 74.80 28.03 -10.29
CA GLY H 15 73.95 28.51 -9.23
C GLY H 15 72.55 28.83 -9.69
N GLY H 16 71.58 28.05 -9.23
CA GLY H 16 70.23 28.15 -9.76
C GLY H 16 69.35 29.21 -9.16
N SER H 17 69.91 30.39 -8.87
CA SER H 17 69.12 31.54 -8.47
C SER H 17 68.40 32.06 -9.72
N LEU H 18 67.30 31.40 -10.06
CA LEU H 18 66.67 31.54 -11.37
C LEU H 18 65.18 31.34 -11.23
N LYS H 19 64.44 32.45 -11.20
CA LYS H 19 63.00 32.40 -11.08
C LYS H 19 62.38 32.31 -12.47
N LEU H 20 61.33 31.50 -12.59
CA LEU H 20 60.55 31.42 -13.82
C LEU H 20 59.08 31.44 -13.44
N SER H 21 58.30 32.25 -14.16
CA SER H 21 56.89 32.47 -13.82
C SER H 21 55.98 32.09 -14.97
N CYS H 22 54.79 31.61 -14.62
CA CYS H 22 53.73 31.27 -15.54
C CYS H 22 52.78 32.46 -15.71
N ALA H 23 51.59 32.20 -16.23
CA ALA H 23 50.59 33.26 -16.38
C ALA H 23 49.20 32.78 -15.99
N ALA H 24 48.19 33.54 -16.40
CA ALA H 24 46.79 33.16 -16.26
C ALA H 24 46.18 32.91 -17.63
N SER H 25 44.88 32.65 -17.64
CA SER H 25 44.17 32.42 -18.88
C SER H 25 42.75 32.96 -18.76
N GLY H 26 41.91 32.65 -19.73
CA GLY H 26 40.51 33.02 -19.67
C GLY H 26 39.64 32.04 -18.91
N PHE H 27 40.13 30.83 -18.69
CA PHE H 27 39.40 29.85 -17.93
C PHE H 27 39.62 30.05 -16.44
N THR H 28 38.90 29.30 -15.63
CA THR H 28 39.08 29.39 -14.19
C THR H 28 40.42 28.80 -13.79
N PHE H 29 41.03 29.39 -12.78
CA PHE H 29 42.36 29.00 -12.35
C PHE H 29 42.35 27.93 -11.29
N SER H 30 41.32 27.91 -10.45
CA SER H 30 41.20 26.89 -9.42
C SER H 30 40.67 25.61 -10.04
N ARG H 31 40.27 24.66 -9.18
CA ARG H 31 39.65 23.36 -9.47
C ARG H 31 40.28 22.57 -10.62
N TYR H 32 41.57 22.74 -10.85
CA TYR H 32 42.31 22.01 -11.87
C TYR H 32 43.73 21.78 -11.38
N GLY H 33 44.57 21.24 -12.26
CA GLY H 33 45.95 20.98 -11.92
C GLY H 33 46.85 21.22 -13.11
N MET H 34 48.10 21.53 -12.82
CA MET H 34 49.07 21.88 -13.85
C MET H 34 50.30 21.01 -13.74
N SER H 35 51.18 21.15 -14.73
CA SER H 35 52.42 20.39 -14.80
C SER H 35 53.45 21.20 -15.58
N TRP H 36 54.64 20.63 -15.74
CA TRP H 36 55.76 21.30 -16.37
C TRP H 36 56.55 20.29 -17.19
N VAL H 37 56.80 20.60 -18.46
CA VAL H 37 57.62 19.78 -19.34
C VAL H 37 58.64 20.69 -20.00
N ARG H 38 59.91 20.28 -19.96
CA ARG H 38 61.05 20.94 -20.55
C ARG H 38 61.27 20.44 -21.97
N GLN H 39 62.43 20.73 -22.56
CA GLN H 39 62.73 20.30 -23.91
C GLN H 39 64.19 19.88 -23.95
N THR H 40 64.43 18.62 -24.24
CA THR H 40 65.77 18.12 -24.50
C THR H 40 65.82 17.75 -25.97
N PRO H 41 67.00 17.64 -26.57
CA PRO H 41 67.03 17.12 -27.94
C PRO H 41 66.66 15.64 -28.00
N ASP H 42 65.39 15.41 -28.33
CA ASP H 42 64.85 14.13 -28.78
C ASP H 42 64.98 13.03 -27.72
N LYS H 43 64.85 13.36 -26.45
CA LYS H 43 64.86 12.32 -25.41
C LYS H 43 63.76 12.62 -24.40
N ARG H 44 62.55 12.86 -24.91
CA ARG H 44 61.27 12.69 -24.23
C ARG H 44 61.00 13.72 -23.12
N LEU H 45 61.97 14.57 -22.82
CA LEU H 45 61.89 16.00 -22.52
C LEU H 45 61.52 16.60 -21.17
N GLU H 46 60.69 15.97 -20.29
CA GLU H 46 60.61 16.13 -18.81
C GLU H 46 59.35 15.42 -18.31
N TRP H 47 59.27 15.12 -17.01
CA TRP H 47 58.01 14.78 -16.34
C TRP H 47 57.97 15.45 -14.97
N VAL H 48 57.50 16.70 -14.92
CA VAL H 48 57.33 17.39 -13.66
C VAL H 48 55.87 17.82 -13.57
N ALA H 49 55.11 17.17 -12.71
CA ALA H 49 53.73 17.50 -12.44
C ALA H 49 53.62 18.29 -11.14
N THR H 50 52.48 18.94 -10.97
CA THR H 50 52.20 19.77 -9.81
C THR H 50 50.83 19.37 -9.29
N ILE H 51 50.27 20.20 -8.41
CA ILE H 51 49.10 19.84 -7.63
C ILE H 51 47.88 20.67 -8.01
N SER H 52 46.75 20.32 -7.40
CA SER H 52 45.57 21.17 -7.35
C SER H 52 45.73 22.15 -6.20
N SER H 53 44.63 22.74 -5.76
CA SER H 53 44.66 23.69 -4.66
C SER H 53 45.04 22.99 -3.35
N GLY H 54 46.28 23.23 -2.90
CA GLY H 54 46.77 22.65 -1.66
C GLY H 54 47.01 21.16 -1.72
N GLY H 55 47.35 20.64 -2.90
CA GLY H 55 47.51 19.20 -3.07
C GLY H 55 48.77 18.65 -2.44
N SER H 56 48.83 17.33 -2.43
CA SER H 56 49.86 16.61 -1.67
C SER H 56 51.01 16.14 -2.57
N TYR H 57 51.64 17.09 -3.25
CA TYR H 57 52.92 16.87 -3.92
C TYR H 57 53.69 18.17 -3.94
N THR H 58 55.02 18.05 -3.93
CA THR H 58 55.87 19.21 -4.16
C THR H 58 56.93 18.85 -5.20
N TYR H 59 57.42 17.61 -5.18
CA TYR H 59 58.23 17.10 -6.26
C TYR H 59 57.45 16.00 -6.97
N TYR H 60 57.37 16.11 -8.27
CA TYR H 60 56.82 14.93 -8.91
C TYR H 60 57.87 13.86 -9.22
N PRO H 61 59.01 14.14 -9.90
CA PRO H 61 59.88 13.01 -10.24
C PRO H 61 60.98 12.81 -9.22
N ASP H 62 61.79 11.77 -9.42
CA ASP H 62 63.07 11.68 -8.76
C ASP H 62 64.08 12.50 -9.58
N SER H 63 65.31 12.59 -9.06
CA SER H 63 66.46 13.25 -9.69
C SER H 63 66.21 14.74 -9.93
N VAL H 64 65.38 15.35 -9.09
CA VAL H 64 65.14 16.78 -9.12
C VAL H 64 65.21 17.23 -7.67
N LYS H 65 65.60 16.29 -6.81
CA LYS H 65 65.47 16.39 -5.36
C LYS H 65 66.26 17.55 -4.78
N GLY H 66 65.61 18.32 -3.91
CA GLY H 66 66.20 19.52 -3.37
C GLY H 66 66.31 20.67 -4.33
N ARG H 67 65.70 20.58 -5.52
CA ARG H 67 65.91 21.59 -6.54
C ARG H 67 64.61 22.06 -7.20
N PHE H 68 63.46 21.56 -6.75
CA PHE H 68 62.22 21.65 -7.51
C PHE H 68 61.38 22.87 -7.16
N THR H 69 60.87 22.96 -5.93
CA THR H 69 60.21 24.12 -5.32
C THR H 69 59.13 24.75 -6.22
N ILE H 70 58.06 24.00 -6.46
CA ILE H 70 56.90 24.52 -7.17
C ILE H 70 55.97 25.18 -6.15
N SER H 71 55.39 26.31 -6.54
CA SER H 71 54.37 26.97 -5.74
C SER H 71 53.16 27.26 -6.62
N ARG H 72 52.15 27.90 -6.01
CA ARG H 72 50.92 28.20 -6.70
C ARG H 72 50.22 29.33 -5.96
N ASP H 73 49.67 30.27 -6.70
CA ASP H 73 48.94 31.40 -6.13
C ASP H 73 47.54 31.48 -6.72
N ASN H 74 46.54 31.31 -5.87
CA ASN H 74 45.16 31.38 -6.33
C ASN H 74 44.70 32.84 -6.48
N ALA H 75 45.39 33.77 -5.83
CA ALA H 75 44.93 35.15 -5.79
C ALA H 75 45.06 35.83 -7.15
N LYS H 76 46.29 35.99 -7.62
CA LYS H 76 46.53 36.57 -8.94
C LYS H 76 46.48 35.54 -10.05
N ASN H 77 46.06 34.31 -9.74
CA ASN H 77 45.71 33.27 -10.70
C ASN H 77 46.90 32.86 -11.56
N THR H 78 48.08 32.79 -10.93
CA THR H 78 49.32 32.61 -11.66
C THR H 78 50.35 31.98 -10.73
N LEU H 79 50.99 30.92 -11.18
CA LEU H 79 51.99 30.20 -10.41
C LEU H 79 53.38 30.50 -10.95
N TYR H 80 54.38 29.92 -10.29
CA TYR H 80 55.79 30.08 -10.65
C TYR H 80 56.60 29.00 -9.94
N LEU H 81 57.86 28.86 -10.34
CA LEU H 81 58.75 27.93 -9.69
C LEU H 81 60.17 28.49 -9.62
N GLN H 82 61.00 27.82 -8.84
CA GLN H 82 62.40 28.16 -8.62
C GLN H 82 63.25 26.91 -8.69
N MET H 83 64.26 26.91 -9.55
CA MET H 83 65.10 25.73 -9.74
C MET H 83 66.50 26.05 -9.25
N SER H 84 66.74 25.81 -7.96
CA SER H 84 68.00 26.15 -7.32
C SER H 84 69.06 25.09 -7.60
N SER H 85 70.31 25.56 -7.64
CA SER H 85 71.53 24.75 -7.75
C SER H 85 71.51 23.86 -9.00
N LEU H 86 71.54 24.52 -10.15
CA LEU H 86 71.30 23.82 -11.41
C LEU H 86 72.47 22.94 -11.80
N LYS H 87 72.15 21.73 -12.25
CA LYS H 87 73.09 20.74 -12.73
C LYS H 87 73.30 20.95 -14.23
N SER H 88 74.31 20.28 -14.80
CA SER H 88 74.43 20.12 -16.24
C SER H 88 73.43 19.09 -16.75
N GLU H 89 73.59 18.72 -18.03
CA GLU H 89 72.61 17.95 -18.81
C GLU H 89 71.24 18.60 -18.73
N ASP H 90 71.21 19.93 -18.80
CA ASP H 90 70.00 20.70 -18.52
C ASP H 90 69.92 21.89 -19.47
N THR H 91 68.85 21.93 -20.27
CA THR H 91 68.66 23.06 -21.18
C THR H 91 67.99 24.22 -20.46
N ALA H 92 66.73 24.03 -20.06
CA ALA H 92 65.86 25.07 -19.51
C ALA H 92 64.54 24.40 -19.11
N MET H 93 63.64 25.18 -18.51
CA MET H 93 62.25 24.80 -18.36
C MET H 93 61.47 25.39 -19.54
N TYR H 94 60.56 24.61 -20.11
CA TYR H 94 59.94 25.04 -21.37
C TYR H 94 58.44 25.28 -21.28
N TYR H 95 57.64 24.28 -20.93
CA TYR H 95 56.21 24.32 -21.20
C TYR H 95 55.38 24.35 -19.94
N CYS H 96 54.15 24.83 -20.08
CA CYS H 96 53.11 24.71 -19.08
C CYS H 96 51.93 24.00 -19.70
N ALA H 97 51.17 23.29 -18.87
CA ALA H 97 50.06 22.50 -19.38
C ALA H 97 49.03 22.29 -18.28
N ARG H 98 47.87 21.82 -18.70
CA ARG H 98 46.72 21.67 -17.81
C ARG H 98 46.24 20.22 -17.80
N HIS H 99 45.84 19.76 -16.61
CA HIS H 99 45.42 18.38 -16.45
C HIS H 99 44.04 18.15 -17.02
N GLY H 100 43.06 18.92 -16.57
CA GLY H 100 41.71 18.76 -17.05
C GLY H 100 41.00 17.58 -16.42
N ILE H 101 39.71 17.47 -16.73
CA ILE H 101 38.86 16.42 -16.18
C ILE H 101 38.38 15.55 -17.32
N THR H 102 37.55 14.55 -17.00
CA THR H 102 36.94 13.59 -17.92
C THR H 102 37.95 12.79 -18.71
N THR H 103 39.18 12.70 -18.24
CA THR H 103 40.17 11.78 -18.73
C THR H 103 40.26 10.62 -17.76
N VAL H 104 41.25 9.76 -17.91
CA VAL H 104 41.35 8.64 -16.99
C VAL H 104 42.57 8.81 -16.08
N GLY H 105 43.77 8.77 -16.66
CA GLY H 105 44.95 8.86 -15.81
C GLY H 105 45.43 10.27 -15.57
N VAL H 106 45.90 10.92 -16.64
CA VAL H 106 46.24 12.34 -16.69
C VAL H 106 46.46 12.68 -18.15
N ALA H 107 46.26 13.94 -18.52
CA ALA H 107 46.50 14.38 -19.89
C ALA H 107 46.82 15.87 -19.87
N MET H 108 47.52 16.33 -20.90
CA MET H 108 47.93 17.73 -20.98
C MET H 108 47.11 18.39 -22.09
N ASP H 109 45.86 18.77 -21.75
CA ASP H 109 44.89 19.12 -22.80
C ASP H 109 45.18 20.46 -23.46
N TYR H 110 45.99 21.30 -22.85
CA TYR H 110 46.40 22.55 -23.47
C TYR H 110 47.87 22.78 -23.20
N TRP H 111 48.46 23.69 -23.96
CA TRP H 111 49.90 23.94 -23.92
C TRP H 111 50.13 25.43 -24.08
N GLY H 112 50.71 26.05 -23.07
CA GLY H 112 50.88 27.49 -23.09
C GLY H 112 51.92 27.99 -24.08
N GLN H 113 53.21 27.74 -23.79
CA GLN H 113 54.31 28.28 -24.57
C GLN H 113 55.59 27.60 -24.12
N GLY H 114 56.48 27.34 -25.07
CA GLY H 114 57.81 26.82 -24.79
C GLY H 114 58.85 27.92 -24.87
N THR H 115 59.76 27.93 -23.91
CA THR H 115 60.79 28.97 -23.81
C THR H 115 62.17 28.32 -23.76
N TYR H 116 63.05 28.72 -24.68
CA TYR H 116 64.39 28.16 -24.74
C TYR H 116 65.40 29.14 -24.17
N SER H 117 66.22 28.64 -23.24
CA SER H 117 67.23 29.47 -22.58
C SER H 117 68.38 28.59 -22.10
N HIS H 118 69.44 28.51 -22.91
CA HIS H 118 70.62 27.72 -22.55
C HIS H 118 71.39 28.41 -21.43
N VAL H 119 71.83 27.61 -20.47
CA VAL H 119 72.17 28.10 -19.14
C VAL H 119 73.67 28.25 -18.95
N SER H 120 74.48 27.45 -19.64
CA SER H 120 75.88 27.32 -19.29
C SER H 120 76.78 28.17 -20.19
N SER H 121 77.75 28.83 -19.55
CA SER H 121 78.96 29.36 -20.19
C SER H 121 78.65 30.46 -21.22
N ALA H 122 78.11 31.56 -20.72
CA ALA H 122 77.84 32.72 -21.54
C ALA H 122 79.13 33.41 -21.98
N ALA I 1 -46.79 -6.47 57.55
CA ALA I 1 -46.60 -7.92 57.64
C ALA I 1 -47.49 -8.63 56.62
N GLU I 2 -48.78 -8.38 56.70
CA GLU I 2 -49.67 -8.91 55.67
C GLU I 2 -49.46 -8.17 54.36
N ASN I 3 -49.05 -6.90 54.44
CA ASN I 3 -48.49 -6.26 53.26
C ASN I 3 -47.19 -6.93 52.87
N LEU I 4 -46.97 -7.02 51.57
CA LEU I 4 -45.78 -7.66 51.04
C LEU I 4 -44.87 -6.59 50.49
N TRP I 5 -43.58 -6.73 50.71
CA TRP I 5 -42.67 -5.72 50.20
C TRP I 5 -41.80 -6.32 49.12
N VAL I 6 -41.10 -5.45 48.41
CA VAL I 6 -40.32 -5.83 47.24
C VAL I 6 -38.89 -6.07 47.68
N THR I 7 -38.18 -6.87 46.91
CA THR I 7 -36.75 -7.00 47.10
C THR I 7 -36.11 -7.21 45.74
N VAL I 8 -34.79 -7.07 45.70
CA VAL I 8 -34.03 -7.18 44.47
C VAL I 8 -33.09 -8.36 44.58
N TYR I 9 -33.04 -9.16 43.52
CA TYR I 9 -32.11 -10.27 43.42
C TYR I 9 -31.11 -9.95 42.31
N TYR I 10 -29.92 -10.51 42.43
CA TYR I 10 -28.88 -10.30 41.43
C TYR I 10 -28.39 -11.64 40.91
N GLY I 11 -28.25 -11.74 39.59
CA GLY I 11 -27.70 -12.95 39.01
C GLY I 11 -28.65 -14.12 39.02
N VAL I 12 -29.74 -14.01 38.30
CA VAL I 12 -30.72 -15.09 38.16
C VAL I 12 -30.78 -15.49 36.69
N PRO I 13 -30.74 -16.77 36.36
CA PRO I 13 -30.64 -17.15 34.94
C PRO I 13 -31.89 -16.93 34.13
N VAL I 14 -31.85 -15.91 33.28
CA VAL I 14 -32.77 -15.72 32.16
C VAL I 14 -31.95 -15.27 30.97
N TRP I 15 -32.51 -15.45 29.77
CA TRP I 15 -31.82 -15.00 28.57
C TRP I 15 -32.82 -14.57 27.51
N LYS I 16 -32.43 -13.54 26.76
CA LYS I 16 -33.15 -13.12 25.57
C LYS I 16 -32.11 -12.85 24.50
N ASP I 17 -32.37 -13.32 23.28
CA ASP I 17 -31.34 -13.41 22.27
C ASP I 17 -30.99 -12.05 21.68
N ALA I 18 -29.77 -11.97 21.15
CA ALA I 18 -29.24 -10.80 20.47
C ALA I 18 -28.11 -11.27 19.57
N GLU I 19 -27.26 -10.35 19.13
CA GLU I 19 -26.08 -10.71 18.36
C GLU I 19 -24.95 -9.75 18.64
N THR I 20 -23.73 -10.29 18.72
CA THR I 20 -22.50 -9.50 18.83
C THR I 20 -21.44 -10.18 17.97
N THR I 21 -20.20 -9.75 18.16
CA THR I 21 -19.07 -10.34 17.47
C THR I 21 -18.60 -11.57 18.21
N LEU I 22 -17.59 -12.23 17.65
CA LEU I 22 -17.05 -13.46 18.21
C LEU I 22 -15.52 -13.40 18.18
N PHE I 23 -14.89 -14.48 18.61
CA PHE I 23 -13.45 -14.64 18.47
C PHE I 23 -13.12 -16.12 18.34
N CYS I 24 -11.96 -16.40 17.78
CA CYS I 24 -11.53 -17.75 17.48
C CYS I 24 -10.37 -18.16 18.39
N ALA I 25 -10.21 -19.46 18.60
CA ALA I 25 -9.20 -19.98 19.52
C ALA I 25 -8.96 -21.45 19.21
N SER I 26 -7.76 -21.79 18.74
CA SER I 26 -7.40 -23.18 18.51
C SER I 26 -5.90 -23.33 18.40
N ASP I 27 -5.31 -24.10 19.32
CA ASP I 27 -3.95 -24.61 19.20
C ASP I 27 -3.76 -25.72 20.24
N ALA I 28 -3.09 -26.75 19.82
CA ALA I 28 -2.40 -27.62 20.77
C ALA I 28 -0.96 -27.88 20.37
N LYS I 29 -0.71 -28.06 19.07
CA LYS I 29 0.60 -28.39 18.54
C LYS I 29 0.98 -27.59 17.30
N ALA I 30 0.01 -27.07 16.55
CA ALA I 30 0.20 -26.69 15.14
C ALA I 30 1.10 -25.47 14.96
N TYR I 31 1.42 -24.72 16.02
CA TYR I 31 2.37 -23.63 15.86
C TYR I 31 3.80 -24.11 15.91
N GLU I 32 4.04 -25.30 16.48
CA GLU I 32 5.40 -25.80 16.59
C GLU I 32 5.88 -26.41 15.28
N THR I 33 4.99 -27.04 14.53
CA THR I 33 5.36 -27.53 13.21
C THR I 33 5.27 -26.42 12.15
N GLU I 34 4.07 -25.93 11.87
CA GLU I 34 3.74 -24.64 11.24
C GLU I 34 4.14 -24.53 9.77
N LYS I 35 5.03 -25.41 9.29
CA LYS I 35 5.79 -25.29 8.05
C LYS I 35 6.34 -23.86 7.87
N HIS I 36 6.79 -23.28 8.99
CA HIS I 36 7.37 -21.94 9.16
C HIS I 36 6.34 -20.80 8.99
N ASN I 37 5.18 -21.11 8.40
CA ASN I 37 4.16 -20.18 7.96
C ASN I 37 2.93 -20.95 7.54
N VAL I 38 1.75 -20.43 7.85
CA VAL I 38 0.49 -21.03 7.42
C VAL I 38 -0.47 -19.88 7.14
N TRP I 39 -1.56 -20.17 6.44
CA TRP I 39 -2.61 -19.17 6.27
C TRP I 39 -3.20 -18.84 7.62
N ALA I 40 -3.49 -17.55 7.81
CA ALA I 40 -3.21 -16.88 9.08
C ALA I 40 -4.13 -17.36 10.19
N THR I 41 -3.65 -18.39 10.89
CA THR I 41 -4.01 -18.68 12.26
C THR I 41 -2.70 -18.44 12.99
N HIS I 42 -2.57 -17.27 13.61
CA HIS I 42 -1.24 -16.83 14.00
C HIS I 42 -1.05 -16.76 15.51
N ALA I 43 -1.89 -16.00 16.22
CA ALA I 43 -1.81 -15.97 17.67
C ALA I 43 -3.07 -16.55 18.30
N CYS I 44 -4.22 -15.93 18.07
CA CYS I 44 -5.55 -16.51 18.21
C CYS I 44 -5.91 -17.00 19.60
N VAL I 45 -5.11 -16.70 20.63
CA VAL I 45 -5.35 -17.04 22.04
C VAL I 45 -5.60 -18.53 22.24
N PRO I 46 -4.54 -19.34 22.32
CA PRO I 46 -4.68 -20.81 22.24
C PRO I 46 -5.62 -21.41 23.29
N THR I 47 -6.29 -22.48 22.89
CA THR I 47 -7.45 -22.99 23.58
C THR I 47 -7.08 -23.66 24.90
N ASP I 48 -8.10 -24.09 25.61
CA ASP I 48 -8.25 -24.74 26.90
C ASP I 48 -8.19 -26.25 26.72
N PRO I 49 -7.59 -26.97 27.68
CA PRO I 49 -7.54 -28.44 27.58
C PRO I 49 -8.90 -29.10 27.71
N ASN I 50 -9.65 -28.76 28.76
CA ASN I 50 -10.88 -29.48 29.07
C ASN I 50 -12.07 -28.54 28.97
N PRO I 51 -12.81 -28.56 27.86
CA PRO I 51 -13.94 -27.64 27.69
C PRO I 51 -15.09 -28.00 28.61
N GLN I 52 -15.98 -27.04 28.80
CA GLN I 52 -17.04 -27.14 29.78
C GLN I 52 -18.38 -27.34 29.07
N GLU I 53 -19.20 -28.23 29.63
CA GLU I 53 -20.49 -28.56 29.03
C GLU I 53 -21.46 -28.90 30.15
N ILE I 54 -22.55 -28.14 30.26
CA ILE I 54 -23.53 -28.34 31.31
C ILE I 54 -24.83 -28.77 30.67
N HIS I 55 -25.31 -29.96 31.05
CA HIS I 55 -26.61 -30.42 30.60
C HIS I 55 -27.72 -29.64 31.31
N LEU I 56 -28.78 -29.37 30.57
CA LEU I 56 -29.90 -28.61 31.09
C LEU I 56 -31.11 -29.52 31.29
N GLU I 57 -32.09 -28.99 32.04
CA GLU I 57 -33.16 -29.79 32.62
C GLU I 57 -34.46 -29.01 32.57
N ASN I 58 -35.51 -29.68 32.09
CA ASN I 58 -36.88 -29.17 32.04
C ASN I 58 -37.00 -27.87 31.23
N VAL I 59 -36.25 -27.81 30.12
CA VAL I 59 -36.16 -26.59 29.32
C VAL I 59 -36.45 -26.92 27.86
N THR I 60 -37.35 -26.17 27.25
CA THR I 60 -37.51 -26.16 25.79
C THR I 60 -37.11 -24.82 25.22
N GLU I 61 -37.02 -24.76 23.90
CA GLU I 61 -36.55 -23.58 23.18
C GLU I 61 -36.86 -23.72 21.70
N GLU I 62 -37.30 -22.63 21.06
CA GLU I 62 -37.46 -22.66 19.61
C GLU I 62 -36.09 -22.54 18.96
N PHE I 63 -35.94 -23.18 17.80
CA PHE I 63 -34.66 -23.17 17.08
C PHE I 63 -34.90 -22.96 15.60
N ASN I 64 -34.12 -22.09 15.01
CA ASN I 64 -34.25 -21.81 13.60
C ASN I 64 -32.86 -21.60 13.04
N MET I 65 -32.47 -22.42 12.08
CA MET I 65 -31.30 -22.11 11.29
C MET I 65 -31.74 -21.17 10.16
N TRP I 66 -30.86 -20.94 9.18
CA TRP I 66 -31.08 -20.10 8.00
C TRP I 66 -31.27 -18.62 8.32
N LYS I 67 -31.30 -18.25 9.60
CA LYS I 67 -31.37 -16.87 10.04
C LYS I 67 -30.29 -16.60 11.06
N ASN I 68 -29.42 -17.56 11.35
CA ASN I 68 -28.34 -17.38 12.29
C ASN I 68 -27.38 -16.32 11.77
N ASN I 69 -26.89 -15.49 12.69
CA ASN I 69 -26.01 -14.42 12.28
C ASN I 69 -24.58 -14.89 12.11
N MET I 70 -24.20 -15.98 12.78
CA MET I 70 -22.78 -16.30 12.82
C MET I 70 -22.30 -16.97 11.55
N VAL I 71 -23.21 -17.35 10.65
CA VAL I 71 -22.74 -17.85 9.37
C VAL I 71 -22.15 -16.73 8.54
N GLU I 72 -22.67 -15.52 8.67
CA GLU I 72 -22.08 -14.42 7.92
C GLU I 72 -20.79 -13.95 8.55
N GLN I 73 -20.66 -14.09 9.87
CA GLN I 73 -19.41 -13.70 10.50
C GLN I 73 -18.31 -14.70 10.17
N MET I 74 -18.66 -15.97 9.94
CA MET I 74 -17.70 -16.87 9.35
C MET I 74 -17.48 -16.54 7.87
N HIS I 75 -18.47 -15.93 7.23
CA HIS I 75 -18.28 -15.59 5.83
C HIS I 75 -17.41 -14.37 5.68
N GLU I 76 -17.56 -13.40 6.57
CA GLU I 76 -16.90 -12.11 6.37
C GLU I 76 -15.43 -12.17 6.73
N ASP I 77 -15.07 -12.95 7.74
CA ASP I 77 -13.68 -12.87 8.20
C ASP I 77 -12.75 -13.69 7.31
N ILE I 78 -13.25 -14.78 6.73
CA ILE I 78 -12.43 -15.60 5.85
C ILE I 78 -12.08 -14.83 4.58
N ILE I 79 -13.01 -14.01 4.10
CA ILE I 79 -12.71 -13.09 3.01
C ILE I 79 -11.63 -12.11 3.44
N SER I 80 -11.77 -11.55 4.64
CA SER I 80 -10.75 -10.63 5.12
C SER I 80 -9.49 -11.36 5.52
N LEU I 81 -9.58 -12.66 5.79
CA LEU I 81 -8.36 -13.40 6.07
C LEU I 81 -7.61 -13.74 4.80
N TRP I 82 -8.35 -14.03 3.72
CA TRP I 82 -7.75 -14.59 2.52
C TRP I 82 -6.89 -13.56 1.80
N ASP I 83 -7.43 -12.37 1.58
CA ASP I 83 -6.67 -11.32 0.91
C ASP I 83 -5.53 -10.79 1.76
N GLN I 84 -5.71 -10.75 3.08
CA GLN I 84 -4.67 -10.22 3.96
C GLN I 84 -3.48 -11.16 4.00
N SER I 85 -3.71 -12.45 3.85
CA SER I 85 -2.61 -13.39 3.73
C SER I 85 -1.96 -13.32 2.36
N LEU I 86 -2.66 -12.77 1.38
CA LEU I 86 -2.19 -12.83 0.01
C LEU I 86 -1.56 -11.52 -0.44
N LYS I 87 -1.95 -10.41 0.18
CA LYS I 87 -1.54 -9.10 -0.28
C LYS I 87 -0.03 -8.82 -0.17
N PRO I 88 0.62 -8.89 0.99
CA PRO I 88 1.99 -8.35 1.09
C PRO I 88 3.07 -9.22 0.45
N CYS I 89 2.72 -10.33 -0.19
CA CYS I 89 3.71 -11.08 -0.95
C CYS I 89 3.77 -10.51 -2.37
N VAL I 90 4.43 -11.23 -3.27
CA VAL I 90 4.92 -10.64 -4.52
C VAL I 90 3.75 -10.39 -5.49
N LYS I 91 3.81 -9.24 -6.14
CA LYS I 91 2.87 -8.85 -7.18
C LYS I 91 3.50 -9.18 -8.54
N LEU I 92 2.65 -9.38 -9.55
CA LEU I 92 3.14 -9.38 -10.91
C LEU I 92 2.09 -8.75 -11.82
N THR I 93 2.38 -7.57 -12.32
CA THR I 93 1.69 -7.09 -13.51
C THR I 93 2.25 -7.58 -14.86
N PRO I 94 3.59 -7.62 -15.13
CA PRO I 94 3.99 -7.50 -16.54
C PRO I 94 3.97 -8.83 -17.28
N LEU I 95 3.27 -9.84 -16.78
CA LEU I 95 3.36 -11.14 -17.44
C LEU I 95 2.43 -11.22 -18.64
N CYS I 96 1.21 -10.68 -18.54
CA CYS I 96 0.23 -10.91 -19.60
C CYS I 96 0.58 -10.08 -20.82
N VAL I 97 1.52 -10.64 -21.58
CA VAL I 97 1.99 -10.10 -22.85
C VAL I 97 1.58 -11.13 -23.90
N THR I 98 1.44 -10.67 -25.15
CA THR I 98 1.06 -11.53 -26.26
C THR I 98 2.06 -12.66 -26.48
N LEU I 99 1.59 -13.75 -27.09
CA LEU I 99 2.35 -14.98 -27.12
C LEU I 99 1.79 -15.92 -28.18
N GLN I 100 2.69 -16.61 -28.88
CA GLN I 100 2.34 -17.64 -29.84
C GLN I 100 2.63 -18.99 -29.21
N CYS I 101 1.90 -20.01 -29.65
CA CYS I 101 1.81 -21.21 -28.83
C CYS I 101 1.30 -22.36 -29.68
N THR I 102 1.86 -23.55 -29.46
CA THR I 102 1.37 -24.76 -30.09
C THR I 102 1.55 -25.91 -29.09
N ASN I 103 0.90 -27.03 -29.32
CA ASN I 103 0.85 -28.12 -28.37
C ASN I 103 2.18 -28.86 -28.25
N TYR I 104 2.24 -29.73 -27.26
CA TYR I 104 3.41 -30.53 -26.91
C TYR I 104 3.31 -31.87 -27.62
N ALA I 105 4.46 -32.52 -27.83
CA ALA I 105 4.49 -33.61 -28.81
C ALA I 105 3.89 -34.91 -28.29
N PRO I 106 4.28 -35.48 -27.15
CA PRO I 106 3.59 -36.70 -26.71
C PRO I 106 2.28 -36.45 -25.99
N ASN I 107 1.76 -35.21 -26.04
CA ASN I 107 0.36 -34.97 -25.69
C ASN I 107 -0.56 -35.85 -26.52
N LEU I 108 -0.24 -36.06 -27.79
CA LEU I 108 -1.01 -36.98 -28.59
C LEU I 108 -0.66 -38.43 -28.30
N LEU I 109 0.30 -38.70 -27.44
CA LEU I 109 0.67 -40.06 -27.10
C LEU I 109 0.43 -40.25 -25.60
N SER I 110 -0.83 -40.49 -25.24
CA SER I 110 -1.30 -40.65 -23.87
C SER I 110 -2.78 -40.99 -23.90
N ASN I 111 -3.31 -41.34 -22.74
CA ASN I 111 -4.75 -41.28 -22.55
C ASN I 111 -5.24 -39.84 -22.59
N MET I 112 -4.46 -38.93 -22.03
CA MET I 112 -4.77 -37.51 -22.07
C MET I 112 -4.26 -36.98 -23.40
N ARG I 113 -5.13 -36.98 -24.40
CA ARG I 113 -4.83 -36.42 -25.70
C ARG I 113 -5.15 -34.93 -25.77
N GLY I 114 -5.18 -34.25 -24.63
CA GLY I 114 -5.76 -32.94 -24.59
C GLY I 114 -4.76 -31.85 -24.94
N GLU I 115 -4.48 -30.97 -23.98
CA GLU I 115 -3.86 -29.69 -24.24
C GLU I 115 -2.71 -29.45 -23.27
N LEU I 116 -1.54 -29.22 -23.80
CA LEU I 116 -0.41 -28.86 -22.94
C LEU I 116 0.26 -27.56 -23.35
N LYS I 117 0.32 -27.25 -24.65
CA LYS I 117 0.73 -25.95 -25.19
C LYS I 117 2.16 -25.55 -24.79
N GLN I 118 3.12 -26.26 -25.39
CA GLN I 118 4.52 -25.83 -25.44
C GLN I 118 4.64 -24.39 -25.91
N CYS I 119 5.07 -23.48 -25.05
CA CYS I 119 4.75 -22.10 -25.27
C CYS I 119 5.94 -21.21 -24.90
N SER I 120 5.93 -19.97 -25.41
CA SER I 120 7.07 -19.09 -25.25
C SER I 120 6.67 -17.65 -25.47
N PHE I 121 7.46 -16.72 -24.91
CA PHE I 121 7.17 -15.30 -24.98
C PHE I 121 8.43 -14.52 -24.61
N ASN I 122 8.30 -13.20 -24.59
CA ASN I 122 9.34 -12.30 -24.10
C ASN I 122 8.97 -11.75 -22.73
N MET I 123 9.97 -11.63 -21.87
CA MET I 123 9.78 -11.12 -20.51
C MET I 123 10.91 -10.17 -20.16
N THR I 124 10.57 -9.08 -19.47
CA THR I 124 11.57 -8.15 -18.99
C THR I 124 12.45 -8.81 -17.95
N THR I 125 13.74 -8.50 -18.01
CA THR I 125 14.72 -9.11 -17.14
C THR I 125 14.91 -8.26 -15.89
N GLU I 126 16.03 -8.57 -15.21
CA GLU I 126 16.49 -7.77 -14.09
C GLU I 126 16.71 -6.31 -14.49
N LEU I 127 17.51 -6.09 -15.52
CA LEU I 127 17.78 -4.75 -16.02
C LEU I 127 16.64 -4.32 -16.93
N ARG I 128 16.39 -3.01 -16.98
CA ARG I 128 15.23 -2.52 -17.73
C ARG I 128 15.47 -2.51 -19.22
N ASP I 129 16.73 -2.53 -19.66
CA ASP I 129 17.03 -2.50 -21.08
C ASP I 129 17.44 -3.86 -21.62
N LYS I 130 17.06 -4.93 -20.94
CA LYS I 130 17.34 -6.27 -21.42
C LYS I 130 16.07 -7.09 -21.39
N LYS I 131 15.85 -7.85 -22.45
CA LYS I 131 14.77 -8.82 -22.51
C LYS I 131 15.35 -10.22 -22.55
N GLN I 132 14.48 -11.22 -22.42
CA GLN I 132 14.95 -12.60 -22.41
C GLN I 132 13.88 -13.51 -22.98
N LYS I 133 14.31 -14.67 -23.44
CA LYS I 133 13.45 -15.68 -24.02
C LYS I 133 13.24 -16.81 -23.03
N VAL I 134 12.00 -17.26 -22.92
CA VAL I 134 11.63 -18.33 -22.00
C VAL I 134 10.87 -19.40 -22.79
N TYR I 135 10.63 -20.52 -22.12
CA TYR I 135 9.87 -21.62 -22.69
C TYR I 135 9.13 -22.30 -21.55
N SER I 136 7.81 -22.50 -21.70
CA SER I 136 7.02 -22.99 -20.59
C SER I 136 5.77 -23.67 -21.11
N LEU I 137 4.90 -24.10 -20.19
CA LEU I 137 3.69 -24.85 -20.49
C LEU I 137 2.50 -24.24 -19.80
N PHE I 138 1.35 -24.33 -20.43
CA PHE I 138 0.09 -23.82 -19.87
C PHE I 138 -1.07 -24.62 -20.42
N TYR I 139 -2.03 -24.91 -19.55
CA TYR I 139 -3.19 -25.69 -19.96
C TYR I 139 -4.16 -24.84 -20.77
N ARG I 140 -5.10 -25.51 -21.45
CA ARG I 140 -6.10 -24.82 -22.26
C ARG I 140 -7.00 -23.94 -21.42
N LEU I 141 -7.26 -24.34 -20.21
CA LEU I 141 -8.09 -23.54 -19.33
C LEU I 141 -7.35 -22.38 -18.71
N ASP I 142 -6.17 -22.02 -19.21
CA ASP I 142 -5.43 -20.88 -18.72
C ASP I 142 -5.14 -19.87 -19.82
N VAL I 143 -5.49 -20.18 -21.06
CA VAL I 143 -5.03 -19.41 -22.20
C VAL I 143 -6.16 -19.35 -23.22
N VAL I 144 -6.23 -18.25 -23.95
CA VAL I 144 -7.23 -18.09 -25.00
C VAL I 144 -6.62 -17.16 -26.06
N GLN I 145 -7.05 -17.34 -27.30
CA GLN I 145 -6.49 -16.57 -28.40
C GLN I 145 -7.24 -15.26 -28.58
N ILE I 146 -6.74 -14.45 -29.49
CA ILE I 146 -7.38 -13.22 -29.89
C ILE I 146 -7.99 -13.43 -31.27
N ASN I 147 -9.12 -12.77 -31.51
CA ASN I 147 -9.78 -12.85 -32.81
C ASN I 147 -10.18 -11.44 -33.25
N SER I 157 -0.80 -16.86 -40.51
CA SER I 157 -0.02 -16.46 -39.34
C SER I 157 -0.34 -17.30 -38.13
N ASN I 158 0.66 -17.52 -37.27
CA ASN I 158 0.44 -18.15 -35.98
C ASN I 158 -0.42 -17.24 -35.13
N LYS I 159 -1.67 -17.64 -34.93
CA LYS I 159 -2.61 -16.81 -34.20
C LYS I 159 -2.21 -16.73 -32.74
N GLU I 160 -2.14 -15.52 -32.22
CA GLU I 160 -1.55 -15.30 -30.91
C GLU I 160 -2.59 -15.45 -29.81
N TYR I 161 -2.08 -15.53 -28.59
CA TYR I 161 -2.88 -15.92 -27.43
C TYR I 161 -2.76 -14.85 -26.34
N ARG I 162 -3.50 -15.06 -25.27
CA ARG I 162 -3.40 -14.25 -24.07
C ARG I 162 -3.78 -15.11 -22.88
N LEU I 163 -3.50 -14.60 -21.68
CA LEU I 163 -3.90 -15.29 -20.47
C LEU I 163 -5.42 -15.25 -20.30
N ILE I 164 -5.89 -16.01 -19.32
CA ILE I 164 -7.32 -16.34 -19.23
C ILE I 164 -8.13 -15.11 -18.86
N ASN I 165 -7.60 -14.24 -18.00
CA ASN I 165 -8.33 -13.04 -17.62
C ASN I 165 -7.42 -11.86 -17.30
N CYS I 166 -6.45 -11.58 -18.16
CA CYS I 166 -5.80 -10.27 -18.14
C CYS I 166 -6.75 -9.17 -18.58
N ASN I 167 -7.84 -9.50 -19.27
CA ASN I 167 -8.80 -8.51 -19.72
C ASN I 167 -9.80 -8.11 -18.62
N THR I 168 -9.68 -8.69 -17.43
CA THR I 168 -10.64 -8.36 -16.37
C THR I 168 -9.99 -7.68 -15.17
N SER I 169 -8.94 -8.26 -14.62
CA SER I 169 -8.39 -7.77 -13.35
C SER I 169 -6.92 -8.17 -13.26
N ALA I 170 -6.30 -7.77 -12.17
CA ALA I 170 -4.89 -8.07 -11.93
C ALA I 170 -4.73 -9.51 -11.49
N ILE I 171 -3.47 -9.97 -11.50
CA ILE I 171 -3.13 -11.35 -11.18
C ILE I 171 -1.98 -11.31 -10.19
N THR I 172 -2.10 -12.03 -9.09
CA THR I 172 -1.09 -12.02 -8.05
C THR I 172 -0.62 -13.45 -7.77
N GLN I 173 0.68 -13.61 -7.66
CA GLN I 173 1.28 -14.91 -7.41
C GLN I 173 1.20 -15.22 -5.92
N ALA I 174 1.14 -16.50 -5.60
CA ALA I 174 1.06 -16.96 -4.23
C ALA I 174 2.33 -16.69 -3.45
N CYS I 175 2.28 -16.95 -2.20
CA CYS I 175 3.47 -16.73 -1.41
C CYS I 175 4.12 -18.08 -1.14
N PRO I 176 5.41 -18.23 -1.41
CA PRO I 176 5.95 -19.58 -1.68
C PRO I 176 6.08 -20.50 -0.48
N LYS I 177 5.87 -20.01 0.74
CA LYS I 177 6.03 -20.88 1.90
C LYS I 177 4.73 -21.12 2.66
N VAL I 178 3.68 -20.36 2.38
CA VAL I 178 2.44 -20.47 3.14
C VAL I 178 1.66 -21.70 2.70
N SER I 179 1.21 -22.49 3.66
CA SER I 179 0.39 -23.66 3.34
C SER I 179 -1.08 -23.27 3.26
N PHE I 180 -1.87 -24.14 2.64
CA PHE I 180 -3.30 -23.92 2.48
C PHE I 180 -4.13 -24.95 3.23
N GLU I 181 -3.49 -25.85 3.94
CA GLU I 181 -4.22 -26.95 4.55
C GLU I 181 -4.94 -26.46 5.80
N PRO I 182 -6.21 -26.80 5.98
CA PRO I 182 -6.98 -26.23 7.08
C PRO I 182 -6.65 -26.85 8.43
N ILE I 183 -6.85 -26.05 9.46
CA ILE I 183 -6.62 -26.44 10.86
C ILE I 183 -7.98 -26.34 11.52
N PRO I 184 -8.36 -27.25 12.42
CA PRO I 184 -9.64 -27.12 13.10
C PRO I 184 -9.70 -25.86 13.95
N ILE I 185 -10.84 -25.18 13.87
CA ILE I 185 -11.03 -23.87 14.48
C ILE I 185 -12.25 -23.90 15.38
N HIS I 186 -12.09 -23.45 16.62
CA HIS I 186 -13.24 -23.17 17.48
C HIS I 186 -13.61 -21.71 17.35
N TYR I 187 -14.91 -21.42 17.41
CA TYR I 187 -15.38 -20.06 17.58
C TYR I 187 -15.92 -19.91 18.99
N CYS I 188 -15.55 -18.82 19.66
CA CYS I 188 -15.95 -18.66 21.04
C CYS I 188 -16.43 -17.23 21.27
N ALA I 189 -17.35 -17.08 22.22
CA ALA I 189 -18.16 -15.94 22.59
C ALA I 189 -17.61 -15.26 23.84
N PRO I 190 -17.78 -13.96 24.00
CA PRO I 190 -17.21 -13.30 25.18
C PRO I 190 -18.09 -13.45 26.40
N ALA I 191 -17.69 -12.85 27.51
CA ALA I 191 -18.40 -12.96 28.76
C ALA I 191 -19.74 -12.25 28.68
N GLY I 192 -20.67 -12.68 29.53
CA GLY I 192 -22.03 -12.21 29.43
C GLY I 192 -22.81 -12.80 28.28
N PHE I 193 -22.33 -13.88 27.68
CA PHE I 193 -23.01 -14.53 26.58
C PHE I 193 -22.94 -16.03 26.74
N ALA I 194 -23.70 -16.73 25.91
CA ALA I 194 -23.73 -18.19 25.96
C ALA I 194 -24.12 -18.71 24.59
N ILE I 195 -23.69 -19.92 24.31
CA ILE I 195 -23.99 -20.59 23.06
C ILE I 195 -24.79 -21.84 23.37
N LEU I 196 -25.88 -22.04 22.63
CA LEU I 196 -26.81 -23.13 22.89
C LEU I 196 -26.67 -24.20 21.83
N LYS I 197 -26.53 -25.44 22.29
CA LYS I 197 -26.44 -26.61 21.41
C LYS I 197 -27.36 -27.69 21.97
N CYS I 198 -28.33 -28.14 21.18
CA CYS I 198 -29.18 -29.21 21.66
C CYS I 198 -28.72 -30.51 21.03
N LYS I 199 -28.85 -31.59 21.79
CA LYS I 199 -28.13 -32.81 21.51
C LYS I 199 -29.07 -33.93 21.07
N ASP I 200 -30.09 -33.61 20.28
CA ASP I 200 -30.92 -34.66 19.74
C ASP I 200 -30.19 -35.36 18.60
N LYS I 201 -30.50 -36.64 18.43
CA LYS I 201 -29.93 -37.38 17.32
C LYS I 201 -30.55 -36.95 16.00
N LYS I 202 -31.84 -37.20 15.83
CA LYS I 202 -32.53 -36.70 14.67
C LYS I 202 -32.85 -35.23 14.85
N PHE I 203 -32.50 -34.44 13.85
CA PHE I 203 -32.81 -33.02 13.91
C PHE I 203 -33.18 -32.56 12.51
N ASN I 204 -34.47 -32.44 12.24
CA ASN I 204 -34.93 -32.18 10.88
C ASN I 204 -35.06 -30.68 10.62
N GLY I 205 -33.96 -29.98 10.90
CA GLY I 205 -33.83 -28.58 10.54
C GLY I 205 -34.22 -27.48 11.51
N THR I 206 -35.49 -27.41 11.88
CA THR I 206 -35.98 -26.29 12.68
C THR I 206 -36.87 -26.83 13.79
N GLY I 207 -37.61 -25.95 14.45
CA GLY I 207 -38.58 -26.35 15.42
C GLY I 207 -38.02 -26.42 16.83
N PRO I 208 -38.84 -26.85 17.78
CA PRO I 208 -38.38 -26.99 19.16
C PRO I 208 -37.51 -28.22 19.35
N CYS I 209 -36.73 -28.18 20.41
CA CYS I 209 -35.80 -29.25 20.72
C CYS I 209 -35.92 -29.54 22.20
N PRO I 210 -36.02 -30.81 22.60
CA PRO I 210 -36.33 -31.10 24.01
C PRO I 210 -35.16 -30.98 24.95
N SER I 211 -33.96 -31.37 24.53
CA SER I 211 -32.82 -31.47 25.43
C SER I 211 -31.70 -30.57 24.94
N VAL I 212 -31.45 -29.48 25.68
CA VAL I 212 -30.48 -28.48 25.28
C VAL I 212 -29.34 -28.47 26.29
N SER I 213 -28.30 -27.73 25.94
CA SER I 213 -27.13 -27.58 26.79
C SER I 213 -26.36 -26.35 26.30
N THR I 214 -25.54 -25.80 27.18
CA THR I 214 -24.73 -24.65 26.83
C THR I 214 -23.24 -24.94 26.98
N VAL I 215 -22.47 -24.37 26.06
CA VAL I 215 -21.01 -24.47 26.00
C VAL I 215 -20.51 -23.07 25.61
N GLN I 216 -19.37 -22.67 26.18
CA GLN I 216 -18.76 -21.41 25.79
C GLN I 216 -18.30 -21.41 24.33
N CYS I 217 -17.70 -22.52 23.88
CA CYS I 217 -17.22 -22.62 22.51
C CYS I 217 -17.18 -24.03 21.96
N THR I 218 -17.63 -24.16 20.72
CA THR I 218 -17.94 -25.39 20.03
C THR I 218 -16.69 -26.19 19.67
N HIS I 219 -16.94 -27.35 19.06
CA HIS I 219 -15.89 -28.19 18.53
C HIS I 219 -15.28 -27.54 17.29
N GLY I 220 -14.17 -28.12 16.84
CA GLY I 220 -13.42 -27.51 15.77
C GLY I 220 -14.12 -27.64 14.43
N ILE I 221 -13.93 -26.62 13.60
CA ILE I 221 -14.47 -26.60 12.25
C ILE I 221 -13.30 -26.42 11.30
N LYS I 222 -13.19 -27.31 10.31
CA LYS I 222 -12.13 -27.21 9.33
C LYS I 222 -12.66 -26.54 8.08
N PRO I 223 -12.30 -25.30 7.80
CA PRO I 223 -12.86 -24.56 6.65
C PRO I 223 -12.30 -25.03 5.32
N VAL I 224 -12.83 -26.14 4.84
CA VAL I 224 -12.42 -26.71 3.56
C VAL I 224 -13.21 -26.00 2.46
N VAL I 225 -12.57 -25.78 1.32
CA VAL I 225 -13.18 -25.09 0.20
C VAL I 225 -13.55 -26.12 -0.85
N SER I 226 -14.84 -26.40 -0.99
CA SER I 226 -15.26 -27.45 -1.91
C SER I 226 -16.67 -27.18 -2.38
N THR I 227 -17.01 -27.81 -3.51
CA THR I 227 -18.34 -27.73 -4.11
C THR I 227 -18.79 -29.13 -4.49
N GLN I 228 -20.10 -29.37 -4.35
CA GLN I 228 -20.86 -30.56 -4.76
C GLN I 228 -20.51 -31.81 -3.97
N LEU I 229 -19.53 -31.78 -3.08
CA LEU I 229 -19.14 -32.93 -2.27
C LEU I 229 -18.49 -32.36 -1.02
N LEU I 230 -19.17 -32.46 0.11
CA LEU I 230 -18.61 -31.97 1.35
C LEU I 230 -17.56 -32.96 1.85
N LEU I 231 -16.30 -32.56 1.76
CA LEU I 231 -15.17 -33.34 2.24
C LEU I 231 -14.98 -33.07 3.73
N ASN I 232 -13.77 -33.39 4.23
CA ASN I 232 -13.51 -34.07 5.51
C ASN I 232 -14.55 -33.88 6.60
N GLY I 233 -14.92 -32.62 6.87
CA GLY I 233 -16.15 -32.27 7.57
C GLY I 233 -16.34 -32.87 8.94
N SER I 234 -17.60 -32.93 9.35
CA SER I 234 -18.01 -33.62 10.55
C SER I 234 -19.08 -34.64 10.18
N LEU I 235 -19.19 -35.71 10.96
CA LEU I 235 -20.10 -36.79 10.63
C LEU I 235 -21.35 -36.70 11.49
N ALA I 236 -22.44 -37.25 10.96
CA ALA I 236 -23.75 -37.17 11.59
C ALA I 236 -23.89 -38.23 12.67
N GLU I 237 -25.12 -38.47 13.09
CA GLU I 237 -25.44 -39.53 14.03
C GLU I 237 -25.81 -40.79 13.24
N GLU I 238 -26.45 -41.75 13.91
CA GLU I 238 -26.67 -43.10 13.39
C GLU I 238 -27.62 -43.19 12.19
N GLU I 239 -28.23 -42.10 11.76
CA GLU I 239 -29.26 -42.20 10.73
C GLU I 239 -29.17 -41.00 9.80
N VAL I 240 -29.38 -41.24 8.51
CA VAL I 240 -29.17 -40.22 7.50
C VAL I 240 -30.35 -39.25 7.45
N ILE I 241 -30.06 -37.99 7.21
CA ILE I 241 -31.05 -36.94 7.36
C ILE I 241 -31.11 -36.10 6.10
N ILE I 242 -32.19 -35.35 5.95
CA ILE I 242 -32.34 -34.39 4.86
C ILE I 242 -32.61 -33.03 5.48
N ARG I 243 -32.21 -31.96 4.78
CA ARG I 243 -32.41 -30.60 5.26
C ARG I 243 -32.74 -29.71 4.09
N SER I 244 -33.53 -28.67 4.34
CA SER I 244 -33.96 -27.79 3.27
C SER I 244 -34.47 -26.46 3.83
N GLU I 245 -34.67 -25.51 2.92
CA GLU I 245 -35.67 -24.47 3.03
C GLU I 245 -36.62 -24.68 1.87
N ASN I 246 -37.92 -24.69 2.18
CA ASN I 246 -39.01 -24.67 1.21
C ASN I 246 -38.92 -25.81 0.22
N ILE I 247 -39.00 -27.04 0.70
CA ILE I 247 -39.12 -28.16 -0.23
C ILE I 247 -40.47 -28.02 -0.93
N THR I 248 -40.49 -28.37 -2.22
CA THR I 248 -41.45 -27.93 -3.24
C THR I 248 -41.35 -26.43 -3.52
N ASN I 249 -40.18 -25.84 -3.29
CA ASN I 249 -39.73 -24.67 -4.05
C ASN I 249 -38.40 -25.09 -4.67
N ASN I 250 -38.30 -25.01 -5.98
CA ASN I 250 -37.09 -25.47 -6.66
C ASN I 250 -35.94 -24.47 -6.61
N ALA I 251 -36.16 -23.28 -6.05
CA ALA I 251 -35.15 -22.23 -6.12
C ALA I 251 -33.99 -22.52 -5.19
N LYS I 252 -34.26 -22.96 -3.98
CA LYS I 252 -33.21 -23.18 -2.99
C LYS I 252 -32.56 -24.54 -3.22
N ASN I 253 -31.74 -24.96 -2.28
CA ASN I 253 -30.92 -26.15 -2.44
C ASN I 253 -31.33 -27.23 -1.45
N ILE I 254 -30.69 -28.38 -1.57
CA ILE I 254 -30.98 -29.56 -0.76
C ILE I 254 -29.71 -29.93 -0.02
N LEU I 255 -29.83 -30.30 1.25
CA LEU I 255 -28.68 -30.70 2.04
C LEU I 255 -28.81 -32.15 2.48
N VAL I 256 -27.75 -32.92 2.27
CA VAL I 256 -27.71 -34.33 2.60
C VAL I 256 -26.53 -34.56 3.54
N GLN I 257 -26.80 -35.17 4.68
CA GLN I 257 -25.75 -35.58 5.61
C GLN I 257 -25.94 -37.06 5.91
N LEU I 258 -24.84 -37.77 6.06
CA LEU I 258 -24.88 -39.23 6.11
C LEU I 258 -24.03 -39.73 7.28
N ASN I 259 -24.05 -41.04 7.48
CA ASN I 259 -23.41 -41.66 8.63
C ASN I 259 -22.21 -42.52 8.29
N THR I 260 -22.25 -43.28 7.20
CA THR I 260 -21.12 -44.13 6.85
C THR I 260 -20.20 -43.37 5.92
N PRO I 261 -19.00 -42.99 6.36
CA PRO I 261 -18.11 -42.25 5.47
C PRO I 261 -17.51 -43.16 4.43
N VAL I 262 -17.30 -42.61 3.24
CA VAL I 262 -16.66 -43.35 2.17
C VAL I 262 -15.35 -42.67 1.82
N GLN I 263 -14.42 -43.45 1.30
CA GLN I 263 -13.09 -42.96 1.03
C GLN I 263 -12.98 -42.43 -0.40
N ILE I 264 -11.88 -41.73 -0.64
CA ILE I 264 -11.47 -41.40 -2.01
C ILE I 264 -9.95 -41.25 -2.01
N ASN I 265 -9.32 -41.75 -3.07
CA ASN I 265 -7.91 -41.53 -3.30
C ASN I 265 -7.75 -40.75 -4.60
N CYS I 266 -7.00 -39.65 -4.55
CA CYS I 266 -6.80 -38.80 -5.71
C CYS I 266 -5.31 -38.49 -5.86
N THR I 267 -4.81 -38.65 -7.07
CA THR I 267 -3.37 -38.53 -7.33
C THR I 267 -3.10 -37.65 -8.53
N ARG I 268 -1.82 -37.34 -8.69
CA ARG I 268 -1.31 -36.61 -9.86
C ARG I 268 -0.02 -37.31 -10.27
N PRO I 269 0.02 -37.96 -11.42
CA PRO I 269 1.15 -38.84 -11.72
C PRO I 269 2.44 -38.15 -12.08
N ASN I 270 2.38 -37.13 -12.92
CA ASN I 270 3.59 -36.59 -13.54
C ASN I 270 4.21 -35.56 -12.60
N ASN I 271 5.42 -35.85 -12.11
CA ASN I 271 5.96 -35.03 -11.01
C ASN I 271 6.74 -33.80 -11.50
N ASN I 272 7.00 -33.73 -12.80
CA ASN I 272 7.14 -32.51 -13.64
C ASN I 272 7.92 -31.32 -13.06
N THR I 273 9.23 -31.50 -12.85
CA THR I 273 10.16 -30.57 -12.20
C THR I 273 10.09 -29.14 -12.75
N VAL I 274 10.48 -28.19 -11.91
CA VAL I 274 10.21 -26.77 -12.12
C VAL I 274 11.51 -26.00 -12.28
N LYS I 275 11.37 -24.75 -12.70
CA LYS I 275 12.49 -23.82 -12.76
C LYS I 275 12.04 -22.49 -12.18
N SER I 276 13.00 -21.58 -12.02
CA SER I 276 12.72 -20.27 -11.43
C SER I 276 13.65 -19.24 -12.04
N ILE I 277 13.09 -18.12 -12.48
CA ILE I 277 13.88 -17.01 -12.96
C ILE I 277 13.58 -15.80 -12.08
N ARG I 278 14.19 -14.67 -12.39
CA ARG I 278 14.05 -13.46 -11.60
C ARG I 278 13.45 -12.36 -12.46
N ILE I 279 12.33 -11.80 -12.01
CA ILE I 279 11.78 -10.63 -12.65
C ILE I 279 12.66 -9.42 -12.38
N GLY I 280 12.97 -9.17 -11.12
CA GLY I 280 13.92 -8.16 -10.74
C GLY I 280 13.33 -6.76 -10.72
N PRO I 281 13.65 -6.00 -9.67
CA PRO I 281 14.51 -6.37 -8.54
C PRO I 281 13.80 -7.10 -7.41
N GLY I 282 14.19 -8.35 -7.17
CA GLY I 282 13.70 -9.07 -6.03
C GLY I 282 12.34 -9.73 -6.20
N GLN I 283 12.00 -10.17 -7.40
CA GLN I 283 10.74 -10.85 -7.64
C GLN I 283 11.08 -12.21 -8.25
N ALA I 284 11.29 -13.19 -7.38
CA ALA I 284 11.63 -14.54 -7.80
C ALA I 284 10.38 -15.21 -8.33
N PHE I 285 10.23 -15.23 -9.65
CA PHE I 285 9.07 -15.84 -10.29
C PHE I 285 9.30 -17.32 -10.50
N TYR I 286 8.29 -18.11 -10.18
CA TYR I 286 8.31 -19.55 -10.41
C TYR I 286 7.40 -19.89 -11.57
N TYR I 287 7.84 -20.84 -12.39
CA TYR I 287 7.09 -21.23 -13.56
C TYR I 287 7.29 -22.71 -13.81
N PHE I 288 6.48 -23.24 -14.72
CA PHE I 288 6.46 -24.68 -14.95
C PHE I 288 7.64 -25.08 -15.82
N GLY I 289 8.25 -26.21 -15.48
CA GLY I 289 9.42 -26.66 -16.21
C GLY I 289 9.12 -27.62 -17.34
N ASP I 290 9.48 -28.88 -17.15
CA ASP I 290 9.40 -29.87 -18.21
C ASP I 290 8.95 -31.22 -17.68
N ILE I 291 8.28 -31.98 -18.55
CA ILE I 291 7.80 -33.31 -18.25
C ILE I 291 8.93 -34.30 -18.48
N ILE I 292 9.12 -35.22 -17.53
CA ILE I 292 9.95 -36.39 -17.75
C ILE I 292 9.16 -37.62 -17.33
N GLY I 293 9.02 -38.57 -18.22
CA GLY I 293 8.23 -39.76 -17.97
C GLY I 293 7.01 -39.80 -18.86
N ASP I 294 6.11 -40.72 -18.54
CA ASP I 294 4.85 -40.81 -19.26
C ASP I 294 3.90 -39.70 -18.82
N ILE I 295 2.72 -39.68 -19.43
CA ILE I 295 1.70 -38.71 -19.09
C ILE I 295 0.42 -39.47 -18.78
N ARG I 296 -0.08 -39.33 -17.57
CA ARG I 296 -1.41 -39.80 -17.22
C ARG I 296 -2.15 -38.65 -16.55
N MET I 297 -3.37 -38.39 -16.99
CA MET I 297 -4.13 -37.28 -16.43
C MET I 297 -4.63 -37.63 -15.04
N ALA I 298 -5.03 -36.60 -14.31
CA ALA I 298 -5.45 -36.77 -12.93
C ALA I 298 -6.80 -37.44 -12.84
N HIS I 299 -6.99 -38.22 -11.78
CA HIS I 299 -8.19 -39.03 -11.63
C HIS I 299 -8.37 -39.34 -10.15
N CYS I 300 -9.48 -40.00 -9.84
CA CYS I 300 -9.76 -40.43 -8.48
C CYS I 300 -10.43 -41.79 -8.52
N ASN I 301 -10.01 -42.69 -7.64
CA ASN I 301 -10.73 -43.95 -7.50
C ASN I 301 -11.74 -43.85 -6.36
N VAL I 302 -12.69 -44.77 -6.36
CA VAL I 302 -13.75 -44.80 -5.35
C VAL I 302 -14.26 -46.24 -5.23
N SER I 303 -14.61 -46.65 -4.02
CA SER I 303 -15.15 -47.98 -3.80
C SER I 303 -16.56 -48.08 -4.37
N LYS I 304 -16.78 -49.08 -5.21
CA LYS I 304 -18.00 -49.15 -6.00
C LYS I 304 -19.21 -49.53 -5.15
N ALA I 305 -19.13 -50.68 -4.47
CA ALA I 305 -20.30 -51.26 -3.83
C ALA I 305 -20.76 -50.43 -2.64
N THR I 306 -19.83 -49.77 -1.96
CA THR I 306 -20.21 -48.88 -0.88
C THR I 306 -20.94 -47.66 -1.42
N TRP I 307 -20.52 -47.17 -2.59
CA TRP I 307 -21.22 -46.05 -3.21
C TRP I 307 -22.60 -46.46 -3.67
N ASN I 308 -22.76 -47.72 -4.07
CA ASN I 308 -24.09 -48.25 -4.32
C ASN I 308 -24.91 -48.29 -3.03
N GLU I 309 -24.27 -48.67 -1.93
CA GLU I 309 -25.00 -48.92 -0.70
C GLU I 309 -25.51 -47.63 -0.07
N THR I 310 -24.68 -46.60 -0.06
CA THR I 310 -25.14 -45.34 0.51
C THR I 310 -26.12 -44.62 -0.41
N LEU I 311 -26.03 -44.85 -1.72
CA LEU I 311 -27.01 -44.25 -2.62
C LEU I 311 -28.35 -44.95 -2.51
N GLY I 312 -28.33 -46.27 -2.29
CA GLY I 312 -29.56 -46.94 -1.95
C GLY I 312 -30.06 -46.53 -0.57
N LYS I 313 -29.15 -46.16 0.31
CA LYS I 313 -29.55 -45.73 1.64
C LYS I 313 -30.23 -44.36 1.59
N VAL I 314 -29.71 -43.45 0.76
CA VAL I 314 -30.25 -42.10 0.76
C VAL I 314 -31.58 -42.05 0.01
N VAL I 315 -31.80 -42.95 -0.95
CA VAL I 315 -33.03 -42.86 -1.73
C VAL I 315 -34.20 -43.41 -0.93
N LYS I 316 -33.94 -44.31 0.03
CA LYS I 316 -35.00 -44.74 0.93
C LYS I 316 -35.40 -43.62 1.86
N GLN I 317 -34.44 -42.81 2.29
CA GLN I 317 -34.75 -41.69 3.15
C GLN I 317 -35.39 -40.55 2.36
N LEU I 318 -34.99 -40.38 1.10
CA LEU I 318 -35.49 -39.26 0.33
C LEU I 318 -36.93 -39.49 -0.12
N ARG I 319 -37.37 -40.75 -0.16
CA ARG I 319 -38.68 -41.07 -0.70
C ARG I 319 -39.81 -40.56 0.18
N LYS I 320 -39.57 -40.44 1.50
CA LYS I 320 -40.60 -40.04 2.45
C LYS I 320 -41.16 -38.65 2.18
N HIS I 321 -40.36 -37.76 1.60
CA HIS I 321 -40.82 -36.42 1.28
C HIS I 321 -41.39 -36.33 -0.12
N PHE I 322 -41.59 -37.45 -0.80
CA PHE I 322 -42.04 -37.40 -2.19
C PHE I 322 -43.02 -38.52 -2.49
N GLY I 323 -43.84 -38.91 -1.51
CA GLY I 323 -44.86 -39.91 -1.73
C GLY I 323 -44.31 -41.32 -1.63
N ASN I 324 -45.24 -42.28 -1.63
CA ASN I 324 -44.87 -43.65 -1.34
C ASN I 324 -44.18 -44.30 -2.54
N ASN I 325 -44.66 -44.00 -3.74
CA ASN I 325 -44.14 -44.61 -4.97
C ASN I 325 -44.05 -43.55 -6.07
N THR I 326 -42.82 -43.15 -6.36
CA THR I 326 -42.53 -42.38 -7.56
C THR I 326 -41.10 -42.71 -7.95
N ILE I 327 -40.77 -42.47 -9.20
CA ILE I 327 -39.51 -42.94 -9.74
C ILE I 327 -38.49 -41.81 -9.69
N ILE I 328 -37.29 -42.14 -9.24
CA ILE I 328 -36.24 -41.15 -9.03
C ILE I 328 -35.09 -41.44 -9.97
N ARG I 329 -34.67 -40.43 -10.73
CA ARG I 329 -33.60 -40.53 -11.69
C ARG I 329 -32.55 -39.47 -11.40
N PHE I 330 -31.28 -39.83 -11.51
CA PHE I 330 -30.19 -38.88 -11.33
C PHE I 330 -29.63 -38.47 -12.68
N ALA I 331 -29.04 -37.28 -12.70
CA ALA I 331 -28.49 -36.72 -13.92
C ALA I 331 -27.24 -35.94 -13.60
N GLN I 332 -26.48 -35.61 -14.64
CA GLN I 332 -25.26 -34.83 -14.48
C GLN I 332 -25.60 -33.35 -14.37
N SER I 333 -24.56 -32.52 -14.31
CA SER I 333 -24.78 -31.09 -14.21
C SER I 333 -25.28 -30.53 -15.54
N SER I 334 -25.85 -29.33 -15.45
CA SER I 334 -26.49 -28.73 -16.63
C SER I 334 -25.47 -28.06 -17.54
N GLY I 335 -24.81 -27.02 -17.04
CA GLY I 335 -23.91 -26.24 -17.87
C GLY I 335 -23.73 -24.85 -17.30
N GLY I 336 -23.45 -23.91 -18.20
CA GLY I 336 -23.09 -22.57 -17.79
C GLY I 336 -21.59 -22.48 -17.56
N ASP I 337 -21.17 -21.95 -16.42
CA ASP I 337 -19.75 -21.96 -16.07
C ASP I 337 -19.32 -23.35 -15.64
N LEU I 338 -18.01 -23.56 -15.59
CA LEU I 338 -17.52 -24.85 -15.12
C LEU I 338 -17.63 -24.97 -13.61
N GLU I 339 -17.62 -23.84 -12.90
CA GLU I 339 -17.43 -23.85 -11.46
C GLU I 339 -18.64 -24.30 -10.68
N VAL I 340 -19.77 -24.57 -11.33
CA VAL I 340 -20.90 -25.14 -10.64
C VAL I 340 -21.06 -26.57 -11.13
N THR I 341 -20.43 -26.89 -12.26
CA THR I 341 -20.59 -28.23 -12.82
C THR I 341 -19.69 -29.24 -12.14
N THR I 342 -18.38 -29.02 -12.22
CA THR I 342 -17.45 -29.97 -11.68
C THR I 342 -17.41 -29.92 -10.16
N HIS I 343 -16.74 -30.90 -9.59
CA HIS I 343 -16.41 -30.91 -8.17
C HIS I 343 -15.02 -30.32 -8.01
N SER I 344 -14.95 -29.11 -7.46
CA SER I 344 -13.70 -28.41 -7.24
C SER I 344 -13.31 -28.49 -5.78
N PHE I 345 -12.02 -28.61 -5.51
CA PHE I 345 -11.51 -28.69 -4.15
C PHE I 345 -10.03 -28.36 -4.16
N ASN I 346 -9.41 -28.51 -2.99
CA ASN I 346 -7.99 -28.28 -2.79
C ASN I 346 -7.34 -29.55 -2.28
N CYS I 347 -6.12 -29.80 -2.73
CA CYS I 347 -5.32 -30.90 -2.22
C CYS I 347 -3.85 -30.55 -2.42
N GLY I 348 -3.13 -30.41 -1.30
CA GLY I 348 -1.69 -30.20 -1.36
C GLY I 348 -1.26 -28.89 -1.95
N GLY I 349 -2.15 -27.91 -2.05
CA GLY I 349 -1.80 -26.63 -2.62
C GLY I 349 -2.12 -26.47 -4.08
N GLU I 350 -2.95 -27.32 -4.65
CA GLU I 350 -3.38 -27.21 -6.03
C GLU I 350 -4.87 -27.42 -6.11
N PHE I 351 -5.45 -27.07 -7.24
CA PHE I 351 -6.89 -27.04 -7.38
C PHE I 351 -7.32 -27.97 -8.50
N PHE I 352 -8.06 -29.01 -8.16
CA PHE I 352 -8.55 -29.97 -9.13
C PHE I 352 -9.93 -29.57 -9.59
N TYR I 353 -10.35 -30.15 -10.71
CA TYR I 353 -11.71 -30.01 -11.21
C TYR I 353 -12.10 -31.37 -11.77
N CYS I 354 -12.74 -32.19 -10.93
CA CYS I 354 -13.06 -33.56 -11.27
C CYS I 354 -14.49 -33.65 -11.76
N ASN I 355 -14.67 -34.26 -12.93
CA ASN I 355 -15.96 -34.37 -13.58
C ASN I 355 -16.72 -35.53 -12.94
N THR I 356 -17.77 -35.18 -12.22
CA THR I 356 -18.52 -36.13 -11.42
C THR I 356 -19.64 -36.81 -12.21
N SER I 357 -19.53 -36.84 -13.53
CA SER I 357 -20.58 -37.41 -14.36
C SER I 357 -20.69 -38.93 -14.24
N GLY I 358 -19.73 -39.60 -13.63
CA GLY I 358 -19.80 -41.04 -13.48
C GLY I 358 -20.41 -41.48 -12.16
N LEU I 359 -21.18 -40.61 -11.51
CA LEU I 359 -21.85 -40.96 -10.27
C LEU I 359 -23.37 -40.88 -10.40
N PHE I 360 -23.90 -39.75 -10.86
CA PHE I 360 -25.34 -39.51 -10.84
C PHE I 360 -25.98 -40.00 -12.15
N ASN I 361 -25.79 -41.28 -12.41
CA ASN I 361 -26.26 -41.92 -13.62
C ASN I 361 -27.03 -43.18 -13.22
N SER I 362 -28.29 -43.00 -12.84
CA SER I 362 -29.11 -44.10 -12.36
C SER I 362 -30.58 -43.69 -12.34
N THR I 363 -31.43 -44.70 -12.42
CA THR I 363 -32.85 -44.60 -12.10
C THR I 363 -33.13 -45.53 -10.93
N TRP I 364 -34.31 -45.41 -10.35
CA TRP I 364 -34.64 -46.20 -9.17
C TRP I 364 -36.11 -46.59 -9.20
N ILE I 365 -36.39 -47.85 -8.90
CA ILE I 365 -37.73 -48.38 -8.98
C ILE I 365 -38.22 -48.71 -7.57
N SER I 366 -39.45 -48.34 -7.29
CA SER I 366 -40.06 -48.54 -5.97
C SER I 366 -40.70 -49.92 -5.92
N ASN I 367 -40.00 -50.87 -5.33
CA ASN I 367 -40.58 -52.17 -5.02
C ASN I 367 -39.95 -52.80 -3.78
N ASN I 379 -15.11 -56.22 -6.11
CA ASN I 379 -14.09 -55.20 -5.89
C ASN I 379 -13.75 -54.50 -7.20
N ASP I 380 -14.48 -53.43 -7.50
CA ASP I 380 -14.25 -52.62 -8.68
C ASP I 380 -14.10 -51.16 -8.26
N SER I 381 -13.74 -50.32 -9.22
CA SER I 381 -13.45 -48.92 -8.92
C SER I 381 -13.89 -48.04 -10.07
N ILE I 382 -14.69 -47.02 -9.76
CA ILE I 382 -15.10 -46.07 -10.79
C ILE I 382 -13.99 -45.03 -10.96
N VAL I 383 -13.45 -44.95 -12.16
CA VAL I 383 -12.38 -44.01 -12.47
C VAL I 383 -13.02 -42.79 -13.10
N LEU I 384 -12.98 -41.68 -12.39
CA LEU I 384 -13.50 -40.47 -12.99
C LEU I 384 -12.35 -39.53 -13.33
N PRO I 385 -12.42 -38.85 -14.47
CA PRO I 385 -11.31 -37.99 -14.88
C PRO I 385 -11.32 -36.66 -14.14
N CYS I 386 -10.14 -36.04 -14.10
CA CYS I 386 -9.97 -34.75 -13.44
C CYS I 386 -9.08 -33.88 -14.31
N ARG I 387 -9.26 -32.56 -14.16
CA ARG I 387 -8.39 -31.59 -14.82
C ARG I 387 -7.95 -30.56 -13.80
N ILE I 388 -6.85 -29.89 -14.11
CA ILE I 388 -6.25 -28.93 -13.19
C ILE I 388 -6.15 -27.58 -13.89
N LYS I 389 -6.20 -26.51 -13.11
CA LYS I 389 -5.97 -25.15 -13.57
C LYS I 389 -4.85 -24.52 -12.77
N GLN I 390 -4.52 -23.27 -13.09
CA GLN I 390 -3.54 -22.54 -12.34
C GLN I 390 -3.92 -21.09 -12.04
N ILE I 391 -5.10 -20.63 -12.47
CA ILE I 391 -5.53 -19.26 -12.23
C ILE I 391 -6.95 -19.32 -11.70
N ILE I 392 -7.20 -18.68 -10.56
CA ILE I 392 -8.41 -18.91 -9.78
C ILE I 392 -9.10 -17.57 -9.58
N ASN I 393 -10.44 -17.60 -9.59
CA ASN I 393 -11.31 -16.47 -9.32
C ASN I 393 -12.20 -16.79 -8.13
N MET I 394 -11.57 -17.22 -7.05
CA MET I 394 -12.22 -17.77 -5.87
C MET I 394 -13.18 -16.78 -5.23
N TRP I 395 -14.19 -17.32 -4.54
CA TRP I 395 -15.20 -16.62 -3.75
C TRP I 395 -16.15 -15.79 -4.59
N GLN I 396 -16.30 -16.15 -5.86
CA GLN I 396 -17.23 -15.52 -6.80
C GLN I 396 -17.01 -14.02 -6.95
N ARG I 397 -15.78 -13.58 -6.73
CA ARG I 397 -15.45 -12.17 -6.81
C ARG I 397 -14.76 -11.89 -8.14
N ILE I 398 -15.00 -10.68 -8.65
CA ILE I 398 -14.30 -10.19 -9.82
C ILE I 398 -13.57 -8.93 -9.41
N GLY I 399 -12.27 -8.90 -9.64
CA GLY I 399 -11.47 -7.76 -9.23
C GLY I 399 -10.09 -8.15 -8.75
N GLN I 400 -9.89 -9.44 -8.52
CA GLN I 400 -8.57 -9.95 -8.19
C GLN I 400 -8.48 -11.38 -8.68
N ALA I 401 -7.27 -11.91 -8.68
CA ALA I 401 -7.03 -13.26 -9.14
C ALA I 401 -5.77 -13.78 -8.47
N MET I 402 -5.66 -15.10 -8.44
CA MET I 402 -4.60 -15.78 -7.70
C MET I 402 -3.88 -16.74 -8.65
N TYR I 403 -2.55 -16.72 -8.60
CA TYR I 403 -1.73 -17.61 -9.41
C TYR I 403 -1.03 -18.61 -8.50
N ALA I 404 -1.19 -19.86 -8.79
CA ALA I 404 -0.53 -20.85 -7.97
C ALA I 404 0.67 -21.44 -8.69
N PRO I 405 1.80 -21.56 -8.02
CA PRO I 405 2.95 -22.19 -8.62
C PRO I 405 2.86 -23.70 -8.48
N PRO I 406 3.44 -24.44 -9.41
CA PRO I 406 3.45 -25.91 -9.28
C PRO I 406 4.42 -26.35 -8.20
N ILE I 407 4.20 -27.56 -7.71
CA ILE I 407 5.00 -28.13 -6.63
C ILE I 407 5.58 -29.45 -7.11
N GLN I 408 6.85 -29.69 -6.80
CA GLN I 408 7.53 -30.91 -7.19
C GLN I 408 6.98 -32.10 -6.40
N GLY I 409 7.50 -33.28 -6.73
CA GLY I 409 7.08 -34.48 -6.05
C GLY I 409 5.74 -34.99 -6.54
N VAL I 410 5.33 -36.11 -5.96
CA VAL I 410 4.06 -36.74 -6.29
C VAL I 410 3.12 -36.53 -5.12
N ILE I 411 1.98 -35.91 -5.39
CA ILE I 411 1.02 -35.59 -4.35
C ILE I 411 -0.05 -36.65 -4.32
N ARG I 412 -0.63 -36.88 -3.15
CA ARG I 412 -1.62 -37.92 -2.93
C ARG I 412 -2.36 -37.62 -1.64
N CYS I 413 -3.67 -37.61 -1.68
CA CYS I 413 -4.45 -37.29 -0.50
C CYS I 413 -5.71 -38.13 -0.41
N VAL I 414 -6.09 -38.45 0.82
CA VAL I 414 -7.22 -39.32 1.13
C VAL I 414 -8.22 -38.49 1.90
N SER I 415 -9.51 -38.76 1.72
CA SER I 415 -10.53 -37.98 2.40
C SER I 415 -11.77 -38.80 2.69
N ASN I 416 -12.58 -38.24 3.58
CA ASN I 416 -13.91 -38.74 3.96
C ASN I 416 -14.91 -37.92 3.15
N ILE I 417 -15.74 -38.59 2.36
CA ILE I 417 -16.83 -37.87 1.71
C ILE I 417 -17.99 -37.82 2.68
N THR I 418 -18.44 -36.62 3.01
CA THR I 418 -19.48 -36.50 4.02
C THR I 418 -20.37 -35.29 3.70
N GLY I 419 -21.36 -35.49 2.84
CA GLY I 419 -22.25 -34.41 2.52
C GLY I 419 -22.48 -34.12 1.06
N LEU I 420 -23.74 -34.17 0.65
CA LEU I 420 -24.14 -33.94 -0.73
C LEU I 420 -25.10 -32.78 -0.80
N ILE I 421 -25.03 -32.02 -1.90
CA ILE I 421 -25.99 -30.97 -2.19
C ILE I 421 -26.66 -31.29 -3.51
N LEU I 422 -27.95 -31.01 -3.60
CA LEU I 422 -28.75 -31.41 -4.75
C LEU I 422 -29.69 -30.28 -5.16
N THR I 423 -30.21 -30.40 -6.37
CA THR I 423 -31.08 -29.38 -6.96
C THR I 423 -32.15 -30.07 -7.79
N ARG I 424 -33.39 -29.62 -7.63
CA ARG I 424 -34.51 -30.19 -8.37
C ARG I 424 -34.56 -29.67 -9.79
N ASP I 425 -35.65 -30.01 -10.48
CA ASP I 425 -35.88 -29.61 -11.86
C ASP I 425 -37.25 -29.00 -12.00
N GLY I 426 -37.68 -28.73 -13.23
CA GLY I 426 -39.02 -28.22 -13.47
C GLY I 426 -40.06 -29.33 -13.50
N GLY I 427 -40.95 -29.28 -14.48
CA GLY I 427 -41.89 -30.36 -14.66
C GLY I 427 -43.34 -30.00 -14.47
N SER I 428 -44.05 -30.78 -13.66
CA SER I 428 -45.48 -30.61 -13.47
C SER I 428 -45.81 -31.03 -12.04
N THR I 429 -47.08 -31.35 -11.80
CA THR I 429 -47.54 -31.77 -10.48
C THR I 429 -46.98 -33.15 -10.12
N ASN I 430 -47.36 -33.63 -8.93
CA ASN I 430 -46.74 -34.80 -8.32
C ASN I 430 -47.12 -36.12 -8.99
N SER I 431 -46.81 -36.26 -10.29
CA SER I 431 -47.07 -37.49 -11.01
C SER I 431 -45.95 -37.95 -11.91
N THR I 432 -45.07 -37.05 -12.37
CA THR I 432 -44.18 -37.33 -13.49
C THR I 432 -42.76 -37.68 -13.07
N THR I 433 -42.60 -38.22 -11.85
CA THR I 433 -41.40 -38.92 -11.39
C THR I 433 -40.14 -38.04 -11.46
N GLU I 434 -40.13 -37.05 -10.56
CA GLU I 434 -39.14 -35.96 -10.56
C GLU I 434 -37.71 -36.48 -10.37
N THR I 435 -36.76 -35.66 -10.82
CA THR I 435 -35.34 -36.01 -10.92
C THR I 435 -34.50 -35.06 -10.08
N PHE I 436 -33.18 -35.30 -10.08
CA PHE I 436 -32.24 -34.48 -9.34
C PHE I 436 -30.92 -34.41 -10.09
N ARG I 437 -30.15 -33.36 -9.79
CA ARG I 437 -28.80 -33.19 -10.32
C ARG I 437 -28.04 -32.28 -9.38
N PRO I 438 -26.73 -32.41 -9.28
CA PRO I 438 -25.95 -31.57 -8.35
C PRO I 438 -25.72 -30.18 -8.93
N GLY I 439 -24.96 -29.38 -8.20
CA GLY I 439 -24.74 -27.99 -8.56
C GLY I 439 -24.42 -27.09 -7.40
N GLY I 440 -25.21 -26.04 -7.21
CA GLY I 440 -25.06 -25.12 -6.10
C GLY I 440 -24.15 -23.94 -6.37
N GLY I 441 -22.84 -24.16 -6.38
CA GLY I 441 -21.91 -23.10 -6.67
C GLY I 441 -21.79 -21.99 -5.65
N ASP I 442 -22.37 -22.15 -4.46
CA ASP I 442 -22.23 -21.17 -3.39
C ASP I 442 -21.28 -21.74 -2.33
N MET I 443 -20.87 -20.93 -1.35
CA MET I 443 -20.05 -21.41 -0.25
C MET I 443 -20.65 -21.11 1.12
N ARG I 444 -21.72 -20.32 1.21
CA ARG I 444 -22.29 -20.04 2.53
C ARG I 444 -22.97 -21.25 3.13
N ASP I 445 -23.61 -22.08 2.30
CA ASP I 445 -24.45 -23.14 2.82
C ASP I 445 -23.67 -24.30 3.39
N ASN I 446 -22.46 -24.55 2.89
CA ASN I 446 -21.70 -25.67 3.45
C ASN I 446 -21.23 -25.34 4.86
N TRP I 447 -21.03 -24.06 5.14
CA TRP I 447 -20.81 -23.64 6.50
C TRP I 447 -22.10 -23.70 7.30
N ARG I 448 -23.25 -23.51 6.64
CA ARG I 448 -24.52 -23.74 7.31
C ARG I 448 -24.72 -25.23 7.56
N SER I 449 -24.03 -26.07 6.80
CA SER I 449 -24.14 -27.51 7.01
C SER I 449 -23.37 -27.96 8.24
N GLU I 450 -22.53 -27.12 8.82
CA GLU I 450 -21.61 -27.60 9.84
C GLU I 450 -21.81 -26.97 11.22
N LEU I 451 -22.55 -25.89 11.33
CA LEU I 451 -22.85 -25.32 12.64
C LEU I 451 -24.34 -25.07 12.79
N TYR I 452 -25.14 -25.99 12.24
CA TYR I 452 -26.60 -25.99 12.29
C TYR I 452 -27.17 -25.90 13.70
N LYS I 453 -26.44 -26.37 14.71
CA LYS I 453 -26.99 -26.56 16.03
C LYS I 453 -26.42 -25.55 17.01
N TYR I 454 -26.25 -24.30 16.57
CA TYR I 454 -25.71 -23.30 17.46
C TYR I 454 -26.43 -21.98 17.29
N LYS I 455 -26.61 -21.27 18.40
CA LYS I 455 -27.15 -19.92 18.35
C LYS I 455 -26.61 -19.15 19.54
N VAL I 456 -26.53 -17.86 19.38
CA VAL I 456 -25.94 -16.99 20.38
C VAL I 456 -27.05 -16.37 21.21
N VAL I 457 -26.75 -16.09 22.48
CA VAL I 457 -27.73 -15.50 23.37
C VAL I 457 -26.98 -14.72 24.44
N LYS I 458 -27.66 -13.71 25.00
CA LYS I 458 -27.11 -12.86 26.04
C LYS I 458 -27.91 -13.04 27.32
N ILE I 459 -27.20 -13.21 28.43
CA ILE I 459 -27.85 -13.25 29.73
C ILE I 459 -28.18 -11.82 30.17
N GLU I 460 -29.00 -11.73 31.21
CA GLU I 460 -29.09 -10.49 31.98
C GLU I 460 -29.39 -10.87 33.43
N PRO I 461 -28.60 -10.39 34.36
CA PRO I 461 -28.63 -10.94 35.72
C PRO I 461 -29.67 -10.30 36.61
N LEU I 462 -30.12 -9.10 36.25
CA LEU I 462 -30.92 -8.30 37.14
C LEU I 462 -32.36 -8.78 37.18
N GLY I 463 -32.88 -8.96 38.39
CA GLY I 463 -34.26 -9.36 38.56
C GLY I 463 -34.83 -8.76 39.82
N VAL I 464 -36.16 -8.77 39.91
CA VAL I 464 -36.85 -8.14 41.03
C VAL I 464 -38.17 -8.87 41.26
N ALA I 465 -38.52 -9.05 42.52
CA ALA I 465 -39.70 -9.81 42.90
C ALA I 465 -40.10 -9.42 44.30
N PRO I 466 -41.38 -9.58 44.66
CA PRO I 466 -41.77 -9.30 46.03
C PRO I 466 -41.52 -10.46 46.97
N THR I 467 -40.96 -10.13 48.13
CA THR I 467 -40.73 -11.05 49.23
C THR I 467 -41.78 -10.77 50.30
N ARG I 468 -41.61 -11.41 51.45
CA ARG I 468 -42.56 -11.16 52.52
C ARG I 468 -42.14 -9.98 53.38
N CYS I 469 -40.89 -9.91 53.77
CA CYS I 469 -40.52 -9.15 54.95
C CYS I 469 -39.69 -7.91 54.63
N LYS I 470 -39.25 -7.26 55.70
CA LYS I 470 -38.92 -5.84 55.75
C LYS I 470 -37.41 -5.66 55.94
N ARG I 471 -37.00 -4.41 56.12
CA ARG I 471 -35.59 -4.07 56.32
C ARG I 471 -35.43 -3.15 57.51
N ARG I 472 -34.43 -3.45 58.34
CA ARG I 472 -34.13 -2.64 59.50
C ARG I 472 -33.54 -1.29 59.09
N VAL I 473 -33.49 -0.37 60.05
CA VAL I 473 -32.95 0.95 59.80
C VAL I 473 -31.56 1.07 60.42
N GLU J 1 21.79 -38.14 -33.86
CA GLU J 1 23.11 -37.89 -34.40
C GLU J 1 23.79 -39.21 -34.70
N VAL J 2 23.70 -40.14 -33.76
CA VAL J 2 24.19 -41.48 -34.02
C VAL J 2 23.08 -42.29 -34.64
N GLN J 3 23.39 -42.98 -35.74
CA GLN J 3 22.42 -43.84 -36.39
C GLN J 3 22.22 -45.12 -35.57
N LEU J 4 21.33 -45.97 -36.05
CA LEU J 4 20.89 -47.12 -35.28
C LEU J 4 21.31 -48.40 -36.01
N GLN J 5 22.15 -49.19 -35.35
CA GLN J 5 22.53 -50.50 -35.86
C GLN J 5 21.32 -51.42 -35.88
N GLU J 6 21.14 -52.12 -36.99
CA GLU J 6 20.02 -53.04 -37.13
C GLU J 6 20.53 -54.41 -37.57
N SER J 7 19.63 -55.39 -37.53
CA SER J 7 20.00 -56.77 -37.84
C SER J 7 18.78 -57.50 -38.35
N GLY J 8 18.81 -57.92 -39.62
CA GLY J 8 17.70 -58.63 -40.19
C GLY J 8 18.09 -59.69 -41.19
N GLY J 9 17.65 -60.93 -40.96
CA GLY J 9 17.93 -62.05 -41.83
C GLY J 9 16.65 -62.77 -42.19
N ASP J 10 15.61 -61.99 -42.44
CA ASP J 10 14.23 -62.48 -42.51
C ASP J 10 14.03 -63.23 -43.82
N LEU J 11 14.18 -64.56 -43.77
CA LEU J 11 14.05 -65.38 -44.97
C LEU J 11 13.24 -66.63 -44.69
N VAL J 12 12.10 -66.51 -44.00
CA VAL J 12 11.40 -67.65 -43.42
C VAL J 12 9.98 -67.75 -43.99
N LYS J 13 9.62 -68.95 -44.44
CA LYS J 13 8.27 -69.28 -44.91
C LYS J 13 7.36 -69.25 -43.68
N PRO J 14 6.00 -69.09 -43.85
CA PRO J 14 5.31 -67.97 -43.19
C PRO J 14 5.33 -67.90 -41.67
N GLY J 15 5.88 -68.91 -40.98
CA GLY J 15 6.00 -68.86 -39.54
C GLY J 15 6.92 -67.76 -39.07
N GLY J 16 6.34 -66.77 -38.38
CA GLY J 16 7.07 -65.57 -38.05
C GLY J 16 7.91 -65.63 -36.80
N SER J 17 8.56 -66.76 -36.55
CA SER J 17 9.55 -66.86 -35.47
C SER J 17 10.80 -66.11 -35.93
N LEU J 18 10.76 -64.79 -35.78
CA LEU J 18 11.70 -63.90 -36.44
C LEU J 18 11.93 -62.67 -35.58
N LYS J 19 13.02 -62.66 -34.84
CA LYS J 19 13.36 -61.54 -33.98
C LYS J 19 14.15 -60.51 -34.77
N LEU J 20 13.86 -59.24 -34.52
CA LEU J 20 14.64 -58.14 -35.10
C LEU J 20 14.91 -57.13 -34.00
N SER J 21 16.15 -56.67 -33.91
CA SER J 21 16.58 -55.80 -32.82
C SER J 21 17.11 -54.48 -33.34
N CYS J 22 16.90 -53.43 -32.57
CA CYS J 22 17.39 -52.08 -32.80
C CYS J 22 18.73 -51.89 -32.09
N ALA J 23 19.14 -50.63 -31.93
CA ALA J 23 20.37 -50.32 -31.20
C ALA J 23 20.20 -49.13 -30.28
N ALA J 24 21.33 -48.57 -29.85
CA ALA J 24 21.36 -47.34 -29.08
C ALA J 24 22.01 -46.23 -29.90
N SER J 25 22.19 -45.08 -29.28
CA SER J 25 22.83 -43.95 -29.93
C SER J 25 23.63 -43.16 -28.92
N GLY J 26 24.12 -41.99 -29.32
CA GLY J 26 24.79 -41.10 -28.41
C GLY J 26 23.88 -40.19 -27.62
N PHE J 27 22.64 -40.05 -28.05
CA PHE J 27 21.66 -39.25 -27.32
C PHE J 27 21.05 -40.07 -26.21
N THR J 28 20.24 -39.41 -25.38
CA THR J 28 19.54 -40.13 -24.32
C THR J 28 18.46 -41.03 -24.89
N PHE J 29 18.27 -42.17 -24.25
CA PHE J 29 17.35 -43.16 -24.75
C PHE J 29 15.95 -43.00 -24.21
N SER J 30 15.83 -42.49 -22.98
CA SER J 30 14.52 -42.25 -22.38
C SER J 30 13.94 -40.96 -22.95
N ARG J 31 12.86 -40.48 -22.32
CA ARG J 31 12.12 -39.24 -22.58
C ARG J 31 11.86 -38.92 -24.05
N TYR J 32 11.72 -39.94 -24.88
CA TYR J 32 11.41 -39.77 -26.30
C TYR J 32 10.56 -40.95 -26.75
N GLY J 33 10.31 -41.03 -28.04
CA GLY J 33 9.51 -42.10 -28.60
C GLY J 33 10.02 -42.50 -29.95
N MET J 34 9.76 -43.75 -30.33
CA MET J 34 10.27 -44.31 -31.57
C MET J 34 9.13 -44.88 -32.39
N SER J 35 9.48 -45.29 -33.62
CA SER J 35 8.52 -45.86 -34.56
C SER J 35 9.26 -46.79 -35.50
N TRP J 36 8.51 -47.38 -36.43
CA TRP J 36 9.04 -48.37 -37.36
C TRP J 36 8.38 -48.18 -38.72
N VAL J 37 9.19 -48.08 -39.77
CA VAL J 37 8.71 -48.00 -41.15
C VAL J 37 9.48 -49.02 -41.97
N ARG J 38 8.75 -49.83 -42.73
CA ARG J 38 9.23 -50.85 -43.64
C ARG J 38 9.46 -50.26 -45.02
N GLN J 39 9.64 -51.10 -46.04
CA GLN J 39 9.87 -50.63 -47.38
C GLN J 39 9.12 -51.55 -48.33
N THR J 40 8.15 -51.01 -49.04
CA THR J 40 7.47 -51.71 -50.11
C THR J 40 7.88 -51.03 -51.41
N PRO J 41 7.74 -51.69 -52.56
CA PRO J 41 7.98 -50.96 -53.80
C PRO J 41 6.91 -49.91 -54.06
N ASP J 42 7.26 -48.67 -53.70
CA ASP J 42 6.58 -47.44 -54.12
C ASP J 42 5.12 -47.36 -53.67
N LYS J 43 4.81 -47.89 -52.50
CA LYS J 43 3.45 -47.75 -51.97
C LYS J 43 3.51 -47.40 -50.49
N ARG J 44 4.32 -46.40 -50.16
CA ARG J 44 4.24 -45.54 -48.97
C ARG J 44 4.61 -46.25 -47.66
N LEU J 45 4.87 -47.55 -47.71
CA LEU J 45 5.92 -48.31 -47.04
C LEU J 45 5.85 -48.81 -45.59
N GLU J 46 5.16 -48.15 -44.62
CA GLU J 46 4.57 -48.70 -43.36
C GLU J 46 4.12 -47.54 -42.48
N TRP J 47 3.26 -47.79 -41.49
CA TRP J 47 3.03 -46.87 -40.37
C TRP J 47 2.91 -47.67 -39.09
N VAL J 48 4.04 -47.95 -38.45
CA VAL J 48 4.04 -48.61 -37.15
C VAL J 48 4.78 -47.72 -36.17
N ALA J 49 4.05 -47.10 -35.26
CA ALA J 49 4.61 -46.28 -34.21
C ALA J 49 4.65 -47.06 -32.90
N THR J 50 5.43 -46.55 -31.96
CA THR J 50 5.62 -47.17 -30.65
C THR J 50 5.45 -46.08 -29.61
N ILE J 51 5.85 -46.38 -28.38
CA ILE J 51 5.53 -45.55 -27.23
C ILE J 51 6.75 -44.88 -26.63
N SER J 52 6.50 -44.04 -25.64
CA SER J 52 7.52 -43.55 -24.73
C SER J 52 7.71 -44.57 -23.62
N SER J 53 8.30 -44.17 -22.51
CA SER J 53 8.53 -45.08 -21.39
C SER J 53 7.20 -45.49 -20.76
N GLY J 54 6.81 -46.74 -21.00
CA GLY J 54 5.57 -47.28 -20.45
C GLY J 54 4.32 -46.70 -21.05
N GLY J 55 4.36 -46.28 -22.31
CA GLY J 55 3.23 -45.62 -22.93
C GLY J 55 2.09 -46.56 -23.27
N SER J 56 0.98 -45.95 -23.66
CA SER J 56 -0.28 -46.66 -23.83
C SER J 56 -0.56 -47.01 -25.29
N TYR J 57 0.36 -47.75 -25.91
CA TYR J 57 0.13 -48.40 -27.19
C TYR J 57 0.97 -49.65 -27.26
N THR J 58 0.48 -50.64 -28.01
CA THR J 58 1.28 -51.81 -28.33
C THR J 58 1.19 -52.09 -29.83
N TYR J 59 0.02 -51.85 -30.42
CA TYR J 59 -0.10 -51.84 -31.87
C TYR J 59 -0.43 -50.42 -32.32
N TYR J 60 0.33 -49.94 -33.27
CA TYR J 60 -0.15 -48.68 -33.81
C TYR J 60 -1.20 -48.86 -34.91
N PRO J 61 -0.97 -49.66 -36.00
CA PRO J 61 -1.99 -49.65 -37.05
C PRO J 61 -2.97 -50.79 -36.90
N ASP J 62 -3.96 -50.82 -37.79
CA ASP J 62 -4.74 -52.02 -37.98
C ASP J 62 -3.99 -52.92 -38.95
N SER J 63 -4.53 -54.12 -39.19
CA SER J 63 -4.01 -55.14 -40.11
C SER J 63 -2.60 -55.59 -39.76
N VAL J 64 -2.27 -55.55 -38.47
CA VAL J 64 -1.02 -56.08 -37.96
C VAL J 64 -1.39 -56.88 -36.72
N LYS J 65 -2.70 -57.03 -36.52
CA LYS J 65 -3.28 -57.49 -35.26
C LYS J 65 -2.86 -58.91 -34.92
N GLY J 66 -2.46 -59.10 -33.66
CA GLY J 66 -1.93 -60.35 -33.21
C GLY J 66 -0.54 -60.68 -33.71
N ARG J 67 0.15 -59.73 -34.36
CA ARG J 67 1.42 -60.03 -35.00
C ARG J 67 2.51 -59.01 -34.67
N PHE J 68 2.22 -58.01 -33.84
CA PHE J 68 3.03 -56.82 -33.74
C PHE J 68 4.11 -56.89 -32.66
N THR J 69 3.73 -56.98 -31.39
CA THR J 69 4.58 -57.26 -30.23
C THR J 69 5.86 -56.41 -30.17
N ILE J 70 5.68 -55.11 -30.00
CA ILE J 70 6.81 -54.20 -29.78
C ILE J 70 7.12 -54.17 -28.29
N SER J 71 8.40 -54.14 -27.96
CA SER J 71 8.85 -53.97 -26.59
C SER J 71 9.88 -52.84 -26.55
N ARG J 72 10.40 -52.60 -25.35
CA ARG J 72 11.36 -51.51 -25.14
C ARG J 72 12.13 -51.81 -23.86
N ASP J 73 13.43 -51.58 -23.88
CA ASP J 73 14.28 -51.78 -22.72
C ASP J 73 15.06 -50.51 -22.40
N ASN J 74 14.80 -49.94 -21.23
CA ASN J 74 15.49 -48.73 -20.83
C ASN J 74 16.89 -49.04 -20.29
N ALA J 75 17.13 -50.30 -19.90
CA ALA J 75 18.38 -50.64 -19.22
C ALA J 75 19.56 -50.60 -20.18
N LYS J 76 19.56 -51.47 -21.18
CA LYS J 76 20.61 -51.48 -22.18
C LYS J 76 20.34 -50.52 -23.32
N ASN J 77 19.30 -49.68 -23.19
CA ASN J 77 19.03 -48.54 -24.06
C ASN J 77 18.77 -48.96 -25.50
N THR J 78 18.05 -50.08 -25.66
CA THR J 78 17.89 -50.70 -26.96
C THR J 78 16.61 -51.53 -26.95
N LEU J 79 15.78 -51.33 -27.97
CA LEU J 79 14.51 -52.03 -28.10
C LEU J 79 14.61 -53.08 -29.19
N TYR J 80 13.51 -53.82 -29.37
CA TYR J 80 13.39 -54.86 -30.39
C TYR J 80 11.92 -55.22 -30.56
N LEU J 81 11.63 -55.99 -31.60
CA LEU J 81 10.27 -56.47 -31.83
C LEU J 81 10.29 -57.88 -32.38
N GLN J 82 9.10 -58.48 -32.40
CA GLN J 82 8.86 -59.83 -32.89
C GLN J 82 7.62 -59.84 -33.76
N MET J 83 7.74 -60.34 -34.99
CA MET J 83 6.62 -60.32 -35.93
C MET J 83 6.21 -61.77 -36.21
N SER J 84 5.32 -62.30 -35.38
CA SER J 84 4.90 -63.68 -35.46
C SER J 84 3.87 -63.89 -36.56
N SER J 85 3.90 -65.10 -37.15
CA SER J 85 2.93 -65.60 -38.11
C SER J 85 2.81 -64.69 -39.34
N LEU J 86 3.92 -64.62 -40.08
CA LEU J 86 4.04 -63.64 -41.15
C LEU J 86 3.16 -63.97 -42.34
N LYS J 87 2.48 -62.95 -42.86
CA LYS J 87 1.64 -63.02 -44.03
C LYS J 87 2.48 -62.74 -45.27
N SER J 88 1.91 -62.99 -46.45
CA SER J 88 2.46 -62.50 -47.70
C SER J 88 2.16 -61.00 -47.86
N GLU J 89 2.45 -60.49 -49.06
CA GLU J 89 2.49 -59.05 -49.36
C GLU J 89 3.40 -58.32 -48.37
N ASP J 90 4.52 -58.95 -48.04
CA ASP J 90 5.37 -58.49 -46.95
C ASP J 90 6.83 -58.68 -47.32
N THR J 91 7.58 -57.58 -47.37
CA THR J 91 9.01 -57.66 -47.66
C THR J 91 9.81 -57.98 -46.41
N ALA J 92 9.84 -57.04 -45.46
CA ALA J 92 10.66 -57.07 -44.25
C ALA J 92 10.32 -55.84 -43.42
N MET J 93 10.92 -55.75 -42.25
CA MET J 93 10.96 -54.51 -41.47
C MET J 93 12.24 -53.78 -41.82
N TYR J 94 12.17 -52.45 -41.99
CA TYR J 94 13.31 -51.74 -42.53
C TYR J 94 13.92 -50.71 -41.59
N TYR J 95 13.17 -49.71 -41.15
CA TYR J 95 13.76 -48.51 -40.59
C TYR J 95 13.40 -48.33 -39.12
N CYS J 96 14.24 -47.55 -38.43
CA CYS J 96 13.96 -47.04 -37.11
C CYS J 96 14.04 -45.52 -37.16
N ALA J 97 13.27 -44.87 -36.29
CA ALA J 97 13.20 -43.41 -36.31
C ALA J 97 12.81 -42.89 -34.94
N ARG J 98 12.96 -41.59 -34.77
CA ARG J 98 12.75 -40.93 -33.49
C ARG J 98 11.69 -39.84 -33.62
N HIS J 99 10.86 -39.73 -32.59
CA HIS J 99 9.77 -38.76 -32.63
C HIS J 99 10.28 -37.35 -32.40
N GLY J 100 10.97 -37.13 -31.29
CA GLY J 100 11.49 -35.81 -30.98
C GLY J 100 10.42 -34.88 -30.43
N ILE J 101 10.87 -33.70 -30.00
CA ILE J 101 9.99 -32.70 -29.41
C ILE J 101 9.98 -31.48 -30.30
N THR J 102 9.25 -30.45 -29.87
CA THR J 102 9.11 -29.15 -30.54
C THR J 102 8.54 -29.26 -31.94
N THR J 103 7.87 -30.35 -32.25
CA THR J 103 7.07 -30.48 -33.45
C THR J 103 5.61 -30.32 -33.03
N VAL J 104 4.69 -30.62 -33.94
CA VAL J 104 3.29 -30.46 -33.58
C VAL J 104 2.62 -31.83 -33.48
N GLY J 105 2.51 -32.54 -34.59
CA GLY J 105 1.81 -33.82 -34.52
C GLY J 105 2.71 -35.00 -34.20
N VAL J 106 3.63 -35.31 -35.13
CA VAL J 106 4.70 -36.27 -34.95
C VAL J 106 5.65 -36.08 -36.14
N ALA J 107 6.92 -36.43 -35.98
CA ALA J 107 7.88 -36.35 -37.06
C ALA J 107 8.99 -37.36 -36.80
N MET J 108 9.66 -37.76 -37.86
CA MET J 108 10.73 -38.76 -37.76
C MET J 108 12.05 -38.05 -38.00
N ASP J 109 12.58 -37.38 -36.96
CA ASP J 109 13.66 -36.43 -37.16
C ASP J 109 15.00 -37.09 -37.46
N TYR J 110 15.15 -38.37 -37.19
CA TYR J 110 16.36 -39.09 -37.54
C TYR J 110 15.97 -40.46 -38.07
N TRP J 111 16.91 -41.11 -38.74
CA TRP J 111 16.67 -42.38 -39.42
C TRP J 111 17.90 -43.25 -39.25
N GLY J 112 17.73 -44.39 -38.58
CA GLY J 112 18.87 -45.24 -38.31
C GLY J 112 19.44 -45.95 -39.51
N GLN J 113 18.72 -46.94 -40.04
CA GLN J 113 19.23 -47.79 -41.10
C GLN J 113 18.06 -48.62 -41.64
N GLY J 114 18.06 -48.84 -42.95
CA GLY J 114 17.09 -49.73 -43.59
C GLY J 114 17.73 -51.06 -43.90
N THR J 115 16.98 -52.14 -43.65
CA THR J 115 17.48 -53.51 -43.83
C THR J 115 16.51 -54.28 -44.72
N TYR J 116 17.03 -54.84 -45.81
CA TYR J 116 16.21 -55.59 -46.75
C TYR J 116 16.42 -57.09 -46.56
N SER J 117 15.32 -57.82 -46.42
CA SER J 117 15.38 -59.26 -46.21
C SER J 117 14.07 -59.89 -46.70
N HIS J 118 14.09 -60.39 -47.94
CA HIS J 118 12.92 -61.05 -48.50
C HIS J 118 12.70 -62.40 -47.85
N VAL J 119 11.44 -62.71 -47.55
CA VAL J 119 11.08 -63.69 -46.55
C VAL J 119 10.67 -65.02 -47.16
N SER J 120 10.12 -65.00 -48.37
CA SER J 120 9.42 -66.16 -48.90
C SER J 120 10.29 -66.97 -49.85
N SER J 121 10.22 -68.29 -49.69
CA SER J 121 10.61 -69.28 -50.70
C SER J 121 12.10 -69.22 -51.04
N ALA J 122 12.91 -69.53 -50.04
CA ALA J 122 14.36 -69.60 -50.23
C ALA J 122 14.75 -70.81 -51.08
N ILE K 2 -8.36 -44.35 -42.67
CA ILE K 2 -8.59 -44.29 -44.11
C ILE K 2 -8.45 -42.84 -44.60
N VAL K 3 -7.76 -42.67 -45.73
CA VAL K 3 -7.49 -41.35 -46.31
C VAL K 3 -7.76 -41.41 -47.81
N MET K 4 -7.56 -40.26 -48.48
CA MET K 4 -7.61 -40.19 -49.94
C MET K 4 -6.67 -39.05 -50.36
N THR K 5 -5.39 -39.39 -50.50
CA THR K 5 -4.35 -38.40 -50.73
C THR K 5 -4.31 -37.97 -52.20
N GLN K 6 -3.53 -36.93 -52.48
CA GLN K 6 -3.50 -36.32 -53.79
C GLN K 6 -2.08 -36.01 -54.21
N SER K 7 -1.79 -36.26 -55.49
CA SER K 7 -0.64 -35.74 -56.19
C SER K 7 -0.98 -35.76 -57.67
N PRO K 8 -0.51 -34.78 -58.45
CA PRO K 8 -0.79 -34.80 -59.89
C PRO K 8 -0.16 -35.97 -60.63
N ALA K 9 1.16 -36.12 -60.58
CA ALA K 9 1.86 -37.16 -61.34
C ALA K 9 3.29 -37.24 -60.83
N SER K 10 4.13 -37.94 -61.58
CA SER K 10 5.57 -37.80 -61.48
C SER K 10 5.99 -36.54 -62.24
N LEU K 11 6.57 -35.58 -61.55
CA LEU K 11 6.72 -34.24 -62.10
C LEU K 11 8.03 -34.08 -62.88
N ALA K 12 8.21 -32.90 -63.44
CA ALA K 12 9.44 -32.51 -64.12
C ALA K 12 9.57 -31.00 -63.98
N VAL K 13 10.78 -30.51 -64.25
CA VAL K 13 11.06 -29.09 -64.11
C VAL K 13 12.11 -28.70 -65.13
N SER K 14 11.99 -27.48 -65.65
CA SER K 14 12.93 -26.94 -66.63
C SER K 14 13.85 -25.92 -65.97
N LEU K 15 14.14 -26.14 -64.67
CA LEU K 15 15.02 -25.30 -63.85
C LEU K 15 14.53 -23.86 -63.83
N GLY K 16 13.22 -23.70 -63.65
CA GLY K 16 12.61 -22.40 -63.77
C GLY K 16 12.01 -21.85 -62.50
N GLN K 17 12.58 -22.24 -61.35
CA GLN K 17 12.37 -21.71 -60.00
C GLN K 17 11.02 -22.08 -59.40
N ARG K 18 10.07 -22.60 -60.17
CA ARG K 18 8.72 -22.83 -59.66
C ARG K 18 8.30 -24.28 -59.87
N ALA K 19 7.82 -24.88 -58.79
CA ALA K 19 7.31 -26.26 -58.81
C ALA K 19 6.36 -26.39 -57.64
N THR K 20 5.06 -26.46 -57.94
CA THR K 20 4.02 -26.51 -56.92
C THR K 20 3.23 -27.80 -57.07
N ILE K 21 3.32 -28.66 -56.07
CA ILE K 21 2.57 -29.92 -56.04
C ILE K 21 1.70 -29.91 -54.80
N SER K 22 0.52 -30.51 -54.90
CA SER K 22 -0.52 -30.34 -53.89
C SER K 22 -1.11 -31.66 -53.45
N CYS K 23 -1.63 -31.67 -52.22
CA CYS K 23 -2.40 -32.78 -51.67
C CYS K 23 -3.55 -32.13 -50.91
N LYS K 24 -4.75 -32.13 -51.48
CA LYS K 24 -5.79 -31.24 -50.97
C LYS K 24 -6.48 -31.80 -49.73
N ALA K 25 -7.06 -33.01 -49.80
CA ALA K 25 -7.92 -33.47 -48.72
C ALA K 25 -7.85 -34.99 -48.64
N SER K 26 -6.97 -35.49 -47.77
CA SER K 26 -6.95 -36.92 -47.51
C SER K 26 -8.20 -37.34 -46.75
N GLN K 27 -8.69 -36.47 -45.87
CA GLN K 27 -9.82 -36.74 -45.00
C GLN K 27 -10.57 -35.43 -44.83
N SER K 28 -11.32 -35.32 -43.75
CA SER K 28 -12.04 -34.09 -43.41
C SER K 28 -11.07 -33.03 -42.91
N VAL K 29 -11.64 -31.93 -42.42
CA VAL K 29 -10.87 -30.76 -41.98
C VAL K 29 -10.14 -31.04 -40.67
N ASP K 30 -9.28 -30.10 -40.26
CA ASP K 30 -8.55 -30.22 -39.03
C ASP K 30 -8.87 -29.03 -38.12
N TYR K 31 -8.68 -29.23 -36.83
CA TYR K 31 -9.13 -28.29 -35.80
C TYR K 31 -8.17 -27.13 -35.63
N ASP K 32 -8.28 -26.38 -34.54
CA ASP K 32 -7.57 -25.12 -34.39
C ASP K 32 -6.07 -25.33 -34.23
N GLY K 33 -5.69 -26.36 -33.50
CA GLY K 33 -4.32 -26.84 -33.53
C GLY K 33 -4.16 -27.74 -34.72
N ASP K 34 -4.00 -27.15 -35.91
CA ASP K 34 -4.29 -27.81 -37.19
C ASP K 34 -3.48 -29.06 -37.46
N SER K 35 -2.31 -29.22 -36.83
CA SER K 35 -1.63 -30.49 -36.62
C SER K 35 -1.26 -31.22 -37.90
N TYR K 36 -1.19 -30.54 -39.03
CA TYR K 36 -0.85 -31.22 -40.27
C TYR K 36 0.66 -31.40 -40.34
N MET K 37 1.12 -32.65 -40.38
CA MET K 37 2.55 -32.88 -40.28
C MET K 37 3.21 -32.63 -41.63
N ASN K 38 4.45 -33.07 -41.74
CA ASN K 38 5.40 -32.42 -42.62
C ASN K 38 5.71 -33.28 -43.84
N TRP K 39 6.50 -32.72 -44.75
CA TRP K 39 6.90 -33.40 -45.97
C TRP K 39 8.30 -33.99 -45.83
N TYR K 40 8.45 -35.24 -46.24
CA TYR K 40 9.74 -35.90 -46.22
C TYR K 40 10.30 -36.01 -47.62
N GLN K 41 11.61 -36.17 -47.71
CA GLN K 41 12.26 -36.43 -48.99
C GLN K 41 13.16 -37.64 -48.88
N GLN K 42 13.29 -38.34 -50.00
CA GLN K 42 14.33 -39.35 -50.15
C GLN K 42 14.68 -39.46 -51.62
N LYS K 43 15.85 -39.94 -51.87
CA LYS K 43 16.41 -40.34 -53.15
C LYS K 43 16.89 -41.78 -53.02
N PRO K 44 17.07 -42.51 -54.14
CA PRO K 44 17.47 -43.93 -54.03
C PRO K 44 18.84 -44.16 -53.42
N GLY K 45 19.66 -43.13 -53.25
CA GLY K 45 20.92 -43.29 -52.57
C GLY K 45 20.93 -42.77 -51.15
N GLN K 46 19.76 -42.68 -50.50
CA GLN K 46 19.71 -42.09 -49.17
C GLN K 46 18.45 -42.56 -48.45
N PRO K 47 18.45 -42.56 -47.11
CA PRO K 47 17.21 -42.80 -46.36
C PRO K 47 16.31 -41.58 -46.40
N PRO K 48 15.06 -41.66 -45.91
CA PRO K 48 14.20 -40.47 -45.86
C PRO K 48 14.74 -39.37 -44.95
N LYS K 49 14.18 -38.17 -45.14
CA LYS K 49 14.71 -36.97 -44.50
C LYS K 49 13.64 -35.88 -44.48
N LEU K 50 13.59 -35.16 -43.35
CA LEU K 50 12.68 -34.03 -43.18
C LEU K 50 12.98 -32.89 -44.17
N LEU K 51 11.93 -32.22 -44.64
CA LEU K 51 12.09 -30.91 -45.24
C LEU K 51 11.70 -29.81 -44.27
N ILE K 52 10.46 -29.83 -43.90
CA ILE K 52 9.80 -28.74 -43.19
C ILE K 52 9.47 -29.29 -41.82
N TYR K 53 9.27 -28.42 -40.85
CA TYR K 53 8.89 -28.88 -39.52
C TYR K 53 7.76 -28.00 -39.03
N ALA K 54 6.92 -28.57 -38.17
CA ALA K 54 5.85 -27.90 -37.44
C ALA K 54 4.88 -27.15 -38.36
N ALA K 55 4.64 -27.71 -39.54
CA ALA K 55 3.56 -27.37 -40.47
C ALA K 55 3.74 -26.02 -41.16
N SER K 56 4.70 -25.22 -40.74
CA SER K 56 4.83 -23.89 -41.32
C SER K 56 6.23 -23.51 -41.75
N ASN K 57 7.26 -23.85 -40.99
CA ASN K 57 8.49 -23.07 -41.08
C ASN K 57 9.71 -23.94 -41.35
N LEU K 58 10.73 -23.29 -41.90
CA LEU K 58 11.88 -23.92 -42.50
C LEU K 58 12.80 -24.51 -41.43
N GLU K 59 13.40 -25.64 -41.75
CA GLU K 59 14.14 -26.42 -40.77
C GLU K 59 15.51 -25.81 -40.51
N SER K 60 15.87 -25.74 -39.23
CA SER K 60 17.25 -25.50 -38.82
C SER K 60 18.09 -26.70 -39.23
N GLY K 61 18.93 -26.53 -40.24
CA GLY K 61 19.77 -27.61 -40.72
C GLY K 61 19.82 -27.60 -42.22
N ILE K 62 18.82 -27.00 -42.84
CA ILE K 62 18.78 -26.84 -44.30
C ILE K 62 18.88 -25.36 -44.60
N PRO K 63 19.41 -24.97 -45.77
CA PRO K 63 19.45 -23.55 -46.12
C PRO K 63 18.07 -22.99 -46.47
N ALA K 64 18.03 -21.66 -46.49
CA ALA K 64 16.79 -20.90 -46.59
C ALA K 64 16.48 -20.62 -48.05
N ARG K 65 15.81 -21.56 -48.71
CA ARG K 65 15.54 -21.35 -50.13
C ARG K 65 14.18 -21.87 -50.58
N PHE K 66 13.34 -22.37 -49.69
CA PHE K 66 12.00 -22.78 -50.08
C PHE K 66 11.11 -22.82 -48.85
N SER K 67 9.81 -22.94 -49.09
CA SER K 67 8.81 -23.01 -48.03
C SER K 67 7.59 -23.73 -48.56
N GLY K 68 6.46 -23.56 -47.88
CA GLY K 68 5.21 -24.11 -48.32
C GLY K 68 4.04 -23.41 -47.65
N SER K 69 2.90 -23.46 -48.33
CA SER K 69 1.68 -22.84 -47.83
C SER K 69 0.80 -23.88 -47.14
N GLY K 70 -0.02 -23.40 -46.21
CA GLY K 70 -0.92 -24.25 -45.48
C GLY K 70 -2.15 -23.52 -45.01
N SER K 71 -3.34 -24.03 -45.32
CA SER K 71 -4.57 -23.36 -44.87
C SER K 71 -5.66 -24.41 -44.66
N GLY K 72 -5.77 -24.88 -43.43
CA GLY K 72 -6.95 -25.61 -43.00
C GLY K 72 -6.99 -27.04 -43.50
N THR K 73 -7.39 -27.22 -44.76
CA THR K 73 -7.31 -28.52 -45.40
C THR K 73 -6.51 -28.49 -46.69
N ASP K 74 -6.85 -27.58 -47.60
CA ASP K 74 -6.37 -27.63 -48.97
C ASP K 74 -5.21 -26.66 -49.12
N PHE K 75 -4.05 -27.17 -49.53
CA PHE K 75 -2.87 -26.34 -49.73
C PHE K 75 -1.86 -27.07 -50.60
N THR K 76 -0.67 -26.46 -50.73
CA THR K 76 0.35 -26.93 -51.64
C THR K 76 1.72 -26.45 -51.16
N LEU K 77 2.73 -26.67 -51.98
CA LEU K 77 4.09 -26.20 -51.73
C LEU K 77 4.44 -25.11 -52.72
N ASN K 78 5.64 -24.57 -52.54
CA ASN K 78 6.28 -23.73 -53.54
C ASN K 78 7.78 -23.90 -53.37
N ILE K 79 8.53 -23.36 -54.33
CA ILE K 79 9.98 -23.50 -54.33
C ILE K 79 10.55 -22.27 -55.03
N HIS K 80 11.87 -22.12 -54.96
CA HIS K 80 12.54 -20.84 -55.12
C HIS K 80 14.02 -21.14 -55.30
N PRO K 81 14.74 -20.40 -56.21
CA PRO K 81 15.52 -21.04 -57.28
C PRO K 81 16.16 -22.40 -57.04
N VAL K 82 15.89 -23.30 -57.97
CA VAL K 82 16.20 -24.71 -57.81
C VAL K 82 17.55 -25.01 -58.46
N GLU K 83 18.11 -26.15 -58.09
CA GLU K 83 19.40 -26.60 -58.60
C GLU K 83 19.45 -28.13 -58.49
N GLU K 84 20.67 -28.68 -58.55
CA GLU K 84 20.90 -30.09 -58.88
C GLU K 84 20.30 -31.06 -57.87
N GLU K 85 20.58 -30.87 -56.58
CA GLU K 85 20.17 -31.85 -55.56
C GLU K 85 18.73 -31.65 -55.11
N ASP K 86 17.94 -30.87 -55.85
CA ASP K 86 16.59 -30.58 -55.43
C ASP K 86 15.60 -31.56 -56.02
N ALA K 87 15.92 -32.11 -57.20
CA ALA K 87 15.05 -33.06 -57.89
C ALA K 87 15.07 -34.39 -57.14
N ALA K 88 13.93 -34.74 -56.55
CA ALA K 88 13.89 -35.87 -55.62
C ALA K 88 12.45 -36.40 -55.54
N THR K 89 12.21 -37.21 -54.53
CA THR K 89 10.89 -37.80 -54.26
C THR K 89 10.37 -37.20 -52.96
N TYR K 90 9.22 -36.55 -53.03
CA TYR K 90 8.67 -35.81 -51.90
C TYR K 90 7.35 -36.45 -51.50
N TYR K 91 7.26 -36.88 -50.25
CA TYR K 91 6.06 -37.53 -49.74
C TYR K 91 5.30 -36.59 -48.82
N CYS K 92 3.98 -36.82 -48.72
CA CYS K 92 3.05 -35.86 -48.13
C CYS K 92 2.24 -36.52 -47.03
N GLN K 93 2.77 -36.54 -45.80
CA GLN K 93 2.01 -37.01 -44.66
C GLN K 93 1.57 -35.81 -43.84
N GLN K 94 0.28 -35.79 -43.50
CA GLN K 94 -0.26 -34.64 -42.80
C GLN K 94 -1.00 -35.09 -41.52
N SER K 95 -1.74 -36.18 -41.62
CA SER K 95 -2.80 -36.48 -40.66
C SER K 95 -2.23 -37.07 -39.38
N ASN K 96 -2.56 -36.47 -38.25
CA ASN K 96 -2.15 -36.98 -36.94
C ASN K 96 -3.34 -37.05 -36.00
N GLU K 97 -4.19 -38.07 -36.13
CA GLU K 97 -4.98 -38.37 -34.95
C GLU K 97 -4.87 -39.80 -34.45
N ASP K 98 -5.58 -40.73 -35.12
CA ASP K 98 -5.37 -42.12 -34.76
C ASP K 98 -4.41 -42.87 -35.69
N PRO K 99 -4.57 -42.87 -37.04
CA PRO K 99 -3.50 -43.47 -37.83
C PRO K 99 -2.52 -42.42 -38.31
N TYR K 100 -1.36 -42.88 -38.77
CA TYR K 100 -0.42 -42.03 -39.47
C TYR K 100 -0.46 -42.51 -40.91
N THR K 101 -0.57 -41.59 -41.85
CA THR K 101 -0.86 -41.93 -43.23
C THR K 101 -0.13 -41.01 -44.18
N PHE K 102 0.28 -41.58 -45.32
CA PHE K 102 0.51 -40.82 -46.54
C PHE K 102 0.31 -41.74 -47.71
N GLY K 103 -0.25 -41.21 -48.78
CA GLY K 103 -0.45 -41.98 -49.99
C GLY K 103 0.15 -41.26 -51.17
N ALA K 104 0.39 -39.97 -50.98
CA ALA K 104 0.93 -39.11 -52.00
C ALA K 104 2.43 -39.35 -52.19
N GLY K 105 2.97 -38.77 -53.25
CA GLY K 105 4.38 -38.91 -53.53
C GLY K 105 4.72 -38.27 -54.86
N THR K 106 5.99 -37.91 -54.99
CA THR K 106 6.47 -37.24 -56.19
C THR K 106 7.63 -38.02 -56.78
N LYS K 107 7.84 -37.80 -58.07
CA LYS K 107 9.08 -38.18 -58.76
C LYS K 107 9.43 -36.97 -59.61
N LEU K 108 10.40 -36.18 -59.15
CA LEU K 108 10.75 -34.94 -59.81
C LEU K 108 12.16 -35.01 -60.37
N GLU K 109 12.31 -34.51 -61.60
CA GLU K 109 13.57 -34.58 -62.31
C GLU K 109 13.67 -33.37 -63.22
N LEU K 110 14.88 -32.83 -63.37
CA LEU K 110 15.10 -31.69 -64.25
C LEU K 110 14.95 -32.09 -65.71
N LYS K 111 14.51 -31.15 -66.54
CA LYS K 111 14.31 -31.41 -67.96
C LYS K 111 15.57 -31.07 -68.74
N ARG K 112 16.02 -32.02 -69.57
CA ARG K 112 17.22 -31.84 -70.36
C ARG K 112 16.98 -30.87 -71.52
N ILE L 2 60.48 3.25 -13.44
CA ILE L 2 61.28 2.63 -14.49
C ILE L 2 60.39 1.88 -15.47
N VAL L 3 60.65 2.05 -16.77
CA VAL L 3 59.85 1.46 -17.84
C VAL L 3 60.79 0.84 -18.87
N MET L 4 60.20 0.25 -19.92
CA MET L 4 60.95 -0.23 -21.08
C MET L 4 60.02 -0.14 -22.30
N THR L 5 59.98 1.03 -22.91
CA THR L 5 59.02 1.33 -23.96
C THR L 5 59.47 0.74 -25.29
N GLN L 6 58.57 0.79 -26.28
CA GLN L 6 58.81 0.14 -27.56
C GLN L 6 58.37 1.03 -28.70
N SER L 7 59.18 1.04 -29.76
CA SER L 7 58.81 1.53 -31.08
C SER L 7 59.73 0.86 -32.06
N PRO L 8 59.25 0.53 -33.27
CA PRO L 8 60.13 -0.09 -34.26
C PRO L 8 61.27 0.80 -34.74
N ALA L 9 60.97 1.97 -35.29
CA ALA L 9 62.00 2.86 -35.86
C ALA L 9 61.36 4.22 -36.12
N SER L 10 62.07 5.05 -36.87
CA SER L 10 61.49 6.19 -37.55
C SER L 10 60.80 5.69 -38.82
N LEU L 11 59.49 5.88 -38.90
CA LEU L 11 58.69 5.18 -39.90
C LEU L 11 58.61 5.96 -41.22
N ALA L 12 57.93 5.35 -42.18
CA ALA L 12 57.63 5.99 -43.46
C ALA L 12 56.34 5.38 -43.97
N VAL L 13 55.74 6.05 -44.96
CA VAL L 13 54.45 5.61 -45.50
C VAL L 13 54.40 6.00 -46.97
N SER L 14 53.78 5.15 -47.77
CA SER L 14 53.60 5.38 -49.19
C SER L 14 52.17 5.80 -49.50
N LEU L 15 51.56 6.51 -48.53
CA LEU L 15 50.19 7.05 -48.62
C LEU L 15 49.18 5.93 -48.89
N GLY L 16 49.34 4.82 -48.17
CA GLY L 16 48.57 3.63 -48.44
C GLY L 16 47.62 3.22 -47.34
N GLN L 17 47.14 4.20 -46.56
CA GLN L 17 46.04 4.14 -45.59
C GLN L 17 46.41 3.37 -44.31
N ARG L 18 47.52 2.65 -44.27
CA ARG L 18 47.81 1.80 -43.13
C ARG L 18 49.17 2.12 -42.55
N ALA L 19 49.22 2.33 -41.23
CA ALA L 19 50.46 2.59 -40.51
C ALA L 19 50.20 2.19 -39.07
N THR L 20 50.80 1.08 -38.64
CA THR L 20 50.60 0.55 -37.30
C THR L 20 51.92 0.49 -36.56
N ILE L 21 52.03 1.28 -35.50
CA ILE L 21 53.21 1.29 -34.65
C ILE L 21 52.79 0.92 -33.24
N SER L 22 53.67 0.22 -32.52
CA SER L 22 53.28 -0.43 -31.29
C SER L 22 54.26 -0.13 -30.16
N CYS L 23 53.75 -0.23 -28.93
CA CYS L 23 54.55 -0.15 -27.72
C CYS L 23 53.96 -1.20 -26.78
N LYS L 24 54.62 -2.35 -26.65
CA LYS L 24 53.96 -3.50 -26.06
C LYS L 24 53.92 -3.44 -24.53
N ALA L 25 55.07 -3.33 -23.87
CA ALA L 25 55.10 -3.51 -22.41
C ALA L 25 56.23 -2.67 -21.85
N SER L 26 55.90 -1.45 -21.40
CA SER L 26 56.87 -0.65 -20.68
C SER L 26 57.16 -1.26 -19.31
N GLN L 27 56.14 -1.85 -18.69
CA GLN L 27 56.21 -2.41 -17.35
C GLN L 27 55.30 -3.62 -17.33
N SER L 28 54.85 -4.00 -16.14
CA SER L 28 53.92 -5.10 -15.98
C SER L 28 52.51 -4.70 -16.43
N VAL L 29 51.55 -5.58 -16.18
CA VAL L 29 50.17 -5.41 -16.63
C VAL L 29 49.46 -4.31 -15.85
N ASP L 30 48.26 -3.97 -16.29
CA ASP L 30 47.45 -2.96 -15.63
C ASP L 30 46.12 -3.56 -15.19
N TYR L 31 45.52 -2.94 -14.18
CA TYR L 31 44.36 -3.50 -13.50
C TYR L 31 43.07 -3.24 -14.27
N ASP L 32 41.92 -3.41 -13.60
CA ASP L 32 40.63 -3.42 -14.31
C ASP L 32 40.27 -2.03 -14.84
N GLY L 33 40.57 -0.99 -14.07
CA GLY L 33 40.56 0.35 -14.58
C GLY L 33 41.88 0.61 -15.27
N ASP L 34 42.01 0.11 -16.51
CA ASP L 34 43.30 -0.16 -17.14
C ASP L 34 44.21 1.07 -17.30
N SER L 35 43.64 2.27 -17.31
CA SER L 35 44.33 3.53 -17.01
C SER L 35 45.49 3.84 -17.94
N TYR L 36 45.55 3.24 -19.13
CA TYR L 36 46.66 3.52 -20.02
C TYR L 36 46.40 4.82 -20.74
N MET L 37 47.26 5.81 -20.56
CA MET L 37 46.96 7.13 -21.08
C MET L 37 47.31 7.18 -22.57
N ASN L 38 47.34 8.38 -23.11
CA ASN L 38 47.04 8.60 -24.51
C ASN L 38 48.29 8.94 -25.31
N TRP L 39 48.11 9.04 -26.62
CA TRP L 39 49.19 9.38 -27.53
C TRP L 39 49.16 10.86 -27.89
N TYR L 40 50.33 11.50 -27.83
CA TYR L 40 50.45 12.90 -28.20
C TYR L 40 51.14 13.02 -29.55
N GLN L 41 50.93 14.15 -30.21
CA GLN L 41 51.64 14.46 -31.44
C GLN L 41 52.27 15.84 -31.35
N GLN L 42 53.40 15.98 -32.04
CA GLN L 42 53.95 17.29 -32.32
C GLN L 42 54.75 17.23 -33.60
N LYS L 43 54.91 18.37 -34.20
CA LYS L 43 55.76 18.66 -35.33
C LYS L 43 56.69 19.81 -34.94
N PRO L 44 57.81 20.01 -35.65
CA PRO L 44 58.74 21.08 -35.24
C PRO L 44 58.19 22.50 -35.35
N GLY L 45 57.05 22.69 -35.99
CA GLY L 45 56.44 23.99 -36.00
C GLY L 45 55.25 24.14 -35.07
N GLN L 46 55.17 23.33 -34.02
CA GLN L 46 53.99 23.35 -33.17
C GLN L 46 54.33 22.75 -31.81
N PRO L 47 53.62 23.12 -30.75
CA PRO L 47 53.76 22.42 -29.45
C PRO L 47 53.08 21.07 -29.49
N PRO L 48 53.25 20.23 -28.46
CA PRO L 48 52.54 18.94 -28.43
C PRO L 48 51.02 19.08 -28.39
N LYS L 49 50.34 17.97 -28.71
CA LYS L 49 48.90 17.98 -28.89
C LYS L 49 48.35 16.57 -28.74
N LEU L 50 47.18 16.47 -28.09
CA LEU L 50 46.46 15.21 -27.93
C LEU L 50 46.03 14.62 -29.26
N LEU L 51 46.07 13.30 -29.37
CA LEU L 51 45.31 12.61 -30.41
C LEU L 51 44.04 12.01 -29.85
N ILE L 52 44.20 11.10 -28.94
CA ILE L 52 43.17 10.21 -28.46
C ILE L 52 42.96 10.59 -27.00
N TYR L 53 41.79 10.26 -26.45
CA TYR L 53 41.55 10.55 -25.05
C TYR L 53 40.93 9.31 -24.44
N ALA L 54 41.16 9.16 -23.13
CA ALA L 54 40.54 8.14 -22.28
C ALA L 54 40.73 6.73 -22.80
N ALA L 55 41.89 6.46 -23.42
CA ALA L 55 42.43 5.16 -23.75
C ALA L 55 41.71 4.43 -24.87
N SER L 56 40.56 4.94 -25.30
CA SER L 56 39.80 4.22 -26.31
C SER L 56 39.32 5.07 -27.47
N ASN L 57 38.88 6.29 -27.26
CA ASN L 57 37.95 6.88 -28.21
C ASN L 57 38.42 8.24 -28.71
N LEU L 58 37.91 8.59 -29.89
CA LEU L 58 38.39 9.70 -30.69
C LEU L 58 38.00 11.05 -30.08
N GLU L 59 38.90 12.00 -30.22
CA GLU L 59 38.75 13.27 -29.52
C GLU L 59 37.73 14.17 -30.20
N SER L 60 36.87 14.79 -29.38
CA SER L 60 36.06 15.92 -29.83
C SER L 60 36.97 17.09 -30.13
N GLY L 61 37.13 17.42 -31.40
CA GLY L 61 37.99 18.51 -31.80
C GLY L 61 38.80 18.13 -33.02
N ILE L 62 38.96 16.83 -33.23
CA ILE L 62 39.64 16.33 -34.42
C ILE L 62 38.62 15.58 -35.26
N PRO L 63 38.80 15.49 -36.57
CA PRO L 63 37.85 14.72 -37.40
C PRO L 63 38.00 13.22 -37.20
N ALA L 64 36.99 12.50 -37.68
CA ALA L 64 36.80 11.08 -37.43
C ALA L 64 37.47 10.28 -38.55
N ARG L 65 38.77 10.02 -38.39
CA ARG L 65 39.46 9.30 -39.47
C ARG L 65 40.50 8.31 -38.97
N PHE L 66 40.67 8.12 -37.66
CA PHE L 66 41.59 7.11 -37.17
C PHE L 66 41.22 6.76 -35.73
N SER L 67 41.82 5.68 -35.25
CA SER L 67 41.59 5.19 -33.90
C SER L 67 42.81 4.39 -33.46
N GLY L 68 42.62 3.58 -32.43
CA GLY L 68 43.68 2.70 -31.96
C GLY L 68 43.10 1.58 -31.12
N SER L 69 43.85 0.48 -31.07
CA SER L 69 43.44 -0.69 -30.30
C SER L 69 44.15 -0.71 -28.95
N GLY L 70 43.50 -1.35 -27.98
CA GLY L 70 44.05 -1.47 -26.65
C GLY L 70 43.57 -2.72 -25.94
N SER L 71 44.50 -3.52 -25.42
CA SER L 71 44.09 -4.74 -24.72
C SER L 71 45.12 -5.05 -23.62
N GLY L 72 44.85 -4.57 -22.42
CA GLY L 72 45.54 -5.05 -21.24
C GLY L 72 46.93 -4.50 -21.09
N THR L 73 47.87 -5.09 -21.83
CA THR L 73 49.22 -4.55 -21.90
C THR L 73 49.67 -4.28 -23.33
N ASP L 74 49.56 -5.26 -24.20
CA ASP L 74 50.20 -5.22 -25.52
C ASP L 74 49.18 -4.80 -26.56
N PHE L 75 49.46 -3.71 -27.26
CA PHE L 75 48.56 -3.21 -28.29
C PHE L 75 49.32 -2.25 -29.22
N THR L 76 48.56 -1.62 -30.12
CA THR L 76 49.12 -0.79 -31.18
C THR L 76 48.08 0.22 -31.64
N LEU L 77 48.40 0.94 -32.70
CA LEU L 77 47.50 1.88 -33.33
C LEU L 77 47.08 1.35 -34.70
N ASN L 78 46.19 2.11 -35.34
CA ASN L 78 45.90 1.95 -36.75
C ASN L 78 45.50 3.30 -37.30
N ILE L 79 45.38 3.39 -38.62
CA ILE L 79 45.07 4.64 -39.28
C ILE L 79 44.31 4.31 -40.55
N HIS L 80 43.78 5.34 -41.21
CA HIS L 80 42.65 5.19 -42.12
C HIS L 80 42.56 6.52 -42.89
N PRO L 81 42.25 6.47 -44.23
CA PRO L 81 43.12 7.14 -45.23
C PRO L 81 43.86 8.41 -44.84
N VAL L 82 45.16 8.39 -45.12
CA VAL L 82 46.08 9.39 -44.64
C VAL L 82 46.27 10.47 -45.70
N GLU L 83 46.80 11.60 -45.27
CA GLU L 83 47.06 12.74 -46.13
C GLU L 83 48.18 13.58 -45.51
N GLU L 84 48.29 14.83 -45.96
CA GLU L 84 49.50 15.63 -45.82
C GLU L 84 49.89 15.91 -44.37
N GLU L 85 48.97 16.40 -43.55
CA GLU L 85 49.30 16.84 -42.20
C GLU L 85 49.31 15.68 -41.20
N ASP L 86 49.35 14.44 -41.69
CA ASP L 86 49.27 13.30 -40.80
C ASP L 86 50.67 12.81 -40.42
N ALA L 87 51.64 13.03 -41.31
CA ALA L 87 53.02 12.59 -41.09
C ALA L 87 53.65 13.47 -40.02
N ALA L 88 53.94 12.89 -38.85
CA ALA L 88 54.34 13.67 -37.69
C ALA L 88 55.12 12.78 -36.74
N THR L 89 55.29 13.27 -35.51
CA THR L 89 55.98 12.56 -34.44
C THR L 89 54.97 12.19 -33.37
N TYR L 90 54.83 10.90 -33.10
CA TYR L 90 53.79 10.40 -32.21
C TYR L 90 54.46 9.74 -31.02
N TYR L 91 54.15 10.23 -29.82
CA TYR L 91 54.74 9.71 -28.60
C TYR L 91 53.72 8.87 -27.84
N CYS L 92 54.23 7.93 -27.04
CA CYS L 92 53.42 6.85 -26.46
C CYS L 92 53.59 6.83 -24.94
N GLN L 93 52.79 7.61 -24.23
CA GLN L 93 52.76 7.54 -22.78
C GLN L 93 51.49 6.80 -22.34
N GLN L 94 51.67 5.82 -21.46
CA GLN L 94 50.54 5.00 -21.05
C GLN L 94 50.41 4.98 -19.53
N SER L 95 51.54 4.90 -18.83
CA SER L 95 51.57 4.44 -17.46
C SER L 95 51.17 5.56 -16.50
N ASN L 96 50.17 5.30 -15.67
CA ASN L 96 49.73 6.25 -14.64
C ASN L 96 49.63 5.56 -13.29
N GLU L 97 50.76 5.35 -12.60
CA GLU L 97 50.58 5.18 -11.17
C GLU L 97 51.42 6.12 -10.31
N ASP L 98 52.71 5.82 -10.15
CA ASP L 98 53.56 6.78 -9.46
C ASP L 98 54.35 7.68 -10.39
N PRO L 99 55.14 7.18 -11.39
CA PRO L 99 55.73 8.14 -12.32
C PRO L 99 54.87 8.30 -13.55
N TYR L 100 55.13 9.34 -14.32
CA TYR L 100 54.59 9.49 -15.65
C TYR L 100 55.76 9.29 -16.58
N THR L 101 55.58 8.49 -17.61
CA THR L 101 56.69 8.04 -18.44
C THR L 101 56.26 7.91 -19.89
N PHE L 102 57.21 8.21 -20.78
CA PHE L 102 57.21 7.68 -22.14
C PHE L 102 58.63 7.67 -22.64
N GLY L 103 58.96 6.64 -23.40
CA GLY L 103 60.28 6.53 -23.98
C GLY L 103 60.18 6.34 -25.47
N ALA L 104 58.99 5.94 -25.90
CA ALA L 104 58.72 5.66 -27.30
C ALA L 104 58.56 6.96 -28.09
N GLY L 105 58.53 6.83 -29.40
CA GLY L 105 58.39 7.97 -30.27
C GLY L 105 58.50 7.56 -31.71
N THR L 106 57.91 8.38 -32.58
CA THR L 106 57.90 8.11 -34.00
C THR L 106 58.49 9.29 -34.76
N LYS L 107 58.97 9.00 -35.97
CA LYS L 107 59.28 10.01 -36.98
C LYS L 107 58.67 9.46 -38.27
N LEU L 108 57.53 9.99 -38.66
CA LEU L 108 56.80 9.46 -39.81
C LEU L 108 56.75 10.51 -40.91
N GLU L 109 56.99 10.05 -42.14
CA GLU L 109 57.06 10.92 -43.31
C GLU L 109 56.58 10.14 -44.52
N LEU L 110 55.87 10.82 -45.42
CA LEU L 110 55.39 10.19 -46.64
C LEU L 110 56.56 9.86 -47.57
N LYS L 111 56.39 8.79 -48.36
CA LYS L 111 57.43 8.37 -49.29
C LYS L 111 57.22 9.02 -50.64
N ARG L 112 58.28 9.63 -51.18
CA ARG L 112 58.21 10.30 -52.47
C ARG L 112 58.15 9.31 -53.61
C1 NAG M . 4.97 23.30 -13.34
C2 NAG M . 6.12 24.33 -13.18
C3 NAG M . 5.59 25.73 -12.91
C4 NAG M . 4.50 26.12 -13.90
C5 NAG M . 3.43 25.04 -13.90
C6 NAG M . 2.30 25.32 -14.86
C7 NAG M . 6.89 23.74 -10.88
C8 NAG M . 8.10 23.31 -10.09
N2 NAG M . 7.11 23.92 -12.19
O3 NAG M . 6.68 26.65 -12.95
O4 NAG M . 3.91 27.37 -13.55
O5 NAG M . 4.00 23.79 -14.28
O6 NAG M . 1.29 26.08 -14.21
O7 NAG M . 5.80 23.90 -10.33
C1 NAG M . 4.36 28.39 -14.44
C2 NAG M . 3.26 29.43 -14.66
C3 NAG M . 3.76 30.57 -15.56
C4 NAG M . 5.06 31.15 -15.00
C5 NAG M . 6.09 30.05 -14.78
C6 NAG M . 7.35 30.55 -14.11
C7 NAG M . 0.84 29.29 -15.01
C8 NAG M . -0.27 28.55 -15.71
N2 NAG M . 2.08 28.83 -15.24
O3 NAG M . 2.78 31.59 -15.64
O4 NAG M . 5.59 32.10 -15.93
O5 NAG M . 5.54 29.04 -13.91
O6 NAG M . 7.59 31.91 -14.43
O7 NAG M . 0.63 30.24 -14.29
C1 NAG N . -21.78 43.13 21.99
C2 NAG N . -20.71 44.21 22.19
C3 NAG N . -20.72 44.72 23.64
C4 NAG N . -22.14 45.05 24.12
C5 NAG N . -23.12 43.94 23.78
C6 NAG N . -24.56 44.32 24.05
C7 NAG N . -18.89 43.69 20.62
C8 NAG N . -17.51 43.12 20.47
N2 NAG N . -19.39 43.69 21.87
O3 NAG N . -19.92 45.88 23.73
O4 NAG N . -22.11 45.16 25.54
O5 NAG N . -23.04 43.64 22.37
O6 NAG N . -24.74 45.73 24.02
O7 NAG N . -19.52 44.09 19.66
C1 NAG N . -22.28 46.50 26.05
C2 NAG N . -21.04 46.86 26.89
C3 NAG N . -21.14 48.29 27.40
C4 NAG N . -21.45 49.26 26.27
C5 NAG N . -22.68 48.80 25.50
C6 NAG N . -23.00 49.68 24.31
C7 NAG N . -19.74 45.34 28.36
C8 NAG N . -18.54 45.64 27.51
N2 NAG N . -20.90 45.94 28.01
O3 NAG N . -19.92 48.65 28.02
O4 NAG N . -21.70 50.57 26.79
O5 NAG N . -22.45 47.48 25.00
O6 NAG N . -22.96 51.05 24.70
O7 NAG N . -19.69 44.59 29.33
C1 NAG O . -27.79 22.18 -1.04
C2 NAG O . -26.99 21.07 -1.70
C3 NAG O . -27.63 20.65 -3.02
C4 NAG O . -29.10 20.29 -2.81
C5 NAG O . -29.82 21.41 -2.06
C6 NAG O . -31.24 21.06 -1.68
C7 NAG O . -25.07 22.41 -2.62
C8 NAG O . -23.59 22.51 -2.61
N2 NAG O . -25.58 21.40 -1.88
O3 NAG O . -26.93 19.53 -3.54
O4 NAG O . -29.71 20.15 -4.09
O5 NAG O . -29.13 21.74 -0.84
O6 NAG O . -31.37 19.67 -1.40
O7 NAG O . -25.77 23.19 -3.26
C1 NAG O . -30.04 18.76 -4.32
C2 NAG O . -31.06 18.73 -5.45
C3 NAG O . -31.44 17.28 -5.79
C4 NAG O . -30.19 16.45 -6.07
C5 NAG O . -29.21 16.58 -4.91
C6 NAG O . -27.90 15.88 -5.16
C7 NAG O . -33.13 19.40 -4.20
C8 NAG O . -34.25 20.40 -4.18
N2 NAG O . -32.24 19.54 -5.19
O3 NAG O . -32.32 17.30 -6.90
O4 NAG O . -30.48 15.08 -6.23
O5 NAG O . -28.89 17.97 -4.67
O6 NAG O . -27.56 15.88 -6.54
O7 NAG O . -33.05 18.52 -3.34
C1 BMA O . -30.50 14.78 -7.65
C2 BMA O . -29.92 13.39 -7.93
C3 BMA O . -30.10 13.06 -9.43
C4 BMA O . -31.50 13.38 -9.98
C5 BMA O . -32.08 14.70 -9.46
C6 BMA O . -33.58 14.69 -9.61
O2 BMA O . -30.63 12.41 -7.21
O3 BMA O . -29.92 11.70 -9.68
O4 BMA O . -31.44 13.44 -11.39
O5 BMA O . -31.85 14.80 -8.06
O6 BMA O . -34.02 13.49 -8.98
C1 MAN O . -28.58 11.25 -9.55
C2 MAN O . -28.24 10.50 -10.84
C3 MAN O . -29.27 9.39 -11.03
C4 MAN O . -29.38 8.47 -9.79
C5 MAN O . -29.51 9.34 -8.48
C6 MAN O . -29.24 8.55 -7.22
O2 MAN O . -26.99 9.83 -10.73
O3 MAN O . -29.00 8.62 -12.20
O4 MAN O . -30.49 7.59 -9.91
O5 MAN O . -28.52 10.39 -8.47
O6 MAN O . -27.83 8.61 -6.98
C1 MAN O . -35.42 13.57 -8.67
C2 MAN O . -35.59 13.22 -7.16
C3 MAN O . -35.30 11.73 -6.91
C4 MAN O . -36.11 10.84 -7.88
C5 MAN O . -35.80 11.27 -9.32
C6 MAN O . -36.55 10.49 -10.37
O2 MAN O . -36.93 13.42 -6.72
O3 MAN O . -35.58 11.35 -5.57
O4 MAN O . -35.77 9.49 -7.70
O5 MAN O . -36.15 12.67 -9.47
O6 MAN O . -35.95 10.75 -11.63
C1 NAG P . -3.70 45.01 15.29
C2 NAG P . -4.72 44.56 16.33
C3 NAG P . -4.25 44.90 17.77
C4 NAG P . -2.75 45.19 17.88
C5 NAG P . -1.88 44.50 16.83
C6 NAG P . -1.42 43.11 17.24
C7 NAG P . -6.45 46.35 16.08
C8 NAG P . -7.90 46.57 15.83
N2 NAG P . -6.07 45.06 16.10
O3 NAG P . -4.61 43.83 18.63
O4 NAG P . -2.55 46.61 17.88
O5 NAG P . -2.48 44.37 15.53
O6 NAG P . -2.47 42.26 17.67
O7 NAG P . -5.67 47.29 16.25
C1 NAG P . -1.25 47.19 17.54
C2 NAG P . -1.52 48.71 17.63
C3 NAG P . -0.23 49.55 17.47
C4 NAG P . 0.86 49.03 18.39
C5 NAG P . 1.08 47.56 18.06
C6 NAG P . 2.21 46.90 18.80
C7 NAG P . -2.49 49.03 15.33
C8 NAG P . -3.70 49.54 14.61
N2 NAG P . -2.54 49.14 16.67
O3 NAG P . -0.54 50.91 17.76
O4 NAG P . 2.07 49.78 18.26
O5 NAG P . -0.13 46.84 18.38
O6 NAG P . 2.03 46.98 20.21
O7 NAG P . -1.52 48.57 14.72
C1 BMA P . 2.28 50.61 19.44
C2 BMA P . 3.45 50.02 20.27
C3 BMA P . 3.80 50.97 21.42
C4 BMA P . 4.06 52.38 20.91
C5 BMA P . 2.81 52.88 20.17
C6 BMA P . 2.98 54.29 19.62
O2 BMA P . 4.62 49.91 19.50
O3 BMA P . 4.92 50.49 22.15
O4 BMA P . 4.35 53.23 21.99
O5 BMA P . 2.53 51.98 19.07
O6 BMA P . 1.96 55.11 20.16
C1 NAG Q . -31.40 31.88 -16.29
C2 NAG Q . -32.54 30.95 -16.64
C3 NAG Q . -32.55 30.65 -18.14
C4 NAG Q . -32.57 31.95 -18.93
C5 NAG Q . -31.51 32.94 -18.44
C6 NAG Q . -31.70 34.32 -19.02
C7 NAG Q . -31.62 28.77 -15.79
C8 NAG Q . -31.91 27.63 -14.87
N2 NAG Q . -32.56 29.73 -15.84
O3 NAG Q . -33.68 29.85 -18.44
O4 NAG Q . -32.30 31.67 -20.30
O5 NAG Q . -31.55 33.09 -17.01
O6 NAG Q . -30.45 34.96 -19.26
O7 NAG Q . -30.58 28.82 -16.44
C1 NAG Q . -33.48 31.73 -21.12
C2 NAG Q . -33.08 32.29 -22.48
C3 NAG Q . -34.29 32.32 -23.41
C4 NAG Q . -34.88 30.93 -23.53
C5 NAG Q . -35.22 30.37 -22.15
C6 NAG Q . -35.65 28.93 -22.18
C7 NAG Q . -31.23 33.89 -22.70
C8 NAG Q . -30.80 35.31 -22.53
N2 NAG Q . -32.50 33.63 -22.36
O3 NAG Q . -33.89 32.80 -24.69
O4 NAG Q . -36.05 30.95 -24.34
O5 NAG Q . -34.06 30.43 -21.29
O6 NAG Q . -35.40 28.35 -23.45
O7 NAG Q . -30.48 33.03 -23.12
C1 NAG R . -14.52 38.45 -14.48
C2 NAG R . -13.11 38.12 -14.94
C3 NAG R . -12.32 39.41 -15.15
C4 NAG R . -13.07 40.40 -16.03
C5 NAG R . -14.50 40.57 -15.53
C6 NAG R . -15.36 41.39 -16.46
C7 NAG R . -12.10 36.00 -14.23
C8 NAG R . -11.39 35.28 -13.12
N2 NAG R . -12.42 37.27 -13.98
O3 NAG R . -11.06 39.07 -15.75
O4 NAG R . -12.45 41.68 -15.94
O5 NAG R . -15.14 39.29 -15.42
O6 NAG R . -14.84 41.40 -17.78
O7 NAG R . -12.35 35.47 -15.30
C1 NAG R . -11.66 41.98 -17.10
C2 NAG R . -11.90 43.44 -17.48
C3 NAG R . -11.00 43.84 -18.64
C4 NAG R . -9.55 43.52 -18.34
C5 NAG R . -9.40 42.06 -17.94
C6 NAG R . -8.01 41.72 -17.48
C7 NAG R . -13.97 44.74 -17.37
C8 NAG R . -15.41 44.84 -17.81
N2 NAG R . -13.30 43.68 -17.81
O3 NAG R . -11.16 45.23 -18.88
O4 NAG R . -8.75 43.79 -19.49
O5 NAG R . -10.28 41.77 -16.85
O6 NAG R . -7.68 42.41 -16.29
O7 NAG R . -13.45 45.59 -16.66
C1 NAG S . 21.00 6.46 -23.60
C2 NAG S . 22.12 5.54 -24.05
C3 NAG S . 22.65 5.95 -25.41
C4 NAG S . 21.52 6.02 -26.43
C5 NAG S . 20.44 6.96 -25.90
C6 NAG S . 19.21 7.02 -26.79
C7 NAG S . 23.25 4.67 -22.06
C8 NAG S . 24.43 4.80 -21.14
N2 NAG S . 23.20 5.53 -23.07
O3 NAG S . 23.64 5.01 -25.83
O4 NAG S . 22.00 6.48 -27.69
O5 NAG S . 19.98 6.51 -24.62
O6 NAG S . 19.35 8.01 -27.80
O7 NAG S . 22.38 3.82 -21.89
C1 NAG S . 21.97 5.40 -28.63
C2 NAG S . 22.11 5.95 -30.05
C3 NAG S . 22.20 4.80 -31.07
C4 NAG S . 23.27 3.80 -30.66
C5 NAG S . 23.04 3.33 -29.24
C6 NAG S . 24.13 2.40 -28.74
C7 NAG S . 21.09 7.85 -31.23
C8 NAG S . 19.83 8.65 -31.43
N2 NAG S . 21.00 6.83 -30.37
O3 NAG S . 22.51 5.33 -32.35
O4 NAG S . 23.23 2.67 -31.53
O5 NAG S . 23.04 4.47 -28.36
O6 NAG S . 24.30 1.30 -29.62
O7 NAG S . 22.13 8.10 -31.83
C1 NAG T . 31.13 -12.57 41.27
C2 NAG T . 31.84 -13.89 40.98
C3 NAG T . 31.96 -14.76 42.25
C4 NAG T . 32.10 -14.01 43.57
C5 NAG T . 31.40 -12.65 43.56
C6 NAG T . 31.83 -11.76 44.70
C7 NAG T . 31.30 -14.43 38.63
C8 NAG T . 30.48 -15.28 37.72
N2 NAG T . 31.13 -14.62 39.95
O3 NAG T . 33.11 -15.60 42.10
O4 NAG T . 31.41 -14.80 44.55
O5 NAG T . 31.71 -11.96 42.35
O6 NAG T . 31.24 -12.16 45.93
O7 NAG T . 32.06 -13.57 38.20
C1 NAG T . 32.20 -15.30 45.65
C2 NAG T . 31.54 -16.62 46.04
C3 NAG T . 32.26 -17.23 47.25
C4 NAG T . 33.74 -17.38 46.96
C5 NAG T . 34.34 -16.05 46.49
C6 NAG T . 35.79 -16.18 46.08
C7 NAG T . 29.19 -17.33 45.98
C8 NAG T . 27.79 -17.01 46.37
N2 NAG T . 30.12 -16.44 46.35
O3 NAG T . 31.67 -18.48 47.58
O4 NAG T . 34.43 -17.85 48.11
O5 NAG T . 33.61 -15.53 45.37
O6 NAG T . 36.39 -17.28 46.74
O7 NAG T . 29.48 -18.35 45.36
C1 NAG U . 26.93 11.27 20.60
C2 NAG U . 26.05 11.42 19.37
C3 NAG U . 26.48 12.63 18.54
C4 NAG U . 26.55 13.89 19.40
C5 NAG U . 27.37 13.63 20.66
C6 NAG U . 27.30 14.77 21.65
C7 NAG U . 27.02 9.60 17.94
C8 NAG U . 26.65 8.37 17.17
N2 NAG U . 25.99 10.21 18.56
O3 NAG U . 25.57 12.82 17.46
O4 NAG U . 27.18 14.92 18.66
O5 NAG U . 26.88 12.48 21.36
O6 NAG U . 26.05 15.43 21.58
O7 NAG U . 28.17 10.01 17.97
C1 NAG U . 26.24 15.96 18.32
C2 NAG U . 27.05 17.14 17.79
C3 NAG U . 26.14 18.29 17.34
C4 NAG U . 25.06 17.77 16.39
C5 NAG U . 24.34 16.58 17.00
C6 NAG U . 23.33 15.95 16.07
C7 NAG U . 27.85 18.09 19.98
C8 NAG U . 29.08 18.49 20.73
N2 NAG U . 28.06 17.61 18.75
O3 NAG U . 26.92 19.28 16.70
O4 NAG U . 24.11 18.81 16.14
O5 NAG U . 25.29 15.55 17.33
O6 NAG U . 23.80 15.95 14.73
O7 NAG U . 26.73 18.23 20.48
C1 BMA U . 24.21 19.27 14.77
C2 BMA U . 22.77 19.38 14.23
C3 BMA U . 22.78 19.99 12.83
C4 BMA U . 23.59 21.29 12.78
C5 BMA U . 25.01 21.03 13.34
C6 BMA U . 25.84 22.29 13.41
O2 BMA U . 22.01 20.25 15.05
O3 BMA U . 21.46 20.23 12.35
O4 BMA U . 23.68 21.75 11.45
O5 BMA U . 24.89 20.51 14.67
O6 BMA U . 25.27 23.14 14.41
C1 NAG V . 30.14 -24.37 27.63
C2 NAG V . 30.05 -24.23 29.14
C3 NAG V . 28.90 -25.10 29.70
C4 NAG V . 28.75 -26.41 28.94
C5 NAG V . 28.56 -26.15 27.45
C6 NAG V . 27.12 -26.30 27.02
C7 NAG V . 32.33 -23.76 29.88
C8 NAG V . 33.54 -24.30 30.59
N2 NAG V . 31.30 -24.59 29.78
O3 NAG V . 27.70 -24.35 29.61
O4 NAG V . 29.91 -27.23 29.12
O5 NAG V . 28.92 -24.80 27.12
O6 NAG V . 26.36 -25.19 27.45
O7 NAG V . 32.30 -22.62 29.43
C1 NAG V . 29.71 -28.39 29.95
C2 NAG V . 31.00 -29.25 29.92
C3 NAG V . 30.89 -30.42 30.90
C4 NAG V . 30.51 -29.94 32.29
C5 NAG V . 29.21 -29.15 32.22
C6 NAG V . 28.78 -28.58 33.56
C7 NAG V . 31.92 -29.03 27.64
C8 NAG V . 32.12 -29.71 26.33
N2 NAG V . 31.28 -29.75 28.58
O3 NAG V . 32.14 -31.11 30.96
O4 NAG V . 30.34 -31.03 33.18
O5 NAG V . 29.38 -28.04 31.33
O6 NAG V . 29.54 -29.16 34.61
O7 NAG V . 32.31 -27.89 27.86
C1 NAG W . 32.04 23.19 0.91
C2 NAG W . 31.59 23.36 -0.55
C3 NAG W . 31.90 24.79 -1.03
C4 NAG W . 31.33 25.83 -0.08
C5 NAG W . 31.82 25.55 1.34
C6 NAG W . 31.22 26.43 2.40
C7 NAG W . 31.69 21.89 -2.51
C8 NAG W . 32.48 20.84 -3.21
N2 NAG W . 32.23 22.37 -1.39
O3 NAG W . 31.38 24.99 -2.33
O4 NAG W . 31.83 27.09 -0.53
O5 NAG W . 31.47 24.20 1.72
O6 NAG W . 31.84 27.71 2.42
O7 NAG W . 30.62 22.31 -2.96
C1 NAG W . 30.91 28.20 -0.73
C2 NAG W . 31.85 29.32 -1.16
C3 NAG W . 31.08 30.62 -1.35
C4 NAG W . 29.90 30.41 -2.30
C5 NAG W . 29.05 29.23 -1.84
C6 NAG W . 27.94 28.92 -2.81
C7 NAG W . 34.19 29.14 -0.38
C8 NAG W . 34.54 28.53 -1.72
N2 NAG W . 32.92 29.49 -0.18
O3 NAG W . 31.95 31.62 -1.86
O4 NAG W . 29.09 31.59 -2.32
O5 NAG W . 29.86 28.05 -1.73
O6 NAG W . 27.20 30.08 -3.14
O7 NAG W . 35.05 29.30 0.49
C1 NAG X . 43.41 14.95 12.95
C2 NAG X . 43.12 16.44 13.08
C3 NAG X . 43.61 17.18 11.84
C4 NAG X . 45.09 16.89 11.59
C5 NAG X . 45.36 15.37 11.63
C6 NAG X . 46.83 15.05 11.62
C7 NAG X . 40.65 16.44 12.60
C8 NAG X . 39.33 16.86 13.15
N2 NAG X . 41.72 16.73 13.36
O3 NAG X . 43.40 18.57 12.03
O4 NAG X . 45.49 17.36 10.31
O5 NAG X . 44.80 14.76 12.81
O6 NAG X . 47.07 13.74 11.12
O7 NAG X . 40.73 15.85 11.52
C1 NAG X . 46.16 18.64 10.31
C2 NAG X . 47.09 18.72 9.11
C3 NAG X . 47.72 20.11 9.02
C4 NAG X . 46.66 21.19 9.01
C5 NAG X . 45.73 21.02 10.22
C6 NAG X . 44.54 21.95 10.18
C7 NAG X . 47.98 16.50 8.59
C8 NAG X . 49.14 15.56 8.75
N2 NAG X . 48.12 17.69 9.18
O3 NAG X . 48.53 20.20 7.85
O4 NAG X . 47.30 22.47 9.06
O5 NAG X . 45.19 19.69 10.25
O6 NAG X . 43.98 22.01 8.88
O7 NAG X . 46.97 16.19 7.98
C1 BMA X . 47.03 23.33 7.92
C2 BMA X . 46.59 24.71 8.51
C3 BMA X . 46.42 25.75 7.39
C4 BMA X . 47.65 25.81 6.49
C5 BMA X . 47.93 24.42 5.92
C6 BMA X . 49.14 24.41 5.00
O2 BMA X . 47.59 25.21 9.39
O3 BMA X . 46.15 27.04 7.93
O4 BMA X . 47.42 26.73 5.43
O5 BMA X . 48.15 23.48 7.03
O6 BMA X . 49.12 25.62 4.23
C1 NAG Y . 42.85 -2.30 7.26
C2 NAG Y . 42.38 -3.04 6.00
C3 NAG Y . 43.31 -4.22 5.73
C4 NAG Y . 44.78 -3.79 5.74
C5 NAG Y . 45.10 -2.92 6.96
C6 NAG Y . 46.46 -2.27 6.88
C7 NAG Y . 40.05 -3.27 5.26
C8 NAG Y . 38.71 -3.84 5.57
N2 NAG Y . 41.02 -3.52 6.15
O3 NAG Y . 42.96 -4.79 4.47
O4 NAG Y . 45.60 -4.94 5.86
O5 NAG Y . 44.16 -1.85 7.08
O6 NAG Y . 46.97 -2.31 5.56
O7 NAG Y . 40.26 -2.61 4.25
C1 NAG Y . 46.19 -5.35 4.63
C2 NAG Y . 47.64 -5.76 4.89
C3 NAG Y . 48.28 -6.31 3.62
C4 NAG Y . 47.43 -7.43 3.04
C5 NAG Y . 45.99 -6.95 2.85
C6 NAG Y . 45.07 -8.07 2.42
C7 NAG Y . 49.25 -4.76 6.45
C8 NAG Y . 49.97 -3.52 6.86
N2 NAG Y . 48.41 -4.64 5.41
O3 NAG Y . 49.58 -6.80 3.93
O4 NAG Y . 47.96 -7.84 1.79
O5 NAG Y . 45.48 -6.45 4.09
O6 NAG Y . 44.74 -8.90 3.52
O7 NAG Y . 49.41 -5.82 7.03
C1 NAG Z . 31.52 12.33 27.22
C2 NAG Z . 30.05 12.73 27.55
C3 NAG Z . 30.01 14.02 28.35
C4 NAG Z . 30.86 13.90 29.60
C5 NAG Z . 32.28 13.57 29.18
C6 NAG Z . 33.22 13.36 30.35
C7 NAG Z . 27.97 12.61 26.27
C8 NAG Z . 27.33 12.81 24.92
N2 NAG Z . 29.28 12.87 26.33
O3 NAG Z . 28.66 14.31 28.71
O4 NAG Z . 30.82 15.12 30.32
O5 NAG Z . 32.30 12.33 28.44
O6 NAG Z . 32.57 12.65 31.39
O7 NAG Z . 27.33 12.23 27.24
C1 NAG Z . 30.16 14.93 31.60
C2 NAG Z . 30.56 16.09 32.50
C3 NAG Z . 29.95 15.90 33.88
C4 NAG Z . 28.43 15.76 33.76
C5 NAG Z . 28.05 14.67 32.75
C6 NAG Z . 26.57 14.65 32.45
C7 NAG Z . 32.64 17.32 32.14
C8 NAG Z . 34.13 17.32 32.30
N2 NAG Z . 32.00 16.24 32.58
O3 NAG Z . 30.27 17.01 34.71
O4 NAG Z . 27.87 15.44 35.03
O5 NAG Z . 28.72 14.87 31.49
O6 NAG Z . 25.97 15.90 32.77
O7 NAG Z . 32.05 18.27 31.62
C1 NAG AA . 24.09 -10.93 -6.64
C2 NAG AA . 24.76 -12.10 -7.29
C3 NAG AA . 25.90 -12.59 -6.45
C4 NAG AA . 26.95 -11.61 -6.28
C5 NAG AA . 26.13 -10.53 -5.71
C6 NAG AA . 26.95 -9.58 -4.97
C7 NAG AA . 23.48 -13.28 -5.71
C8 NAG AA . 22.12 -12.78 -5.70
N2 NAG AA . 23.94 -13.20 -6.94
O3 NAG AA . 26.51 -13.65 -7.14
O4 NAG AA . 27.77 -12.08 -5.25
O5 NAG AA . 25.11 -10.02 -6.48
O6 NAG AA . 27.26 -10.48 -3.92
O7 NAG AA . 24.08 -13.54 -4.71
C1 NAG AA . 29.10 -12.41 -5.69
C2 NAG AA . 30.02 -12.14 -4.56
C3 NAG AA . 31.43 -12.24 -5.05
C4 NAG AA . 31.67 -13.59 -5.53
C5 NAG AA . 30.68 -13.83 -6.62
C6 NAG AA . 31.05 -15.19 -7.19
C7 NAG AA . 30.32 -9.94 -4.80
C8 NAG AA . 31.52 -9.26 -4.26
N2 NAG AA . 29.80 -10.84 -4.05
O3 NAG AA . 32.22 -11.85 -3.95
O4 NAG AA . 32.89 -13.57 -6.25
O5 NAG AA . 29.33 -13.73 -6.15
O6 NAG AA . 32.49 -15.21 -7.38
O7 NAG AA . 29.99 -9.88 -5.92
C1 NAG BA . -12.35 -11.48 -21.48
C2 NAG BA . -13.62 -11.03 -22.20
C3 NAG BA . -14.75 -12.05 -22.00
C4 NAG BA . -14.31 -13.46 -22.30
C5 NAG BA . -12.98 -13.79 -21.61
C6 NAG BA . -12.39 -15.11 -22.04
C7 NAG BA . -14.39 -9.26 -20.60
C8 NAG BA . -14.77 -7.81 -20.51
N2 NAG BA . -14.04 -9.68 -21.83
O3 NAG BA . -15.84 -11.68 -22.83
O4 NAG BA . -15.33 -14.31 -21.77
O5 NAG BA . -11.99 -12.78 -21.92
O6 NAG BA . -12.82 -15.47 -23.34
O7 NAG BA . -14.42 -9.99 -19.61
C1 NAG BA . -16.03 -15.25 -22.64
C2 NAG BA . -16.07 -14.92 -24.16
C3 NAG BA . -16.63 -16.09 -24.96
C4 NAG BA . -15.91 -17.40 -24.61
C5 NAG BA . -15.98 -17.63 -23.10
C6 NAG BA . -15.23 -18.86 -22.67
C7 NAG BA . -18.09 -13.42 -24.24
C8 NAG BA . -18.56 -12.07 -24.68
N2 NAG BA . -16.79 -13.68 -24.47
O3 NAG BA . -16.52 -15.84 -26.35
O4 NAG BA . -16.53 -18.49 -25.28
O5 NAG BA . -15.37 -16.52 -22.43
O6 NAG BA . -14.93 -18.81 -21.28
O7 NAG BA . -18.86 -14.22 -23.71
C1 NAG CA . -39.58 -33.29 12.30
C2 NAG CA . -40.77 -33.04 11.37
C3 NAG CA . -42.09 -33.04 12.15
C4 NAG CA . -42.21 -34.16 13.17
C5 NAG CA . -40.92 -34.34 13.95
C6 NAG CA . -40.90 -35.57 14.82
C7 NAG CA . -39.91 -31.64 9.53
C8 NAG CA . -39.85 -30.27 8.95
N2 NAG CA . -40.61 -31.78 10.66
O3 NAG CA . -43.18 -33.14 11.23
O4 NAG CA . -43.21 -33.75 14.10
O5 NAG CA . -39.81 -34.45 13.05
O6 NAG CA . -41.65 -35.39 16.01
O7 NAG CA . -39.30 -32.58 9.03
C1 NAG CA . -44.38 -34.60 14.31
C2 NAG CA . -45.50 -33.63 14.68
C3 NAG CA . -46.76 -34.40 15.03
C4 NAG CA . -47.15 -35.31 13.87
C5 NAG CA . -45.98 -36.21 13.47
C6 NAG CA . -46.28 -37.03 12.25
C7 NAG CA . -45.22 -31.42 15.78
C8 NAG CA . -45.74 -30.80 14.51
N2 NAG CA . -45.12 -32.76 15.79
O3 NAG CA . -47.80 -33.49 15.32
O4 NAG CA . -48.27 -36.11 14.22
O5 NAG CA . -44.81 -35.42 13.18
O6 NAG CA . -47.69 -37.22 12.11
O7 NAG CA . -44.89 -30.74 16.74
C1 NAG DA . -8.67 -34.33 4.91
C2 NAG DA . -7.69 -33.28 4.41
C3 NAG DA . -6.43 -33.94 3.84
C4 NAG DA . -5.84 -34.92 4.84
C5 NAG DA . -6.91 -35.86 5.39
C6 NAG DA . -6.41 -36.70 6.55
C7 NAG DA . -8.82 -32.66 2.25
C8 NAG DA . -9.37 -31.50 1.49
N2 NAG DA . -8.28 -32.36 3.45
O3 NAG DA . -5.47 -32.94 3.52
O4 NAG DA . -4.84 -35.70 4.18
O5 NAG DA . -8.04 -35.13 5.89
O6 NAG DA . -5.41 -36.02 7.29
O7 NAG DA . -8.84 -33.79 1.79
C1 NAG DA . -3.51 -35.39 4.64
C2 NAG DA . -2.62 -36.58 4.30
C3 NAG DA . -1.17 -36.33 4.70
C4 NAG DA . -0.67 -35.01 4.12
C5 NAG DA . -1.63 -33.88 4.49
C6 NAG DA . -1.26 -32.56 3.88
C7 NAG DA . -3.27 -38.16 6.14
C8 NAG DA . -3.80 -39.54 6.40
N2 NAG DA . -3.12 -37.85 4.84
O3 NAG DA . -0.39 -37.43 4.25
O4 NAG DA . 0.61 -34.66 4.65
O5 NAG DA . -2.96 -34.20 4.05
O6 NAG DA . -0.09 -32.03 4.50
O7 NAG DA . -3.01 -37.39 7.06
C1 BMA DA . 1.68 -35.01 3.75
C2 BMA DA . 2.51 -33.78 3.37
C3 BMA DA . 3.73 -34.26 2.52
C4 BMA DA . 4.51 -35.45 3.17
C5 BMA DA . 3.53 -36.56 3.58
C6 BMA DA . 4.20 -37.64 4.39
O2 BMA DA . 2.97 -33.14 4.56
O3 BMA DA . 4.59 -33.16 2.01
O4 BMA DA . 5.44 -36.00 2.25
O5 BMA DA . 2.50 -35.97 4.40
O6 BMA DA . 4.48 -37.11 5.69
C1 MAN DA . 5.70 -32.78 2.86
C2 MAN DA . 5.69 -31.23 2.96
C3 MAN DA . 6.35 -30.58 1.74
C4 MAN DA . 7.71 -31.22 1.43
C5 MAN DA . 7.49 -32.70 1.16
C6 MAN DA . 8.76 -33.44 0.82
O2 MAN DA . 6.42 -30.77 4.10
O3 MAN DA . 6.52 -29.18 1.91
O4 MAN DA . 8.30 -30.60 0.30
O5 MAN DA . 6.95 -33.30 2.37
O6 MAN DA . 9.55 -32.59 -0.01
C1 MAN DA . 4.71 -38.18 6.62
C2 MAN DA . 4.35 -37.65 8.02
C3 MAN DA . 5.36 -36.58 8.44
C4 MAN DA . 6.81 -37.09 8.30
C5 MAN DA . 7.04 -37.59 6.86
C6 MAN DA . 8.41 -38.20 6.64
O2 MAN DA . 4.46 -38.67 9.00
O3 MAN DA . 5.13 -36.14 9.77
O4 MAN DA . 7.72 -36.04 8.58
O5 MAN DA . 6.06 -38.60 6.55
O6 MAN DA . 8.57 -38.39 5.24
C1 NAG EA . -42.15 -21.18 -1.63
C2 NAG EA . -42.78 -21.58 -0.32
C3 NAG EA . -44.17 -20.95 -0.17
C4 NAG EA . -44.21 -19.50 -0.68
C5 NAG EA . -42.87 -18.88 -1.15
C6 NAG EA . -42.21 -18.00 -0.12
C7 NAG EA . -43.22 -24.14 -0.51
C8 NAG EA . -44.12 -24.06 -1.74
N2 NAG EA . -42.72 -23.00 0.03
O3 NAG EA . -44.52 -20.95 1.21
O4 NAG EA . -45.21 -19.23 -1.65
O5 NAG EA . -41.86 -19.81 -1.61
O6 NAG EA . -42.09 -18.67 1.13
O7 NAG EA . -43.00 -25.22 0.02
C1 NAG EA . -45.85 -20.28 -2.41
C2 NAG EA . -47.12 -19.70 -3.02
C3 NAG EA . -47.86 -20.77 -3.82
C4 NAG EA . -46.94 -21.33 -4.89
C5 NAG EA . -45.63 -21.82 -4.28
C6 NAG EA . -44.61 -22.18 -5.33
C7 NAG EA . -48.81 -18.10 -2.24
C8 NAG EA . -49.64 -17.63 -1.09
N2 NAG EA . -47.99 -19.13 -2.00
O3 NAG EA . -49.02 -20.23 -4.43
O4 NAG EA . -47.58 -22.42 -5.55
O5 NAG EA . -45.02 -20.80 -3.47
O6 NAG EA . -43.74 -23.21 -4.89
O7 NAG EA . -48.89 -17.58 -3.36
C1 NAG FA . -6.72 -46.28 -9.16
C2 NAG FA . -5.52 -46.89 -8.45
C3 NAG FA . -4.41 -47.20 -9.45
C4 NAG FA . -4.94 -48.07 -10.60
C5 NAG FA . -6.21 -47.45 -11.19
C6 NAG FA . -6.90 -48.35 -12.20
C7 NAG FA . -4.56 -44.84 -7.38
C8 NAG FA . -4.13 -44.27 -6.06
N2 NAG FA . -5.04 -46.09 -7.34
O3 NAG FA . -3.35 -47.85 -8.76
O4 NAG FA . -3.98 -48.15 -11.65
O5 NAG FA . -7.19 -47.17 -10.16
O6 NAG FA . -6.41 -49.69 -12.12
O7 NAG FA . -4.46 -44.19 -8.42
C1 NAG FA . -3.14 -49.33 -11.63
C2 NAG FA . -2.82 -49.72 -13.07
C3 NAG FA . -1.85 -50.89 -13.09
C4 NAG FA . -0.60 -50.60 -12.27
C5 NAG FA . -1.01 -50.17 -10.86
C6 NAG FA . 0.15 -49.68 -10.01
C7 NAG FA . -4.60 -49.25 -14.71
C8 NAG FA . -3.91 -47.94 -15.00
N2 NAG FA . -4.03 -50.05 -13.80
O3 NAG FA . -1.48 -51.17 -14.45
O4 NAG FA . 0.19 -51.79 -12.21
O5 NAG FA . -1.93 -49.08 -10.92
O6 NAG FA . 1.04 -48.88 -10.79
O7 NAG FA . -5.63 -49.58 -15.30
C1 BMA FA . 1.56 -51.65 -12.71
C2 BMA FA . 2.48 -52.30 -11.62
C3 BMA FA . 3.94 -52.31 -12.08
C4 BMA FA . 4.10 -52.90 -13.47
C5 BMA FA . 3.19 -52.15 -14.46
C6 BMA FA . 3.30 -52.70 -15.87
O2 BMA FA . 2.11 -53.66 -11.41
O3 BMA FA . 4.78 -53.00 -11.16
O4 BMA FA . 5.45 -52.80 -13.90
O5 BMA FA . 1.80 -52.24 -14.00
O6 BMA FA . 4.68 -52.96 -16.13
C1 NAG GA . -18.05 -34.74 -18.01
C2 NAG GA . -18.05 -33.67 -19.08
C3 NAG GA . -19.20 -33.91 -20.07
C4 NAG GA . -19.17 -35.34 -20.60
C5 NAG GA . -19.11 -36.32 -19.43
C6 NAG GA . -18.94 -37.75 -19.87
C7 NAG GA . -17.12 -31.63 -18.13
C8 NAG GA . -17.41 -30.27 -17.54
N2 NAG GA . -18.17 -32.34 -18.50
O3 NAG GA . -19.07 -32.97 -21.14
O4 NAG GA . -20.38 -35.61 -21.32
O5 NAG GA . -18.00 -36.01 -18.60
O6 NAG GA . -18.24 -37.84 -21.10
O7 NAG GA . -15.97 -32.04 -18.24
C1 NAG GA . -20.13 -35.60 -22.72
C2 NAG GA . -20.88 -36.75 -23.38
C3 NAG GA . -20.74 -36.68 -24.89
C4 NAG GA . -21.16 -35.32 -25.41
C5 NAG GA . -20.39 -34.22 -24.69
C6 NAG GA . -20.86 -32.83 -25.05
C7 NAG GA . -21.22 -39.01 -22.52
C8 NAG GA . -20.56 -40.27 -22.03
N2 NAG GA . -20.40 -38.02 -22.88
O3 NAG GA . -21.55 -37.70 -25.48
O4 NAG GA . -20.89 -35.23 -26.81
O5 NAG GA . -20.58 -34.36 -23.27
O6 NAG GA . -21.84 -32.37 -24.12
O7 NAG GA . -22.44 -38.91 -22.59
C1 NAG HA . -12.48 -40.92 7.98
C2 NAG HA . -11.85 -40.10 9.13
C3 NAG HA . -11.17 -41.02 10.14
C4 NAG HA . -12.14 -42.08 10.63
C5 NAG HA . -12.69 -42.85 9.43
C6 NAG HA . -13.71 -43.88 9.80
C7 NAG HA . -10.64 -37.98 9.21
C8 NAG HA . -9.62 -37.11 8.53
N2 NAG HA . -10.90 -39.14 8.62
O3 NAG HA . -10.69 -40.25 11.23
O4 NAG HA . -11.46 -42.95 11.52
O5 NAG HA . -13.33 -41.94 8.53
O6 NAG HA . -14.57 -43.39 10.82
O7 NAG HA . -11.19 -37.64 10.25
C1 NAG HA . -12.00 -42.84 12.86
C2 NAG HA . -11.51 -44.02 13.67
C3 NAG HA . -12.10 -43.97 15.07
C4 NAG HA . -11.76 -42.65 15.73
C5 NAG HA . -12.15 -41.47 14.85
C6 NAG HA . -11.62 -40.15 15.38
C7 NAG HA . -10.87 -46.16 12.65
C8 NAG HA . -11.35 -47.41 11.98
N2 NAG HA . -11.82 -45.29 13.01
O3 NAG HA . -11.60 -45.06 15.83
O4 NAG HA . -12.44 -42.56 16.98
O5 NAG HA . -11.61 -41.61 13.52
O6 NAG HA . -10.54 -40.35 16.28
O7 NAG HA . -9.68 -45.95 12.86
C1 NAG IA . -4.09 23.38 61.64
C2 NAG IA . -3.58 22.74 62.94
C3 NAG IA . -2.31 23.44 63.39
C4 NAG IA . -1.27 23.42 62.29
C5 NAG IA . -1.84 24.04 61.02
C6 NAG IA . -0.89 23.95 59.84
C7 NAG IA . -5.33 21.71 64.30
C8 NAG IA . -6.32 21.92 65.40
N2 NAG IA . -4.59 22.77 63.98
O3 NAG IA . -1.80 22.78 64.55
O4 NAG IA . -0.11 24.16 62.70
O5 NAG IA . -3.04 23.36 60.64
O6 NAG IA . -1.31 24.77 58.76
O7 NAG IA . -5.19 20.63 63.73
C1 NAG JA . -21.70 33.61 61.89
C2 NAG JA . -22.44 33.78 60.55
C3 NAG JA . -22.93 35.23 60.41
C4 NAG JA . -23.71 35.65 61.64
C5 NAG JA . -22.93 35.37 62.92
C6 NAG JA . -23.70 35.67 64.18
C7 NAG JA . -21.92 32.43 58.57
C8 NAG JA . -20.91 32.12 57.53
N2 NAG JA . -21.59 33.39 59.45
O3 NAG JA . -23.73 35.35 59.25
O4 NAG JA . -24.01 37.05 61.56
O5 NAG JA . -22.56 33.98 62.97
O6 NAG JA . -23.66 37.05 64.48
O7 NAG JA . -22.99 31.81 58.64
C1 NAG KA . -2.70 28.22 45.17
C2 NAG KA . -1.22 28.27 45.49
C3 NAG KA . -0.44 28.87 44.31
C4 NAG KA . -0.74 28.10 43.03
C5 NAG KA . -2.25 28.06 42.79
C6 NAG KA . -2.64 27.26 41.59
C7 NAG KA . -0.46 28.48 47.82
C8 NAG KA . -0.13 27.01 47.79
N2 NAG KA . -0.96 29.01 46.71
O3 NAG KA . 0.94 28.83 44.59
O4 NAG KA . -0.09 28.68 41.92
O5 NAG KA . -2.92 27.49 43.93
O6 NAG KA . -1.78 27.55 40.49
O7 NAG KA . -0.28 29.16 48.84
C1 NAG LA . -31.96 32.40 40.69
C2 NAG LA . -32.58 31.43 41.73
C3 NAG LA . -33.71 32.10 42.54
C4 NAG LA . -33.23 33.42 43.13
C5 NAG LA . -32.69 34.31 42.02
C6 NAG LA . -32.13 35.62 42.55
C7 NAG LA . -33.82 29.56 40.41
C8 NAG LA . -34.70 30.50 39.59
N2 NAG LA . -32.92 30.07 41.29
O3 NAG LA . -34.13 31.23 43.58
O4 NAG LA . -34.30 34.08 43.78
O5 NAG LA . -31.62 33.66 41.33
O6 NAG LA . -31.87 35.55 43.94
O7 NAG LA . -33.91 28.35 40.26
C1 NAG MA . 1.92 7.46 -31.65
C2 NAG MA . 2.38 8.83 -32.14
C3 NAG MA . 2.69 8.80 -33.63
C4 NAG MA . 3.73 7.72 -33.93
C5 NAG MA . 3.24 6.37 -33.41
C6 NAG MA . 4.26 5.27 -33.55
C7 NAG MA . 1.42 10.62 -30.78
C8 NAG MA . 0.31 11.61 -30.63
N2 NAG MA . 1.37 9.83 -31.85
O3 NAG MA . 3.19 10.07 -34.04
O4 NAG MA . 3.95 7.63 -35.33
O5 NAG MA . 2.94 6.47 -32.00
O6 NAG MA . 5.28 5.65 -34.47
O7 NAG MA . 2.34 10.53 -29.96
C1 NAG NA . -34.87 28.75 -9.42
C2 NAG NA . -35.83 29.92 -9.60
C3 NAG NA . -37.11 29.68 -8.82
C4 NAG NA . -37.72 28.33 -9.18
C5 NAG NA . -36.68 27.23 -8.99
C6 NAG NA . -37.18 25.87 -9.43
C7 NAG NA . -34.60 31.99 -10.04
C8 NAG NA . -34.02 33.23 -9.45
N2 NAG NA . -35.20 31.17 -9.18
O3 NAG NA . -38.04 30.72 -9.13
O4 NAG NA . -38.84 28.07 -8.35
O5 NAG NA . -35.53 27.52 -9.78
O6 NAG NA . -38.51 25.64 -8.99
O7 NAG NA . -34.52 31.74 -11.24
C1 NAG OA . -28.88 14.93 -24.25
C2 NAG OA . -28.16 13.71 -24.93
C3 NAG OA . -29.10 12.91 -25.86
C4 NAG OA . -30.44 12.64 -25.19
C5 NAG OA . -31.03 13.95 -24.71
C6 NAG OA . -32.37 13.77 -24.03
C7 NAG OA . -26.43 14.76 -26.56
C8 NAG OA . -27.43 15.58 -27.35
N2 NAG OA . -26.85 13.99 -25.52
O3 NAG OA . -28.48 11.68 -26.21
O4 NAG OA . -31.31 12.04 -26.15
O5 NAG OA . -30.15 14.53 -23.75
O6 NAG OA . -33.18 12.83 -24.72
O7 NAG OA . -25.24 14.82 -26.83
C1 NAG PA . -31.66 49.24 -4.79
C2 NAG PA . -31.06 50.01 -5.97
C3 NAG PA . -30.98 51.50 -5.63
C4 NAG PA . -32.34 52.03 -5.17
C5 NAG PA . -32.86 51.18 -4.02
C6 NAG PA . -34.23 51.58 -3.55
C7 NAG PA . -29.53 48.49 -7.13
C8 NAG PA . -28.10 48.11 -7.35
N2 NAG PA . -29.73 49.50 -6.28
O3 NAG PA . -30.54 52.21 -6.77
O4 NAG PA . -32.20 53.38 -4.75
O5 NAG PA . -32.93 49.82 -4.44
O6 NAG PA . -34.53 51.01 -2.29
O7 NAG PA . -30.45 47.93 -7.70
C1 NAG QA . -24.69 56.69 13.68
C2 NAG QA . -24.70 57.25 15.11
C3 NAG QA . -25.58 56.39 16.01
C4 NAG QA . -26.98 56.25 15.42
C5 NAG QA . -26.90 55.71 14.00
C6 NAG QA . -28.24 55.66 13.31
C7 NAG QA . -22.97 58.25 16.55
C8 NAG QA . -21.54 58.18 16.99
N2 NAG QA . -23.35 57.34 15.65
O3 NAG QA . -25.67 56.95 17.31
O4 NAG QA . -27.76 55.36 16.21
O5 NAG QA . -26.06 56.56 13.20
O6 NAG QA . -29.25 56.28 14.10
O7 NAG QA . -23.75 59.10 16.98
C1 NAG RA . -19.75 47.84 -13.10
C2 NAG RA . -20.29 47.19 -14.37
C3 NAG RA . -20.14 48.12 -15.56
C4 NAG RA . -20.77 49.47 -15.26
C5 NAG RA . -20.20 50.05 -13.97
C6 NAG RA . -20.89 51.32 -13.55
C7 NAG RA . -20.18 44.75 -14.38
C8 NAG RA . -19.35 43.54 -14.70
N2 NAG RA . -19.61 45.92 -14.63
O3 NAG RA . -20.77 47.54 -16.70
O4 NAG RA . -20.53 50.38 -16.34
O5 NAG RA . -20.39 49.11 -12.90
O6 NAG RA . -22.25 51.07 -13.23
O7 NAG RA . -21.30 44.65 -13.91
C1 NAG SA . -33.62 27.33 1.88
C2 NAG SA . -33.72 25.94 2.50
C3 NAG SA . -35.17 25.53 2.62
C4 NAG SA . -35.94 26.55 3.44
C5 NAG SA . -35.79 27.93 2.80
C6 NAG SA . -36.42 29.03 3.63
C7 NAG SA . -32.28 23.98 2.30
C8 NAG SA . -31.55 23.06 1.37
N2 NAG SA . -32.97 24.97 1.72
O3 NAG SA . -35.25 24.26 3.26
O4 NAG SA . -37.32 26.20 3.50
O5 NAG SA . -34.39 28.27 2.67
O6 NAG SA . -37.24 28.49 4.67
O7 NAG SA . -32.24 23.84 3.52
C1 NAG TA . -9.78 -30.89 57.60
C2 NAG TA . -11.09 -31.45 58.17
C3 NAG TA . -11.10 -32.97 58.05
C4 NAG TA . -10.87 -33.39 56.61
C5 NAG TA . -9.58 -32.78 56.08
C6 NAG TA . -9.35 -33.04 54.61
C7 NAG TA . -12.09 -30.06 59.92
C8 NAG TA . -12.17 -29.78 61.39
N2 NAG TA . -11.27 -31.06 59.56
O3 NAG TA . -12.35 -33.47 58.50
O4 NAG TA . -10.80 -34.81 56.51
O5 NAG TA . -9.61 -31.34 56.24
O6 NAG TA . -8.03 -32.72 54.20
O7 NAG TA . -12.74 -29.42 59.09
C1 NAG UA . 3.62 -22.12 70.19
C2 NAG UA . 4.63 -21.13 69.58
C3 NAG UA . 6.03 -21.41 70.12
C4 NAG UA . 6.01 -21.45 71.65
C5 NAG UA . 4.92 -22.39 72.16
C6 NAG UA . 4.78 -22.39 73.66
C7 NAG UA . 4.33 -20.15 67.35
C8 NAG UA . 4.29 -20.42 65.89
N2 NAG UA . 4.60 -21.20 68.13
O3 NAG UA . 6.92 -20.40 69.68
O4 NAG UA . 7.28 -21.87 72.14
O5 NAG UA . 3.65 -22.02 71.61
O6 NAG UA . 5.76 -23.22 74.27
O7 NAG UA . 4.10 -19.03 67.81
C1 NAG VA . 1.83 -28.35 45.14
C2 NAG VA . 1.29 -29.66 44.59
C3 NAG VA . 2.14 -30.14 43.42
C4 NAG VA . 2.21 -29.05 42.35
C5 NAG VA . 2.74 -27.76 42.97
C6 NAG VA . 2.77 -26.62 42.00
C7 NAG VA . 0.11 -31.22 46.11
C8 NAG VA . -1.18 -30.74 45.49
N2 NAG VA . 1.24 -30.68 45.64
O3 NAG VA . 1.57 -31.32 42.87
O4 NAG VA . 3.05 -29.45 41.27
O5 NAG VA . 1.90 -27.37 44.07
O6 NAG VA . 3.29 -27.03 40.74
O7 NAG VA . 0.12 -32.07 46.98
C1 NAG WA . -50.72 2.25 42.23
C2 NAG WA . -51.08 3.35 43.23
C3 NAG WA . -52.25 4.17 42.72
C4 NAG WA . -51.94 4.72 41.34
C5 NAG WA . -51.57 3.59 40.38
C6 NAG WA . -51.12 4.08 39.03
C7 NAG WA . -50.51 2.81 45.56
C8 NAG WA . -50.98 2.19 46.83
N2 NAG WA . -51.38 2.79 44.55
O3 NAG WA . -52.51 5.24 43.62
O4 NAG WA . -53.08 5.41 40.82
O5 NAG WA . -50.48 2.84 40.94
O6 NAG WA . -51.05 3.03 38.08
O7 NAG WA . -49.39 3.29 45.44
C1 NAG XA . -53.78 -17.23 47.34
C2 NAG XA . -52.96 -18.30 46.58
C3 NAG XA . -53.88 -19.45 46.17
C4 NAG XA . -54.66 -19.97 47.38
C5 NAG XA . -55.36 -18.83 48.11
C6 NAG XA . -56.06 -19.26 49.37
C7 NAG XA . -50.97 -17.75 45.25
C8 NAG XA . -50.45 -17.06 44.05
N2 NAG XA . -52.30 -17.72 45.43
O3 NAG XA . -53.10 -20.50 45.61
O4 NAG XA . -55.62 -20.93 46.95
O5 NAG XA . -54.40 -17.82 48.47
O6 NAG XA . -57.33 -19.83 49.08
O7 NAG XA . -50.22 -18.30 46.06
C1 NAG YA . -45.93 -3.63 26.78
C2 NAG YA . -46.59 -2.34 26.27
C3 NAG YA . -46.64 -2.35 24.74
C4 NAG YA . -45.24 -2.56 24.17
C5 NAG YA . -44.66 -3.85 24.72
C6 NAG YA . -43.24 -4.10 24.26
C7 NAG YA . -48.25 -1.18 27.66
C8 NAG YA . -47.16 -0.19 28.00
N2 NAG YA . -47.91 -2.17 26.83
O3 NAG YA . -47.16 -1.10 24.29
O4 NAG YA . -45.30 -2.63 22.74
O5 NAG YA . -44.62 -3.79 26.16
O6 NAG YA . -43.12 -3.85 22.86
O7 NAG YA . -49.37 -1.08 28.12
C1 NAG ZA . 15.82 -5.52 58.50
C2 NAG ZA . 14.59 -4.95 59.24
C3 NAG ZA . 14.90 -4.56 60.69
C4 NAG ZA . 15.59 -5.72 61.41
C5 NAG ZA . 16.82 -6.14 60.63
C6 NAG ZA . 17.53 -7.33 61.25
C7 NAG ZA . 14.06 -2.66 58.09
C8 NAG ZA . 15.43 -2.04 58.35
N2 NAG ZA . 13.80 -3.93 58.52
O3 NAG ZA . 13.71 -4.20 61.37
O4 NAG ZA . 15.98 -5.31 62.71
O5 NAG ZA . 16.45 -6.55 59.30
O6 NAG ZA . 16.67 -8.05 62.12
O7 NAG ZA . 13.20 -2.03 57.51
C1 NAG AB . 38.40 16.69 19.44
C2 NAG AB . 39.70 16.95 20.18
C3 NAG AB . 39.45 17.83 21.41
C4 NAG AB . 38.70 19.09 21.04
C5 NAG AB . 37.43 18.74 20.27
C6 NAG AB . 36.68 19.94 19.76
C7 NAG AB . 41.28 15.11 19.86
C8 NAG AB . 41.82 13.82 20.41
N2 NAG AB . 40.33 15.70 20.58
O3 NAG AB . 40.70 18.17 22.01
O4 NAG AB . 38.35 19.82 22.20
O5 NAG AB . 37.77 17.95 19.12
O6 NAG AB . 36.50 20.91 20.80
O7 NAG AB . 41.70 15.59 18.81
C1 NAG BB . 51.97 2.23 27.33
C2 NAG BB . 53.06 1.80 26.34
C3 NAG BB . 54.10 0.92 27.04
C4 NAG BB . 54.62 1.58 28.30
C5 NAG BB . 53.46 1.97 29.20
C6 NAG BB . 53.88 2.73 30.44
C7 NAG BB . 52.07 1.73 24.11
C8 NAG BB . 51.50 0.85 23.03
N2 NAG BB . 52.49 1.10 25.20
O3 NAG BB . 55.16 0.64 26.15
O4 NAG BB . 55.46 0.69 29.01
O5 NAG BB . 52.57 2.84 28.47
O6 NAG BB . 52.93 2.59 31.49
O7 NAG BB . 52.13 2.95 23.99
C1 NAG CB . 47.50 -13.13 40.05
C2 NAG CB . 46.89 -13.74 41.33
C3 NAG CB . 46.20 -12.67 42.17
C4 NAG CB . 47.20 -11.56 42.49
C5 NAG CB . 47.79 -10.99 41.20
C6 NAG CB . 48.86 -9.99 41.47
C7 NAG CB . 46.14 -16.05 41.45
C8 NAG CB . 45.14 -17.06 41.01
N2 NAG CB . 45.97 -14.80 41.00
O3 NAG CB . 45.77 -13.27 43.38
O4 NAG CB . 46.58 -10.53 43.24
O5 NAG CB . 48.40 -12.05 40.42
O6 NAG CB . 48.66 -9.34 42.71
O7 NAG CB . 47.09 -16.34 42.18
C1 NAG DB . 51.40 -3.50 13.81
C2 NAG DB . 51.61 -2.26 12.95
C3 NAG DB . 52.92 -2.35 12.19
C4 NAG DB . 54.08 -2.62 13.14
C5 NAG DB . 53.78 -3.87 13.98
C6 NAG DB . 54.82 -4.11 15.04
C7 NAG DB . 49.55 -1.14 12.25
C8 NAG DB . 48.47 -1.06 11.21
N2 NAG DB . 50.50 -2.05 12.04
O3 NAG DB . 53.14 -1.12 11.50
O4 NAG DB . 55.28 -2.82 12.41
O5 NAG DB . 52.53 -3.70 14.66
O6 NAG DB . 54.82 -3.06 16.01
O7 NAG DB . 49.55 -0.41 13.24
C1 NAG EB . -38.32 -31.41 36.17
C2 NAG EB . -37.77 -31.40 37.61
C3 NAG EB . -38.59 -32.32 38.51
C4 NAG EB . -40.08 -31.98 38.43
C5 NAG EB . -40.54 -32.08 36.98
C6 NAG EB . -41.98 -31.66 36.81
C7 NAG EB . -35.36 -30.95 37.53
C8 NAG EB . -34.00 -31.56 37.65
N2 NAG EB . -36.38 -31.80 37.65
O3 NAG EB . -38.14 -32.19 39.85
O4 NAG EB . -40.83 -32.89 39.23
O5 NAG EB . -39.75 -31.18 36.18
O6 NAG EB . -42.72 -31.84 38.00
O7 NAG EB . -35.53 -29.76 37.33
C1 NAG FB . 10.84 -11.04 -28.59
C2 NAG FB . 9.95 -11.49 -29.75
C3 NAG FB . 10.76 -11.61 -31.03
C4 NAG FB . 11.49 -10.32 -31.33
C5 NAG FB . 12.35 -9.91 -30.13
C6 NAG FB . 13.01 -8.57 -30.30
C7 NAG FB . 8.10 -12.81 -28.85
C8 NAG FB . 7.57 -14.18 -28.59
N2 NAG FB . 9.30 -12.75 -29.43
O3 NAG FB . 9.89 -11.94 -32.10
O4 NAG FB . 12.33 -10.48 -32.47
O5 NAG FB . 11.52 -9.83 -28.95
O6 NAG FB . 13.15 -8.24 -31.68
O7 NAG FB . 7.49 -11.80 -28.52
C1 NAG GB . -6.97 -45.50 -0.70
C2 NAG GB . -7.58 -46.90 -0.74
C3 NAG GB . -7.45 -47.57 0.63
C4 NAG GB . -6.01 -47.55 1.11
C5 NAG GB . -5.47 -46.12 1.09
C6 NAG GB . -4.01 -46.04 1.45
C7 NAG GB . -9.46 -47.41 -2.26
C8 NAG GB . -8.47 -48.15 -3.12
N2 NAG GB . -8.98 -46.84 -1.15
O3 NAG GB . -7.91 -48.91 0.53
O4 NAG GB . -5.94 -48.05 2.43
O5 NAG GB . -5.61 -45.58 -0.24
O6 NAG GB . -3.71 -46.86 2.56
O7 NAG GB . -10.64 -47.33 -2.56
C1 NAG HB . 9.93 -38.02 -10.30
C2 NAG HB . 11.12 -37.07 -10.62
C3 NAG HB . 12.50 -37.78 -10.59
C4 NAG HB . 12.62 -38.65 -9.35
C5 NAG HB . 11.43 -39.58 -9.24
C6 NAG HB . 11.47 -40.46 -8.02
C7 NAG HB . 10.84 -36.41 -13.12
C8 NAG HB . 10.83 -37.84 -13.66
N2 NAG HB . 10.95 -36.19 -11.79
O3 NAG HB . 13.54 -36.81 -10.61
O4 NAG HB . 13.82 -39.41 -9.43
O5 NAG HB . 10.23 -38.81 -9.15
O6 NAG HB . 12.75 -41.03 -7.84
O7 NAG HB . 10.70 -35.48 -13.89
C1 NAG IB . -26.70 -52.04 -5.91
C2 NAG IB . -26.86 -52.33 -7.41
C3 NAG IB . -28.21 -52.98 -7.68
C4 NAG IB . -28.40 -54.21 -6.79
C5 NAG IB . -28.20 -53.83 -5.33
C6 NAG IB . -28.27 -55.00 -4.38
C7 NAG IB . -25.59 -50.67 -8.67
C8 NAG IB . -25.63 -49.39 -9.45
N2 NAG IB . -26.74 -51.10 -8.18
O3 NAG IB . -28.30 -53.35 -9.05
O4 NAG IB . -29.72 -54.73 -6.96
O5 NAG IB . -26.90 -53.24 -5.17
O6 NAG IB . -28.45 -54.57 -3.04
O7 NAG IB . -24.54 -51.28 -8.50
C1 NAG JB . -44.28 -45.56 2.19
C2 NAG JB . -45.20 -45.21 3.39
C3 NAG JB . -44.47 -45.52 4.69
C4 NAG JB . -44.03 -46.98 4.71
C5 NAG JB . -43.17 -47.30 3.49
C6 NAG JB . -42.83 -48.77 3.38
C7 NAG JB . -46.92 -43.50 3.30
C8 NAG JB . -47.21 -42.02 3.27
N2 NAG JB . -45.63 -43.83 3.35
O3 NAG JB . -45.37 -45.27 5.76
O4 NAG JB . -43.28 -47.22 5.88
O5 NAG JB . -43.88 -46.96 2.27
O6 NAG JB . -42.63 -49.33 4.66
O7 NAG JB . -47.82 -44.32 3.27
C1 NAG KB . -24.58 -43.77 -17.95
C2 NAG KB . -23.18 -44.21 -18.37
C3 NAG KB . -23.22 -44.93 -19.71
C4 NAG KB . -24.21 -46.08 -19.66
C5 NAG KB . -25.58 -45.58 -19.21
C6 NAG KB . -26.56 -46.71 -19.00
C7 NAG KB . -21.30 -42.89 -17.52
C8 NAG KB . -20.45 -41.68 -17.71
N2 NAG KB . -22.27 -43.08 -18.42
O3 NAG KB . -21.91 -45.42 -20.00
O4 NAG KB . -24.32 -46.68 -20.96
O5 NAG KB . -25.46 -44.90 -17.95
O6 NAG KB . -26.12 -47.58 -17.97
O7 NAG KB . -21.12 -43.68 -16.59
#